data_8I51
#
_entry.id   8I51
#
_cell.length_a   1.00
_cell.length_b   1.00
_cell.length_c   1.00
_cell.angle_alpha   90.00
_cell.angle_beta   90.00
_cell.angle_gamma   90.00
#
_symmetry.space_group_name_H-M   'P 1'
#
loop_
_entity.id
_entity.type
_entity.pdbx_description
1 polymer 'Acyl-acyl carrier protein synthetase'
2 non-polymer 'MAGNESIUM ION'
3 non-polymer 'ADENOSINE MONOPHOSPHATE'
4 non-polymer '7-methoxy-7-oxidanylidene-heptanoic acid'
#
_entity_poly.entity_id   1
_entity_poly.type   'polypeptide(L)'
_entity_poly.pdbx_seq_one_letter_code
;MNQYVNDPSNYQLLIKNLLFSPVAFNPEQEIVYANHRRHSYKTFHDRVRQFANALTKMGVKKGDTVAVMDYDSHRYLECY
FAIPMIGAKLHMINVRLSPEQILYTIDHAEDDIILIHEEFLPILDQIKGRIDTVTRYVVLRDDEECEYERLLEQESTEYN
FPDFDENTVATTFYTTGTTGFPKGVFFTHRQLVLHTMGILSTIGTNASQGRLHQGDIYMPITPMFHVHAWGLPYMATMLG
VKQVYPGKYVPDVLLNLIEQEKVTFSHCVPTILHLLLSSPKSKAMDFSGWKVVIGGAALPKALCKSALERDIDVFAGYGM
SETGPILSIVQLTPEQLELDVDQQAEYRSKTGKKVALVEAYIVDEDMNKLPHDGETAGEIVVRAPWLTPNYYKDNKNSKA
LWRGGYLHTGDVAHIDDEGFIKITDRVKDMIKISGEWVSSLELEDILHQHQSVSEVAVIGMPHNKWGEVPLALVTLKEDA
QVTEKELLGFAKDFINKGILAREALLLKVKIVDEIAKTSVGKVDKKELRKLHL
;
_entity_poly.pdbx_strand_id   A,B,C,D,E,F
#
loop_
_chem_comp.id
_chem_comp.type
_chem_comp.name
_chem_comp.formula
AMP non-polymer 'ADENOSINE MONOPHOSPHATE' 'C10 H14 N5 O7 P'
MG non-polymer 'MAGNESIUM ION' 'Mg 2'
OP3 non-polymer '7-methoxy-7-oxidanylidene-heptanoic acid' 'C8 H14 O4'
#
# COMPACT_ATOMS: atom_id res chain seq x y z
N ASN A 6 11.23 -18.81 5.50
CA ASN A 6 10.63 -18.67 4.18
C ASN A 6 9.52 -19.70 3.97
N ASP A 7 9.28 -20.03 2.70
CA ASP A 7 8.28 -21.03 2.34
C ASP A 7 8.97 -22.31 1.90
N PRO A 8 8.86 -23.40 2.66
CA PRO A 8 9.54 -24.64 2.26
C PRO A 8 9.10 -25.18 0.91
N SER A 9 7.83 -24.99 0.53
CA SER A 9 7.35 -25.46 -0.76
C SER A 9 7.75 -24.55 -1.91
N ASN A 10 8.22 -23.34 -1.63
CA ASN A 10 8.69 -22.43 -2.66
C ASN A 10 10.19 -22.65 -2.85
N TYR A 11 10.53 -23.42 -3.88
CA TYR A 11 11.93 -23.77 -4.13
C TYR A 11 12.67 -22.57 -4.74
N GLN A 12 13.90 -22.37 -4.30
CA GLN A 12 14.76 -21.31 -4.79
C GLN A 12 15.99 -21.93 -5.44
N LEU A 13 16.28 -21.53 -6.67
CA LEU A 13 17.44 -22.04 -7.40
C LEU A 13 18.69 -21.33 -6.88
N LEU A 14 19.42 -21.99 -6.00
CA LEU A 14 20.60 -21.42 -5.37
C LEU A 14 21.84 -22.22 -5.77
N ILE A 15 23.00 -21.56 -5.67
CA ILE A 15 24.26 -22.22 -5.99
C ILE A 15 24.55 -23.35 -5.02
N LYS A 16 24.09 -23.23 -3.77
CA LYS A 16 24.34 -24.26 -2.77
C LYS A 16 23.68 -25.59 -3.12
N ASN A 17 22.66 -25.57 -3.99
CA ASN A 17 22.04 -26.81 -4.44
C ASN A 17 22.85 -27.50 -5.54
N LEU A 18 23.78 -26.78 -6.16
CA LEU A 18 24.66 -27.40 -7.16
C LEU A 18 25.76 -28.22 -6.52
N LEU A 19 26.04 -28.00 -5.25
CA LEU A 19 27.12 -28.70 -4.54
C LEU A 19 26.62 -29.81 -3.63
N PHE A 20 25.47 -29.62 -3.00
CA PHE A 20 24.93 -30.61 -2.07
C PHE A 20 23.84 -31.47 -2.70
N SER A 21 23.34 -31.10 -3.87
CA SER A 21 22.39 -31.92 -4.63
C SER A 21 22.89 -32.04 -6.06
N PRO A 22 24.01 -32.73 -6.28
CA PRO A 22 24.57 -32.83 -7.63
C PRO A 22 23.99 -33.99 -8.42
N VAL A 23 24.41 -34.13 -9.68
CA VAL A 23 24.02 -35.29 -10.47
C VAL A 23 24.65 -36.56 -9.92
N ALA A 24 25.94 -36.49 -9.59
CA ALA A 24 26.65 -37.61 -8.96
C ALA A 24 27.57 -37.07 -7.89
N PHE A 25 27.91 -37.94 -6.93
CA PHE A 25 28.79 -37.54 -5.83
C PHE A 25 29.55 -38.78 -5.36
N ASN A 26 30.83 -38.85 -5.74
CA ASN A 26 31.72 -39.87 -5.21
C ASN A 26 32.62 -39.24 -4.16
N PRO A 27 32.52 -39.62 -2.88
CA PRO A 27 33.34 -38.96 -1.85
C PRO A 27 34.83 -39.16 -2.04
N GLU A 28 35.26 -40.17 -2.79
CA GLU A 28 36.67 -40.46 -2.99
C GLU A 28 37.22 -39.88 -4.29
N GLN A 29 36.42 -39.15 -5.04
CA GLN A 29 36.92 -38.50 -6.25
C GLN A 29 37.85 -37.35 -5.88
N GLU A 30 38.88 -37.14 -6.68
CA GLU A 30 39.97 -36.24 -6.34
C GLU A 30 39.83 -34.89 -7.02
N ILE A 31 40.19 -33.84 -6.28
CA ILE A 31 40.51 -32.52 -6.83
C ILE A 31 42.02 -32.38 -6.73
N VAL A 32 42.66 -32.09 -7.85
CA VAL A 32 44.12 -32.05 -7.95
C VAL A 32 44.55 -30.66 -8.37
N TYR A 33 45.42 -30.06 -7.56
CA TYR A 33 46.15 -28.85 -7.94
C TYR A 33 47.56 -29.27 -8.31
N ALA A 34 48.00 -28.88 -9.51
CA ALA A 34 49.10 -29.53 -10.21
C ALA A 34 50.36 -29.68 -9.39
N ASN A 35 50.73 -30.92 -9.07
CA ASN A 35 51.94 -31.27 -8.35
C ASN A 35 52.05 -30.58 -6.99
N HIS A 36 50.97 -29.97 -6.51
CA HIS A 36 50.96 -29.28 -5.23
C HIS A 36 50.02 -29.90 -4.22
N ARG A 37 48.83 -30.34 -4.64
CA ARG A 37 47.84 -30.78 -3.67
C ARG A 37 46.89 -31.76 -4.32
N ARG A 38 46.41 -32.71 -3.51
CA ARG A 38 45.35 -33.62 -3.92
C ARG A 38 44.43 -33.84 -2.72
N HIS A 39 43.12 -33.76 -2.97
CA HIS A 39 42.20 -34.03 -1.87
C HIS A 39 40.85 -34.44 -2.41
N SER A 40 40.16 -35.31 -1.67
CA SER A 40 38.91 -35.87 -2.12
C SER A 40 37.79 -34.82 -2.08
N TYR A 41 36.59 -35.24 -2.51
CA TYR A 41 35.44 -34.34 -2.50
C TYR A 41 34.92 -34.10 -1.09
N LYS A 42 35.06 -35.08 -0.20
CA LYS A 42 34.65 -34.88 1.18
C LYS A 42 35.44 -33.75 1.83
N THR A 43 36.77 -33.77 1.66
CA THR A 43 37.58 -32.70 2.21
C THR A 43 37.33 -31.39 1.46
N PHE A 44 36.92 -31.46 0.19
CA PHE A 44 36.57 -30.25 -0.53
C PHE A 44 35.34 -29.58 0.10
N HIS A 45 34.32 -30.38 0.43
CA HIS A 45 33.15 -29.84 1.12
C HIS A 45 33.52 -29.30 2.51
N ASP A 46 34.39 -30.03 3.21
CA ASP A 46 34.84 -29.57 4.52
C ASP A 46 35.57 -28.23 4.42
N ARG A 47 36.42 -28.08 3.40
CA ARG A 47 37.13 -26.82 3.19
C ARG A 47 36.19 -25.70 2.78
N VAL A 48 35.14 -26.01 2.02
CA VAL A 48 34.16 -24.99 1.69
C VAL A 48 33.47 -24.49 2.94
N ARG A 49 33.08 -25.40 3.84
CA ARG A 49 32.47 -24.98 5.09
C ARG A 49 33.44 -24.20 5.97
N GLN A 50 34.71 -24.62 6.00
CA GLN A 50 35.73 -23.89 6.75
C GLN A 50 35.92 -22.49 6.21
N PHE A 51 35.94 -22.33 4.89
CA PHE A 51 36.08 -21.01 4.30
C PHE A 51 34.85 -20.14 4.56
N ALA A 52 33.66 -20.75 4.58
CA ALA A 52 32.47 -20.00 4.96
C ALA A 52 32.58 -19.48 6.40
N ASN A 53 33.05 -20.34 7.31
CA ASN A 53 33.26 -19.92 8.70
C ASN A 53 34.29 -18.79 8.78
N ALA A 54 35.39 -18.93 8.04
CA ALA A 54 36.44 -17.91 8.07
C ALA A 54 35.93 -16.58 7.54
N LEU A 55 35.16 -16.61 6.44
CA LEU A 55 34.60 -15.38 5.92
C LEU A 55 33.61 -14.75 6.89
N THR A 56 32.83 -15.58 7.58
CA THR A 56 31.92 -15.06 8.61
C THR A 56 32.71 -14.40 9.73
N LYS A 57 33.87 -14.96 10.08
CA LYS A 57 34.69 -14.37 11.14
C LYS A 57 35.20 -12.99 10.77
N MET A 58 35.52 -12.75 9.49
CA MET A 58 35.98 -11.44 9.06
C MET A 58 34.91 -10.37 9.14
N GLY A 59 33.64 -10.76 9.29
CA GLY A 59 32.55 -9.80 9.22
C GLY A 59 31.93 -9.66 7.84
N VAL A 60 32.20 -10.59 6.93
CA VAL A 60 31.61 -10.55 5.60
C VAL A 60 30.12 -10.82 5.72
N LYS A 61 29.30 -9.81 5.44
CA LYS A 61 27.85 -9.92 5.56
C LYS A 61 27.26 -10.43 4.25
N LYS A 62 25.93 -10.36 4.14
CA LYS A 62 25.27 -10.87 2.95
C LYS A 62 25.48 -9.96 1.74
N GLY A 63 25.54 -8.65 1.97
CA GLY A 63 25.70 -7.73 0.86
C GLY A 63 27.12 -7.37 0.49
N ASP A 64 28.12 -7.99 1.12
CA ASP A 64 29.50 -7.61 0.90
C ASP A 64 30.02 -8.16 -0.43
N THR A 65 31.24 -7.76 -0.78
CA THR A 65 31.90 -8.18 -1.99
C THR A 65 33.32 -8.64 -1.67
N VAL A 66 33.69 -9.80 -2.18
CA VAL A 66 35.04 -10.36 -2.01
C VAL A 66 35.67 -10.50 -3.38
N ALA A 67 36.86 -9.94 -3.55
CA ALA A 67 37.55 -9.93 -4.83
C ALA A 67 38.73 -10.90 -4.80
N VAL A 68 38.93 -11.61 -5.92
CA VAL A 68 39.95 -12.66 -6.00
C VAL A 68 40.91 -12.35 -7.14
N MET A 69 42.21 -12.50 -6.86
CA MET A 69 43.28 -12.30 -7.84
C MET A 69 44.29 -13.44 -7.69
N ASP A 70 43.99 -14.55 -8.37
CA ASP A 70 44.88 -15.68 -8.50
C ASP A 70 44.89 -16.41 -9.77
N TYR A 71 45.66 -17.47 -9.87
CA TYR A 71 45.61 -18.36 -11.03
C TYR A 71 44.52 -19.42 -10.81
N ASP A 72 44.64 -20.54 -11.42
CA ASP A 72 43.65 -21.58 -11.31
C ASP A 72 44.08 -22.58 -10.40
N SER A 73 43.29 -22.81 -9.38
CA SER A 73 43.62 -23.66 -8.35
C SER A 73 42.44 -24.11 -7.64
N HIS A 74 42.62 -25.00 -6.69
CA HIS A 74 41.52 -25.40 -5.83
C HIS A 74 40.97 -24.23 -5.02
N ARG A 75 41.82 -23.23 -4.75
CA ARG A 75 41.36 -22.06 -4.02
C ARG A 75 40.30 -21.31 -4.81
N TYR A 76 40.43 -21.24 -6.12
CA TYR A 76 39.48 -20.52 -6.94
C TYR A 76 38.20 -21.29 -7.07
N LEU A 77 38.24 -22.60 -6.91
CA LEU A 77 37.06 -23.44 -6.96
C LEU A 77 36.33 -23.34 -5.70
N GLU A 78 37.05 -23.23 -4.60
CA GLU A 78 36.37 -23.04 -3.34
C GLU A 78 35.78 -21.64 -3.22
N CYS A 79 36.42 -20.64 -3.84
CA CYS A 79 35.86 -19.30 -3.85
C CYS A 79 34.64 -19.20 -4.75
N TYR A 80 34.59 -20.00 -5.82
CA TYR A 80 33.42 -20.02 -6.69
C TYR A 80 32.18 -20.50 -5.98
N PHE A 81 32.31 -21.15 -4.82
CA PHE A 81 31.19 -21.72 -4.09
C PHE A 81 30.94 -21.05 -2.76
N ALA A 82 31.96 -20.93 -1.91
CA ALA A 82 31.75 -20.45 -0.55
C ALA A 82 31.25 -19.00 -0.52
N ILE A 83 31.86 -18.13 -1.32
CA ILE A 83 31.50 -16.71 -1.31
C ILE A 83 30.06 -16.51 -1.78
N PRO A 84 29.64 -17.06 -2.93
CA PRO A 84 28.22 -16.93 -3.29
C PRO A 84 27.27 -17.60 -2.32
N MET A 85 27.56 -18.66 -1.62
CA MET A 85 26.69 -19.35 -0.76
C MET A 85 26.47 -18.62 0.46
N ILE A 86 27.39 -17.81 0.97
CA ILE A 86 27.11 -16.97 2.11
C ILE A 86 26.09 -15.89 1.75
N GLY A 87 26.18 -15.35 0.54
CA GLY A 87 25.30 -14.29 0.11
C GLY A 87 26.06 -13.15 -0.51
N ALA A 88 27.35 -13.06 -0.18
CA ALA A 88 28.20 -12.01 -0.69
C ALA A 88 28.47 -12.19 -2.18
N LYS A 89 28.94 -11.12 -2.81
CA LYS A 89 29.28 -11.15 -4.22
C LYS A 89 30.74 -11.53 -4.42
N LEU A 90 31.01 -12.19 -5.55
CA LEU A 90 32.35 -12.60 -5.92
C LEU A 90 32.81 -11.73 -7.09
N HIS A 91 33.94 -11.07 -6.93
CA HIS A 91 34.51 -10.20 -7.96
C HIS A 91 35.76 -10.86 -8.51
N MET A 92 35.65 -11.37 -9.74
CA MET A 92 36.79 -11.93 -10.45
C MET A 92 37.51 -10.79 -11.15
N ILE A 93 38.74 -10.53 -10.74
CA ILE A 93 39.52 -9.40 -11.24
C ILE A 93 40.38 -9.88 -12.40
N ASN A 94 40.20 -9.23 -13.55
CA ASN A 94 40.98 -9.55 -14.74
C ASN A 94 42.43 -9.12 -14.51
N VAL A 95 43.32 -10.09 -14.34
CA VAL A 95 44.72 -9.78 -14.05
C VAL A 95 45.38 -9.12 -15.24
N ARG A 96 45.02 -9.51 -16.42
CA ARG A 96 45.67 -9.03 -17.58
C ARG A 96 45.41 -7.61 -17.92
N LEU A 97 44.51 -6.94 -17.25
CA LEU A 97 44.28 -5.52 -17.44
C LEU A 97 45.43 -4.71 -16.85
N SER A 98 45.54 -3.46 -17.31
CA SER A 98 46.53 -2.55 -16.78
C SER A 98 46.18 -2.20 -15.33
N PRO A 99 47.19 -1.87 -14.51
CA PRO A 99 46.90 -1.56 -13.10
C PRO A 99 45.94 -0.40 -12.90
N GLU A 100 45.90 0.57 -13.81
CA GLU A 100 44.92 1.64 -13.70
C GLU A 100 43.51 1.12 -13.86
N GLN A 101 43.29 0.22 -14.82
CA GLN A 101 41.97 -0.38 -15.01
C GLN A 101 41.61 -1.27 -13.83
N ILE A 102 42.58 -1.97 -13.27
CA ILE A 102 42.33 -2.77 -12.07
C ILE A 102 41.91 -1.88 -10.91
N LEU A 103 42.58 -0.75 -10.73
CA LEU A 103 42.19 0.21 -9.72
C LEU A 103 40.77 0.70 -9.94
N TYR A 104 40.43 1.02 -11.20
CA TYR A 104 39.08 1.50 -11.49
C TYR A 104 38.04 0.45 -11.13
N THR A 105 38.29 -0.81 -11.52
CA THR A 105 37.32 -1.86 -11.21
C THR A 105 37.19 -2.09 -9.71
N ILE A 106 38.31 -2.07 -8.99
CA ILE A 106 38.27 -2.28 -7.55
C ILE A 106 37.48 -1.18 -6.87
N ASP A 107 37.72 0.07 -7.27
CA ASP A 107 36.98 1.17 -6.65
C ASP A 107 35.52 1.18 -7.07
N HIS A 108 35.22 0.76 -8.29
CA HIS A 108 33.83 0.73 -8.77
C HIS A 108 33.03 -0.34 -8.03
N ALA A 109 33.60 -1.53 -7.86
CA ALA A 109 32.89 -2.62 -7.20
C ALA A 109 32.80 -2.42 -5.69
N GLU A 110 33.69 -1.61 -5.11
CA GLU A 110 33.74 -1.37 -3.67
C GLU A 110 33.92 -2.67 -2.90
N ASP A 111 35.05 -3.33 -3.15
CA ASP A 111 35.36 -4.60 -2.51
C ASP A 111 35.73 -4.38 -1.04
N ASP A 112 35.60 -5.41 -0.23
CA ASP A 112 35.96 -5.38 1.14
C ASP A 112 37.12 -6.23 1.45
N ILE A 113 37.13 -7.48 1.05
CA ILE A 113 38.29 -8.35 1.19
C ILE A 113 38.90 -8.59 -0.18
N ILE A 114 40.21 -8.78 -0.21
CA ILE A 114 40.93 -9.06 -1.45
C ILE A 114 41.81 -10.27 -1.22
N LEU A 115 41.58 -11.33 -1.99
CA LEU A 115 42.44 -12.51 -2.00
C LEU A 115 43.36 -12.39 -3.21
N ILE A 116 44.64 -12.17 -2.97
CA ILE A 116 45.61 -11.88 -4.02
C ILE A 116 46.77 -12.86 -3.92
N HIS A 117 47.14 -13.46 -5.05
CA HIS A 117 48.28 -14.35 -5.09
C HIS A 117 49.58 -13.56 -4.92
N GLU A 118 50.63 -14.26 -4.50
CA GLU A 118 51.91 -13.61 -4.24
C GLU A 118 52.48 -12.96 -5.50
N GLU A 119 52.37 -13.65 -6.64
CA GLU A 119 52.97 -13.15 -7.87
C GLU A 119 52.33 -11.85 -8.34
N PHE A 120 51.14 -11.51 -7.87
CA PHE A 120 50.47 -10.28 -8.23
C PHE A 120 50.73 -9.17 -7.21
N LEU A 121 51.57 -9.41 -6.21
CA LEU A 121 51.92 -8.36 -5.27
C LEU A 121 52.57 -7.14 -5.92
N PRO A 122 53.50 -7.27 -6.88
CA PRO A 122 54.08 -6.05 -7.49
C PRO A 122 53.05 -5.15 -8.15
N ILE A 123 51.97 -5.72 -8.70
CA ILE A 123 50.91 -4.89 -9.26
C ILE A 123 50.24 -4.08 -8.15
N LEU A 124 49.87 -4.75 -7.05
CA LEU A 124 49.19 -4.07 -5.96
C LEU A 124 50.06 -2.99 -5.34
N ASP A 125 51.39 -3.13 -5.42
CA ASP A 125 52.27 -2.09 -4.92
C ASP A 125 52.09 -0.79 -5.69
N GLN A 126 51.82 -0.87 -6.99
CA GLN A 126 51.56 0.32 -7.79
C GLN A 126 50.18 0.89 -7.54
N ILE A 127 49.33 0.36 -6.72
CA ILE A 127 47.97 0.80 -6.67
C ILE A 127 47.51 0.85 -5.25
N LYS A 128 48.05 0.03 -4.33
CA LYS A 128 47.51 -0.03 -2.97
C LYS A 128 47.33 1.35 -2.36
N GLY A 129 48.16 2.31 -2.77
CA GLY A 129 48.07 3.65 -2.21
C GLY A 129 46.75 4.34 -2.46
N ARG A 130 46.18 4.14 -3.65
CA ARG A 130 44.93 4.79 -4.05
C ARG A 130 43.71 3.92 -3.80
N ILE A 131 43.87 2.75 -3.21
CA ILE A 131 42.75 1.85 -2.95
C ILE A 131 42.13 2.22 -1.61
N ASP A 132 40.83 2.50 -1.64
CA ASP A 132 40.03 2.66 -0.43
C ASP A 132 38.99 1.55 -0.37
N THR A 133 38.22 1.54 0.71
CA THR A 133 37.12 0.62 1.00
C THR A 133 37.57 -0.81 1.21
N VAL A 134 38.86 -1.11 1.06
CA VAL A 134 39.38 -2.46 1.24
C VAL A 134 40.09 -2.52 2.60
N THR A 135 39.66 -3.43 3.45
CA THR A 135 40.17 -3.54 4.81
C THR A 135 41.26 -4.59 4.96
N ARG A 136 41.02 -5.81 4.49
CA ARG A 136 41.93 -6.94 4.70
C ARG A 136 42.48 -7.44 3.37
N TYR A 137 43.77 -7.70 3.34
CA TYR A 137 44.44 -8.33 2.20
C TYR A 137 44.93 -9.71 2.63
N VAL A 138 44.53 -10.73 1.88
CA VAL A 138 44.94 -12.11 2.13
C VAL A 138 45.85 -12.54 0.99
N VAL A 139 47.06 -13.00 1.33
CA VAL A 139 48.07 -13.36 0.34
C VAL A 139 48.07 -14.87 0.18
N LEU A 140 47.83 -15.33 -1.04
CA LEU A 140 47.80 -16.76 -1.36
C LEU A 140 49.15 -17.20 -1.90
N ARG A 141 49.67 -18.29 -1.36
CA ARG A 141 50.94 -18.86 -1.80
C ARG A 141 50.76 -20.33 -2.09
N ASP A 142 51.74 -20.91 -2.80
CA ASP A 142 51.71 -22.32 -3.16
C ASP A 142 52.45 -23.20 -2.17
N ASP A 143 53.05 -22.62 -1.13
CA ASP A 143 53.74 -23.37 -0.10
C ASP A 143 52.87 -23.47 1.14
N GLU A 144 53.45 -23.99 2.23
CA GLU A 144 52.70 -24.21 3.47
C GLU A 144 52.45 -22.94 4.26
N GLU A 145 53.07 -21.82 3.88
CA GLU A 145 52.91 -20.56 4.60
C GLU A 145 51.80 -19.68 4.01
N CYS A 146 50.92 -20.26 3.20
CA CYS A 146 49.81 -19.50 2.65
C CYS A 146 48.89 -19.02 3.76
N GLU A 147 48.42 -17.78 3.63
CA GLU A 147 47.48 -17.23 4.61
C GLU A 147 46.08 -17.80 4.47
N TYR A 148 45.69 -18.19 3.25
CA TYR A 148 44.40 -18.84 3.06
C TYR A 148 44.34 -20.17 3.80
N GLU A 149 45.39 -20.98 3.70
CA GLU A 149 45.42 -22.24 4.43
C GLU A 149 45.47 -22.00 5.94
N ARG A 150 46.27 -21.02 6.37
CA ARG A 150 46.36 -20.72 7.80
C ARG A 150 45.04 -20.23 8.37
N LEU A 151 44.23 -19.53 7.57
CA LEU A 151 42.91 -19.13 8.02
C LEU A 151 41.89 -20.25 7.92
N LEU A 152 42.12 -21.23 7.04
CA LEU A 152 41.23 -22.39 7.00
C LEU A 152 41.44 -23.30 8.20
N GLU A 153 42.70 -23.48 8.62
CA GLU A 153 43.01 -24.44 9.68
C GLU A 153 42.39 -24.05 11.02
N GLN A 154 42.08 -22.78 11.23
CA GLN A 154 41.57 -22.30 12.51
C GLN A 154 40.06 -22.40 12.62
N GLU A 155 39.36 -22.83 11.58
CA GLU A 155 37.91 -22.91 11.58
C GLU A 155 37.45 -24.36 11.63
N SER A 156 36.13 -24.53 11.74
CA SER A 156 35.51 -25.83 11.82
C SER A 156 34.87 -26.20 10.49
N THR A 157 34.68 -27.50 10.28
CA THR A 157 34.12 -28.03 9.05
C THR A 157 32.60 -28.14 9.11
N GLU A 158 31.95 -27.32 9.93
CA GLU A 158 30.49 -27.35 10.08
C GLU A 158 29.94 -25.96 9.84
N TYR A 159 28.91 -25.87 8.99
CA TYR A 159 28.27 -24.60 8.69
C TYR A 159 26.86 -24.86 8.19
N ASN A 160 25.97 -23.93 8.47
CA ASN A 160 24.58 -23.98 8.00
C ASN A 160 24.38 -22.83 7.02
N PHE A 161 24.39 -23.14 5.73
CA PHE A 161 24.28 -22.12 4.72
C PHE A 161 22.85 -21.58 4.68
N PRO A 162 22.67 -20.26 4.61
CA PRO A 162 21.32 -19.69 4.66
C PRO A 162 20.56 -19.91 3.36
N ASP A 163 19.26 -19.65 3.44
CA ASP A 163 18.38 -19.65 2.27
C ASP A 163 17.91 -18.22 2.03
N PHE A 164 18.14 -17.72 0.82
CA PHE A 164 17.74 -16.37 0.46
C PHE A 164 17.05 -16.41 -0.90
N ASP A 165 16.72 -15.22 -1.41
CA ASP A 165 16.09 -15.12 -2.72
C ASP A 165 17.05 -15.60 -3.80
N GLU A 166 16.51 -16.27 -4.81
CA GLU A 166 17.31 -16.75 -5.92
C GLU A 166 17.77 -15.63 -6.85
N ASN A 167 17.27 -14.42 -6.66
CA ASN A 167 17.64 -13.27 -7.49
C ASN A 167 18.73 -12.42 -6.84
N THR A 168 19.51 -12.99 -5.94
CA THR A 168 20.61 -12.29 -5.31
C THR A 168 21.88 -12.44 -6.16
N VAL A 169 22.58 -11.32 -6.35
CA VAL A 169 23.76 -11.31 -7.19
C VAL A 169 24.85 -12.18 -6.58
N ALA A 170 25.54 -12.93 -7.44
CA ALA A 170 26.58 -13.86 -7.02
C ALA A 170 27.96 -13.51 -7.56
N THR A 171 28.07 -13.10 -8.82
CA THR A 171 29.38 -12.87 -9.44
C THR A 171 29.37 -11.57 -10.23
N THR A 172 30.57 -11.03 -10.42
CA THR A 172 30.79 -9.83 -11.23
C THR A 172 32.25 -9.86 -11.70
N PHE A 173 32.48 -9.53 -12.97
CA PHE A 173 33.85 -9.59 -13.48
C PHE A 173 34.28 -8.48 -14.43
N TYR A 174 33.47 -7.47 -14.64
CA TYR A 174 34.00 -6.32 -15.41
C TYR A 174 34.61 -6.56 -16.67
N THR A 175 33.78 -6.81 -17.61
CA THR A 175 34.28 -6.88 -18.98
C THR A 175 34.77 -5.52 -19.47
N THR A 176 35.52 -5.48 -20.52
CA THR A 176 36.16 -4.28 -21.03
C THR A 176 36.17 -4.16 -22.53
N GLY A 177 35.06 -3.82 -23.12
CA GLY A 177 34.88 -3.73 -24.56
C GLY A 177 35.46 -2.45 -25.12
N THR A 178 34.67 -1.70 -25.89
CA THR A 178 35.06 -0.39 -26.41
C THR A 178 34.10 0.63 -25.82
N THR A 179 34.42 1.09 -24.60
CA THR A 179 33.58 2.07 -23.92
C THR A 179 34.37 3.18 -23.23
N GLY A 180 35.70 3.09 -23.14
CA GLY A 180 36.47 4.08 -22.42
C GLY A 180 36.83 3.59 -21.03
N PHE A 181 35.87 2.95 -20.37
CA PHE A 181 36.08 2.35 -19.05
C PHE A 181 35.48 0.96 -19.05
N PRO A 182 35.99 0.06 -18.22
CA PRO A 182 35.39 -1.28 -18.12
C PRO A 182 33.95 -1.22 -17.64
N LYS A 183 33.15 -2.14 -18.14
CA LYS A 183 31.73 -2.23 -17.80
C LYS A 183 31.48 -3.48 -16.96
N GLY A 184 30.72 -3.31 -15.87
CA GLY A 184 30.49 -4.39 -14.94
C GLY A 184 29.23 -5.17 -15.26
N VAL A 185 29.38 -6.49 -15.38
CA VAL A 185 28.28 -7.40 -15.67
C VAL A 185 28.12 -8.35 -14.50
N PHE A 186 26.88 -8.59 -14.08
CA PHE A 186 26.61 -9.41 -12.90
C PHE A 186 25.55 -10.45 -13.20
N PHE A 187 25.57 -11.53 -12.44
CA PHE A 187 24.65 -12.64 -12.58
C PHE A 187 24.14 -13.06 -11.20
N THR A 188 23.01 -13.76 -11.19
CA THR A 188 22.38 -14.19 -9.95
C THR A 188 22.53 -15.70 -9.78
N HIS A 189 22.05 -16.20 -8.63
CA HIS A 189 22.08 -17.63 -8.38
C HIS A 189 21.21 -18.38 -9.37
N ARG A 190 20.01 -17.86 -9.63
CA ARG A 190 19.09 -18.49 -10.57
C ARG A 190 19.71 -18.58 -11.95
N GLN A 191 20.36 -17.51 -12.41
CA GLN A 191 20.94 -17.49 -13.74
C GLN A 191 22.05 -18.52 -13.87
N LEU A 192 22.92 -18.63 -12.86
CA LEU A 192 24.02 -19.60 -12.93
C LEU A 192 23.51 -21.04 -12.88
N VAL A 193 22.52 -21.31 -12.03
CA VAL A 193 21.96 -22.66 -11.96
C VAL A 193 21.29 -23.01 -13.28
N LEU A 194 20.52 -22.08 -13.85
CA LEU A 194 19.89 -22.33 -15.13
C LEU A 194 20.92 -22.54 -16.22
N HIS A 195 22.03 -21.78 -16.18
CA HIS A 195 23.08 -21.95 -17.17
C HIS A 195 23.68 -23.35 -17.11
N THR A 196 24.07 -23.80 -15.92
CA THR A 196 24.69 -25.12 -15.83
C THR A 196 23.69 -26.22 -16.22
N MET A 197 22.43 -26.10 -15.79
CA MET A 197 21.43 -27.09 -16.17
C MET A 197 21.22 -27.13 -17.67
N GLY A 198 21.04 -25.96 -18.30
CA GLY A 198 20.75 -25.91 -19.72
C GLY A 198 21.90 -26.28 -20.62
N ILE A 199 23.13 -26.14 -20.14
CA ILE A 199 24.27 -26.59 -20.93
C ILE A 199 24.55 -28.08 -20.70
N LEU A 200 24.39 -28.57 -19.48
CA LEU A 200 24.53 -30.01 -19.25
C LEU A 200 23.45 -30.80 -19.99
N SER A 201 22.26 -30.22 -20.15
CA SER A 201 21.21 -30.90 -20.88
C SER A 201 21.38 -30.83 -22.39
N THR A 202 22.25 -29.97 -22.90
CA THR A 202 22.44 -29.85 -24.34
C THR A 202 23.74 -30.44 -24.86
N ILE A 203 24.79 -30.53 -24.04
CA ILE A 203 26.02 -31.16 -24.49
C ILE A 203 26.18 -32.58 -23.95
N GLY A 204 25.55 -32.91 -22.83
CA GLY A 204 25.59 -34.28 -22.35
C GLY A 204 24.75 -35.25 -23.15
N THR A 205 23.77 -34.74 -23.89
CA THR A 205 22.81 -35.56 -24.62
C THR A 205 23.26 -35.85 -26.05
N ASN A 206 24.42 -35.48 -26.46
CA ASN A 206 24.86 -35.81 -27.78
C ASN A 206 25.06 -37.28 -27.95
N ALA A 207 25.03 -37.78 -29.14
CA ALA A 207 25.09 -39.21 -29.41
C ALA A 207 26.50 -39.76 -29.19
N SER A 208 27.46 -39.27 -29.96
CA SER A 208 28.82 -39.79 -29.86
C SER A 208 29.93 -38.75 -29.89
N GLN A 209 29.65 -37.50 -30.26
CA GLN A 209 30.69 -36.50 -30.47
C GLN A 209 30.55 -35.37 -29.47
N GLY A 210 31.67 -35.01 -28.84
CA GLY A 210 31.73 -33.81 -28.02
C GLY A 210 30.76 -33.75 -26.87
N ARG A 211 30.65 -34.83 -26.11
CA ARG A 211 29.75 -34.89 -24.96
C ARG A 211 30.55 -34.94 -23.67
N LEU A 212 30.06 -34.22 -22.66
CA LEU A 212 30.66 -34.24 -21.33
C LEU A 212 29.79 -35.11 -20.42
N HIS A 213 30.32 -36.25 -20.00
CA HIS A 213 29.61 -37.18 -19.15
C HIS A 213 30.34 -37.35 -17.83
N GLN A 214 29.85 -38.28 -17.01
CA GLN A 214 30.36 -38.46 -15.66
C GLN A 214 31.70 -39.20 -15.61
N GLY A 215 32.13 -39.78 -16.72
CA GLY A 215 33.40 -40.47 -16.78
C GLY A 215 34.58 -39.63 -17.22
N ASP A 216 34.38 -38.34 -17.43
CA ASP A 216 35.42 -37.47 -17.95
C ASP A 216 36.32 -36.96 -16.82
N ILE A 217 37.45 -36.39 -17.20
CA ILE A 217 38.38 -35.74 -16.28
C ILE A 217 38.59 -34.32 -16.80
N TYR A 218 38.31 -33.34 -15.94
CA TYR A 218 38.19 -31.95 -16.34
C TYR A 218 39.48 -31.18 -16.10
N MET A 219 39.75 -30.22 -16.99
CA MET A 219 40.86 -29.29 -16.90
C MET A 219 40.51 -27.95 -17.51
N PRO A 220 40.65 -26.85 -16.77
CA PRO A 220 40.50 -25.53 -17.39
C PRO A 220 41.81 -25.01 -17.95
N ILE A 221 41.82 -24.57 -19.21
CA ILE A 221 43.00 -23.95 -19.79
C ILE A 221 42.62 -22.54 -20.23
N THR A 222 41.64 -21.96 -19.55
CA THR A 222 41.22 -20.57 -19.71
C THR A 222 41.48 -19.82 -18.41
N PRO A 223 41.59 -18.49 -18.46
CA PRO A 223 41.98 -17.74 -17.26
C PRO A 223 41.09 -17.98 -16.04
N MET A 224 39.86 -18.46 -16.24
CA MET A 224 38.99 -18.92 -15.16
C MET A 224 38.45 -17.72 -14.37
N PHE A 225 38.97 -16.53 -14.66
CA PHE A 225 38.35 -15.30 -14.21
C PHE A 225 37.71 -14.51 -15.34
N HIS A 226 37.86 -14.96 -16.59
CA HIS A 226 37.29 -14.22 -17.72
C HIS A 226 35.78 -14.17 -17.61
N VAL A 227 35.11 -15.31 -17.78
CA VAL A 227 33.70 -15.41 -17.43
C VAL A 227 33.41 -16.79 -16.85
N HIS A 228 33.41 -16.88 -15.52
CA HIS A 228 33.09 -18.12 -14.79
C HIS A 228 33.82 -19.34 -15.33
N ALA A 229 34.95 -19.13 -16.01
CA ALA A 229 35.59 -20.19 -16.80
C ALA A 229 34.56 -20.88 -17.69
N TRP A 230 33.82 -20.07 -18.45
CA TRP A 230 32.75 -20.52 -19.32
C TRP A 230 31.73 -21.41 -18.61
N GLY A 231 31.63 -21.25 -17.28
CA GLY A 231 30.71 -22.01 -16.48
C GLY A 231 31.08 -23.45 -16.26
N LEU A 232 32.22 -23.91 -16.77
CA LEU A 232 32.52 -25.33 -16.72
C LEU A 232 32.90 -25.85 -15.33
N PRO A 233 33.59 -25.07 -14.49
CA PRO A 233 33.83 -25.55 -13.12
C PRO A 233 32.55 -25.85 -12.35
N TYR A 234 31.48 -25.09 -12.58
CA TYR A 234 30.21 -25.41 -11.93
C TYR A 234 29.61 -26.71 -12.45
N MET A 235 29.79 -27.01 -13.72
CA MET A 235 29.26 -28.25 -14.30
C MET A 235 30.09 -29.45 -13.85
N ALA A 236 31.42 -29.32 -13.88
CA ALA A 236 32.29 -30.45 -13.56
C ALA A 236 32.07 -30.95 -12.15
N THR A 237 31.82 -30.05 -11.20
CA THR A 237 31.54 -30.47 -9.84
C THR A 237 30.13 -31.04 -9.67
N MET A 238 29.21 -30.73 -10.59
CA MET A 238 27.88 -31.31 -10.49
C MET A 238 27.89 -32.76 -10.98
N LEU A 239 28.70 -33.07 -11.98
CA LEU A 239 28.87 -34.44 -12.41
C LEU A 239 29.74 -35.25 -11.46
N GLY A 240 30.43 -34.59 -10.53
CA GLY A 240 31.32 -35.29 -9.61
C GLY A 240 32.52 -35.92 -10.28
N VAL A 241 33.07 -35.28 -11.29
CA VAL A 241 34.19 -35.82 -12.04
C VAL A 241 35.49 -35.35 -11.41
N LYS A 242 36.58 -36.05 -11.74
CA LYS A 242 37.91 -35.63 -11.32
C LYS A 242 38.28 -34.32 -11.99
N GLN A 243 38.87 -33.42 -11.22
CA GLN A 243 39.24 -32.09 -11.71
C GLN A 243 40.73 -31.88 -11.49
N VAL A 244 41.41 -31.35 -12.49
CA VAL A 244 42.83 -31.06 -12.41
C VAL A 244 43.05 -29.59 -12.77
N TYR A 245 43.77 -28.87 -11.91
CA TYR A 245 44.05 -27.46 -12.13
C TYR A 245 45.54 -27.26 -12.35
N PRO A 246 45.96 -26.67 -13.47
CA PRO A 246 47.39 -26.63 -13.80
C PRO A 246 48.14 -25.47 -13.18
N GLY A 247 47.47 -24.35 -12.93
CA GLY A 247 48.13 -23.19 -12.37
C GLY A 247 48.51 -22.12 -13.38
N LYS A 248 49.79 -22.09 -13.79
CA LYS A 248 50.35 -20.97 -14.52
C LYS A 248 50.32 -21.14 -16.04
N TYR A 249 49.77 -22.19 -16.58
CA TYR A 249 49.70 -22.40 -18.03
C TYR A 249 51.02 -22.48 -18.67
N VAL A 250 51.77 -23.48 -18.32
CA VAL A 250 53.04 -23.77 -18.99
C VAL A 250 52.82 -25.00 -19.87
N PRO A 251 53.07 -24.92 -21.18
CA PRO A 251 52.83 -26.09 -22.04
C PRO A 251 53.58 -27.33 -21.60
N ASP A 252 54.81 -27.17 -21.12
CA ASP A 252 55.59 -28.31 -20.66
C ASP A 252 54.92 -29.01 -19.48
N VAL A 253 54.14 -28.27 -18.74
CA VAL A 253 53.50 -28.79 -17.55
C VAL A 253 52.17 -29.20 -17.91
N LEU A 254 51.55 -28.54 -18.81
CA LEU A 254 50.20 -28.89 -19.26
C LEU A 254 50.18 -30.24 -19.94
N LEU A 255 51.14 -30.49 -20.83
CA LEU A 255 51.20 -31.78 -21.51
C LEU A 255 51.49 -32.90 -20.53
N ASN A 256 52.39 -32.67 -19.57
CA ASN A 256 52.69 -33.68 -18.57
C ASN A 256 51.46 -34.00 -17.73
N LEU A 257 50.70 -32.98 -17.35
CA LEU A 257 49.49 -33.20 -16.57
C LEU A 257 48.44 -33.96 -17.37
N ILE A 258 48.27 -33.61 -18.64
CA ILE A 258 47.28 -34.28 -19.48
C ILE A 258 47.65 -35.76 -19.65
N GLU A 259 48.93 -36.03 -19.89
CA GLU A 259 49.35 -37.42 -20.08
C GLU A 259 49.30 -38.20 -18.77
N GLN A 260 49.59 -37.55 -17.65
CA GLN A 260 49.70 -38.26 -16.37
C GLN A 260 48.34 -38.39 -15.69
N GLU A 261 47.57 -37.32 -15.63
CA GLU A 261 46.24 -37.36 -15.03
C GLU A 261 45.17 -37.88 -15.99
N LYS A 262 45.54 -38.14 -17.24
CA LYS A 262 44.62 -38.68 -18.25
C LYS A 262 43.40 -37.78 -18.43
N VAL A 263 43.66 -36.50 -18.68
CA VAL A 263 42.58 -35.54 -18.89
C VAL A 263 41.88 -35.82 -20.21
N THR A 264 40.55 -35.78 -20.19
CA THR A 264 39.77 -36.06 -21.38
C THR A 264 38.88 -34.91 -21.83
N PHE A 265 38.71 -33.87 -21.03
CA PHE A 265 37.85 -32.74 -21.41
C PHE A 265 38.50 -31.46 -20.91
N SER A 266 38.63 -30.48 -21.81
CA SER A 266 39.23 -29.20 -21.45
C SER A 266 38.70 -28.14 -22.41
N HIS A 267 39.18 -26.91 -22.24
CA HIS A 267 38.79 -25.79 -23.09
C HIS A 267 39.87 -24.74 -23.04
N CYS A 268 40.19 -24.15 -24.20
CA CYS A 268 41.30 -23.21 -24.29
C CYS A 268 40.99 -22.20 -25.39
N VAL A 269 42.02 -21.49 -25.82
CA VAL A 269 41.93 -20.48 -26.87
C VAL A 269 42.82 -20.92 -28.02
N PRO A 270 42.61 -20.39 -29.23
CA PRO A 270 43.39 -20.86 -30.39
C PRO A 270 44.90 -20.71 -30.23
N THR A 271 45.38 -19.71 -29.48
CA THR A 271 46.81 -19.56 -29.30
C THR A 271 47.39 -20.63 -28.39
N ILE A 272 46.68 -20.94 -27.30
CA ILE A 272 47.16 -21.97 -26.37
C ILE A 272 47.17 -23.34 -27.04
N LEU A 273 46.14 -23.64 -27.83
CA LEU A 273 46.11 -24.92 -28.54
C LEU A 273 47.25 -25.02 -29.53
N HIS A 274 47.53 -23.94 -30.26
CA HIS A 274 48.65 -23.95 -31.19
C HIS A 274 49.98 -24.14 -30.46
N LEU A 275 50.13 -23.49 -29.30
CA LEU A 275 51.34 -23.68 -28.51
C LEU A 275 51.48 -25.13 -28.06
N LEU A 276 50.39 -25.74 -27.61
CA LEU A 276 50.43 -27.13 -27.17
C LEU A 276 50.78 -28.07 -28.31
N LEU A 277 50.21 -27.84 -29.50
CA LEU A 277 50.48 -28.72 -30.63
C LEU A 277 51.90 -28.54 -31.14
N SER A 278 52.42 -27.35 -31.22
CA SER A 278 53.72 -27.17 -31.77
C SER A 278 54.80 -27.47 -30.80
N SER A 279 54.50 -27.70 -29.52
CA SER A 279 55.53 -28.11 -28.57
C SER A 279 56.19 -29.40 -29.05
N PRO A 280 57.54 -29.53 -28.85
CA PRO A 280 58.12 -30.83 -29.21
C PRO A 280 58.01 -31.88 -28.10
N LYS A 281 57.20 -31.64 -27.07
CA LYS A 281 56.97 -32.65 -26.05
C LYS A 281 55.61 -33.22 -26.39
N SER A 282 55.15 -33.04 -27.62
CA SER A 282 53.86 -33.51 -28.03
C SER A 282 53.91 -34.37 -29.25
N LYS A 283 55.10 -34.82 -29.68
CA LYS A 283 55.21 -35.57 -30.89
C LYS A 283 55.07 -37.00 -30.67
N ALA A 284 55.32 -37.46 -29.49
CA ALA A 284 55.09 -38.85 -29.12
C ALA A 284 53.97 -38.98 -28.09
N MET A 285 53.13 -37.96 -27.93
CA MET A 285 52.09 -37.94 -26.93
C MET A 285 50.76 -38.36 -27.54
N ASP A 286 50.03 -39.21 -26.82
CA ASP A 286 48.76 -39.76 -27.30
C ASP A 286 47.65 -38.78 -26.94
N PHE A 287 47.00 -38.22 -27.96
CA PHE A 287 45.95 -37.24 -27.79
C PHE A 287 44.57 -37.77 -28.11
N SER A 288 44.41 -39.05 -28.41
CA SER A 288 43.13 -39.56 -28.87
C SER A 288 42.17 -39.85 -27.73
N GLY A 289 42.06 -38.92 -26.78
CA GLY A 289 41.06 -39.00 -25.74
C GLY A 289 40.57 -37.64 -25.31
N TRP A 290 40.93 -36.61 -26.07
CA TRP A 290 40.82 -35.22 -25.65
C TRP A 290 39.69 -34.52 -26.38
N LYS A 291 39.05 -33.58 -25.70
CA LYS A 291 37.82 -32.93 -26.15
C LYS A 291 37.90 -31.42 -25.96
N VAL A 292 38.83 -30.77 -26.59
CA VAL A 292 38.88 -29.33 -26.50
C VAL A 292 37.79 -28.50 -27.09
N VAL A 293 37.14 -27.65 -26.33
CA VAL A 293 36.21 -26.68 -26.86
C VAL A 293 36.94 -25.36 -26.97
N ILE A 294 37.43 -25.01 -28.12
CA ILE A 294 38.11 -23.76 -28.47
C ILE A 294 37.02 -22.74 -28.80
N GLY A 295 36.59 -22.02 -27.77
CA GLY A 295 35.56 -21.02 -27.94
C GLY A 295 36.03 -19.61 -27.62
N GLY A 296 37.35 -19.40 -27.66
CA GLY A 296 37.89 -18.09 -27.35
C GLY A 296 37.52 -17.05 -28.38
N ALA A 297 38.08 -17.15 -29.57
CA ALA A 297 37.73 -16.23 -30.66
C ALA A 297 38.19 -16.81 -31.99
N ALA A 298 37.24 -17.14 -32.86
CA ALA A 298 37.51 -17.39 -34.28
C ALA A 298 38.55 -18.49 -34.48
N LEU A 299 38.15 -19.71 -34.11
CA LEU A 299 38.96 -20.90 -34.33
C LEU A 299 39.34 -21.02 -35.81
N PRO A 300 40.63 -20.95 -36.14
CA PRO A 300 41.03 -21.05 -37.54
C PRO A 300 40.80 -22.44 -38.10
N LYS A 301 40.64 -22.51 -39.43
CA LYS A 301 40.38 -23.79 -40.08
C LYS A 301 41.64 -24.64 -40.16
N ALA A 302 42.80 -24.01 -40.45
CA ALA A 302 44.04 -24.77 -40.56
C ALA A 302 44.43 -25.39 -39.23
N LEU A 303 44.29 -24.63 -38.14
CA LEU A 303 44.58 -25.17 -36.82
C LEU A 303 43.64 -26.31 -36.47
N CYS A 304 42.36 -26.17 -36.83
CA CYS A 304 41.40 -27.25 -36.59
C CYS A 304 41.78 -28.51 -37.36
N LYS A 305 42.21 -28.35 -38.62
CA LYS A 305 42.64 -29.51 -39.40
C LYS A 305 43.88 -30.15 -38.79
N SER A 306 44.84 -29.34 -38.36
CA SER A 306 46.05 -29.88 -37.75
C SER A 306 45.74 -30.64 -36.47
N ALA A 307 44.80 -30.13 -35.66
CA ALA A 307 44.39 -30.83 -34.45
C ALA A 307 43.64 -32.11 -34.79
N LEU A 308 42.80 -32.08 -35.83
CA LEU A 308 42.07 -33.28 -36.22
C LEU A 308 43.01 -34.37 -36.73
N GLU A 309 44.12 -33.98 -37.36
CA GLU A 309 45.11 -34.97 -37.76
C GLU A 309 45.77 -35.66 -36.57
N ARG A 310 45.63 -35.17 -35.35
CA ARG A 310 46.23 -35.79 -34.16
C ARG A 310 45.21 -36.46 -33.31
N ASP A 311 44.05 -36.77 -33.87
CA ASP A 311 42.97 -37.45 -33.17
C ASP A 311 42.35 -36.73 -32.04
N ILE A 312 41.97 -35.51 -32.22
CA ILE A 312 41.48 -34.70 -31.11
C ILE A 312 40.08 -34.21 -31.47
N ASP A 313 39.14 -34.39 -30.53
CA ASP A 313 37.76 -33.94 -30.72
C ASP A 313 37.71 -32.44 -30.52
N VAL A 314 37.94 -31.70 -31.60
CA VAL A 314 37.98 -30.25 -31.59
C VAL A 314 36.65 -29.72 -32.10
N PHE A 315 36.04 -28.81 -31.33
CA PHE A 315 34.83 -28.13 -31.77
C PHE A 315 34.77 -26.79 -31.07
N ALA A 316 34.21 -25.81 -31.77
CA ALA A 316 34.22 -24.44 -31.29
C ALA A 316 32.95 -24.09 -30.55
N GLY A 317 33.04 -23.07 -29.69
CA GLY A 317 31.90 -22.56 -28.98
C GLY A 317 31.86 -21.04 -29.09
N TYR A 318 30.77 -20.46 -28.62
CA TYR A 318 30.58 -19.03 -28.74
C TYR A 318 29.75 -18.48 -27.60
N GLY A 319 30.26 -17.41 -26.98
CA GLY A 319 29.58 -16.65 -25.96
C GLY A 319 30.40 -15.42 -25.67
N MET A 320 29.86 -14.55 -24.82
CA MET A 320 30.55 -13.33 -24.44
C MET A 320 30.32 -13.07 -22.96
N SER A 321 30.95 -12.01 -22.46
CA SER A 321 30.89 -11.70 -21.03
C SER A 321 29.48 -11.39 -20.56
N GLU A 322 28.64 -10.84 -21.44
CA GLU A 322 27.30 -10.43 -21.06
C GLU A 322 26.27 -11.55 -21.17
N THR A 323 26.64 -12.73 -21.66
CA THR A 323 25.65 -13.73 -22.07
C THR A 323 25.80 -15.07 -21.36
N GLY A 324 26.44 -15.13 -20.20
CA GLY A 324 26.36 -16.33 -19.40
C GLY A 324 27.62 -17.12 -19.08
N PRO A 325 28.53 -17.33 -20.05
CA PRO A 325 28.66 -16.80 -21.42
C PRO A 325 28.03 -17.62 -22.55
N ILE A 326 27.92 -18.94 -22.40
CA ILE A 326 27.74 -19.81 -23.56
C ILE A 326 26.41 -19.52 -24.25
N LEU A 327 26.47 -19.32 -25.56
CA LEU A 327 25.28 -19.14 -26.39
C LEU A 327 25.17 -20.15 -27.51
N SER A 328 26.28 -20.61 -28.09
CA SER A 328 26.20 -21.59 -29.16
C SER A 328 27.39 -22.54 -29.05
N ILE A 329 27.15 -23.80 -29.43
CA ILE A 329 28.18 -24.83 -29.42
C ILE A 329 28.05 -25.66 -30.68
N VAL A 330 29.19 -25.99 -31.30
CA VAL A 330 29.21 -26.81 -32.50
C VAL A 330 28.93 -28.26 -32.11
N GLN A 331 27.82 -28.80 -32.62
CA GLN A 331 27.46 -30.20 -32.41
C GLN A 331 27.21 -30.85 -33.75
N LEU A 332 27.88 -31.98 -34.00
CA LEU A 332 27.84 -32.64 -35.28
C LEU A 332 26.93 -33.86 -35.22
N THR A 333 25.97 -33.92 -36.13
CA THR A 333 25.07 -35.06 -36.23
C THR A 333 25.83 -36.29 -36.74
N PRO A 334 25.33 -37.49 -36.46
CA PRO A 334 26.10 -38.70 -36.79
C PRO A 334 26.46 -38.84 -38.26
N GLU A 335 25.65 -38.31 -39.18
CA GLU A 335 25.99 -38.39 -40.59
C GLU A 335 27.02 -37.35 -41.02
N GLN A 336 27.34 -36.39 -40.15
CA GLN A 336 28.35 -35.38 -40.45
C GLN A 336 29.76 -35.80 -40.05
N LEU A 337 29.91 -36.91 -39.34
CA LEU A 337 31.23 -37.38 -38.92
C LEU A 337 31.90 -38.30 -39.92
N GLU A 338 31.29 -38.52 -41.09
CA GLU A 338 31.88 -39.35 -42.13
C GLU A 338 32.73 -38.56 -43.11
N LEU A 339 32.47 -37.27 -43.03
CA LEU A 339 33.10 -36.39 -43.96
C LEU A 339 34.56 -36.46 -43.81
N ASP A 340 35.22 -35.80 -44.71
CA ASP A 340 36.62 -35.94 -44.73
C ASP A 340 37.46 -35.00 -43.95
N VAL A 341 38.74 -35.19 -44.07
CA VAL A 341 39.77 -34.36 -43.45
C VAL A 341 39.42 -32.88 -43.50
N ASP A 342 38.74 -32.43 -44.52
CA ASP A 342 38.49 -31.03 -44.68
C ASP A 342 37.06 -30.54 -44.54
N GLN A 343 36.05 -31.34 -44.72
CA GLN A 343 34.73 -30.89 -44.62
C GLN A 343 34.39 -30.91 -43.17
N GLN A 344 34.93 -31.77 -42.37
CA GLN A 344 34.82 -31.76 -40.91
C GLN A 344 35.49 -30.54 -40.31
N ALA A 345 36.62 -30.12 -40.82
CA ALA A 345 37.29 -28.91 -40.40
C ALA A 345 36.49 -27.74 -40.60
N GLU A 346 35.83 -27.60 -41.73
CA GLU A 346 34.88 -26.50 -42.03
C GLU A 346 33.60 -26.52 -41.29
N TYR A 347 33.15 -27.68 -40.81
CA TYR A 347 31.98 -27.70 -39.94
C TYR A 347 32.34 -27.38 -38.50
N ARG A 348 33.48 -27.90 -38.02
CA ARG A 348 33.85 -27.74 -36.62
C ARG A 348 34.26 -26.31 -36.27
N SER A 349 34.72 -25.54 -37.25
CA SER A 349 35.24 -24.20 -37.01
C SER A 349 34.16 -23.12 -37.09
N LYS A 350 32.91 -23.50 -37.31
CA LYS A 350 31.83 -22.52 -37.36
C LYS A 350 31.48 -22.04 -35.95
N THR A 351 30.54 -21.10 -35.88
CA THR A 351 30.08 -20.61 -34.58
C THR A 351 29.18 -21.62 -33.88
N GLY A 352 28.34 -22.33 -34.59
CA GLY A 352 27.53 -23.36 -34.01
C GLY A 352 26.12 -23.07 -33.89
N LYS A 353 25.34 -24.04 -33.46
CA LYS A 353 23.96 -23.86 -33.30
C LYS A 353 23.63 -23.43 -31.93
N LYS A 354 22.57 -22.72 -31.75
CA LYS A 354 22.13 -22.21 -30.49
C LYS A 354 21.90 -23.28 -29.56
N VAL A 355 22.00 -22.97 -28.30
CA VAL A 355 21.87 -23.95 -27.30
C VAL A 355 20.46 -23.87 -26.89
N ALA A 356 20.04 -24.72 -26.03
CA ALA A 356 18.66 -24.79 -25.57
C ALA A 356 18.29 -23.54 -24.79
N LEU A 357 17.07 -23.06 -25.03
CA LEU A 357 16.50 -21.87 -24.40
C LEU A 357 17.16 -20.57 -24.88
N VAL A 358 17.65 -20.57 -26.12
CA VAL A 358 18.26 -19.39 -26.73
C VAL A 358 17.56 -19.12 -28.05
N GLU A 359 17.28 -17.84 -28.33
CA GLU A 359 16.51 -17.44 -29.51
C GLU A 359 17.39 -17.12 -30.70
N ALA A 360 18.28 -16.12 -30.57
CA ALA A 360 19.37 -15.87 -31.51
C ALA A 360 18.86 -15.60 -32.93
N TYR A 361 18.15 -14.48 -33.07
CA TYR A 361 17.78 -13.98 -34.39
C TYR A 361 18.89 -13.11 -34.98
N ILE A 362 18.73 -12.76 -36.25
CA ILE A 362 19.65 -11.89 -36.97
C ILE A 362 18.86 -10.68 -37.45
N VAL A 363 19.33 -9.48 -37.10
CA VAL A 363 18.60 -8.25 -37.39
C VAL A 363 19.52 -7.26 -38.09
N ASP A 364 18.88 -6.23 -38.59
CA ASP A 364 19.49 -5.05 -39.19
C ASP A 364 19.35 -3.80 -38.36
N GLU A 365 19.98 -2.71 -38.74
CA GLU A 365 20.01 -1.53 -37.88
C GLU A 365 18.66 -1.03 -37.45
N ASP A 366 17.62 -1.43 -38.16
CA ASP A 366 16.24 -1.15 -37.80
C ASP A 366 15.56 -2.33 -37.10
N MET A 367 16.25 -3.37 -36.68
CA MET A 367 15.59 -4.52 -36.08
C MET A 367 14.67 -5.36 -36.94
N ASN A 368 14.99 -5.58 -38.20
CA ASN A 368 14.00 -6.08 -39.14
C ASN A 368 14.06 -7.58 -39.35
N LYS A 369 14.94 -8.29 -38.64
CA LYS A 369 14.94 -9.76 -38.60
C LYS A 369 15.11 -10.36 -40.00
N LEU A 370 16.32 -10.16 -40.54
CA LEU A 370 16.69 -10.68 -41.86
C LEU A 370 16.54 -12.21 -41.90
N PRO A 371 16.23 -12.78 -43.06
CA PRO A 371 16.01 -14.23 -43.12
C PRO A 371 17.30 -15.01 -42.93
N HIS A 372 17.12 -16.27 -42.52
CA HIS A 372 18.24 -17.17 -42.27
C HIS A 372 18.57 -18.00 -43.51
N ASP A 373 18.80 -17.29 -44.62
CA ASP A 373 19.14 -17.96 -45.87
C ASP A 373 20.59 -18.40 -45.93
N GLY A 374 21.43 -17.95 -45.00
CA GLY A 374 22.83 -18.31 -45.00
C GLY A 374 23.72 -17.43 -45.83
N GLU A 375 23.20 -16.36 -46.43
CA GLU A 375 24.00 -15.43 -47.22
C GLU A 375 23.97 -14.01 -46.68
N THR A 376 22.81 -13.50 -46.28
CA THR A 376 22.72 -12.14 -45.79
C THR A 376 23.20 -12.06 -44.35
N ALA A 377 24.04 -11.07 -44.06
CA ALA A 377 24.62 -10.89 -42.74
C ALA A 377 23.86 -9.84 -41.95
N GLY A 378 23.99 -9.92 -40.64
CA GLY A 378 23.31 -8.99 -39.75
C GLY A 378 23.80 -9.18 -38.34
N GLU A 379 23.35 -8.29 -37.46
CA GLU A 379 23.75 -8.37 -36.06
C GLU A 379 22.99 -9.50 -35.35
N ILE A 380 23.62 -10.14 -34.36
CA ILE A 380 22.96 -11.16 -33.56
C ILE A 380 22.32 -10.57 -32.34
N VAL A 381 21.08 -10.87 -32.07
CA VAL A 381 20.36 -10.36 -30.98
C VAL A 381 19.81 -11.57 -30.32
N VAL A 382 19.81 -11.66 -29.03
CA VAL A 382 19.46 -12.76 -28.30
C VAL A 382 18.64 -12.64 -27.15
N ARG A 383 17.95 -13.69 -26.78
CA ARG A 383 17.23 -13.78 -25.52
C ARG A 383 17.56 -15.13 -24.88
N ALA A 384 17.92 -15.11 -23.60
CA ALA A 384 18.36 -16.31 -22.92
C ALA A 384 18.09 -16.15 -21.44
N PRO A 385 18.03 -17.25 -20.68
CA PRO A 385 17.76 -17.15 -19.24
C PRO A 385 18.94 -16.64 -18.42
N TRP A 386 20.12 -16.50 -19.01
CA TRP A 386 21.33 -16.18 -18.27
C TRP A 386 22.06 -14.99 -18.90
N LEU A 387 21.30 -13.93 -19.19
CA LEU A 387 21.87 -12.70 -19.71
C LEU A 387 21.85 -11.64 -18.62
N THR A 388 22.89 -10.82 -18.58
CA THR A 388 22.94 -9.74 -17.61
C THR A 388 21.85 -8.71 -17.93
N PRO A 389 21.10 -8.24 -16.93
CA PRO A 389 20.03 -7.27 -17.23
C PRO A 389 20.55 -5.93 -17.71
N ASN A 390 21.71 -5.50 -17.24
CA ASN A 390 22.26 -4.19 -17.58
C ASN A 390 23.70 -4.15 -17.09
N TYR A 391 24.35 -3.02 -17.34
CA TYR A 391 25.67 -2.77 -16.80
C TYR A 391 25.56 -2.16 -15.41
N TYR A 392 26.55 -2.47 -14.56
CA TYR A 392 26.50 -2.01 -13.18
C TYR A 392 26.78 -0.52 -13.10
N LYS A 393 25.88 0.21 -12.43
CA LYS A 393 25.98 1.66 -12.26
C LYS A 393 26.06 2.38 -13.61
N ASP A 394 25.30 2.00 -14.60
CA ASP A 394 25.32 2.66 -15.89
C ASP A 394 23.93 2.65 -16.39
N ASN A 395 23.57 3.60 -17.24
CA ASN A 395 22.25 3.72 -17.73
C ASN A 395 22.05 3.95 -19.12
N LYS A 396 22.99 4.43 -19.83
CA LYS A 396 22.79 4.76 -21.16
C LYS A 396 23.41 3.75 -21.98
N ASN A 397 24.46 3.10 -21.55
CA ASN A 397 25.03 1.89 -22.14
C ASN A 397 24.12 0.69 -21.90
N SER A 398 23.41 0.67 -20.77
CA SER A 398 22.44 -0.38 -20.52
C SER A 398 21.29 -0.33 -21.53
N LYS A 399 20.80 0.87 -21.85
CA LYS A 399 19.76 0.99 -22.86
C LYS A 399 20.27 0.60 -24.24
N ALA A 400 21.52 0.95 -24.55
CA ALA A 400 22.10 0.51 -25.82
C ALA A 400 22.29 -0.99 -25.86
N LEU A 401 22.48 -1.62 -24.70
CA LEU A 401 22.66 -3.07 -24.65
C LEU A 401 21.36 -3.82 -24.92
N TRP A 402 20.26 -3.37 -24.31
CA TRP A 402 18.98 -4.05 -24.40
C TRP A 402 17.99 -3.28 -25.27
N ARG A 403 18.48 -2.71 -26.36
CA ARG A 403 17.63 -1.96 -27.28
C ARG A 403 16.63 -2.88 -27.97
N GLY A 404 15.39 -2.40 -28.12
CA GLY A 404 14.40 -3.15 -28.85
C GLY A 404 13.91 -4.42 -28.16
N GLY A 405 14.04 -4.50 -26.85
CA GLY A 405 13.60 -5.68 -26.14
C GLY A 405 14.48 -6.90 -26.35
N TYR A 406 15.74 -6.70 -26.73
CA TYR A 406 16.65 -7.79 -27.02
C TYR A 406 18.06 -7.37 -26.66
N LEU A 407 18.92 -8.34 -26.37
CA LEU A 407 20.30 -8.07 -26.04
C LEU A 407 21.14 -8.03 -27.31
N HIS A 408 21.96 -7.04 -27.51
CA HIS A 408 22.71 -6.88 -28.70
C HIS A 408 24.14 -7.25 -28.48
N THR A 409 24.57 -8.25 -29.16
CA THR A 409 25.83 -8.86 -29.06
C THR A 409 26.86 -8.11 -29.70
N GLY A 410 26.55 -7.48 -30.78
CA GLY A 410 27.58 -6.67 -31.37
C GLY A 410 28.41 -7.35 -32.45
N ASP A 411 28.00 -8.53 -32.91
CA ASP A 411 28.72 -9.28 -33.92
C ASP A 411 27.84 -9.46 -35.15
N VAL A 412 28.44 -9.31 -36.33
CA VAL A 412 27.74 -9.45 -37.60
C VAL A 412 28.00 -10.84 -38.13
N ALA A 413 26.91 -11.60 -38.33
CA ALA A 413 26.97 -12.99 -38.74
C ALA A 413 25.79 -13.31 -39.64
N HIS A 414 25.90 -14.41 -40.37
CA HIS A 414 24.79 -14.94 -41.18
C HIS A 414 24.44 -16.34 -40.67
N ILE A 415 23.15 -16.58 -40.46
CA ILE A 415 22.68 -17.85 -39.95
C ILE A 415 22.26 -18.72 -41.12
N ASP A 416 22.80 -19.93 -41.20
CA ASP A 416 22.45 -20.87 -42.25
C ASP A 416 21.09 -21.49 -41.95
N ASP A 417 20.41 -21.98 -42.97
CA ASP A 417 19.10 -22.59 -42.81
C ASP A 417 19.07 -23.80 -41.92
N GLU A 418 20.16 -24.53 -41.86
CA GLU A 418 20.23 -25.66 -40.94
C GLU A 418 20.37 -25.21 -39.49
N GLY A 419 20.59 -23.93 -39.25
CA GLY A 419 20.80 -23.42 -37.90
C GLY A 419 22.24 -23.08 -37.58
N PHE A 420 23.20 -23.47 -38.42
CA PHE A 420 24.59 -23.15 -38.17
C PHE A 420 24.83 -21.65 -38.30
N ILE A 421 25.55 -21.09 -37.34
CA ILE A 421 25.89 -19.67 -37.34
C ILE A 421 27.34 -19.53 -37.77
N LYS A 422 27.63 -18.46 -38.51
CA LYS A 422 28.99 -18.15 -38.94
C LYS A 422 29.24 -16.67 -38.71
N ILE A 423 30.02 -16.36 -37.68
CA ILE A 423 30.32 -14.97 -37.37
C ILE A 423 31.26 -14.42 -38.43
N THR A 424 30.87 -13.30 -39.03
CA THR A 424 31.64 -12.70 -40.12
C THR A 424 32.55 -11.58 -39.65
N ASP A 425 32.04 -10.66 -38.83
CA ASP A 425 32.87 -9.53 -38.39
C ASP A 425 32.21 -8.89 -37.16
N ARG A 426 32.56 -7.66 -36.83
CA ARG A 426 32.04 -6.98 -35.67
C ARG A 426 31.30 -5.85 -36.19
N VAL A 427 30.40 -5.29 -35.46
CA VAL A 427 29.55 -4.19 -35.90
C VAL A 427 30.37 -2.91 -36.06
N LYS A 428 31.20 -2.59 -35.06
CA LYS A 428 32.04 -1.41 -35.14
C LYS A 428 33.16 -1.54 -36.16
N ASP A 429 33.43 -2.76 -36.64
CA ASP A 429 34.46 -3.00 -37.64
C ASP A 429 33.86 -3.17 -39.03
N MET A 430 32.61 -2.83 -39.21
CA MET A 430 31.96 -2.97 -40.49
C MET A 430 32.31 -1.86 -41.46
N ILE A 431 32.30 -2.15 -42.76
CA ILE A 431 32.60 -1.14 -43.79
C ILE A 431 31.26 -0.82 -44.50
N LYS A 432 30.62 0.27 -44.16
CA LYS A 432 29.44 0.65 -44.88
C LYS A 432 29.85 1.48 -46.08
N ILE A 433 30.60 0.90 -47.01
CA ILE A 433 30.92 1.66 -48.21
C ILE A 433 29.61 1.83 -48.97
N SER A 434 29.26 3.05 -49.37
CA SER A 434 28.09 3.33 -50.19
C SER A 434 26.81 2.90 -49.50
N GLY A 435 26.23 1.77 -49.94
CA GLY A 435 25.03 1.26 -49.31
C GLY A 435 25.13 -0.19 -48.87
N GLU A 436 26.34 -0.74 -49.08
CA GLU A 436 26.61 -2.13 -48.71
C GLU A 436 27.49 -2.23 -47.48
N TRP A 437 27.47 -3.37 -46.81
CA TRP A 437 28.27 -3.55 -45.60
C TRP A 437 29.21 -4.73 -45.82
N VAL A 438 30.49 -4.45 -46.02
CA VAL A 438 31.49 -5.47 -46.20
C VAL A 438 32.22 -5.68 -44.88
N SER A 439 32.91 -6.80 -44.76
CA SER A 439 33.64 -7.11 -43.55
C SER A 439 35.12 -7.02 -43.70
N SER A 440 35.76 -6.53 -42.66
CA SER A 440 37.21 -6.35 -42.69
C SER A 440 37.97 -7.64 -42.43
N LEU A 441 37.29 -8.69 -41.95
CA LEU A 441 37.98 -9.95 -41.66
C LEU A 441 38.39 -10.68 -42.94
N GLU A 442 37.55 -10.65 -43.97
CA GLU A 442 37.91 -11.31 -45.23
C GLU A 442 39.06 -10.59 -45.93
N LEU A 443 39.05 -9.25 -45.91
CA LEU A 443 40.18 -8.50 -46.45
C LEU A 443 41.44 -8.75 -45.64
N GLU A 444 41.31 -8.84 -44.31
CA GLU A 444 42.44 -9.18 -43.47
C GLU A 444 42.98 -10.57 -43.80
N ASP A 445 42.09 -11.53 -44.03
CA ASP A 445 42.51 -12.87 -44.41
C ASP A 445 43.20 -12.88 -45.77
N ILE A 446 42.67 -12.10 -46.73
CA ILE A 446 43.24 -12.08 -48.06
C ILE A 446 44.66 -11.54 -48.03
N LEU A 447 44.93 -10.43 -47.34
CA LEU A 447 46.30 -9.85 -47.41
C LEU A 447 47.21 -10.45 -46.37
N HIS A 448 46.93 -11.68 -45.97
CA HIS A 448 47.69 -12.32 -44.94
C HIS A 448 48.29 -13.46 -45.70
N GLN A 449 47.55 -13.95 -46.69
CA GLN A 449 48.14 -14.97 -47.53
C GLN A 449 49.43 -14.52 -48.21
N HIS A 450 49.74 -13.23 -48.18
CA HIS A 450 50.96 -12.73 -48.77
C HIS A 450 52.17 -13.33 -48.07
N GLN A 451 53.16 -13.77 -48.87
CA GLN A 451 54.33 -14.44 -48.31
C GLN A 451 55.21 -13.51 -47.49
N SER A 452 55.01 -12.20 -47.59
CA SER A 452 55.89 -11.26 -46.92
C SER A 452 55.24 -10.55 -45.74
N VAL A 453 53.94 -10.70 -45.60
CA VAL A 453 53.19 -10.04 -44.54
C VAL A 453 53.03 -10.98 -43.36
N SER A 454 53.26 -10.43 -42.18
CA SER A 454 53.14 -11.14 -40.91
C SER A 454 51.84 -10.80 -40.19
N GLU A 455 51.59 -9.51 -39.94
CA GLU A 455 50.38 -9.06 -39.28
C GLU A 455 49.76 -7.93 -40.09
N VAL A 456 48.44 -8.05 -40.25
CA VAL A 456 47.69 -7.08 -41.03
C VAL A 456 46.53 -6.53 -40.24
N ALA A 457 46.19 -5.29 -40.49
CA ALA A 457 45.01 -4.68 -39.88
C ALA A 457 44.32 -3.79 -40.90
N VAL A 458 42.99 -3.89 -40.94
CA VAL A 458 42.17 -3.13 -41.88
C VAL A 458 41.20 -2.26 -41.10
N ILE A 459 41.20 -0.96 -41.39
CA ILE A 459 40.29 -0.01 -40.75
C ILE A 459 39.65 0.85 -41.85
N GLY A 460 38.61 1.57 -41.46
CA GLY A 460 37.85 2.40 -42.38
C GLY A 460 38.44 3.80 -42.52
N MET A 461 38.19 4.41 -43.68
CA MET A 461 38.64 5.75 -43.99
C MET A 461 37.52 6.50 -44.70
N PRO A 462 37.05 7.62 -44.17
CA PRO A 462 35.92 8.32 -44.78
C PRO A 462 36.22 8.78 -46.20
N HIS A 463 35.18 8.75 -47.04
CA HIS A 463 35.25 9.20 -48.42
C HIS A 463 33.95 9.94 -48.73
N ASN A 464 34.07 11.17 -49.25
CA ASN A 464 32.91 12.04 -49.36
C ASN A 464 31.81 11.41 -50.21
N LYS A 465 32.16 10.88 -51.38
CA LYS A 465 31.16 10.29 -52.26
C LYS A 465 30.91 8.82 -51.97
N TRP A 466 31.75 8.14 -51.19
CA TRP A 466 31.46 6.74 -50.83
C TRP A 466 31.44 6.47 -49.34
N GLY A 467 31.07 7.45 -48.54
CA GLY A 467 30.94 7.22 -47.10
C GLY A 467 32.29 7.03 -46.44
N GLU A 468 32.59 5.79 -46.08
CA GLU A 468 33.89 5.41 -45.52
C GLU A 468 34.40 4.16 -46.22
N VAL A 469 35.71 4.11 -46.44
CA VAL A 469 36.32 3.04 -47.23
C VAL A 469 37.41 2.36 -46.42
N PRO A 470 37.74 1.09 -46.72
CA PRO A 470 38.76 0.40 -45.94
C PRO A 470 40.16 0.92 -46.22
N LEU A 471 41.02 0.80 -45.22
CA LEU A 471 42.44 1.12 -45.33
C LEU A 471 43.24 -0.04 -44.76
N ALA A 472 44.29 -0.44 -45.47
CA ALA A 472 45.05 -1.63 -45.14
C ALA A 472 46.38 -1.26 -44.50
N LEU A 473 46.68 -1.88 -43.37
CA LEU A 473 47.96 -1.72 -42.68
C LEU A 473 48.62 -3.08 -42.56
N VAL A 474 49.88 -3.18 -43.00
CA VAL A 474 50.59 -4.45 -43.03
C VAL A 474 51.92 -4.29 -42.33
N THR A 475 52.45 -5.42 -41.84
CA THR A 475 53.76 -5.48 -41.22
C THR A 475 54.59 -6.51 -41.96
N LEU A 476 55.73 -6.10 -42.48
CA LEU A 476 56.56 -6.97 -43.30
C LEU A 476 57.33 -7.97 -42.42
N LYS A 477 57.77 -9.05 -43.06
CA LYS A 477 58.50 -10.10 -42.37
C LYS A 477 59.98 -9.73 -42.27
N GLU A 478 60.81 -10.69 -41.88
CA GLU A 478 62.24 -10.45 -41.73
C GLU A 478 62.90 -10.33 -43.09
N ASP A 479 63.58 -9.21 -43.32
CA ASP A 479 64.32 -8.95 -44.56
C ASP A 479 63.42 -9.08 -45.79
N ALA A 480 62.16 -8.69 -45.63
CA ALA A 480 61.20 -8.68 -46.73
C ALA A 480 60.77 -7.25 -47.01
N GLN A 481 60.93 -6.82 -48.26
CA GLN A 481 60.60 -5.45 -48.65
C GLN A 481 59.85 -5.51 -49.98
N VAL A 482 58.52 -5.41 -49.90
CA VAL A 482 57.70 -5.38 -51.10
C VAL A 482 56.96 -4.04 -51.08
N THR A 483 56.93 -3.34 -52.19
CA THR A 483 56.31 -2.02 -52.26
C THR A 483 54.79 -2.16 -52.14
N GLU A 484 54.14 -1.02 -51.86
CA GLU A 484 52.69 -1.01 -51.67
C GLU A 484 51.96 -1.42 -52.94
N LYS A 485 52.52 -1.11 -54.12
CA LYS A 485 51.85 -1.43 -55.37
C LYS A 485 51.67 -2.94 -55.54
N GLU A 486 52.70 -3.72 -55.23
CA GLU A 486 52.59 -5.17 -55.32
C GLU A 486 51.57 -5.71 -54.32
N LEU A 487 51.54 -5.14 -53.11
CA LEU A 487 50.54 -5.56 -52.13
C LEU A 487 49.13 -5.24 -52.61
N LEU A 488 48.95 -4.08 -53.26
CA LEU A 488 47.66 -3.77 -53.86
C LEU A 488 47.29 -4.81 -54.92
N GLY A 489 48.21 -5.09 -55.85
CA GLY A 489 47.95 -6.05 -56.90
C GLY A 489 47.75 -7.46 -56.40
N PHE A 490 48.25 -7.78 -55.21
CA PHE A 490 48.03 -9.10 -54.63
C PHE A 490 46.54 -9.35 -54.38
N ALA A 491 45.83 -8.34 -53.87
CA ALA A 491 44.41 -8.48 -53.62
C ALA A 491 43.58 -8.24 -54.88
N LYS A 492 44.20 -7.70 -55.92
CA LYS A 492 43.47 -7.39 -57.14
C LYS A 492 43.23 -8.62 -58.01
N ASP A 493 43.90 -9.73 -57.72
CA ASP A 493 43.71 -10.97 -58.46
C ASP A 493 42.46 -11.72 -58.00
N PHE A 494 42.06 -11.53 -56.74
CA PHE A 494 40.94 -12.28 -56.20
C PHE A 494 39.63 -11.84 -56.86
N ILE A 495 38.62 -12.71 -56.74
CA ILE A 495 37.34 -12.52 -57.40
C ILE A 495 36.19 -12.84 -56.46
N ASN A 496 34.97 -12.83 -56.98
CA ASN A 496 33.76 -13.22 -56.25
C ASN A 496 33.47 -12.26 -55.09
N LYS A 497 33.25 -10.99 -55.45
CA LYS A 497 32.77 -9.99 -54.51
C LYS A 497 32.07 -8.89 -55.29
N GLY A 498 31.23 -8.13 -54.59
CA GLY A 498 30.42 -7.11 -55.21
C GLY A 498 31.13 -5.77 -55.30
N ILE A 499 30.31 -4.72 -55.38
CA ILE A 499 30.77 -3.32 -55.45
C ILE A 499 31.56 -3.13 -56.74
N LEU A 500 32.14 -1.95 -56.92
CA LEU A 500 32.89 -1.61 -58.13
C LEU A 500 33.92 -2.68 -58.45
N ALA A 501 33.73 -3.34 -59.60
CA ALA A 501 34.55 -4.48 -59.98
C ALA A 501 34.55 -5.51 -58.85
N ARG A 502 35.60 -5.48 -58.03
CA ARG A 502 35.65 -6.27 -56.80
C ARG A 502 36.04 -5.37 -55.63
N GLU A 503 35.48 -4.15 -55.62
CA GLU A 503 35.83 -3.14 -54.61
C GLU A 503 37.33 -2.88 -54.60
N ALA A 504 37.97 -3.00 -55.75
CA ALA A 504 39.43 -2.87 -55.82
C ALA A 504 39.79 -1.71 -56.76
N LEU A 505 39.78 -0.52 -56.14
CA LEU A 505 40.24 0.68 -56.81
C LEU A 505 40.76 1.61 -55.70
N LEU A 506 40.48 1.29 -54.43
CA LEU A 506 40.90 2.15 -53.30
C LEU A 506 41.31 1.41 -52.04
N LEU A 507 42.09 0.34 -52.19
CA LEU A 507 42.52 -0.44 -51.04
C LEU A 507 43.35 0.40 -50.06
N LYS A 508 44.27 1.22 -50.59
CA LYS A 508 45.07 2.14 -49.79
C LYS A 508 45.86 1.38 -48.71
N VAL A 509 46.75 0.51 -49.17
CA VAL A 509 47.57 -0.28 -48.26
C VAL A 509 48.72 0.58 -47.75
N LYS A 510 49.11 0.36 -46.50
CA LYS A 510 50.23 1.07 -45.89
C LYS A 510 51.07 0.09 -45.11
N ILE A 511 52.38 0.34 -45.07
CA ILE A 511 53.33 -0.52 -44.39
C ILE A 511 53.72 0.17 -43.08
N VAL A 512 53.39 -0.47 -41.96
CA VAL A 512 53.68 0.04 -40.62
C VAL A 512 54.52 -0.99 -39.89
N ASP A 513 55.59 -0.53 -39.24
CA ASP A 513 56.49 -1.45 -38.55
C ASP A 513 55.79 -2.18 -37.42
N GLU A 514 54.99 -1.47 -36.63
CA GLU A 514 54.28 -2.07 -35.51
C GLU A 514 52.85 -1.56 -35.47
N ILE A 515 51.94 -2.44 -35.04
CA ILE A 515 50.52 -2.13 -34.94
C ILE A 515 50.14 -2.16 -33.46
N ALA A 516 49.44 -1.13 -33.01
CA ALA A 516 49.07 -1.03 -31.61
C ALA A 516 48.19 -2.22 -31.20
N LYS A 517 48.43 -2.62 -29.97
CA LYS A 517 47.73 -3.78 -29.50
C LYS A 517 47.17 -3.48 -28.17
N THR A 518 46.07 -4.10 -27.83
CA THR A 518 45.54 -4.03 -26.48
C THR A 518 46.34 -4.95 -25.56
N SER A 519 46.46 -4.54 -24.29
CA SER A 519 47.23 -5.33 -23.33
C SER A 519 46.70 -6.75 -23.21
N VAL A 520 45.41 -6.96 -23.52
CA VAL A 520 44.87 -8.32 -23.54
C VAL A 520 45.53 -9.14 -24.63
N GLY A 521 45.85 -8.52 -25.75
CA GLY A 521 46.49 -9.21 -26.85
C GLY A 521 45.71 -9.21 -28.14
N LYS A 522 44.91 -8.16 -28.34
CA LYS A 522 44.08 -8.03 -29.53
C LYS A 522 44.44 -6.73 -30.25
N VAL A 523 44.17 -6.72 -31.56
CA VAL A 523 44.46 -5.54 -32.38
C VAL A 523 43.57 -4.38 -31.93
N ASP A 524 44.19 -3.23 -31.70
CA ASP A 524 43.48 -2.03 -31.24
C ASP A 524 43.21 -1.14 -32.45
N LYS A 525 42.01 -1.32 -33.04
CA LYS A 525 41.64 -0.52 -34.20
C LYS A 525 41.21 0.89 -33.79
N LYS A 526 40.61 1.10 -32.63
CA LYS A 526 40.14 2.43 -32.31
C LYS A 526 41.35 3.30 -32.05
N GLU A 527 42.34 2.79 -31.32
CA GLU A 527 43.56 3.58 -31.17
C GLU A 527 44.21 3.83 -32.52
N LEU A 528 44.13 2.86 -33.43
CA LEU A 528 44.71 3.04 -34.76
C LEU A 528 44.03 4.18 -35.52
N ARG A 529 42.76 4.36 -35.24
CA ARG A 529 41.95 5.34 -35.93
C ARG A 529 42.12 6.76 -35.40
N LYS A 530 42.99 6.93 -34.41
CA LYS A 530 43.45 8.25 -33.99
C LYS A 530 44.79 8.61 -34.62
N LEU A 531 45.70 7.64 -34.71
CA LEU A 531 47.04 7.92 -35.23
C LEU A 531 46.99 8.36 -36.69
N HIS A 532 46.18 7.72 -37.51
CA HIS A 532 46.20 7.95 -38.95
C HIS A 532 45.01 8.77 -39.45
N LEU A 533 43.97 8.95 -38.64
CA LEU A 533 42.81 9.73 -39.06
C LEU A 533 41.97 10.17 -37.87
N ASN B 6 5.66 -6.87 -20.76
CA ASN B 6 6.44 -7.29 -19.60
C ASN B 6 7.87 -6.74 -19.67
N ASP B 7 8.79 -7.44 -19.02
CA ASP B 7 10.19 -7.07 -19.04
C ASP B 7 10.96 -8.02 -19.93
N PRO B 8 11.51 -7.56 -21.06
CA PRO B 8 12.24 -8.49 -21.94
C PRO B 8 13.45 -9.12 -21.29
N SER B 9 14.12 -8.42 -20.39
CA SER B 9 15.29 -8.97 -19.71
C SER B 9 14.92 -9.93 -18.59
N ASN B 10 13.66 -9.95 -18.16
CA ASN B 10 13.20 -10.87 -17.12
C ASN B 10 12.68 -12.13 -17.81
N TYR B 11 13.52 -13.16 -17.86
CA TYR B 11 13.16 -14.39 -18.54
C TYR B 11 12.17 -15.20 -17.71
N GLN B 12 11.18 -15.79 -18.38
CA GLN B 12 10.19 -16.62 -17.75
C GLN B 12 10.29 -18.03 -18.32
N LEU B 13 10.38 -19.02 -17.42
CA LEU B 13 10.47 -20.42 -17.84
C LEU B 13 9.09 -20.91 -18.22
N LEU B 14 8.81 -20.94 -19.52
CA LEU B 14 7.50 -21.33 -20.03
C LEU B 14 7.62 -22.60 -20.87
N ILE B 15 6.50 -23.30 -21.00
CA ILE B 15 6.46 -24.53 -21.80
C ILE B 15 6.73 -24.22 -23.27
N LYS B 16 6.33 -23.04 -23.73
CA LYS B 16 6.52 -22.68 -25.13
C LYS B 16 8.00 -22.59 -25.51
N ASN B 17 8.89 -22.41 -24.53
CA ASN B 17 10.32 -22.41 -24.81
C ASN B 17 10.89 -23.81 -24.95
N LEU B 18 10.15 -24.84 -24.52
CA LEU B 18 10.60 -26.21 -24.70
C LEU B 18 10.36 -26.71 -26.12
N LEU B 19 9.48 -26.03 -26.88
CA LEU B 19 9.13 -26.44 -28.23
C LEU B 19 9.82 -25.60 -29.30
N PHE B 20 9.98 -24.30 -29.06
CA PHE B 20 10.59 -23.41 -30.04
C PHE B 20 12.07 -23.13 -29.76
N SER B 21 12.56 -23.50 -28.58
CA SER B 21 13.99 -23.41 -28.25
C SER B 21 14.45 -24.74 -27.69
N PRO B 22 14.47 -25.79 -28.51
CA PRO B 22 14.85 -27.12 -28.00
C PRO B 22 16.35 -27.35 -28.04
N VAL B 23 16.78 -28.52 -27.57
CA VAL B 23 18.19 -28.89 -27.69
C VAL B 23 18.55 -29.15 -29.14
N ALA B 24 17.69 -29.86 -29.87
CA ALA B 24 17.88 -30.11 -31.29
C ALA B 24 16.53 -30.00 -31.98
N PHE B 25 16.58 -29.72 -33.28
CA PHE B 25 15.35 -29.59 -34.08
C PHE B 25 15.66 -29.99 -35.52
N ASN B 26 15.21 -31.18 -35.90
CA ASN B 26 15.28 -31.62 -37.29
C ASN B 26 13.89 -31.50 -37.89
N PRO B 27 13.67 -30.62 -38.87
CA PRO B 27 12.31 -30.46 -39.42
C PRO B 27 11.77 -31.70 -40.10
N GLU B 28 12.62 -32.64 -40.49
CA GLU B 28 12.18 -33.85 -41.19
C GLU B 28 12.05 -35.05 -40.27
N GLN B 29 12.24 -34.88 -38.96
CA GLN B 29 12.04 -35.97 -38.01
C GLN B 29 10.55 -36.26 -37.88
N GLU B 30 10.22 -37.53 -37.71
CA GLU B 30 8.84 -38.00 -37.80
C GLU B 30 8.22 -38.18 -36.42
N ILE B 31 6.94 -37.84 -36.33
CA ILE B 31 6.05 -38.28 -35.26
C ILE B 31 5.11 -39.31 -35.89
N VAL B 32 5.06 -40.49 -35.29
CA VAL B 32 4.33 -41.63 -35.85
C VAL B 32 3.26 -42.05 -34.85
N TYR B 33 2.02 -42.09 -35.32
CA TYR B 33 0.92 -42.73 -34.62
C TYR B 33 0.66 -44.07 -35.29
N ALA B 34 0.68 -45.14 -34.50
CA ALA B 34 0.89 -46.50 -34.98
C ALA B 34 -0.01 -46.90 -36.13
N ASN B 35 0.57 -47.11 -37.31
CA ASN B 35 -0.11 -47.56 -38.52
C ASN B 35 -1.27 -46.67 -38.92
N HIS B 36 -1.37 -45.48 -38.33
CA HIS B 36 -2.43 -44.53 -38.64
C HIS B 36 -1.94 -43.24 -39.25
N ARG B 37 -0.82 -42.70 -38.78
CA ARG B 37 -0.42 -41.37 -39.22
C ARG B 37 1.09 -41.21 -39.07
N ARG B 38 1.69 -40.45 -39.97
CA ARG B 38 3.08 -40.04 -39.88
C ARG B 38 3.19 -38.60 -40.33
N HIS B 39 3.92 -37.78 -39.57
CA HIS B 39 4.11 -36.40 -40.01
C HIS B 39 5.35 -35.82 -39.35
N SER B 40 6.01 -34.92 -40.08
CA SER B 40 7.28 -34.37 -39.63
C SER B 40 7.06 -33.39 -38.46
N TYR B 41 8.17 -32.85 -37.97
CA TYR B 41 8.11 -31.88 -36.86
C TYR B 41 7.58 -30.53 -37.32
N LYS B 42 7.84 -30.16 -38.58
CA LYS B 42 7.29 -28.92 -39.11
C LYS B 42 5.77 -28.93 -39.10
N THR B 43 5.18 -30.01 -39.59
CA THR B 43 3.73 -30.14 -39.55
C THR B 43 3.22 -30.29 -38.13
N PHE B 44 4.04 -30.85 -37.22
CA PHE B 44 3.64 -30.90 -35.82
C PHE B 44 3.52 -29.50 -35.22
N HIS B 45 4.48 -28.64 -35.51
CA HIS B 45 4.38 -27.24 -35.06
C HIS B 45 3.19 -26.54 -35.70
N ASP B 46 2.96 -26.78 -36.99
CA ASP B 46 1.81 -26.19 -37.67
C ASP B 46 0.51 -26.64 -37.03
N ARG B 47 0.40 -27.92 -36.69
CA ARG B 47 -0.80 -28.43 -36.04
C ARG B 47 -0.96 -27.88 -34.64
N VAL B 48 0.14 -27.66 -33.92
CA VAL B 48 0.04 -27.03 -32.60
C VAL B 48 -0.52 -25.62 -32.73
N ARG B 49 -0.04 -24.85 -33.72
CA ARG B 49 -0.58 -23.51 -33.93
C ARG B 49 -2.04 -23.56 -34.35
N GLN B 50 -2.40 -24.52 -35.20
CA GLN B 50 -3.79 -24.68 -35.62
C GLN B 50 -4.69 -25.01 -34.45
N PHE B 51 -4.24 -25.89 -33.55
CA PHE B 51 -5.02 -26.23 -32.38
C PHE B 51 -5.14 -25.05 -31.42
N ALA B 52 -4.09 -24.24 -31.31
CA ALA B 52 -4.20 -23.01 -30.52
C ALA B 52 -5.26 -22.07 -31.10
N ASN B 53 -5.26 -21.92 -32.44
CA ASN B 53 -6.29 -21.10 -33.07
C ASN B 53 -7.68 -21.66 -32.82
N ALA B 54 -7.84 -22.98 -32.96
CA ALA B 54 -9.14 -23.61 -32.75
C ALA B 54 -9.63 -23.43 -31.32
N LEU B 55 -8.73 -23.60 -30.35
CA LEU B 55 -9.11 -23.39 -28.95
C LEU B 55 -9.50 -21.94 -28.70
N THR B 56 -8.78 -20.99 -29.32
CA THR B 56 -9.14 -19.59 -29.20
C THR B 56 -10.52 -19.34 -29.78
N LYS B 57 -10.87 -20.03 -30.87
CA LYS B 57 -12.18 -19.85 -31.48
C LYS B 57 -13.30 -20.31 -30.56
N MET B 58 -13.09 -21.37 -29.77
CA MET B 58 -14.11 -21.83 -28.84
C MET B 58 -14.37 -20.87 -27.70
N GLY B 59 -13.50 -19.87 -27.49
CA GLY B 59 -13.60 -19.01 -26.35
C GLY B 59 -12.79 -19.44 -25.15
N VAL B 60 -11.84 -20.37 -25.33
CA VAL B 60 -10.99 -20.82 -24.23
C VAL B 60 -10.07 -19.67 -23.83
N LYS B 61 -10.27 -19.13 -22.64
CA LYS B 61 -9.50 -18.00 -22.16
C LYS B 61 -8.25 -18.49 -21.44
N LYS B 62 -7.56 -17.58 -20.74
CA LYS B 62 -6.32 -17.95 -20.07
C LYS B 62 -6.57 -18.80 -18.84
N GLY B 63 -7.66 -18.54 -18.12
CA GLY B 63 -7.93 -19.29 -16.91
C GLY B 63 -8.77 -20.54 -17.08
N ASP B 64 -9.10 -20.93 -18.30
CA ASP B 64 -10.01 -22.04 -18.52
C ASP B 64 -9.29 -23.38 -18.31
N THR B 65 -10.06 -24.46 -18.38
CA THR B 65 -9.55 -25.81 -18.20
C THR B 65 -10.09 -26.68 -19.33
N VAL B 66 -9.20 -27.44 -19.96
CA VAL B 66 -9.58 -28.39 -21.02
C VAL B 66 -9.18 -29.77 -20.56
N ALA B 67 -10.14 -30.71 -20.61
CA ALA B 67 -9.94 -32.07 -20.14
C ALA B 67 -9.85 -33.03 -21.30
N VAL B 68 -8.94 -34.00 -21.20
CA VAL B 68 -8.66 -34.93 -22.28
C VAL B 68 -8.89 -36.35 -21.82
N MET B 69 -9.56 -37.15 -22.65
CA MET B 69 -9.83 -38.57 -22.39
C MET B 69 -9.58 -39.35 -23.68
N ASP B 70 -8.30 -39.72 -23.88
CA ASP B 70 -7.89 -40.58 -24.95
C ASP B 70 -6.79 -41.53 -24.67
N TYR B 71 -6.37 -42.30 -25.67
CA TYR B 71 -5.19 -43.13 -25.53
C TYR B 71 -3.93 -42.32 -25.88
N ASP B 72 -2.90 -42.94 -26.32
CA ASP B 72 -1.67 -42.27 -26.66
C ASP B 72 -1.55 -42.09 -28.05
N SER B 73 -1.42 -40.86 -28.47
CA SER B 73 -1.42 -40.53 -29.80
C SER B 73 -0.80 -39.24 -30.02
N HIS B 74 -0.64 -38.84 -31.26
CA HIS B 74 -0.15 -37.50 -31.56
C HIS B 74 -1.09 -36.43 -31.03
N ARG B 75 -2.39 -36.75 -30.91
CA ARG B 75 -3.33 -35.78 -30.36
C ARG B 75 -2.99 -35.44 -28.92
N TYR B 76 -2.54 -36.39 -28.15
CA TYR B 76 -2.21 -36.16 -26.75
C TYR B 76 -0.93 -35.39 -26.64
N LEU B 77 -0.05 -35.48 -27.61
CA LEU B 77 1.19 -34.73 -27.61
C LEU B 77 0.94 -33.35 -28.00
N GLU B 78 0.02 -33.15 -28.91
CA GLU B 78 -0.33 -31.77 -29.24
C GLU B 78 -1.11 -31.09 -28.12
N CYS B 79 -1.90 -31.86 -27.37
CA CYS B 79 -2.61 -31.29 -26.22
C CYS B 79 -1.65 -30.97 -25.08
N TYR B 80 -0.56 -31.74 -24.95
CA TYR B 80 0.43 -31.48 -23.92
C TYR B 80 1.12 -30.13 -24.12
N PHE B 81 1.02 -29.55 -25.31
CA PHE B 81 1.70 -28.31 -25.64
C PHE B 81 0.75 -27.15 -25.90
N ALA B 82 -0.24 -27.33 -26.78
CA ALA B 82 -1.08 -26.20 -27.18
C ALA B 82 -1.89 -25.65 -26.02
N ILE B 83 -2.50 -26.52 -25.22
CA ILE B 83 -3.37 -26.07 -24.13
C ILE B 83 -2.57 -25.31 -23.08
N PRO B 84 -1.44 -25.83 -22.57
CA PRO B 84 -0.65 -25.01 -21.63
C PRO B 84 -0.10 -23.74 -22.25
N MET B 85 0.24 -23.62 -23.50
CA MET B 85 0.82 -22.48 -24.11
C MET B 85 -0.14 -21.43 -24.25
N ILE B 86 -1.43 -21.66 -24.43
CA ILE B 86 -2.42 -20.60 -24.43
C ILE B 86 -2.52 -19.96 -23.05
N GLY B 87 -2.44 -20.76 -22.01
CA GLY B 87 -2.57 -20.27 -20.65
C GLY B 87 -3.54 -21.11 -19.86
N ALA B 88 -4.41 -21.84 -20.56
CA ALA B 88 -5.40 -22.67 -19.92
C ALA B 88 -4.75 -23.88 -19.27
N LYS B 89 -5.50 -24.52 -18.37
CA LYS B 89 -5.03 -25.71 -17.69
C LYS B 89 -5.43 -26.97 -18.47
N LEU B 90 -4.59 -27.99 -18.33
CA LEU B 90 -4.81 -29.28 -18.97
C LEU B 90 -5.17 -30.29 -17.89
N HIS B 91 -6.33 -30.94 -18.04
CA HIS B 91 -6.81 -31.94 -17.09
C HIS B 91 -6.72 -33.31 -17.74
N MET B 92 -5.75 -34.11 -17.29
CA MET B 92 -5.61 -35.49 -17.73
C MET B 92 -6.52 -36.35 -16.87
N ILE B 93 -7.53 -36.95 -17.49
CA ILE B 93 -8.54 -37.71 -16.77
C ILE B 93 -8.12 -39.17 -16.75
N ASN B 94 -8.00 -39.74 -15.55
CA ASN B 94 -7.65 -41.15 -15.40
C ASN B 94 -8.82 -42.01 -15.87
N VAL B 95 -8.65 -42.66 -17.02
CA VAL B 95 -9.71 -43.46 -17.60
C VAL B 95 -10.01 -44.67 -16.73
N ARG B 96 -9.04 -45.23 -16.12
CA ARG B 96 -9.21 -46.43 -15.38
C ARG B 96 -9.97 -46.29 -14.11
N LEU B 97 -10.29 -45.09 -13.68
CA LEU B 97 -11.14 -44.88 -12.52
C LEU B 97 -12.59 -45.24 -12.83
N SER B 98 -13.36 -45.48 -11.77
CA SER B 98 -14.78 -45.75 -11.94
C SER B 98 -15.49 -44.48 -12.42
N PRO B 99 -16.61 -44.64 -13.13
CA PRO B 99 -17.31 -43.46 -13.65
C PRO B 99 -17.75 -42.47 -12.59
N GLU B 100 -18.06 -42.93 -11.37
CA GLU B 100 -18.39 -42.01 -10.29
C GLU B 100 -17.19 -41.13 -9.93
N GLN B 101 -16.00 -41.73 -9.84
CA GLN B 101 -14.80 -40.95 -9.56
C GLN B 101 -14.48 -40.00 -10.70
N ILE B 102 -14.71 -40.43 -11.94
CA ILE B 102 -14.50 -39.54 -13.09
C ILE B 102 -15.45 -38.35 -13.01
N LEU B 103 -16.71 -38.60 -12.65
CA LEU B 103 -17.66 -37.51 -12.46
C LEU B 103 -17.19 -36.56 -11.37
N TYR B 104 -16.70 -37.10 -10.25
CA TYR B 104 -16.23 -36.25 -9.16
C TYR B 104 -15.08 -35.37 -9.62
N THR B 105 -14.11 -35.95 -10.34
CA THR B 105 -12.97 -35.18 -10.80
C THR B 105 -13.39 -34.11 -11.80
N ILE B 106 -14.30 -34.45 -12.71
CA ILE B 106 -14.75 -33.48 -13.71
C ILE B 106 -15.46 -32.32 -13.04
N ASP B 107 -16.33 -32.60 -12.07
CA ASP B 107 -17.03 -31.53 -11.38
C ASP B 107 -16.10 -30.72 -10.49
N HIS B 108 -15.08 -31.37 -9.90
CA HIS B 108 -14.14 -30.67 -9.03
C HIS B 108 -13.26 -29.72 -9.83
N ALA B 109 -12.75 -30.17 -10.97
CA ALA B 109 -11.88 -29.33 -11.78
C ALA B 109 -12.64 -28.24 -12.54
N GLU B 110 -13.95 -28.42 -12.73
CA GLU B 110 -14.79 -27.45 -13.46
C GLU B 110 -14.26 -27.23 -14.88
N ASP B 111 -14.24 -28.31 -15.64
CA ASP B 111 -13.76 -28.26 -17.02
C ASP B 111 -14.75 -27.53 -17.92
N ASP B 112 -14.28 -27.02 -19.04
CA ASP B 112 -15.09 -26.38 -20.01
C ASP B 112 -15.20 -27.12 -21.27
N ILE B 113 -14.09 -27.54 -21.86
CA ILE B 113 -14.13 -28.40 -23.04
C ILE B 113 -13.66 -29.80 -22.63
N ILE B 114 -14.19 -30.81 -23.31
CA ILE B 114 -13.80 -32.20 -23.07
C ILE B 114 -13.47 -32.84 -24.41
N LEU B 115 -12.23 -33.31 -24.54
CA LEU B 115 -11.80 -34.09 -25.69
C LEU B 115 -11.84 -35.55 -25.29
N ILE B 116 -12.77 -36.31 -25.85
CA ILE B 116 -13.01 -37.69 -25.44
C ILE B 116 -12.94 -38.60 -26.67
N HIS B 117 -12.19 -39.69 -26.54
CA HIS B 117 -12.11 -40.67 -27.61
C HIS B 117 -13.43 -41.41 -27.76
N GLU B 118 -13.64 -41.99 -28.94
CA GLU B 118 -14.89 -42.68 -29.22
C GLU B 118 -15.11 -43.86 -28.27
N GLU B 119 -14.05 -44.62 -28.01
CA GLU B 119 -14.18 -45.83 -27.19
C GLU B 119 -14.62 -45.51 -25.75
N PHE B 120 -14.46 -44.28 -25.30
CA PHE B 120 -14.87 -43.88 -23.97
C PHE B 120 -16.26 -43.26 -23.95
N LEU B 121 -16.95 -43.25 -25.08
CA LEU B 121 -18.32 -42.74 -25.10
C LEU B 121 -19.27 -43.51 -24.18
N PRO B 122 -19.24 -44.86 -24.10
CA PRO B 122 -20.16 -45.54 -23.18
C PRO B 122 -20.00 -45.11 -21.73
N ILE B 123 -18.79 -44.75 -21.29
CA ILE B 123 -18.61 -44.24 -19.95
C ILE B 123 -19.34 -42.92 -19.78
N LEU B 124 -19.14 -41.99 -20.73
CA LEU B 124 -19.77 -40.68 -20.65
C LEU B 124 -21.29 -40.78 -20.67
N ASP B 125 -21.82 -41.83 -21.30
CA ASP B 125 -23.27 -42.03 -21.30
C ASP B 125 -23.80 -42.24 -19.89
N GLN B 126 -23.03 -42.93 -19.04
CA GLN B 126 -23.42 -43.11 -17.65
C GLN B 126 -23.23 -41.86 -16.81
N ILE B 127 -22.76 -40.77 -17.29
CA ILE B 127 -22.41 -39.67 -16.43
C ILE B 127 -22.83 -38.38 -17.06
N LYS B 128 -22.91 -38.26 -18.40
CA LYS B 128 -23.18 -36.97 -19.02
C LYS B 128 -24.38 -36.27 -18.39
N GLY B 129 -25.33 -37.04 -17.86
CA GLY B 129 -26.52 -36.43 -17.27
C GLY B 129 -26.22 -35.55 -16.08
N ARG B 130 -25.27 -35.95 -15.25
CA ARG B 130 -24.94 -35.22 -14.04
C ARG B 130 -23.77 -34.24 -14.22
N ILE B 131 -23.25 -34.12 -15.44
CA ILE B 131 -22.13 -33.23 -15.70
C ILE B 131 -22.66 -31.83 -15.99
N ASP B 132 -22.18 -30.86 -15.22
CA ASP B 132 -22.41 -29.45 -15.48
C ASP B 132 -21.09 -28.78 -15.81
N THR B 133 -21.15 -27.49 -16.13
CA THR B 133 -20.03 -26.60 -16.43
C THR B 133 -19.31 -26.96 -17.72
N VAL B 134 -19.68 -28.05 -18.39
CA VAL B 134 -19.04 -28.47 -19.63
C VAL B 134 -19.96 -28.10 -20.78
N THR B 135 -19.43 -27.32 -21.74
CA THR B 135 -20.21 -26.80 -22.85
C THR B 135 -20.06 -27.63 -24.11
N ARG B 136 -18.84 -27.91 -24.54
CA ARG B 136 -18.58 -28.59 -25.80
C ARG B 136 -17.90 -29.93 -25.57
N TYR B 137 -18.37 -30.93 -26.31
CA TYR B 137 -17.75 -32.26 -26.33
C TYR B 137 -17.17 -32.50 -27.71
N VAL B 138 -15.89 -32.83 -27.77
CA VAL B 138 -15.20 -33.14 -29.02
C VAL B 138 -14.84 -34.62 -29.01
N VAL B 139 -15.28 -35.32 -30.05
CA VAL B 139 -15.10 -36.77 -30.14
C VAL B 139 -13.92 -37.06 -31.05
N LEU B 140 -12.93 -37.75 -30.52
CA LEU B 140 -11.72 -38.12 -31.26
C LEU B 140 -11.87 -39.53 -31.82
N ARG B 141 -11.56 -39.68 -33.10
CA ARG B 141 -11.61 -40.97 -33.77
C ARG B 141 -10.30 -41.22 -34.50
N ASP B 142 -10.07 -42.47 -34.88
CA ASP B 142 -8.86 -42.87 -35.58
C ASP B 142 -9.02 -42.85 -37.10
N ASP B 143 -10.21 -42.53 -37.60
CA ASP B 143 -10.47 -42.44 -39.03
C ASP B 143 -10.50 -40.98 -39.47
N GLU B 144 -10.88 -40.75 -40.72
CA GLU B 144 -10.88 -39.40 -41.29
C GLU B 144 -12.03 -38.54 -40.81
N GLU B 145 -13.01 -39.10 -40.11
CA GLU B 145 -14.17 -38.36 -39.63
C GLU B 145 -13.99 -37.84 -38.21
N CYS B 146 -12.75 -37.79 -37.72
CA CYS B 146 -12.49 -37.25 -36.39
C CYS B 146 -12.86 -35.77 -36.33
N GLU B 147 -13.47 -35.37 -35.22
CA GLU B 147 -13.83 -33.96 -35.05
C GLU B 147 -12.62 -33.10 -34.73
N TYR B 148 -11.59 -33.66 -34.07
CA TYR B 148 -10.36 -32.92 -33.83
C TYR B 148 -9.69 -32.53 -35.13
N GLU B 149 -9.58 -33.48 -36.07
CA GLU B 149 -8.99 -33.17 -37.36
C GLU B 149 -9.86 -32.18 -38.13
N ARG B 150 -11.18 -32.35 -38.10
CA ARG B 150 -12.08 -31.43 -38.80
C ARG B 150 -12.01 -30.02 -38.24
N LEU B 151 -11.75 -29.88 -36.95
CA LEU B 151 -11.56 -28.56 -36.36
C LEU B 151 -10.17 -28.00 -36.60
N LEU B 152 -9.18 -28.88 -36.82
CA LEU B 152 -7.84 -28.38 -37.18
C LEU B 152 -7.80 -27.85 -38.61
N GLU B 153 -8.51 -28.52 -39.52
CA GLU B 153 -8.44 -28.16 -40.94
C GLU B 153 -8.98 -26.76 -41.22
N GLN B 154 -9.85 -26.24 -40.37
CA GLN B 154 -10.49 -24.96 -40.61
C GLN B 154 -9.69 -23.77 -40.07
N GLU B 155 -8.56 -24.01 -39.42
CA GLU B 155 -7.75 -22.96 -38.84
C GLU B 155 -6.47 -22.75 -39.63
N SER B 156 -5.73 -21.73 -39.24
CA SER B 156 -4.46 -21.39 -39.89
C SER B 156 -3.28 -21.83 -39.05
N THR B 157 -2.14 -22.00 -39.70
CA THR B 157 -0.92 -22.46 -39.07
C THR B 157 -0.08 -21.32 -38.50
N GLU B 158 -0.70 -20.19 -38.17
CA GLU B 158 0.01 -19.02 -37.65
C GLU B 158 -0.63 -18.61 -36.33
N TYR B 159 0.20 -18.41 -35.31
CA TYR B 159 -0.28 -17.98 -34.00
C TYR B 159 0.87 -17.31 -33.26
N ASN B 160 0.51 -16.35 -32.40
CA ASN B 160 1.48 -15.65 -31.56
C ASN B 160 1.16 -16.01 -30.12
N PHE B 161 1.95 -16.92 -29.55
CA PHE B 161 1.69 -17.39 -28.20
C PHE B 161 2.07 -16.30 -27.19
N PRO B 162 1.22 -16.06 -26.20
CA PRO B 162 1.47 -14.96 -25.25
C PRO B 162 2.59 -15.30 -24.28
N ASP B 163 3.03 -14.25 -23.58
CA ASP B 163 4.00 -14.39 -22.50
C ASP B 163 3.30 -14.02 -21.20
N PHE B 164 3.33 -14.93 -20.23
CA PHE B 164 2.71 -14.72 -18.94
C PHE B 164 3.69 -15.12 -17.84
N ASP B 165 3.20 -15.08 -16.60
CA ASP B 165 4.03 -15.48 -15.47
C ASP B 165 4.36 -16.96 -15.55
N GLU B 166 5.58 -17.32 -15.14
CA GLU B 166 6.00 -18.71 -15.15
C GLU B 166 5.35 -19.54 -14.05
N ASN B 167 4.63 -18.89 -13.12
CA ASN B 167 3.95 -19.58 -12.04
C ASN B 167 2.49 -19.84 -12.33
N THR B 168 2.11 -19.87 -13.61
CA THR B 168 0.74 -20.20 -14.00
C THR B 168 0.57 -21.70 -14.13
N VAL B 169 -0.53 -22.22 -13.58
CA VAL B 169 -0.78 -23.65 -13.58
C VAL B 169 -0.97 -24.15 -15.00
N ALA B 170 -0.40 -25.32 -15.29
CA ALA B 170 -0.44 -25.91 -16.62
C ALA B 170 -1.16 -27.25 -16.67
N THR B 171 -0.97 -28.12 -15.68
CA THR B 171 -1.53 -29.47 -15.72
C THR B 171 -2.15 -29.83 -14.37
N THR B 172 -3.08 -30.77 -14.42
CA THR B 172 -3.73 -31.33 -13.24
C THR B 172 -4.25 -32.72 -13.61
N PHE B 173 -4.05 -33.70 -12.72
CA PHE B 173 -4.49 -35.05 -13.06
C PHE B 173 -5.12 -35.87 -11.93
N TYR B 174 -5.35 -35.29 -10.79
CA TYR B 174 -6.14 -36.06 -9.77
C TYR B 174 -5.72 -37.38 -9.46
N THR B 175 -4.70 -37.42 -8.68
CA THR B 175 -4.30 -38.71 -8.12
C THR B 175 -5.34 -39.23 -7.13
N THR B 176 -5.31 -40.48 -6.80
CA THR B 176 -6.30 -41.15 -5.98
C THR B 176 -5.73 -42.13 -4.99
N GLY B 177 -5.14 -41.68 -3.92
CA GLY B 177 -4.50 -42.49 -2.92
C GLY B 177 -5.49 -43.14 -1.98
N THR B 178 -5.30 -42.98 -0.67
CA THR B 178 -6.23 -43.46 0.34
C THR B 178 -6.75 -42.24 1.09
N THR B 179 -7.78 -41.60 0.53
CA THR B 179 -8.38 -40.41 1.13
C THR B 179 -9.89 -40.40 1.10
N GLY B 180 -10.55 -41.33 0.42
CA GLY B 180 -12.00 -41.30 0.30
C GLY B 180 -12.43 -40.70 -1.02
N PHE B 181 -11.75 -39.64 -1.43
CA PHE B 181 -12.00 -38.98 -2.71
C PHE B 181 -10.66 -38.70 -3.38
N PRO B 182 -10.63 -38.63 -4.71
CA PRO B 182 -9.37 -38.29 -5.40
C PRO B 182 -8.89 -36.90 -5.02
N LYS B 183 -7.57 -36.74 -4.99
CA LYS B 183 -6.93 -35.48 -4.62
C LYS B 183 -6.25 -34.89 -5.84
N GLY B 184 -6.46 -33.59 -6.07
CA GLY B 184 -5.95 -32.93 -7.24
C GLY B 184 -4.59 -32.31 -7.02
N VAL B 185 -3.64 -32.65 -7.89
CA VAL B 185 -2.28 -32.14 -7.83
C VAL B 185 -2.01 -31.37 -9.11
N PHE B 186 -1.37 -30.21 -8.98
CA PHE B 186 -1.15 -29.32 -10.11
C PHE B 186 0.30 -28.86 -10.16
N PHE B 187 0.74 -28.50 -11.36
CA PHE B 187 2.11 -28.04 -11.60
C PHE B 187 2.07 -26.81 -12.48
N THR B 188 3.16 -26.05 -12.47
CA THR B 188 3.27 -24.80 -13.23
C THR B 188 4.23 -24.99 -14.40
N HIS B 189 4.33 -23.94 -15.22
CA HIS B 189 5.26 -23.96 -16.35
C HIS B 189 6.70 -24.08 -15.86
N ARG B 190 7.04 -23.29 -14.84
CA ARG B 190 8.39 -23.32 -14.28
C ARG B 190 8.75 -24.71 -13.77
N GLN B 191 7.82 -25.36 -13.07
CA GLN B 191 8.09 -26.67 -12.51
C GLN B 191 8.34 -27.71 -13.60
N LEU B 192 7.54 -27.68 -14.67
CA LEU B 192 7.71 -28.65 -15.74
C LEU B 192 9.01 -28.42 -16.51
N VAL B 193 9.34 -27.15 -16.79
CA VAL B 193 10.59 -26.86 -17.48
C VAL B 193 11.78 -27.28 -16.62
N LEU B 194 11.73 -26.98 -15.32
CA LEU B 194 12.81 -27.40 -14.43
C LEU B 194 12.91 -28.92 -14.37
N HIS B 195 11.76 -29.61 -14.38
CA HIS B 195 11.78 -31.07 -14.34
C HIS B 195 12.48 -31.63 -15.57
N THR B 196 12.09 -31.19 -16.76
CA THR B 196 12.70 -31.74 -17.97
C THR B 196 14.19 -31.39 -18.04
N MET B 197 14.56 -30.17 -17.66
CA MET B 197 15.97 -29.80 -17.64
C MET B 197 16.77 -30.66 -16.67
N GLY B 198 16.28 -30.81 -15.44
CA GLY B 198 17.01 -31.53 -14.41
C GLY B 198 17.08 -33.02 -14.63
N ILE B 199 16.13 -33.59 -15.37
CA ILE B 199 16.23 -35.01 -15.69
C ILE B 199 17.08 -35.24 -16.93
N LEU B 200 17.00 -34.36 -17.93
CA LEU B 200 17.88 -34.48 -19.08
C LEU B 200 19.33 -34.28 -18.69
N SER B 201 19.59 -33.44 -17.69
CA SER B 201 20.96 -33.23 -17.24
C SER B 201 21.48 -34.36 -16.36
N THR B 202 20.61 -35.24 -15.86
CA THR B 202 21.06 -36.31 -14.99
C THR B 202 21.06 -37.69 -15.64
N ILE B 203 20.23 -37.93 -16.66
CA ILE B 203 20.25 -39.21 -17.34
C ILE B 203 20.97 -39.15 -18.68
N GLY B 204 21.06 -37.97 -19.32
CA GLY B 204 21.83 -37.84 -20.52
C GLY B 204 23.32 -37.87 -20.32
N THR B 205 23.79 -37.58 -19.10
CA THR B 205 25.20 -37.47 -18.79
C THR B 205 25.80 -38.78 -18.32
N ASN B 206 25.12 -39.87 -18.33
CA ASN B 206 25.71 -41.10 -17.94
C ASN B 206 26.76 -41.54 -18.90
N ALA B 207 27.67 -42.37 -18.51
CA ALA B 207 28.81 -42.76 -19.32
C ALA B 207 28.38 -43.72 -20.44
N SER B 208 27.87 -44.89 -20.08
CA SER B 208 27.51 -45.89 -21.08
C SER B 208 26.19 -46.60 -20.84
N GLN B 209 25.57 -46.49 -19.67
CA GLN B 209 24.39 -47.27 -19.33
C GLN B 209 23.19 -46.37 -19.13
N GLY B 210 22.08 -46.72 -19.75
CA GLY B 210 20.79 -46.09 -19.47
C GLY B 210 20.75 -44.60 -19.70
N ARG B 211 21.27 -44.14 -20.83
CA ARG B 211 21.27 -42.72 -21.17
C ARG B 211 20.34 -42.45 -22.34
N LEU B 212 19.62 -41.33 -22.27
CA LEU B 212 18.74 -40.89 -23.33
C LEU B 212 19.43 -39.75 -24.08
N HIS B 213 19.80 -40.00 -25.32
CA HIS B 213 20.50 -39.03 -26.15
C HIS B 213 19.66 -38.70 -27.38
N GLN B 214 20.24 -37.91 -28.28
CA GLN B 214 19.51 -37.41 -29.44
C GLN B 214 19.36 -38.44 -30.55
N GLY B 215 20.04 -39.57 -30.45
CA GLY B 215 19.91 -40.63 -31.44
C GLY B 215 18.89 -41.68 -31.13
N ASP B 216 18.12 -41.53 -30.05
CA ASP B 216 17.18 -42.54 -29.62
C ASP B 216 15.85 -42.37 -30.35
N ILE B 217 15.01 -43.40 -30.23
CA ILE B 217 13.65 -43.39 -30.76
C ILE B 217 12.72 -43.72 -29.60
N TYR B 218 11.78 -42.82 -29.33
CA TYR B 218 10.98 -42.84 -28.11
C TYR B 218 9.64 -43.54 -28.31
N MET B 219 9.19 -44.21 -27.27
CA MET B 219 7.89 -44.86 -27.19
C MET B 219 7.35 -44.83 -25.76
N PRO B 220 6.15 -44.33 -25.54
CA PRO B 220 5.53 -44.46 -24.22
C PRO B 220 4.71 -45.74 -24.12
N ILE B 221 4.93 -46.53 -23.07
CA ILE B 221 4.12 -47.72 -22.81
C ILE B 221 3.46 -47.56 -21.44
N THR B 222 3.25 -46.31 -21.05
CA THR B 222 2.52 -45.94 -19.84
C THR B 222 1.27 -45.18 -20.23
N PRO B 223 0.25 -45.14 -19.37
CA PRO B 223 -1.03 -44.54 -19.76
C PRO B 223 -0.93 -43.11 -20.26
N MET B 224 0.14 -42.39 -19.93
CA MET B 224 0.46 -41.07 -20.50
C MET B 224 -0.49 -40.01 -19.95
N PHE B 225 -1.50 -40.45 -19.20
CA PHE B 225 -2.30 -39.54 -18.39
C PHE B 225 -2.05 -39.72 -16.91
N HIS B 226 -1.25 -40.73 -16.51
CA HIS B 226 -1.01 -40.97 -15.10
C HIS B 226 -0.31 -39.78 -14.45
N VAL B 227 0.95 -39.53 -14.82
CA VAL B 227 1.59 -38.27 -14.48
C VAL B 227 2.51 -37.84 -15.63
N HIS B 228 2.00 -36.97 -16.49
CA HIS B 228 2.76 -36.38 -17.61
C HIS B 228 3.51 -37.44 -18.42
N ALA B 229 3.08 -38.69 -18.36
CA ALA B 229 3.86 -39.82 -18.87
C ALA B 229 5.30 -39.74 -18.35
N TRP B 230 5.42 -39.60 -17.03
CA TRP B 230 6.69 -39.44 -16.32
C TRP B 230 7.54 -38.33 -16.91
N GLY B 231 6.90 -37.36 -17.55
CA GLY B 231 7.58 -36.23 -18.15
C GLY B 231 8.35 -36.52 -19.40
N LEU B 232 8.33 -37.76 -19.89
CA LEU B 232 9.20 -38.13 -21.00
C LEU B 232 8.78 -37.54 -22.35
N PRO B 233 7.48 -37.39 -22.65
CA PRO B 233 7.11 -36.72 -23.90
C PRO B 233 7.64 -35.30 -24.01
N TYR B 234 7.75 -34.58 -22.89
CA TYR B 234 8.36 -33.24 -22.93
C TYR B 234 9.85 -33.30 -23.23
N MET B 235 10.54 -34.33 -22.73
CA MET B 235 11.96 -34.46 -22.98
C MET B 235 12.24 -34.92 -24.41
N ALA B 236 11.47 -35.90 -24.89
CA ALA B 236 11.71 -36.46 -26.22
C ALA B 236 11.57 -35.41 -27.31
N THR B 237 10.62 -34.49 -27.17
CA THR B 237 10.48 -33.43 -28.16
C THR B 237 11.55 -32.35 -28.01
N MET B 238 12.19 -32.24 -26.85
CA MET B 238 13.27 -31.28 -26.71
C MET B 238 14.54 -31.78 -27.39
N LEU B 239 14.78 -33.08 -27.34
CA LEU B 239 15.91 -33.66 -28.07
C LEU B 239 15.64 -33.77 -29.57
N GLY B 240 14.39 -33.58 -30.00
CA GLY B 240 14.05 -33.69 -31.40
C GLY B 240 14.18 -35.10 -31.95
N VAL B 241 13.86 -36.10 -31.14
CA VAL B 241 14.01 -37.49 -31.54
C VAL B 241 12.72 -37.98 -32.19
N LYS B 242 12.82 -39.08 -32.92
CA LYS B 242 11.65 -39.73 -33.48
C LYS B 242 10.78 -40.29 -32.36
N GLN B 243 9.47 -40.10 -32.48
CA GLN B 243 8.52 -40.54 -31.47
C GLN B 243 7.49 -41.46 -32.12
N VAL B 244 7.19 -42.58 -31.46
CA VAL B 244 6.20 -43.53 -31.93
C VAL B 244 5.18 -43.75 -30.83
N TYR B 245 3.90 -43.64 -31.19
CA TYR B 245 2.81 -43.81 -30.24
C TYR B 245 2.00 -45.03 -30.62
N PRO B 246 1.83 -46.01 -29.74
CA PRO B 246 1.20 -47.28 -30.14
C PRO B 246 -0.32 -47.28 -30.08
N GLY B 247 -0.89 -46.49 -29.18
CA GLY B 247 -2.33 -46.47 -29.04
C GLY B 247 -2.88 -47.29 -27.89
N LYS B 248 -3.38 -48.49 -28.18
CA LYS B 248 -4.17 -49.27 -27.24
C LYS B 248 -3.37 -50.28 -26.42
N TYR B 249 -2.08 -50.35 -26.55
CA TYR B 249 -1.25 -51.29 -25.79
C TYR B 249 -1.60 -52.71 -26.03
N VAL B 250 -1.39 -53.14 -27.22
CA VAL B 250 -1.54 -54.55 -27.57
C VAL B 250 -0.14 -55.13 -27.77
N PRO B 251 0.24 -56.18 -27.03
CA PRO B 251 1.61 -56.70 -27.19
C PRO B 251 1.94 -57.13 -28.61
N ASP B 252 0.97 -57.69 -29.34
CA ASP B 252 1.22 -58.09 -30.72
C ASP B 252 1.56 -56.90 -31.60
N VAL B 253 1.10 -55.73 -31.21
CA VAL B 253 1.29 -54.54 -31.99
C VAL B 253 2.42 -53.84 -31.47
N LEU B 254 2.66 -53.91 -30.20
CA LEU B 254 3.80 -53.26 -29.57
C LEU B 254 5.12 -53.86 -30.06
N LEU B 255 5.20 -55.19 -30.10
CA LEU B 255 6.40 -55.84 -30.58
C LEU B 255 6.66 -55.54 -32.05
N ASN B 256 5.60 -55.54 -32.86
CA ASN B 256 5.75 -55.21 -34.27
C ASN B 256 6.25 -53.78 -34.46
N LEU B 257 5.72 -52.85 -33.68
CA LEU B 257 6.17 -51.46 -33.77
C LEU B 257 7.62 -51.31 -33.33
N ILE B 258 8.01 -52.00 -32.25
CA ILE B 258 9.38 -51.90 -31.77
C ILE B 258 10.35 -52.46 -32.80
N GLU B 259 10.00 -53.60 -33.40
CA GLU B 259 10.88 -54.20 -34.40
C GLU B 259 10.91 -53.38 -35.68
N GLN B 260 9.78 -52.77 -36.05
CA GLN B 260 9.69 -52.09 -37.34
C GLN B 260 10.20 -50.66 -37.25
N GLU B 261 9.79 -49.92 -36.23
CA GLU B 261 10.25 -48.54 -36.04
C GLU B 261 11.59 -48.46 -35.34
N LYS B 262 12.15 -49.59 -34.91
CA LYS B 262 13.46 -49.65 -34.27
C LYS B 262 13.50 -48.77 -33.02
N VAL B 263 12.53 -48.97 -32.13
CA VAL B 263 12.47 -48.20 -30.90
C VAL B 263 13.62 -48.60 -29.98
N THR B 264 14.26 -47.60 -29.37
CA THR B 264 15.40 -47.85 -28.51
C THR B 264 15.22 -47.36 -27.07
N PHE B 265 14.19 -46.57 -26.79
CA PHE B 265 13.96 -46.07 -25.44
C PHE B 265 12.46 -46.06 -25.16
N SER B 266 12.06 -46.62 -24.04
CA SER B 266 10.66 -46.67 -23.65
C SER B 266 10.57 -46.80 -22.13
N HIS B 267 9.33 -46.89 -21.64
CA HIS B 267 9.10 -47.03 -20.21
C HIS B 267 7.74 -47.68 -20.00
N CYS B 268 7.65 -48.60 -19.06
CA CYS B 268 6.42 -49.38 -18.85
C CYS B 268 6.32 -49.77 -17.38
N VAL B 269 5.46 -50.73 -17.11
CA VAL B 269 5.21 -51.23 -15.76
C VAL B 269 5.58 -52.71 -15.75
N PRO B 270 5.84 -53.29 -14.57
CA PRO B 270 6.28 -54.69 -14.53
C PRO B 270 5.32 -55.68 -15.18
N THR B 271 4.02 -55.40 -15.19
CA THR B 271 3.08 -56.34 -15.82
C THR B 271 3.17 -56.27 -17.34
N ILE B 272 3.29 -55.07 -17.89
CA ILE B 272 3.40 -54.92 -19.34
C ILE B 272 4.68 -55.54 -19.85
N LEU B 273 5.79 -55.35 -19.14
CA LEU B 273 7.06 -55.94 -19.54
C LEU B 273 6.99 -57.46 -19.51
N HIS B 274 6.36 -58.03 -18.47
CA HIS B 274 6.20 -59.47 -18.41
C HIS B 274 5.33 -59.99 -19.55
N LEU B 275 4.26 -59.25 -19.88
CA LEU B 275 3.43 -59.63 -21.02
C LEU B 275 4.23 -59.61 -22.32
N LEU B 276 5.06 -58.58 -22.51
CA LEU B 276 5.85 -58.49 -23.73
C LEU B 276 6.87 -59.62 -23.82
N LEU B 277 7.51 -59.96 -22.70
CA LEU B 277 8.52 -61.01 -22.71
C LEU B 277 7.89 -62.39 -22.91
N SER B 278 6.77 -62.68 -22.29
CA SER B 278 6.22 -63.97 -22.41
C SER B 278 5.44 -64.16 -23.68
N SER B 279 5.21 -63.12 -24.48
CA SER B 279 4.56 -63.29 -25.76
C SER B 279 5.38 -64.25 -26.62
N PRO B 280 4.69 -65.13 -27.43
CA PRO B 280 5.51 -65.95 -28.33
C PRO B 280 5.85 -65.25 -29.65
N LYS B 281 5.64 -63.96 -29.76
CA LYS B 281 6.06 -63.22 -30.94
C LYS B 281 7.33 -62.51 -30.53
N SER B 282 7.97 -62.97 -29.46
CA SER B 282 9.18 -62.34 -28.96
C SER B 282 10.31 -63.31 -28.82
N LYS B 283 10.20 -64.51 -29.37
CA LYS B 283 11.24 -65.50 -29.19
C LYS B 283 12.27 -65.42 -30.22
N ALA B 284 11.96 -64.86 -31.35
CA ALA B 284 12.95 -64.62 -32.39
C ALA B 284 13.16 -63.13 -32.61
N MET B 285 12.78 -62.29 -31.66
CA MET B 285 12.86 -60.84 -31.81
C MET B 285 14.12 -60.31 -31.13
N ASP B 286 14.81 -59.40 -31.82
CA ASP B 286 16.08 -58.85 -31.34
C ASP B 286 15.78 -57.69 -30.41
N PHE B 287 16.15 -57.82 -29.14
CA PHE B 287 15.88 -56.81 -28.12
C PHE B 287 17.13 -56.06 -27.67
N SER B 288 18.28 -56.31 -28.29
CA SER B 288 19.52 -55.74 -27.77
C SER B 288 19.72 -54.30 -28.25
N GLY B 289 18.69 -53.48 -28.15
CA GLY B 289 18.80 -52.06 -28.40
C GLY B 289 17.87 -51.24 -27.53
N TRP B 290 17.26 -51.90 -26.55
CA TRP B 290 16.10 -51.37 -25.83
C TRP B 290 16.51 -50.94 -24.43
N LYS B 291 15.84 -49.89 -23.93
CA LYS B 291 16.19 -49.22 -22.68
C LYS B 291 14.94 -48.96 -21.83
N VAL B 292 14.27 -50.00 -21.43
CA VAL B 292 13.14 -49.79 -20.55
C VAL B 292 13.35 -49.29 -19.15
N VAL B 293 12.74 -48.20 -18.76
CA VAL B 293 12.73 -47.75 -17.39
C VAL B 293 11.42 -48.20 -16.76
N ILE B 294 11.43 -49.29 -16.04
CA ILE B 294 10.31 -49.88 -15.31
C ILE B 294 10.26 -49.18 -13.95
N GLY B 295 9.50 -48.08 -13.89
CA GLY B 295 9.37 -47.32 -12.68
C GLY B 295 7.95 -47.29 -12.16
N GLY B 296 7.13 -48.24 -12.56
CA GLY B 296 5.76 -48.29 -12.11
C GLY B 296 5.63 -48.57 -10.64
N ALA B 297 5.94 -49.80 -10.22
CA ALA B 297 5.91 -50.15 -8.80
C ALA B 297 6.68 -51.44 -8.59
N ALA B 298 7.80 -51.37 -7.86
CA ALA B 298 8.47 -52.54 -7.29
C ALA B 298 8.83 -53.57 -8.35
N LEU B 299 9.77 -53.17 -9.22
CA LEU B 299 10.31 -54.07 -10.24
C LEU B 299 10.86 -55.34 -9.59
N PRO B 300 10.29 -56.50 -9.90
CA PRO B 300 10.77 -57.74 -9.29
C PRO B 300 12.17 -58.11 -9.79
N LYS B 301 12.87 -58.88 -8.96
CA LYS B 301 14.24 -59.29 -9.30
C LYS B 301 14.24 -60.37 -10.38
N ALA B 302 13.32 -61.33 -10.28
CA ALA B 302 13.28 -62.41 -11.27
C ALA B 302 12.94 -61.89 -12.66
N LEU B 303 12.00 -60.96 -12.75
CA LEU B 303 11.66 -60.37 -14.04
C LEU B 303 12.83 -59.57 -14.60
N CYS B 304 13.55 -58.86 -13.72
CA CYS B 304 14.73 -58.12 -14.17
C CYS B 304 15.79 -59.07 -14.70
N LYS B 305 16.01 -60.19 -14.03
CA LYS B 305 16.98 -61.18 -14.51
C LYS B 305 16.54 -61.76 -15.86
N SER B 306 15.26 -62.09 -15.99
CA SER B 306 14.77 -62.63 -17.26
C SER B 306 14.94 -61.64 -18.40
N ALA B 307 14.68 -60.36 -18.12
CA ALA B 307 14.88 -59.34 -19.14
C ALA B 307 16.37 -59.16 -19.48
N LEU B 308 17.23 -59.22 -18.46
CA LEU B 308 18.67 -59.10 -18.69
C LEU B 308 19.20 -60.25 -19.53
N GLU B 309 18.62 -61.44 -19.38
CA GLU B 309 19.01 -62.56 -20.22
C GLU B 309 18.66 -62.34 -21.70
N ARG B 310 17.83 -61.36 -22.05
CA ARG B 310 17.46 -61.09 -23.44
C ARG B 310 18.10 -59.85 -23.95
N ASP B 311 19.17 -59.41 -23.32
CA ASP B 311 19.94 -58.23 -23.71
C ASP B 311 19.23 -56.93 -23.64
N ILE B 312 18.60 -56.62 -22.55
CA ILE B 312 17.78 -55.43 -22.46
C ILE B 312 18.29 -54.57 -21.32
N ASP B 313 18.50 -53.29 -21.59
CA ASP B 313 18.96 -52.34 -20.58
C ASP B 313 17.80 -51.99 -19.66
N VAL B 314 17.62 -52.79 -18.62
CA VAL B 314 16.51 -52.64 -17.68
C VAL B 314 17.02 -51.94 -16.43
N PHE B 315 16.34 -50.87 -16.04
CA PHE B 315 16.66 -50.18 -14.80
C PHE B 315 15.40 -49.51 -14.29
N ALA B 316 15.26 -49.45 -12.96
CA ALA B 316 14.04 -48.97 -12.34
C ALA B 316 14.13 -47.49 -12.01
N GLY B 317 12.95 -46.87 -11.89
CA GLY B 317 12.84 -45.50 -11.46
C GLY B 317 11.80 -45.37 -10.38
N TYR B 318 11.72 -44.17 -9.80
CA TYR B 318 10.82 -43.95 -8.69
C TYR B 318 10.34 -42.50 -8.66
N GLY B 319 9.04 -42.34 -8.54
CA GLY B 319 8.38 -41.08 -8.35
C GLY B 319 6.91 -41.34 -8.06
N MET B 320 6.18 -40.27 -7.75
CA MET B 320 4.76 -40.37 -7.48
C MET B 320 4.03 -39.19 -8.11
N SER B 321 2.71 -39.18 -7.97
CA SER B 321 1.89 -38.17 -8.62
C SER B 321 2.19 -36.77 -8.06
N GLU B 322 2.60 -36.68 -6.80
CA GLU B 322 2.82 -35.39 -6.17
C GLU B 322 4.22 -34.83 -6.40
N THR B 323 5.12 -35.57 -7.06
CA THR B 323 6.53 -35.24 -7.04
C THR B 323 7.15 -35.03 -8.42
N GLY B 324 6.35 -34.74 -9.45
CA GLY B 324 6.92 -34.29 -10.69
C GLY B 324 6.71 -35.11 -11.96
N PRO B 325 6.83 -36.46 -11.91
CA PRO B 325 6.96 -37.39 -10.78
C PRO B 325 8.39 -37.77 -10.39
N ILE B 326 9.36 -37.75 -11.29
CA ILE B 326 10.59 -38.49 -11.10
C ILE B 326 11.37 -37.94 -9.92
N LEU B 327 11.77 -38.83 -9.00
CA LEU B 327 12.60 -38.49 -7.87
C LEU B 327 13.91 -39.28 -7.81
N SER B 328 13.92 -40.53 -8.25
CA SER B 328 15.15 -41.31 -8.23
C SER B 328 15.20 -42.22 -9.44
N ILE B 329 16.41 -42.45 -9.95
CA ILE B 329 16.62 -43.32 -11.10
C ILE B 329 17.86 -44.18 -10.83
N VAL B 330 17.79 -45.46 -11.18
CA VAL B 330 18.90 -46.37 -11.00
C VAL B 330 19.95 -46.08 -12.07
N GLN B 331 21.14 -45.67 -11.65
CA GLN B 331 22.26 -45.43 -12.56
C GLN B 331 23.46 -46.22 -12.06
N LEU B 332 24.05 -47.01 -12.96
CA LEU B 332 25.12 -47.92 -12.61
C LEU B 332 26.46 -47.35 -13.05
N THR B 333 27.40 -47.26 -12.12
CA THR B 333 28.75 -46.81 -12.43
C THR B 333 29.49 -47.85 -13.28
N PRO B 334 30.50 -47.43 -14.04
CA PRO B 334 31.15 -48.37 -14.98
C PRO B 334 31.71 -49.63 -14.33
N GLU B 335 32.13 -49.58 -13.07
CA GLU B 335 32.63 -50.78 -12.42
C GLU B 335 31.52 -51.69 -11.92
N GLN B 336 30.28 -51.25 -11.94
CA GLN B 336 29.14 -52.07 -11.54
C GLN B 336 28.54 -52.88 -12.67
N LEU B 337 28.98 -52.66 -13.91
CA LEU B 337 28.45 -53.40 -15.05
C LEU B 337 29.23 -54.68 -15.35
N GLU B 338 30.21 -55.03 -14.52
CA GLU B 338 30.98 -56.25 -14.71
C GLU B 338 30.39 -57.44 -13.96
N LEU B 339 29.54 -57.04 -13.03
CA LEU B 339 28.97 -58.02 -12.17
C LEU B 339 28.20 -59.00 -12.95
N ASP B 340 27.77 -60.01 -12.24
CA ASP B 340 27.16 -61.06 -12.95
C ASP B 340 25.69 -61.05 -13.15
N VAL B 341 25.23 -62.10 -13.77
CA VAL B 341 23.81 -62.34 -14.04
C VAL B 341 22.93 -61.94 -12.87
N ASP B 342 23.39 -62.07 -11.65
CA ASP B 342 22.56 -61.83 -10.52
C ASP B 342 22.87 -60.62 -9.65
N GLN B 343 24.06 -60.08 -9.63
CA GLN B 343 24.37 -59.00 -8.82
C GLN B 343 23.92 -57.78 -9.55
N GLN B 344 23.93 -57.76 -10.86
CA GLN B 344 23.35 -56.70 -11.68
C GLN B 344 21.84 -56.65 -11.52
N ALA B 345 21.16 -57.77 -11.42
CA ALA B 345 19.74 -57.83 -11.18
C ALA B 345 19.38 -57.24 -9.92
N GLU B 346 20.12 -57.49 -8.85
CA GLU B 346 19.92 -56.86 -7.52
C GLU B 346 20.28 -55.42 -7.43
N TYR B 347 21.15 -54.92 -8.28
CA TYR B 347 21.40 -53.48 -8.32
C TYR B 347 20.33 -52.74 -9.13
N ARG B 348 19.92 -53.32 -10.26
CA ARG B 348 19.00 -52.64 -11.16
C ARG B 348 17.59 -52.55 -10.60
N SER B 349 17.21 -53.45 -9.70
CA SER B 349 15.85 -53.50 -9.18
C SER B 349 15.64 -52.63 -7.94
N LYS B 350 16.66 -51.90 -7.51
CA LYS B 350 16.52 -51.02 -6.36
C LYS B 350 15.73 -49.77 -6.74
N THR B 351 15.49 -48.92 -5.75
CA THR B 351 14.80 -47.65 -6.00
C THR B 351 15.71 -46.64 -6.70
N GLY B 352 16.97 -46.59 -6.37
CA GLY B 352 17.89 -45.73 -7.06
C GLY B 352 18.36 -44.57 -6.32
N LYS B 353 19.28 -43.84 -6.88
CA LYS B 353 19.78 -42.68 -6.26
C LYS B 353 19.04 -41.48 -6.65
N LYS B 354 18.99 -40.49 -5.82
CA LYS B 354 18.28 -39.27 -6.06
C LYS B 354 18.79 -38.61 -7.22
N VAL B 355 17.95 -37.80 -7.82
CA VAL B 355 18.31 -37.17 -9.04
C VAL B 355 18.80 -35.85 -8.61
N ALA B 356 19.26 -35.06 -9.50
CA ALA B 356 19.82 -33.74 -9.23
C ALA B 356 18.75 -32.80 -8.70
N LEU B 357 19.14 -32.01 -7.70
CA LEU B 357 18.28 -31.02 -7.04
C LEU B 357 17.20 -31.68 -6.18
N VAL B 358 17.49 -32.86 -5.63
CA VAL B 358 16.57 -33.57 -4.75
C VAL B 358 17.30 -33.91 -3.47
N GLU B 359 16.63 -33.74 -2.33
CA GLU B 359 17.25 -33.90 -1.02
C GLU B 359 17.07 -35.31 -0.46
N ALA B 360 15.83 -35.75 -0.28
CA ALA B 360 15.49 -37.15 -0.01
C ALA B 360 16.18 -37.70 1.26
N TYR B 361 15.78 -37.14 2.39
CA TYR B 361 16.18 -37.67 3.68
C TYR B 361 15.23 -38.78 4.13
N ILE B 362 15.61 -39.46 5.21
CA ILE B 362 14.81 -40.52 5.82
C ILE B 362 14.53 -40.11 7.26
N VAL B 363 13.26 -40.08 7.65
CA VAL B 363 12.85 -39.59 8.95
C VAL B 363 11.95 -40.62 9.63
N ASP B 364 11.75 -40.35 10.91
CA ASP B 364 10.82 -41.06 11.79
C ASP B 364 9.61 -40.26 12.17
N GLU B 365 8.66 -40.85 12.86
CA GLU B 365 7.39 -40.15 13.11
C GLU B 365 7.54 -38.81 13.76
N ASP B 366 8.68 -38.57 14.39
CA ASP B 366 9.03 -37.27 14.97
C ASP B 366 9.94 -36.46 14.05
N MET B 367 10.16 -36.80 12.80
CA MET B 367 11.08 -36.05 11.96
C MET B 367 12.56 -36.05 12.32
N ASN B 368 13.09 -37.15 12.80
CA ASN B 368 14.39 -37.11 13.47
C ASN B 368 15.57 -37.48 12.57
N LYS B 369 15.32 -37.73 11.29
CA LYS B 369 16.38 -37.89 10.28
C LYS B 369 17.35 -39.02 10.65
N LEU B 370 16.82 -40.24 10.59
CA LEU B 370 17.59 -41.45 10.86
C LEU B 370 18.80 -41.55 9.94
N PRO B 371 19.89 -42.16 10.40
CA PRO B 371 21.11 -42.22 9.57
C PRO B 371 20.93 -43.13 8.37
N HIS B 372 21.77 -42.88 7.35
CA HIS B 372 21.74 -43.64 6.11
C HIS B 372 22.73 -44.82 6.18
N ASP B 373 22.57 -45.64 7.21
CA ASP B 373 23.44 -46.80 7.38
C ASP B 373 23.05 -47.96 6.48
N GLY B 374 21.87 -47.91 5.86
CA GLY B 374 21.41 -48.97 5.00
C GLY B 374 20.66 -50.09 5.70
N GLU B 375 20.41 -49.97 7.00
CA GLU B 375 19.66 -50.97 7.74
C GLU B 375 18.39 -50.43 8.38
N THR B 376 18.44 -49.25 8.98
CA THR B 376 17.27 -48.68 9.64
C THR B 376 16.34 -48.07 8.61
N ALA B 377 15.05 -48.38 8.73
CA ALA B 377 14.04 -47.92 7.79
C ALA B 377 13.31 -46.70 8.35
N GLY B 378 12.72 -45.93 7.44
CA GLY B 378 12.00 -44.72 7.83
C GLY B 378 11.27 -44.16 6.62
N GLU B 379 10.46 -43.14 6.88
CA GLU B 379 9.71 -42.51 5.81
C GLU B 379 10.62 -41.61 4.97
N ILE B 380 10.33 -41.49 3.67
CA ILE B 380 11.07 -40.59 2.80
C ILE B 380 10.43 -39.25 2.73
N VAL B 381 11.17 -38.19 2.92
CA VAL B 381 10.69 -36.86 2.92
C VAL B 381 11.58 -36.18 1.94
N VAL B 382 11.09 -35.32 1.11
CA VAL B 382 11.75 -34.72 0.07
C VAL B 382 11.58 -33.33 -0.17
N ARG B 383 12.55 -32.70 -0.79
CA ARG B 383 12.44 -31.34 -1.30
C ARG B 383 12.97 -31.33 -2.72
N ALA B 384 12.22 -30.73 -3.64
CA ALA B 384 12.57 -30.75 -5.05
C ALA B 384 11.95 -29.53 -5.72
N PRO B 385 12.47 -29.12 -6.88
CA PRO B 385 11.90 -27.95 -7.56
C PRO B 385 10.55 -28.21 -8.23
N TRP B 386 10.10 -29.46 -8.31
CA TRP B 386 8.91 -29.82 -9.08
C TRP B 386 7.94 -30.63 -8.23
N LEU B 387 7.67 -30.15 -7.01
CA LEU B 387 6.70 -30.75 -6.12
C LEU B 387 5.45 -29.89 -6.06
N THR B 388 4.30 -30.54 -6.00
CA THR B 388 3.05 -29.79 -5.88
C THR B 388 3.00 -29.08 -4.54
N PRO B 389 2.60 -27.81 -4.49
CA PRO B 389 2.57 -27.10 -3.21
C PRO B 389 1.53 -27.65 -2.24
N ASN B 390 0.40 -28.13 -2.75
CA ASN B 390 -0.69 -28.60 -1.91
C ASN B 390 -1.68 -29.34 -2.81
N TYR B 391 -2.74 -29.85 -2.19
CA TYR B 391 -3.85 -30.43 -2.94
C TYR B 391 -4.84 -29.35 -3.33
N TYR B 392 -5.49 -29.54 -4.46
CA TYR B 392 -6.41 -28.54 -4.98
C TYR B 392 -7.69 -28.51 -4.14
N LYS B 393 -8.05 -27.31 -3.67
CA LYS B 393 -9.25 -27.10 -2.85
C LYS B 393 -9.23 -27.97 -1.60
N ASP B 394 -8.12 -28.12 -0.92
CA ASP B 394 -8.05 -28.91 0.29
C ASP B 394 -7.11 -28.22 1.20
N ASN B 395 -7.26 -28.40 2.50
CA ASN B 395 -6.46 -27.75 3.45
C ASN B 395 -5.90 -28.50 4.52
N LYS B 396 -6.43 -29.61 4.87
CA LYS B 396 -5.99 -30.31 5.97
C LYS B 396 -5.20 -31.43 5.52
N ASN B 397 -5.45 -32.00 4.38
CA ASN B 397 -4.60 -32.95 3.69
C ASN B 397 -3.36 -32.27 3.13
N SER B 398 -3.47 -30.99 2.75
CA SER B 398 -2.30 -30.24 2.33
C SER B 398 -1.31 -30.06 3.46
N LYS B 399 -1.80 -29.77 4.67
CA LYS B 399 -0.91 -29.66 5.83
C LYS B 399 -0.28 -31.00 6.16
N ALA B 400 -1.05 -32.10 6.04
CA ALA B 400 -0.47 -33.41 6.27
C ALA B 400 0.57 -33.76 5.21
N LEU B 401 0.43 -33.21 4.01
CA LEU B 401 1.37 -33.48 2.93
C LEU B 401 2.70 -32.79 3.17
N TRP B 402 2.68 -31.52 3.58
CA TRP B 402 3.88 -30.71 3.74
C TRP B 402 4.20 -30.47 5.21
N ARG B 403 4.01 -31.49 6.04
CA ARG B 403 4.30 -31.38 7.46
C ARG B 403 5.79 -31.22 7.71
N GLY B 404 6.14 -30.36 8.66
CA GLY B 404 7.54 -30.20 9.02
C GLY B 404 8.41 -29.53 7.99
N GLY B 405 7.83 -28.77 7.08
CA GLY B 405 8.61 -28.12 6.05
C GLY B 405 9.15 -29.05 4.99
N TYR B 406 8.52 -30.20 4.80
CA TYR B 406 8.99 -31.19 3.85
C TYR B 406 7.78 -31.94 3.30
N LEU B 407 7.94 -32.50 2.09
CA LEU B 407 6.88 -33.27 1.46
C LEU B 407 6.98 -34.72 1.90
N HIS B 408 5.90 -35.34 2.33
CA HIS B 408 5.92 -36.68 2.82
C HIS B 408 5.36 -37.62 1.82
N THR B 409 6.18 -38.51 1.37
CA THR B 409 5.93 -39.45 0.36
C THR B 409 5.13 -40.53 0.79
N GLY B 410 5.29 -40.95 2.00
CA GLY B 410 4.42 -42.02 2.44
C GLY B 410 4.98 -43.41 2.28
N ASP B 411 6.25 -43.56 1.95
CA ASP B 411 6.87 -44.86 1.74
C ASP B 411 8.00 -45.05 2.75
N VAL B 412 8.09 -46.26 3.30
CA VAL B 412 9.11 -46.61 4.29
C VAL B 412 10.24 -47.31 3.55
N ALA B 413 11.45 -46.75 3.65
CA ALA B 413 12.62 -47.22 2.95
C ALA B 413 13.85 -46.99 3.80
N HIS B 414 14.93 -47.68 3.46
CA HIS B 414 16.24 -47.47 4.07
C HIS B 414 17.22 -47.05 3.00
N ILE B 415 17.97 -45.99 3.27
CA ILE B 415 18.94 -45.45 2.32
C ILE B 415 20.32 -46.03 2.64
N ASP B 416 20.95 -46.62 1.64
CA ASP B 416 22.29 -47.18 1.80
C ASP B 416 23.32 -46.05 1.80
N ASP B 417 24.48 -46.29 2.39
CA ASP B 417 25.52 -45.28 2.45
C ASP B 417 26.04 -44.82 1.13
N GLU B 418 26.00 -45.67 0.13
CA GLU B 418 26.39 -45.24 -1.20
C GLU B 418 25.36 -44.32 -1.84
N GLY B 419 24.19 -44.17 -1.24
CA GLY B 419 23.10 -43.38 -1.79
C GLY B 419 21.98 -44.17 -2.41
N PHE B 420 22.14 -45.49 -2.58
CA PHE B 420 21.07 -46.31 -3.12
C PHE B 420 19.91 -46.39 -2.14
N ILE B 421 18.70 -46.21 -2.66
CA ILE B 421 17.48 -46.29 -1.88
C ILE B 421 16.83 -47.64 -2.15
N LYS B 422 16.20 -48.21 -1.13
CA LYS B 422 15.47 -49.47 -1.25
C LYS B 422 14.15 -49.31 -0.52
N ILE B 423 13.06 -49.16 -1.28
CA ILE B 423 11.75 -49.01 -0.66
C ILE B 423 11.31 -50.35 -0.07
N THR B 424 10.96 -50.33 1.21
CA THR B 424 10.60 -51.54 1.93
C THR B 424 9.10 -51.77 2.00
N ASP B 425 8.33 -50.73 2.33
CA ASP B 425 6.88 -50.91 2.45
C ASP B 425 6.20 -49.54 2.43
N ARG B 426 4.98 -49.42 2.90
CA ARG B 426 4.24 -48.18 2.88
C ARG B 426 4.01 -47.86 4.27
N VAL B 427 3.74 -46.64 4.60
CA VAL B 427 3.56 -46.17 5.97
C VAL B 427 2.27 -46.74 6.56
N LYS B 428 1.17 -46.63 5.81
CA LYS B 428 -0.11 -47.17 6.27
C LYS B 428 -0.13 -48.69 6.31
N ASP B 429 0.83 -49.35 5.66
CA ASP B 429 0.92 -50.81 5.65
C ASP B 429 1.96 -51.32 6.64
N MET B 430 2.43 -50.47 7.53
CA MET B 430 3.43 -50.86 8.49
C MET B 430 2.86 -51.63 9.67
N ILE B 431 3.64 -52.52 10.27
CA ILE B 431 3.20 -53.31 11.43
C ILE B 431 3.96 -52.75 12.66
N LYS B 432 3.33 -51.92 13.45
CA LYS B 432 3.99 -51.49 14.66
C LYS B 432 3.69 -52.49 15.75
N ILE B 433 4.14 -53.74 15.61
CA ILE B 433 3.94 -54.68 16.69
C ILE B 433 4.81 -54.20 17.85
N SER B 434 4.28 -54.07 19.05
CA SER B 434 5.03 -53.71 20.24
C SER B 434 5.72 -52.36 20.09
N GLY B 435 7.03 -52.36 19.86
CA GLY B 435 7.76 -51.13 19.67
C GLY B 435 8.57 -51.08 18.39
N GLU B 436 8.44 -52.17 17.62
CA GLU B 436 9.17 -52.29 16.36
C GLU B 436 8.25 -52.14 15.17
N TRP B 437 8.81 -51.80 14.02
CA TRP B 437 7.99 -51.62 12.81
C TRP B 437 8.48 -52.60 11.75
N VAL B 438 7.70 -53.65 11.50
CA VAL B 438 8.02 -54.62 10.47
C VAL B 438 7.21 -54.30 9.22
N SER B 439 7.63 -54.86 8.10
CA SER B 439 6.96 -54.62 6.85
C SER B 439 6.19 -55.81 6.35
N SER B 440 5.04 -55.54 5.78
CA SER B 440 4.16 -56.59 5.27
C SER B 440 4.62 -57.13 3.93
N LEU B 441 5.53 -56.44 3.23
CA LEU B 441 5.98 -56.90 1.93
C LEU B 441 6.86 -58.14 2.02
N GLU B 442 7.73 -58.22 3.04
CA GLU B 442 8.57 -59.39 3.19
C GLU B 442 7.76 -60.62 3.60
N LEU B 443 6.77 -60.45 4.47
CA LEU B 443 5.87 -61.55 4.80
C LEU B 443 5.04 -61.97 3.59
N GLU B 444 4.60 -60.99 2.80
CA GLU B 444 3.89 -61.30 1.56
C GLU B 444 4.78 -62.09 0.60
N ASP B 445 6.05 -61.70 0.50
CA ASP B 445 6.99 -62.42 -0.36
C ASP B 445 7.24 -63.84 0.16
N ILE B 446 7.36 -63.99 1.48
CA ILE B 446 7.62 -65.30 2.06
C ILE B 446 6.48 -66.26 1.78
N LEU B 447 5.23 -65.86 1.98
CA LEU B 447 4.13 -66.86 1.81
C LEU B 447 3.65 -66.91 0.38
N HIS B 448 4.52 -66.58 -0.54
CA HIS B 448 4.14 -66.53 -1.94
C HIS B 448 5.00 -67.61 -2.49
N GLN B 449 6.18 -67.78 -1.90
CA GLN B 449 7.01 -68.91 -2.33
C GLN B 449 6.30 -70.25 -2.19
N HIS B 450 5.18 -70.30 -1.48
CA HIS B 450 4.43 -71.54 -1.32
C HIS B 450 3.95 -72.03 -2.68
N GLN B 451 4.11 -73.34 -2.92
CA GLN B 451 3.76 -73.91 -4.22
C GLN B 451 2.26 -73.90 -4.48
N SER B 452 1.45 -73.67 -3.45
CA SER B 452 0.00 -73.76 -3.61
C SER B 452 -0.70 -72.41 -3.58
N VAL B 453 0.03 -71.37 -3.19
CA VAL B 453 -0.55 -70.04 -3.06
C VAL B 453 -0.29 -69.25 -4.34
N SER B 454 -1.32 -68.56 -4.78
CA SER B 454 -1.29 -67.71 -5.96
C SER B 454 -1.19 -66.24 -5.60
N GLU B 455 -2.12 -65.74 -4.79
CA GLU B 455 -2.13 -64.35 -4.35
C GLU B 455 -2.27 -64.29 -2.84
N VAL B 456 -1.44 -63.44 -2.25
CA VAL B 456 -1.42 -63.30 -0.81
C VAL B 456 -1.57 -61.85 -0.40
N ALA B 457 -2.21 -61.61 0.72
CA ALA B 457 -2.31 -60.27 1.26
C ALA B 457 -2.16 -60.33 2.79
N VAL B 458 -1.39 -59.39 3.33
CA VAL B 458 -1.11 -59.33 4.76
C VAL B 458 -1.59 -57.98 5.29
N ILE B 459 -2.41 -58.02 6.33
CA ILE B 459 -2.94 -56.82 6.98
C ILE B 459 -2.76 -56.97 8.48
N GLY B 460 -2.92 -55.85 9.19
CA GLY B 460 -2.74 -55.81 10.62
C GLY B 460 -4.00 -56.17 11.39
N MET B 461 -3.81 -56.68 12.60
CA MET B 461 -4.91 -57.07 13.49
C MET B 461 -4.56 -56.63 14.91
N PRO B 462 -5.39 -55.78 15.54
CA PRO B 462 -5.06 -55.28 16.88
C PRO B 462 -4.92 -56.38 17.91
N HIS B 463 -3.99 -56.18 18.84
CA HIS B 463 -3.76 -57.10 19.95
C HIS B 463 -3.51 -56.26 21.19
N ASN B 464 -4.23 -56.56 22.27
CA ASN B 464 -4.22 -55.67 23.43
C ASN B 464 -2.82 -55.50 24.01
N LYS B 465 -2.11 -56.61 24.21
CA LYS B 465 -0.77 -56.52 24.79
C LYS B 465 0.32 -56.31 23.75
N TRP B 466 0.05 -56.49 22.45
CA TRP B 466 1.07 -56.21 21.43
C TRP B 466 0.63 -55.24 20.35
N GLY B 467 -0.26 -54.31 20.68
CA GLY B 467 -0.65 -53.29 19.72
C GLY B 467 -1.50 -53.87 18.61
N GLU B 468 -0.89 -54.00 17.43
CA GLU B 468 -1.53 -54.62 16.27
C GLU B 468 -0.57 -55.62 15.63
N VAL B 469 -1.11 -56.73 15.16
CA VAL B 469 -0.30 -57.84 14.65
C VAL B 469 -0.70 -58.19 13.23
N PRO B 470 0.18 -58.78 12.44
CA PRO B 470 -0.17 -59.09 11.05
C PRO B 470 -1.15 -60.25 10.95
N LEU B 471 -1.96 -60.22 9.89
CA LEU B 471 -2.88 -61.31 9.55
C LEU B 471 -2.67 -61.66 8.09
N ALA B 472 -2.61 -62.95 7.79
CA ALA B 472 -2.27 -63.44 6.46
C ALA B 472 -3.52 -63.94 5.74
N LEU B 473 -3.71 -63.49 4.50
CA LEU B 473 -4.78 -63.94 3.64
C LEU B 473 -4.17 -64.52 2.37
N VAL B 474 -4.56 -65.75 2.03
CA VAL B 474 -3.98 -66.45 0.89
C VAL B 474 -5.10 -66.94 -0.02
N THR B 475 -4.75 -67.13 -1.29
CA THR B 475 -5.66 -67.70 -2.28
C THR B 475 -4.99 -68.93 -2.88
N LEU B 476 -5.66 -70.07 -2.80
CA LEU B 476 -5.10 -71.32 -3.25
C LEU B 476 -5.14 -71.43 -4.77
N LYS B 477 -4.29 -72.31 -5.30
CA LYS B 477 -4.19 -72.51 -6.74
C LYS B 477 -5.27 -73.49 -7.19
N GLU B 478 -5.16 -73.96 -8.44
CA GLU B 478 -6.14 -74.87 -9.00
C GLU B 478 -5.98 -76.26 -8.39
N ASP B 479 -7.05 -76.77 -7.80
CA ASP B 479 -7.08 -78.11 -7.21
C ASP B 479 -5.98 -78.29 -6.16
N ALA B 480 -5.69 -77.21 -5.43
CA ALA B 480 -4.72 -77.24 -4.34
C ALA B 480 -5.44 -76.93 -3.04
N GLN B 481 -5.29 -77.82 -2.06
CA GLN B 481 -5.95 -77.68 -0.76
C GLN B 481 -4.94 -78.02 0.33
N VAL B 482 -4.36 -76.98 0.92
CA VAL B 482 -3.43 -77.17 2.04
C VAL B 482 -4.04 -76.45 3.22
N THR B 483 -4.06 -77.09 4.38
CA THR B 483 -4.67 -76.50 5.57
C THR B 483 -3.85 -75.33 6.08
N GLU B 484 -4.47 -74.54 6.95
CA GLU B 484 -3.81 -73.34 7.48
C GLU B 484 -2.58 -73.70 8.29
N LYS B 485 -2.58 -74.85 8.96
CA LYS B 485 -1.45 -75.22 9.81
C LYS B 485 -0.17 -75.39 8.98
N GLU B 486 -0.28 -76.03 7.81
CA GLU B 486 0.90 -76.19 6.96
C GLU B 486 1.39 -74.84 6.44
N LEU B 487 0.46 -73.94 6.10
CA LEU B 487 0.85 -72.60 5.67
C LEU B 487 1.55 -71.85 6.78
N LEU B 488 1.08 -72.01 8.02
CA LEU B 488 1.77 -71.43 9.16
C LEU B 488 3.19 -71.97 9.26
N GLY B 489 3.33 -73.31 9.25
CA GLY B 489 4.63 -73.93 9.35
C GLY B 489 5.56 -73.62 8.20
N PHE B 490 5.01 -73.23 7.04
CA PHE B 490 5.84 -72.84 5.91
C PHE B 490 6.68 -71.62 6.24
N ALA B 491 6.08 -70.63 6.91
CA ALA B 491 6.82 -69.43 7.31
C ALA B 491 7.61 -69.63 8.59
N LYS B 492 7.36 -70.71 9.30
CA LYS B 492 8.03 -70.95 10.58
C LYS B 492 9.45 -71.50 10.38
N ASP B 493 9.79 -71.93 9.16
CA ASP B 493 11.13 -72.44 8.88
C ASP B 493 12.11 -71.30 8.64
N PHE B 494 11.64 -70.15 8.19
CA PHE B 494 12.53 -69.04 7.86
C PHE B 494 13.18 -68.47 9.11
N ILE B 495 14.27 -67.75 8.90
CA ILE B 495 15.08 -67.23 9.99
C ILE B 495 15.50 -65.79 9.71
N ASN B 496 16.37 -65.24 10.56
CA ASN B 496 16.95 -63.90 10.40
C ASN B 496 15.89 -62.81 10.47
N LYS B 497 15.22 -62.75 11.62
CA LYS B 497 14.33 -61.63 11.93
C LYS B 497 14.21 -61.51 13.44
N GLY B 498 13.78 -60.34 13.88
CA GLY B 498 13.72 -60.03 15.29
C GLY B 498 12.41 -60.45 15.94
N ILE B 499 12.08 -59.77 17.04
CA ILE B 499 10.86 -59.98 17.82
C ILE B 499 10.87 -61.41 18.37
N LEU B 500 9.78 -61.81 19.02
CA LEU B 500 9.68 -63.13 19.65
C LEU B 500 10.07 -64.22 18.68
N ALA B 501 11.15 -64.93 19.01
CA ALA B 501 11.74 -65.92 18.12
C ALA B 501 12.00 -65.31 16.76
N ARG B 502 11.09 -65.52 15.82
CA ARG B 502 11.09 -64.84 14.53
C ARG B 502 9.72 -64.23 14.26
N GLU B 503 9.10 -63.66 15.30
CA GLU B 503 7.74 -63.13 15.21
C GLU B 503 6.76 -64.20 14.72
N ALA B 504 7.03 -65.46 15.05
CA ALA B 504 6.21 -66.57 14.55
C ALA B 504 5.59 -67.30 15.73
N LEU B 505 4.44 -66.75 16.15
CA LEU B 505 3.62 -67.39 17.17
C LEU B 505 2.17 -66.92 16.87
N LEU B 506 2.00 -65.90 16.02
CA LEU B 506 0.66 -65.36 15.73
C LEU B 506 0.44 -64.91 14.30
N LEU B 507 0.89 -65.71 13.33
CA LEU B 507 0.74 -65.36 11.92
C LEU B 507 -0.73 -65.22 11.53
N LYS B 508 -1.57 -66.14 11.99
CA LYS B 508 -3.03 -66.09 11.77
C LYS B 508 -3.35 -66.05 10.27
N VAL B 509 -2.97 -67.11 9.57
CA VAL B 509 -3.21 -67.21 8.14
C VAL B 509 -4.65 -67.61 7.91
N LYS B 510 -5.25 -67.08 6.83
CA LYS B 510 -6.61 -67.41 6.45
C LYS B 510 -6.66 -67.64 4.94
N ILE B 511 -7.53 -68.55 4.53
CA ILE B 511 -7.70 -68.89 3.12
C ILE B 511 -8.97 -68.22 2.61
N VAL B 512 -8.82 -67.32 1.65
CA VAL B 512 -9.93 -66.57 1.07
C VAL B 512 -9.93 -66.82 -0.43
N ASP B 513 -11.11 -67.13 -0.99
CA ASP B 513 -11.20 -67.45 -2.41
C ASP B 513 -10.79 -66.26 -3.27
N GLU B 514 -11.25 -65.06 -2.93
CA GLU B 514 -10.93 -63.87 -3.69
C GLU B 514 -10.57 -62.73 -2.74
N ILE B 515 -9.65 -61.88 -3.19
CA ILE B 515 -9.19 -60.73 -2.43
C ILE B 515 -9.62 -59.47 -3.17
N ALA B 516 -10.23 -58.52 -2.46
CA ALA B 516 -10.71 -57.30 -3.08
C ALA B 516 -9.57 -56.54 -3.72
N LYS B 517 -9.93 -55.93 -4.84
CA LYS B 517 -8.92 -55.25 -5.60
C LYS B 517 -9.44 -53.91 -5.95
N THR B 518 -8.55 -52.96 -6.09
CA THR B 518 -8.93 -51.66 -6.62
C THR B 518 -9.07 -51.75 -8.13
N SER B 519 -9.99 -50.94 -8.69
CA SER B 519 -10.22 -50.96 -10.14
C SER B 519 -8.96 -50.65 -10.92
N VAL B 520 -8.00 -49.94 -10.31
CA VAL B 520 -6.71 -49.71 -10.96
C VAL B 520 -5.97 -51.02 -11.14
N GLY B 521 -6.11 -51.94 -10.18
CA GLY B 521 -5.45 -53.22 -10.27
C GLY B 521 -4.48 -53.50 -9.14
N LYS B 522 -4.75 -52.93 -7.97
CA LYS B 522 -3.90 -53.10 -6.80
C LYS B 522 -4.72 -53.68 -5.65
N VAL B 523 -4.02 -54.36 -4.74
CA VAL B 523 -4.69 -54.97 -3.59
C VAL B 523 -5.27 -53.88 -2.71
N ASP B 524 -6.53 -54.04 -2.34
CA ASP B 524 -7.26 -53.07 -1.51
C ASP B 524 -7.24 -53.56 -0.06
N LYS B 525 -6.23 -53.10 0.68
CA LYS B 525 -6.12 -53.49 2.09
C LYS B 525 -7.11 -52.75 2.97
N LYS B 526 -7.46 -51.51 2.67
CA LYS B 526 -8.35 -50.79 3.57
C LYS B 526 -9.73 -51.40 3.46
N GLU B 527 -10.18 -51.70 2.24
CA GLU B 527 -11.45 -52.40 2.14
C GLU B 527 -11.38 -53.76 2.84
N LEU B 528 -10.24 -54.42 2.79
CA LEU B 528 -10.08 -55.71 3.46
C LEU B 528 -10.24 -55.58 4.96
N ARG B 529 -9.83 -54.44 5.48
CA ARG B 529 -9.84 -54.18 6.89
C ARG B 529 -11.20 -53.79 7.45
N LYS B 530 -12.21 -53.74 6.59
CA LYS B 530 -13.61 -53.64 7.01
C LYS B 530 -14.28 -55.00 7.05
N LEU B 531 -14.00 -55.85 6.06
CA LEU B 531 -14.67 -57.16 5.97
C LEU B 531 -14.34 -58.04 7.16
N HIS B 532 -13.07 -58.07 7.58
CA HIS B 532 -12.63 -59.00 8.61
C HIS B 532 -12.41 -58.37 9.97
N LEU B 533 -12.35 -57.05 10.06
CA LEU B 533 -12.14 -56.37 11.33
C LEU B 533 -12.56 -54.91 11.28
N ASN C 6 -10.91 -3.75 19.45
CA ASN C 6 -11.59 -3.16 18.32
C ASN C 6 -12.05 -1.73 18.64
N ASP C 7 -13.10 -1.29 17.96
CA ASP C 7 -13.67 0.04 18.18
C ASP C 7 -14.98 -0.10 18.94
N PRO C 8 -15.07 0.36 20.20
CA PRO C 8 -16.32 0.22 20.94
C PRO C 8 -17.50 0.93 20.29
N SER C 9 -17.27 2.05 19.62
CA SER C 9 -18.35 2.78 18.96
C SER C 9 -18.76 2.15 17.64
N ASN C 10 -17.96 1.24 17.09
CA ASN C 10 -18.30 0.54 15.85
C ASN C 10 -19.04 -0.74 16.23
N TYR C 11 -20.36 -0.70 16.14
CA TYR C 11 -21.18 -1.85 16.52
C TYR C 11 -21.13 -2.92 15.45
N GLN C 12 -21.05 -4.18 15.89
CA GLN C 12 -21.03 -5.33 15.00
C GLN C 12 -22.26 -6.18 15.28
N LEU C 13 -23.00 -6.53 14.23
CA LEU C 13 -24.20 -7.35 14.36
C LEU C 13 -23.77 -8.81 14.49
N LEU C 14 -23.74 -9.30 15.73
CA LEU C 14 -23.30 -10.65 16.02
C LEU C 14 -24.46 -11.46 16.59
N ILE C 15 -24.33 -12.79 16.46
CA ILE C 15 -25.36 -13.69 16.99
C ILE C 15 -25.42 -13.61 18.51
N LYS C 16 -24.30 -13.32 19.16
CA LYS C 16 -24.28 -13.24 20.62
C LYS C 16 -25.14 -12.11 21.15
N ASN C 17 -25.45 -11.11 20.32
CA ASN C 17 -26.35 -10.04 20.74
C ASN C 17 -27.82 -10.45 20.65
N LEU C 18 -28.13 -11.53 19.95
CA LEU C 18 -29.49 -12.03 19.89
C LEU C 18 -29.87 -12.79 21.16
N LEU C 19 -28.89 -13.23 21.94
CA LEU C 19 -29.12 -14.02 23.14
C LEU C 19 -29.00 -13.20 24.42
N PHE C 20 -28.06 -12.27 24.46
CA PHE C 20 -27.82 -11.46 25.65
C PHE C 20 -28.47 -10.09 25.58
N SER C 21 -28.96 -9.67 24.42
CA SER C 21 -29.73 -8.44 24.25
C SER C 21 -30.99 -8.74 23.48
N PRO C 22 -31.92 -9.51 24.07
CA PRO C 22 -33.13 -9.88 23.35
C PRO C 22 -34.24 -8.86 23.49
N VAL C 23 -35.38 -9.12 22.84
CA VAL C 23 -36.55 -8.25 23.02
C VAL C 23 -37.11 -8.41 24.43
N ALA C 24 -37.22 -9.65 24.90
CA ALA C 24 -37.67 -9.94 26.25
C ALA C 24 -36.82 -11.06 26.81
N PHE C 25 -36.76 -11.13 28.15
CA PHE C 25 -35.99 -12.17 28.82
C PHE C 25 -36.63 -12.45 30.17
N ASN C 26 -37.34 -13.58 30.27
CA ASN C 26 -37.85 -14.06 31.54
C ASN C 26 -36.97 -15.20 32.01
N PRO C 27 -36.24 -15.06 33.12
CA PRO C 27 -35.34 -16.14 33.55
C PRO C 27 -36.04 -17.43 33.90
N GLU C 28 -37.35 -17.39 34.19
CA GLU C 28 -38.09 -18.58 34.58
C GLU C 28 -38.86 -19.21 33.43
N GLN C 29 -38.71 -18.70 32.21
CA GLN C 29 -39.35 -19.31 31.05
C GLN C 29 -38.66 -20.61 30.71
N GLU C 30 -39.44 -21.59 30.25
CA GLU C 30 -38.97 -22.96 30.11
C GLU C 30 -38.59 -23.28 28.67
N ILE C 31 -37.53 -24.06 28.52
CA ILE C 31 -37.22 -24.80 27.31
C ILE C 31 -37.51 -26.26 27.62
N VAL C 32 -38.35 -26.88 26.80
CA VAL C 32 -38.85 -28.23 27.03
C VAL C 32 -38.42 -29.13 25.88
N TYR C 33 -37.75 -30.22 26.19
CA TYR C 33 -37.50 -31.31 25.27
C TYR C 33 -38.46 -32.44 25.64
N ALA C 34 -39.24 -32.89 24.65
CA ALA C 34 -40.48 -33.62 24.87
C ALA C 34 -40.36 -34.79 25.82
N ASN C 35 -41.00 -34.69 26.99
CA ASN C 35 -41.05 -35.74 28.00
C ASN C 35 -39.67 -36.20 28.46
N HIS C 36 -38.63 -35.47 28.12
CA HIS C 36 -37.26 -35.81 28.50
C HIS C 36 -36.62 -34.77 29.41
N ARG C 37 -36.83 -33.48 29.16
CA ARG C 37 -36.08 -32.48 29.89
C ARG C 37 -36.86 -31.18 29.93
N ARG C 38 -36.72 -30.44 31.02
CA ARG C 38 -37.25 -29.09 31.15
C ARG C 38 -36.23 -28.24 31.89
N HIS C 39 -35.96 -27.05 31.39
CA HIS C 39 -35.03 -26.18 32.12
C HIS C 39 -35.27 -24.73 31.72
N SER C 40 -35.05 -23.83 32.68
CA SER C 40 -35.35 -22.42 32.47
C SER C 40 -34.34 -21.79 31.51
N TYR C 41 -34.54 -20.49 31.25
CA TYR C 41 -33.63 -19.76 30.36
C TYR C 41 -32.29 -19.47 31.03
N LYS C 42 -32.28 -19.30 32.35
CA LYS C 42 -31.02 -19.10 33.06
C LYS C 42 -30.11 -20.30 32.89
N THR C 43 -30.64 -21.51 33.10
CA THR C 43 -29.85 -22.70 32.89
C THR C 43 -29.51 -22.90 31.43
N PHE C 44 -30.35 -22.41 30.52
CA PHE C 44 -30.02 -22.48 29.10
C PHE C 44 -28.78 -21.63 28.78
N HIS C 45 -28.72 -20.42 29.33
CA HIS C 45 -27.52 -19.60 29.16
C HIS C 45 -26.30 -20.24 29.81
N ASP C 46 -26.50 -20.82 30.99
CA ASP C 46 -25.39 -21.51 31.66
C ASP C 46 -24.87 -22.67 30.82
N ARG C 47 -25.78 -23.44 30.22
CA ARG C 47 -25.38 -24.55 29.36
C ARG C 47 -24.71 -24.07 28.09
N VAL C 48 -25.14 -22.93 27.55
CA VAL C 48 -24.45 -22.38 26.38
C VAL C 48 -23.02 -22.02 26.73
N ARG C 49 -22.81 -21.39 27.90
CA ARG C 49 -21.45 -21.06 28.32
C ARG C 49 -20.63 -22.33 28.57
N GLN C 50 -21.26 -23.34 29.18
CA GLN C 50 -20.57 -24.60 29.42
C GLN C 50 -20.16 -25.28 28.12
N PHE C 51 -21.04 -25.25 27.11
CA PHE C 51 -20.70 -25.83 25.82
C PHE C 51 -19.61 -25.04 25.12
N ALA C 52 -19.60 -23.71 25.28
CA ALA C 52 -18.49 -22.93 24.75
C ALA C 52 -17.17 -23.32 25.39
N ASN C 53 -17.18 -23.50 26.72
CA ASN C 53 -15.97 -23.96 27.40
C ASN C 53 -15.54 -25.33 26.92
N ALA C 54 -16.49 -26.25 26.76
CA ALA C 54 -16.17 -27.60 26.30
C ALA C 54 -15.58 -27.59 24.90
N LEU C 55 -16.16 -26.79 24.00
CA LEU C 55 -15.63 -26.69 22.65
C LEU C 55 -14.23 -26.07 22.66
N THR C 56 -14.00 -25.08 23.52
CA THR C 56 -12.65 -24.53 23.65
C THR C 56 -11.67 -25.59 24.13
N LYS C 57 -12.12 -26.47 25.02
CA LYS C 57 -11.23 -27.52 25.52
C LYS C 57 -10.80 -28.48 24.41
N MET C 58 -11.70 -28.78 23.46
CA MET C 58 -11.34 -29.66 22.36
C MET C 58 -10.31 -29.07 21.42
N GLY C 59 -10.05 -27.77 21.50
CA GLY C 59 -9.19 -27.11 20.54
C GLY C 59 -9.91 -26.49 19.37
N VAL C 60 -11.23 -26.32 19.46
CA VAL C 60 -11.99 -25.70 18.38
C VAL C 60 -11.61 -24.22 18.32
N LYS C 61 -10.95 -23.82 17.23
CA LYS C 61 -10.49 -22.46 17.06
C LYS C 61 -11.58 -21.62 16.40
N LYS C 62 -11.21 -20.41 15.96
CA LYS C 62 -12.19 -19.52 15.37
C LYS C 62 -12.58 -19.97 13.96
N GLY C 63 -11.64 -20.52 13.21
CA GLY C 63 -11.93 -20.93 11.85
C GLY C 63 -12.42 -22.36 11.68
N ASP C 64 -12.65 -23.08 12.76
CA ASP C 64 -13.00 -24.50 12.67
C ASP C 64 -14.45 -24.67 12.27
N THR C 65 -14.84 -25.94 12.03
CA THR C 65 -16.19 -26.29 11.64
C THR C 65 -16.66 -27.45 12.50
N VAL C 66 -17.86 -27.33 13.05
CA VAL C 66 -18.48 -28.38 13.86
C VAL C 66 -19.77 -28.81 13.18
N ALA C 67 -19.91 -30.11 12.95
CA ALA C 67 -21.05 -30.66 12.22
C ALA C 67 -21.98 -31.38 13.18
N VAL C 68 -23.28 -31.22 12.97
CA VAL C 68 -24.29 -31.76 13.87
C VAL C 68 -25.23 -32.69 13.11
N MET C 69 -25.52 -33.85 13.70
CA MET C 69 -26.45 -34.84 13.13
C MET C 69 -27.34 -35.36 14.26
N ASP C 70 -28.43 -34.61 14.50
CA ASP C 70 -29.47 -35.01 15.41
C ASP C 70 -30.85 -34.65 15.06
N TYR C 71 -31.81 -34.97 15.91
CA TYR C 71 -33.18 -34.50 15.73
C TYR C 71 -33.34 -33.12 16.36
N ASP C 72 -34.51 -32.77 16.77
CA ASP C 72 -34.76 -31.47 17.35
C ASP C 72 -34.85 -31.55 18.75
N SER C 73 -33.99 -30.81 19.42
CA SER C 73 -33.87 -30.88 20.80
C SER C 73 -33.26 -29.68 21.33
N HIS C 74 -33.16 -29.58 22.63
CA HIS C 74 -32.45 -28.47 23.24
C HIS C 74 -30.97 -28.46 22.85
N ARG C 75 -30.42 -29.64 22.54
CA ARG C 75 -29.03 -29.71 22.10
C ARG C 75 -28.82 -28.95 20.80
N TYR C 76 -29.77 -29.00 19.90
CA TYR C 76 -29.65 -28.33 18.62
C TYR C 76 -29.82 -26.85 18.79
N LEU C 77 -30.53 -26.40 19.81
CA LEU C 77 -30.70 -24.99 20.09
C LEU C 77 -29.50 -24.46 20.71
N GLU C 78 -28.87 -25.24 21.55
CA GLU C 78 -27.60 -24.77 22.12
C GLU C 78 -26.49 -24.76 21.08
N CYS C 79 -26.53 -25.68 20.11
CA CYS C 79 -25.54 -25.67 19.04
C CYS C 79 -25.77 -24.50 18.09
N TYR C 80 -27.02 -24.08 17.91
CA TYR C 80 -27.32 -22.93 17.07
C TYR C 80 -26.70 -21.64 17.60
N PHE C 81 -26.31 -21.62 18.87
CA PHE C 81 -25.78 -20.42 19.50
C PHE C 81 -24.31 -20.54 19.90
N ALA C 82 -23.94 -21.60 20.61
CA ALA C 82 -22.58 -21.68 21.16
C ALA C 82 -21.53 -21.75 20.05
N ILE C 83 -21.76 -22.59 19.04
CA ILE C 83 -20.77 -22.79 17.97
C ILE C 83 -20.56 -21.50 17.19
N PRO C 84 -21.60 -20.81 16.70
CA PRO C 84 -21.35 -19.52 16.02
C PRO C 84 -20.77 -18.46 16.95
N MET C 85 -21.00 -18.39 18.23
CA MET C 85 -20.52 -17.39 19.09
C MET C 85 -19.12 -17.55 19.36
N ILE C 86 -18.54 -18.74 19.35
CA ILE C 86 -17.09 -18.88 19.47
C ILE C 86 -16.39 -18.31 18.25
N GLY C 87 -16.98 -18.51 17.07
CA GLY C 87 -16.37 -18.05 15.84
C GLY C 87 -16.36 -19.15 14.79
N ALA C 88 -16.46 -20.39 15.25
CA ALA C 88 -16.44 -21.54 14.36
C ALA C 88 -17.73 -21.61 13.54
N LYS C 89 -17.68 -22.39 12.46
CA LYS C 89 -18.83 -22.59 11.60
C LYS C 89 -19.65 -23.78 12.08
N LEU C 90 -20.95 -23.70 11.82
CA LEU C 90 -21.89 -24.77 12.16
C LEU C 90 -22.36 -25.43 10.87
N HIS C 91 -22.18 -26.74 10.77
CA HIS C 91 -22.57 -27.51 9.60
C HIS C 91 -23.76 -28.37 9.97
N MET C 92 -24.93 -27.99 9.46
CA MET C 92 -26.15 -28.78 9.62
C MET C 92 -26.18 -29.83 8.53
N ILE C 93 -26.09 -31.10 8.91
CA ILE C 93 -26.00 -32.19 7.95
C ILE C 93 -27.41 -32.73 7.68
N ASN C 94 -27.80 -32.72 6.41
CA ASN C 94 -29.10 -33.24 6.00
C ASN C 94 -29.11 -34.75 6.18
N VAL C 95 -29.84 -35.23 7.19
CA VAL C 95 -29.88 -36.65 7.49
C VAL C 95 -30.56 -37.43 6.37
N ARG C 96 -31.53 -36.86 5.76
CA ARG C 96 -32.28 -37.55 4.78
C ARG C 96 -31.59 -37.82 3.50
N LEU C 97 -30.40 -37.28 3.28
CA LEU C 97 -29.61 -37.59 2.11
C LEU C 97 -29.04 -39.00 2.20
N SER C 98 -28.65 -39.53 1.04
CA SER C 98 -27.99 -40.83 1.00
C SER C 98 -26.61 -40.75 1.66
N PRO C 99 -26.13 -41.86 2.21
CA PRO C 99 -24.82 -41.82 2.89
C PRO C 99 -23.67 -41.36 2.01
N GLU C 100 -23.73 -41.64 0.70
CA GLU C 100 -22.69 -41.14 -0.20
C GLU C 100 -22.70 -39.61 -0.26
N GLN C 101 -23.89 -39.02 -0.35
CA GLN C 101 -23.99 -37.56 -0.35
C GLN C 101 -23.56 -36.96 0.98
N ILE C 102 -23.88 -37.66 2.08
CA ILE C 102 -23.41 -37.20 3.40
C ILE C 102 -21.90 -37.23 3.47
N LEU C 103 -21.28 -38.30 2.95
CA LEU C 103 -19.83 -38.37 2.88
C LEU C 103 -19.26 -37.22 2.06
N TYR C 104 -19.88 -36.93 0.92
CA TYR C 104 -19.39 -35.85 0.07
C TYR C 104 -19.45 -34.51 0.80
N THR C 105 -20.57 -34.24 1.48
CA THR C 105 -20.71 -32.98 2.20
C THR C 105 -19.71 -32.88 3.35
N ILE C 106 -19.51 -33.98 4.08
CA ILE C 106 -18.58 -33.96 5.21
C ILE C 106 -17.16 -33.70 4.72
N ASP C 107 -16.76 -34.36 3.63
CA ASP C 107 -15.42 -34.14 3.10
C ASP C 107 -15.27 -32.75 2.49
N HIS C 108 -16.33 -32.22 1.87
CA HIS C 108 -16.28 -30.90 1.27
C HIS C 108 -16.14 -29.81 2.33
N ALA C 109 -16.92 -29.90 3.40
CA ALA C 109 -16.88 -28.89 4.45
C ALA C 109 -15.65 -29.00 5.32
N GLU C 110 -15.00 -30.17 5.35
CA GLU C 110 -13.81 -30.41 6.17
C GLU C 110 -14.10 -30.15 7.64
N ASP C 111 -15.03 -30.92 8.19
CA ASP C 111 -15.42 -30.78 9.58
C ASP C 111 -14.33 -31.32 10.50
N ASP C 112 -14.32 -30.87 11.75
CA ASP C 112 -13.43 -31.32 12.74
C ASP C 112 -14.06 -32.09 13.80
N ILE C 113 -15.14 -31.61 14.41
CA ILE C 113 -15.91 -32.37 15.38
C ILE C 113 -17.23 -32.74 14.75
N ILE C 114 -17.78 -33.88 15.17
CA ILE C 114 -19.07 -34.35 14.68
C ILE C 114 -19.92 -34.73 15.89
N LEU C 115 -21.06 -34.07 16.04
CA LEU C 115 -22.05 -34.42 17.05
C LEU C 115 -23.15 -35.22 16.36
N ILE C 116 -23.22 -36.51 16.66
CA ILE C 116 -24.11 -37.42 15.96
C ILE C 116 -24.99 -38.15 16.98
N HIS C 117 -26.29 -38.19 16.72
CA HIS C 117 -27.21 -38.91 17.57
C HIS C 117 -27.00 -40.42 17.43
N GLU C 118 -27.44 -41.15 18.44
CA GLU C 118 -27.24 -42.60 18.45
C GLU C 118 -27.95 -43.27 17.28
N GLU C 119 -29.17 -42.83 16.96
CA GLU C 119 -29.94 -43.48 15.91
C GLU C 119 -29.29 -43.35 14.54
N PHE C 120 -28.38 -42.40 14.36
CA PHE C 120 -27.68 -42.22 13.09
C PHE C 120 -26.34 -42.95 13.06
N LEU C 121 -26.02 -43.71 14.11
CA LEU C 121 -24.79 -44.49 14.09
C LEU C 121 -24.72 -45.51 12.95
N PRO C 122 -25.78 -46.25 12.60
CA PRO C 122 -25.67 -47.18 11.47
C PRO C 122 -25.28 -46.52 10.16
N ILE C 123 -25.69 -45.27 9.93
CA ILE C 123 -25.27 -44.56 8.73
C ILE C 123 -23.76 -44.32 8.77
N LEU C 124 -23.26 -43.81 9.89
CA LEU C 124 -21.83 -43.52 10.02
C LEU C 124 -20.99 -44.78 9.87
N ASP C 125 -21.55 -45.94 10.23
CA ASP C 125 -20.81 -47.18 10.04
C ASP C 125 -20.52 -47.44 8.56
N GLN C 126 -21.45 -47.07 7.68
CA GLN C 126 -21.21 -47.21 6.24
C GLN C 126 -20.25 -46.16 5.70
N ILE C 127 -19.73 -45.25 6.43
CA ILE C 127 -19.02 -44.16 5.85
C ILE C 127 -17.80 -43.86 6.69
N LYS C 128 -17.79 -44.12 8.01
CA LYS C 128 -16.67 -43.69 8.84
C LYS C 128 -15.33 -44.09 8.25
N GLY C 129 -15.30 -45.18 7.48
CA GLY C 129 -14.04 -45.64 6.92
C GLY C 129 -13.41 -44.65 5.96
N ARG C 130 -14.22 -43.97 5.16
CA ARG C 130 -13.73 -43.04 4.16
C ARG C 130 -13.70 -41.60 4.65
N ILE C 131 -14.04 -41.35 5.92
CA ILE C 131 -14.06 -40.00 6.47
C ILE C 131 -12.67 -39.66 6.96
N ASP C 132 -12.12 -38.55 6.47
CA ASP C 132 -10.89 -37.97 6.98
C ASP C 132 -11.22 -36.59 7.57
N THR C 133 -10.19 -35.96 8.13
CA THR C 133 -10.21 -34.62 8.72
C THR C 133 -11.07 -34.52 9.97
N VAL C 134 -11.75 -35.59 10.37
CA VAL C 134 -12.61 -35.58 11.56
C VAL C 134 -11.86 -36.32 12.67
N THR C 135 -11.67 -35.64 13.80
CA THR C 135 -10.90 -36.17 14.91
C THR C 135 -11.77 -36.80 15.99
N ARG C 136 -12.78 -36.08 16.47
CA ARG C 136 -13.59 -36.53 17.59
C ARG C 136 -15.04 -36.74 17.16
N TYR C 137 -15.62 -37.84 17.63
CA TYR C 137 -17.03 -38.14 17.45
C TYR C 137 -17.72 -38.11 18.81
N VAL C 138 -18.77 -37.30 18.93
CA VAL C 138 -19.55 -37.19 20.15
C VAL C 138 -20.93 -37.78 19.88
N VAL C 139 -21.33 -38.74 20.70
CA VAL C 139 -22.58 -39.48 20.52
C VAL C 139 -23.61 -38.90 21.47
N LEU C 140 -24.72 -38.42 20.91
CA LEU C 140 -25.82 -37.84 21.68
C LEU C 140 -26.88 -38.89 21.92
N ARG C 141 -27.32 -39.00 23.17
CA ARG C 141 -28.37 -39.93 23.56
C ARG C 141 -29.44 -39.19 24.35
N ASP C 142 -30.60 -39.82 24.49
CA ASP C 142 -31.72 -39.25 25.22
C ASP C 142 -31.76 -39.68 26.69
N ASP C 143 -30.82 -40.51 27.11
CA ASP C 143 -30.75 -40.96 28.49
C ASP C 143 -29.63 -40.21 29.22
N GLU C 144 -29.34 -40.63 30.45
CA GLU C 144 -28.34 -39.94 31.28
C GLU C 144 -26.91 -40.25 30.86
N GLU C 145 -26.68 -41.21 29.97
CA GLU C 145 -25.34 -41.58 29.54
C GLU C 145 -24.91 -40.85 28.28
N CYS C 146 -25.57 -39.76 27.93
CA CYS C 146 -25.17 -38.97 26.77
C CYS C 146 -23.79 -38.37 26.98
N GLU C 147 -22.98 -38.40 25.92
CA GLU C 147 -21.64 -37.81 25.99
C GLU C 147 -21.68 -36.29 25.97
N TYR C 148 -22.67 -35.69 25.33
CA TYR C 148 -22.83 -34.24 25.36
C TYR C 148 -23.06 -33.75 26.78
N GLU C 149 -23.97 -34.40 27.51
CA GLU C 149 -24.21 -34.03 28.89
C GLU C 149 -22.97 -34.27 29.75
N ARG C 150 -22.30 -35.40 29.55
CA ARG C 150 -21.11 -35.71 30.34
C ARG C 150 -19.98 -34.72 30.08
N LEU C 151 -19.89 -34.17 28.87
CA LEU C 151 -18.92 -33.12 28.59
C LEU C 151 -19.36 -31.76 29.07
N LEU C 152 -20.68 -31.53 29.22
CA LEU C 152 -21.15 -30.27 29.79
C LEU C 152 -20.89 -30.22 31.29
N GLU C 153 -21.08 -31.34 31.98
CA GLU C 153 -20.98 -31.36 33.44
C GLU C 153 -19.58 -31.02 33.95
N GLN C 154 -18.55 -31.23 33.13
CA GLN C 154 -17.18 -31.02 33.55
C GLN C 154 -16.69 -29.60 33.35
N GLU C 155 -17.50 -28.72 32.78
CA GLU C 155 -17.11 -27.36 32.50
C GLU C 155 -17.82 -26.39 33.45
N SER C 156 -17.44 -25.12 33.35
CA SER C 156 -17.99 -24.06 34.17
C SER C 156 -18.98 -23.23 33.37
N THR C 157 -19.88 -22.56 34.10
CA THR C 157 -20.93 -21.74 33.50
C THR C 157 -20.49 -20.30 33.26
N GLU C 158 -19.18 -20.06 33.12
CA GLU C 158 -18.66 -18.72 32.90
C GLU C 158 -17.81 -18.71 31.65
N TYR C 159 -18.06 -17.73 30.77
CA TYR C 159 -17.31 -17.60 29.54
C TYR C 159 -17.41 -16.16 29.06
N ASN C 160 -16.36 -15.69 28.39
CA ASN C 160 -16.31 -14.36 27.80
C ASN C 160 -16.26 -14.53 26.28
N PHE C 161 -17.40 -14.34 25.63
CA PHE C 161 -17.47 -14.53 24.19
C PHE C 161 -16.74 -13.41 23.46
N PRO C 162 -15.93 -13.73 22.46
CA PRO C 162 -15.13 -12.70 21.79
C PRO C 162 -15.99 -11.82 20.90
N ASP C 163 -15.38 -10.72 20.46
CA ASP C 163 -15.96 -9.82 19.47
C ASP C 163 -15.12 -9.90 18.20
N PHE C 164 -15.75 -10.21 17.09
CA PHE C 164 -15.08 -10.31 15.81
C PHE C 164 -15.88 -9.56 14.75
N ASP C 165 -15.44 -9.66 13.50
CA ASP C 165 -16.13 -9.03 12.40
C ASP C 165 -17.51 -9.65 12.22
N GLU C 166 -18.49 -8.82 11.86
CA GLU C 166 -19.85 -9.31 11.64
C GLU C 166 -19.98 -10.09 10.34
N ASN C 167 -18.95 -10.08 9.49
CA ASN C 167 -18.96 -10.79 8.23
C ASN C 167 -18.30 -12.16 8.31
N THR C 168 -18.23 -12.74 9.51
CA THR C 168 -17.67 -14.07 9.70
C THR C 168 -18.77 -15.12 9.51
N VAL C 169 -18.44 -16.18 8.76
CA VAL C 169 -19.41 -17.21 8.44
C VAL C 169 -19.83 -17.93 9.71
N ALA C 170 -21.12 -18.23 9.82
CA ALA C 170 -21.70 -18.88 10.98
C ALA C 170 -22.31 -20.24 10.69
N THR C 171 -23.01 -20.41 9.57
CA THR C 171 -23.71 -21.65 9.28
C THR C 171 -23.50 -22.07 7.84
N THR C 172 -23.67 -23.37 7.60
CA THR C 172 -23.60 -23.97 6.28
C THR C 172 -24.40 -25.26 6.30
N PHE C 173 -25.20 -25.52 5.26
CA PHE C 173 -26.03 -26.72 5.27
C PHE C 173 -26.17 -27.46 3.95
N TYR C 174 -25.46 -27.07 2.92
CA TYR C 174 -25.48 -27.94 1.71
C TYR C 174 -26.74 -28.32 1.17
N THR C 175 -27.32 -27.39 0.50
CA THR C 175 -28.52 -27.72 -0.26
C THR C 175 -28.20 -28.64 -1.43
N THR C 176 -29.16 -29.28 -2.01
CA THR C 176 -29.00 -30.28 -3.04
C THR C 176 -30.03 -30.22 -4.14
N GLY C 177 -29.91 -29.28 -5.03
CA GLY C 177 -30.85 -29.04 -6.12
C GLY C 177 -30.66 -30.01 -7.25
N THR C 178 -30.51 -29.50 -8.48
CA THR C 178 -30.22 -30.32 -9.65
C THR C 178 -28.86 -29.86 -10.19
N THR C 179 -27.79 -30.40 -9.61
CA THR C 179 -26.44 -30.05 -10.02
C THR C 179 -25.50 -31.25 -10.14
N GLY C 180 -25.90 -32.45 -9.73
CA GLY C 180 -25.00 -33.58 -9.74
C GLY C 180 -24.39 -33.84 -8.38
N PHE C 181 -24.02 -32.76 -7.70
CA PHE C 181 -23.47 -32.82 -6.35
C PHE C 181 -24.14 -31.74 -5.51
N PRO C 182 -24.24 -31.95 -4.19
CA PRO C 182 -24.82 -30.90 -3.33
C PRO C 182 -23.97 -29.63 -3.37
N LYS C 183 -24.66 -28.49 -3.24
CA LYS C 183 -24.04 -27.18 -3.28
C LYS C 183 -24.10 -26.55 -1.90
N GLY C 184 -22.98 -26.00 -1.45
CA GLY C 184 -22.89 -25.44 -0.11
C GLY C 184 -23.22 -23.96 -0.08
N VAL C 185 -24.15 -23.59 0.79
CA VAL C 185 -24.58 -22.21 0.98
C VAL C 185 -24.26 -21.81 2.41
N PHE C 186 -23.73 -20.61 2.58
CA PHE C 186 -23.29 -20.14 3.89
C PHE C 186 -23.82 -18.74 4.16
N PHE C 187 -23.92 -18.42 5.45
CA PHE C 187 -24.43 -17.13 5.91
C PHE C 187 -23.52 -16.61 7.02
N THR C 188 -23.59 -15.31 7.27
CA THR C 188 -22.76 -14.65 8.26
C THR C 188 -23.60 -14.24 9.47
N HIS C 189 -22.93 -13.70 10.50
CA HIS C 189 -23.63 -13.21 11.67
C HIS C 189 -24.55 -12.05 11.32
N ARG C 190 -24.05 -11.12 10.51
CA ARG C 190 -24.84 -9.97 10.10
C ARG C 190 -26.09 -10.40 9.36
N GLN C 191 -25.96 -11.37 8.45
CA GLN C 191 -27.11 -11.81 7.67
C GLN C 191 -28.17 -12.44 8.55
N LEU C 192 -27.77 -13.27 9.51
CA LEU C 192 -28.74 -13.93 10.39
C LEU C 192 -29.43 -12.92 11.31
N VAL C 193 -28.67 -11.98 11.86
CA VAL C 193 -29.27 -10.96 12.72
C VAL C 193 -30.26 -10.10 11.92
N LEU C 194 -29.86 -9.70 10.71
CA LEU C 194 -30.76 -8.93 9.86
C LEU C 194 -32.00 -9.73 9.51
N HIS C 195 -31.85 -11.04 9.26
CA HIS C 195 -32.99 -11.88 8.94
C HIS C 195 -33.99 -11.90 10.09
N THR C 196 -33.52 -12.18 11.30
CA THR C 196 -34.45 -12.27 12.42
C THR C 196 -35.10 -10.92 12.71
N MET C 197 -34.32 -9.83 12.63
CA MET C 197 -34.90 -8.50 12.83
C MET C 197 -35.96 -8.18 11.79
N GLY C 198 -35.66 -8.40 10.50
CA GLY C 198 -36.57 -8.06 9.44
C GLY C 198 -37.80 -8.92 9.35
N ILE C 199 -37.74 -10.15 9.87
CA ILE C 199 -38.95 -10.96 9.90
C ILE C 199 -39.77 -10.68 11.15
N LEU C 200 -39.13 -10.43 12.29
CA LEU C 200 -39.88 -10.05 13.48
C LEU C 200 -40.57 -8.71 13.28
N SER C 201 -39.97 -7.81 12.50
CA SER C 201 -40.60 -6.52 12.24
C SER C 201 -41.71 -6.60 11.20
N THR C 202 -41.83 -7.69 10.46
CA THR C 202 -42.86 -7.81 9.43
C THR C 202 -44.00 -8.75 9.79
N ILE C 203 -43.78 -9.74 10.65
CA ILE C 203 -44.87 -10.61 11.07
C ILE C 203 -45.39 -10.28 12.46
N GLY C 204 -44.58 -9.64 13.31
CA GLY C 204 -45.08 -9.21 14.60
C GLY C 204 -45.99 -8.02 14.54
N THR C 205 -45.93 -7.24 13.46
CA THR C 205 -46.68 -5.99 13.32
C THR C 205 -48.04 -6.19 12.65
N ASN C 206 -48.46 -7.38 12.38
CA ASN C 206 -49.75 -7.56 11.81
C ASN C 206 -50.83 -7.19 12.75
N ALA C 207 -52.01 -6.88 12.29
CA ALA C 207 -53.09 -6.39 13.13
C ALA C 207 -53.69 -7.50 13.98
N SER C 208 -54.26 -8.52 13.34
CA SER C 208 -54.92 -9.59 14.08
C SER C 208 -54.64 -11.00 13.58
N GLN C 209 -54.06 -11.18 12.39
CA GLN C 209 -53.92 -12.50 11.79
C GLN C 209 -52.46 -12.86 11.65
N GLY C 210 -52.12 -14.07 12.08
CA GLY C 210 -50.81 -14.65 11.81
C GLY C 210 -49.63 -13.86 12.33
N ARG C 211 -49.70 -13.41 13.58
CA ARG C 211 -48.63 -12.64 14.19
C ARG C 211 -47.96 -13.45 15.29
N LEU C 212 -46.64 -13.34 15.37
CA LEU C 212 -45.85 -13.99 16.42
C LEU C 212 -45.46 -12.93 17.44
N HIS C 213 -46.01 -13.02 18.64
CA HIS C 213 -45.75 -12.08 19.70
C HIS C 213 -45.10 -12.79 20.89
N GLN C 214 -44.93 -12.05 21.98
CA GLN C 214 -44.20 -12.55 23.14
C GLN C 214 -45.03 -13.51 23.99
N GLY C 215 -46.33 -13.62 23.75
CA GLY C 215 -47.17 -14.54 24.48
C GLY C 215 -47.34 -15.91 23.87
N ASP C 216 -46.64 -16.18 22.77
CA ASP C 216 -46.81 -17.44 22.06
C ASP C 216 -45.94 -18.53 22.67
N ILE C 217 -46.23 -19.77 22.27
CA ILE C 217 -45.44 -20.94 22.65
C ILE C 217 -45.01 -21.63 21.35
N TYR C 218 -43.70 -21.79 21.18
CA TYR C 218 -43.11 -22.18 19.91
C TYR C 218 -42.85 -23.68 19.84
N MET C 219 -43.01 -24.22 18.63
CA MET C 219 -42.71 -25.60 18.29
C MET C 219 -42.22 -25.72 16.86
N PRO C 220 -41.05 -26.32 16.63
CA PRO C 220 -40.66 -26.62 15.25
C PRO C 220 -41.14 -28.00 14.81
N ILE C 221 -41.80 -28.07 13.65
CA ILE C 221 -42.21 -29.35 13.08
C ILE C 221 -41.54 -29.50 11.72
N THR C 222 -40.39 -28.86 11.56
CA THR C 222 -39.54 -28.97 10.38
C THR C 222 -38.21 -29.58 10.79
N PRO C 223 -37.47 -30.18 9.86
CA PRO C 223 -36.25 -30.91 10.24
C PRO C 223 -35.24 -30.10 11.03
N MET C 224 -35.30 -28.76 10.95
CA MET C 224 -34.52 -27.87 11.81
C MET C 224 -33.05 -27.87 11.39
N PHE C 225 -32.69 -28.77 10.47
CA PHE C 225 -31.41 -28.70 9.78
C PHE C 225 -31.57 -28.31 8.32
N HIS C 226 -32.80 -28.19 7.82
CA HIS C 226 -33.01 -27.85 6.41
C HIS C 226 -32.44 -26.48 6.10
N VAL C 227 -33.05 -25.43 6.62
CA VAL C 227 -32.42 -24.12 6.61
C VAL C 227 -32.76 -23.38 7.91
N HIS C 228 -31.83 -23.44 8.88
CA HIS C 228 -31.96 -22.74 10.16
C HIS C 228 -33.33 -22.91 10.81
N ALA C 229 -34.04 -23.98 10.46
CA ALA C 229 -35.46 -24.12 10.81
C ALA C 229 -36.22 -22.84 10.45
N TRP C 230 -36.06 -22.41 9.21
CA TRP C 230 -36.64 -21.17 8.68
C TRP C 230 -36.35 -19.98 9.56
N GLY C 231 -35.25 -20.04 10.31
CA GLY C 231 -34.85 -18.96 11.19
C GLY C 231 -35.68 -18.77 12.43
N LEU C 232 -36.68 -19.62 12.65
CA LEU C 232 -37.61 -19.37 13.76
C LEU C 232 -37.03 -19.63 15.14
N PRO C 233 -36.15 -20.62 15.33
CA PRO C 233 -35.52 -20.77 16.65
C PRO C 233 -34.75 -19.54 17.09
N TYR C 234 -34.13 -18.80 16.17
CA TYR C 234 -33.45 -17.56 16.54
C TYR C 234 -34.45 -16.49 16.95
N MET C 235 -35.62 -16.45 16.33
CA MET C 235 -36.63 -15.46 16.69
C MET C 235 -37.29 -15.80 18.02
N ALA C 236 -37.64 -17.07 18.22
CA ALA C 236 -38.36 -17.48 19.42
C ALA C 236 -37.57 -17.19 20.68
N THR C 237 -36.25 -17.37 20.64
CA THR C 237 -35.42 -17.06 21.79
C THR C 237 -35.23 -15.56 21.98
N MET C 238 -35.42 -14.76 20.93
CA MET C 238 -35.30 -13.31 21.09
C MET C 238 -36.54 -12.75 21.78
N LEU C 239 -37.71 -13.31 21.50
CA LEU C 239 -38.92 -12.92 22.21
C LEU C 239 -38.99 -13.49 23.62
N GLY C 240 -38.12 -14.44 23.95
CA GLY C 240 -38.14 -15.07 25.26
C GLY C 240 -39.39 -15.89 25.52
N VAL C 241 -39.89 -16.58 24.50
CA VAL C 241 -41.11 -17.36 24.63
C VAL C 241 -40.76 -18.78 25.03
N LYS C 242 -41.77 -19.49 25.54
CA LYS C 242 -41.61 -20.91 25.83
C LYS C 242 -41.41 -21.69 24.55
N GLN C 243 -40.47 -22.63 24.57
CA GLN C 243 -40.14 -23.44 23.40
C GLN C 243 -40.29 -24.90 23.74
N VAL C 244 -40.92 -25.66 22.85
CA VAL C 244 -41.11 -27.10 23.02
C VAL C 244 -40.54 -27.81 21.80
N TYR C 245 -39.70 -28.81 22.04
CA TYR C 245 -39.08 -29.58 20.97
C TYR C 245 -39.57 -31.01 21.02
N PRO C 246 -40.15 -31.54 19.95
CA PRO C 246 -40.80 -32.86 20.02
C PRO C 246 -39.87 -34.03 19.81
N GLY C 247 -38.80 -33.84 19.04
CA GLY C 247 -37.89 -34.93 18.76
C GLY C 247 -38.08 -35.62 17.42
N LYS C 248 -38.75 -36.76 17.41
CA LYS C 248 -38.78 -37.65 16.26
C LYS C 248 -39.98 -37.45 15.34
N TYR C 249 -40.84 -36.50 15.58
CA TYR C 249 -42.02 -36.26 14.73
C TYR C 249 -42.94 -37.41 14.65
N VAL C 250 -43.52 -37.74 15.75
CA VAL C 250 -44.57 -38.76 15.78
C VAL C 250 -45.90 -38.03 16.00
N PRO C 251 -46.88 -38.21 15.11
CA PRO C 251 -48.16 -37.48 15.28
C PRO C 251 -48.82 -37.75 16.63
N ASP C 252 -48.74 -38.99 17.11
CA ASP C 252 -49.35 -39.31 18.41
C ASP C 252 -48.71 -38.51 19.54
N VAL C 253 -47.48 -38.11 19.35
CA VAL C 253 -46.74 -37.42 20.37
C VAL C 253 -46.83 -36.02 20.12
N LEU C 254 -46.90 -35.61 18.89
CA LEU C 254 -47.03 -34.21 18.53
C LEU C 254 -48.35 -33.64 19.01
N LEU C 255 -49.45 -34.36 18.79
CA LEU C 255 -50.75 -33.89 19.24
C LEU C 255 -50.81 -33.81 20.77
N ASN C 256 -50.24 -34.80 21.45
CA ASN C 256 -50.22 -34.77 22.91
C ASN C 256 -49.42 -33.58 23.42
N LEU C 257 -48.28 -33.29 22.80
CA LEU C 257 -47.49 -32.14 23.21
C LEU C 257 -48.21 -30.83 22.95
N ILE C 258 -48.88 -30.72 21.80
CA ILE C 258 -49.59 -29.48 21.48
C ILE C 258 -50.73 -29.26 22.48
N GLU C 259 -51.47 -30.32 22.80
CA GLU C 259 -52.59 -30.18 23.74
C GLU C 259 -52.09 -29.94 25.16
N GLN C 260 -50.96 -30.53 25.53
CA GLN C 260 -50.49 -30.46 26.91
C GLN C 260 -49.67 -29.20 27.17
N GLU C 261 -48.73 -28.89 26.28
CA GLU C 261 -47.91 -27.69 26.42
C GLU C 261 -48.60 -26.44 25.89
N LYS C 262 -49.80 -26.59 25.30
CA LYS C 262 -50.59 -25.46 24.78
C LYS C 262 -49.79 -24.66 23.75
N VAL C 263 -49.27 -25.36 22.74
CA VAL C 263 -48.50 -24.71 21.70
C VAL C 263 -49.43 -23.86 20.83
N THR C 264 -48.98 -22.65 20.50
CA THR C 264 -49.79 -21.72 19.72
C THR C 264 -49.14 -21.30 18.41
N PHE C 265 -47.87 -21.59 18.20
CA PHE C 265 -47.20 -21.20 16.96
C PHE C 265 -46.24 -22.30 16.54
N SER C 266 -46.33 -22.73 15.28
CA SER C 266 -45.47 -23.79 14.76
C SER C 266 -45.36 -23.62 13.25
N HIS C 267 -44.64 -24.54 12.62
CA HIS C 267 -44.45 -24.52 11.18
C HIS C 267 -44.11 -25.93 10.71
N CYS C 268 -44.69 -26.36 9.60
CA CYS C 268 -44.52 -27.73 9.12
C CYS C 268 -44.61 -27.73 7.60
N VAL C 269 -44.82 -28.92 7.05
CA VAL C 269 -44.93 -29.13 5.61
C VAL C 269 -46.32 -29.71 5.34
N PRO C 270 -46.81 -29.62 4.10
CA PRO C 270 -48.18 -30.09 3.82
C PRO C 270 -48.42 -31.55 4.15
N THR C 271 -47.41 -32.42 4.09
CA THR C 271 -47.63 -33.82 4.43
C THR C 271 -47.79 -34.01 5.93
N ILE C 272 -46.97 -33.32 6.73
CA ILE C 272 -47.06 -33.46 8.18
C ILE C 272 -48.39 -32.91 8.68
N LEU C 273 -48.84 -31.77 8.13
CA LEU C 273 -50.13 -31.22 8.53
C LEU C 273 -51.27 -32.17 8.19
N HIS C 274 -51.22 -32.78 7.00
CA HIS C 274 -52.26 -33.74 6.62
C HIS C 274 -52.24 -34.94 7.55
N LEU C 275 -51.04 -35.42 7.93
CA LEU C 275 -50.95 -36.52 8.87
C LEU C 275 -51.55 -36.15 10.23
N LEU C 276 -51.27 -34.93 10.70
CA LEU C 276 -51.80 -34.50 11.99
C LEU C 276 -53.32 -34.38 11.94
N LEU C 277 -53.87 -33.85 10.85
CA LEU C 277 -55.31 -33.68 10.75
C LEU C 277 -56.02 -35.03 10.61
N SER C 278 -55.51 -35.96 9.84
CA SER C 278 -56.19 -37.18 9.64
C SER C 278 -55.99 -38.14 10.75
N SER C 279 -55.11 -37.87 11.71
CA SER C 279 -54.97 -38.74 12.87
C SER C 279 -56.32 -38.84 13.60
N PRO C 280 -56.67 -40.05 14.14
CA PRO C 280 -57.90 -40.07 14.93
C PRO C 280 -57.69 -39.67 16.39
N LYS C 281 -56.56 -39.08 16.73
CA LYS C 281 -56.36 -38.56 18.07
C LYS C 281 -56.54 -37.07 17.95
N SER C 282 -57.19 -36.62 16.88
CA SER C 282 -57.38 -35.21 16.64
C SER C 282 -58.82 -34.86 16.41
N LYS C 283 -59.76 -35.76 16.71
CA LYS C 283 -61.14 -35.49 16.43
C LYS C 283 -61.81 -34.85 17.55
N ALA C 284 -61.31 -34.99 18.73
CA ALA C 284 -61.82 -34.28 19.89
C ALA C 284 -60.80 -33.27 20.44
N MET C 285 -59.81 -32.90 19.64
CA MET C 285 -58.74 -32.01 20.07
C MET C 285 -59.04 -30.58 19.64
N ASP C 286 -58.81 -29.64 20.57
CA ASP C 286 -59.11 -28.23 20.34
C ASP C 286 -57.91 -27.58 19.64
N PHE C 287 -58.12 -27.13 18.40
CA PHE C 287 -57.06 -26.54 17.60
C PHE C 287 -57.19 -25.02 17.43
N SER C 288 -58.16 -24.39 18.09
CA SER C 288 -58.42 -22.98 17.84
C SER C 288 -57.47 -22.07 18.59
N GLY C 289 -56.17 -22.39 18.57
CA GLY C 289 -55.16 -21.51 19.11
C GLY C 289 -53.86 -21.59 18.33
N TRP C 290 -53.90 -22.26 17.18
CA TRP C 290 -52.70 -22.70 16.48
C TRP C 290 -52.48 -21.86 15.23
N LYS C 291 -51.20 -21.67 14.90
CA LYS C 291 -50.76 -20.74 13.85
C LYS C 291 -49.71 -21.39 12.95
N VAL C 292 -50.07 -22.46 12.29
CA VAL C 292 -49.13 -23.04 11.35
C VAL C 292 -48.73 -22.31 10.11
N VAL C 293 -47.45 -22.07 9.89
CA VAL C 293 -46.96 -21.53 8.64
C VAL C 293 -46.46 -22.69 7.81
N ILE C 294 -47.24 -23.19 6.89
CA ILE C 294 -46.94 -24.26 5.94
C ILE C 294 -46.23 -23.61 4.76
N GLY C 295 -44.90 -23.56 4.86
CA GLY C 295 -44.10 -22.97 3.80
C GLY C 295 -43.15 -23.95 3.16
N GLY C 296 -43.44 -25.24 3.29
CA GLY C 296 -42.58 -26.26 2.71
C GLY C 296 -42.58 -26.23 1.19
N ALA C 297 -43.70 -26.62 0.57
CA ALA C 297 -43.82 -26.55 -0.88
C ALA C 297 -45.28 -26.68 -1.27
N ALA C 298 -45.84 -25.61 -1.86
CA ALA C 298 -47.10 -25.65 -2.59
C ALA C 298 -48.24 -26.19 -1.71
N LEU C 299 -48.59 -25.39 -0.70
CA LEU C 299 -49.73 -25.69 0.16
C LEU C 299 -50.99 -25.88 -0.66
N PRO C 300 -51.58 -27.08 -0.66
CA PRO C 300 -52.80 -27.30 -1.44
C PRO C 300 -53.98 -26.53 -0.90
N LYS C 301 -54.94 -26.26 -1.80
CA LYS C 301 -56.13 -25.50 -1.40
C LYS C 301 -57.09 -26.35 -0.58
N ALA C 302 -57.26 -27.61 -0.95
CA ALA C 302 -58.19 -28.47 -0.22
C ALA C 302 -57.71 -28.71 1.21
N LEU C 303 -56.41 -28.93 1.39
CA LEU C 303 -55.87 -29.11 2.74
C LEU C 303 -56.02 -27.83 3.55
N CYS C 304 -55.81 -26.67 2.92
CA CYS C 304 -56.00 -25.40 3.62
C CYS C 304 -57.45 -25.23 4.05
N LYS C 305 -58.40 -25.59 3.19
CA LYS C 305 -59.81 -25.50 3.56
C LYS C 305 -60.14 -26.45 4.70
N SER C 306 -59.62 -27.68 4.65
CA SER C 306 -59.88 -28.64 5.72
C SER C 306 -59.31 -28.15 7.04
N ALA C 307 -58.12 -27.55 7.02
CA ALA C 307 -57.54 -26.99 8.24
C ALA C 307 -58.34 -25.79 8.74
N LEU C 308 -58.82 -24.95 7.83
CA LEU C 308 -59.63 -23.80 8.22
C LEU C 308 -60.93 -24.22 8.85
N GLU C 309 -61.51 -25.35 8.42
CA GLU C 309 -62.70 -25.87 9.05
C GLU C 309 -62.47 -26.31 10.49
N ARG C 310 -61.23 -26.45 10.95
CA ARG C 310 -60.92 -26.86 12.33
C ARG C 310 -60.40 -25.74 13.14
N ASP C 311 -60.64 -24.50 12.72
CA ASP C 311 -60.22 -23.30 13.40
C ASP C 311 -58.76 -23.08 13.53
N ILE C 312 -58.03 -23.17 12.48
CA ILE C 312 -56.58 -23.10 12.55
C ILE C 312 -56.11 -21.97 11.65
N ASP C 313 -55.25 -21.10 12.19
CA ASP C 313 -54.70 -19.97 11.44
C ASP C 313 -53.62 -20.50 10.51
N VAL C 314 -54.03 -20.91 9.32
CA VAL C 314 -53.14 -21.49 8.33
C VAL C 314 -52.78 -20.42 7.30
N PHE C 315 -51.48 -20.25 7.06
CA PHE C 315 -51.02 -19.35 6.02
C PHE C 315 -49.67 -19.84 5.53
N ALA C 316 -49.41 -19.65 4.25
CA ALA C 316 -48.23 -20.21 3.62
C ALA C 316 -47.08 -19.21 3.59
N GLY C 317 -45.86 -19.74 3.49
CA GLY C 317 -44.68 -18.93 3.34
C GLY C 317 -43.83 -19.45 2.20
N TYR C 318 -42.79 -18.69 1.87
CA TYR C 318 -41.94 -19.05 0.74
C TYR C 318 -40.51 -18.57 0.95
N GLY C 319 -39.58 -19.48 0.74
CA GLY C 319 -38.15 -19.21 0.74
C GLY C 319 -37.44 -20.46 0.27
N MET C 320 -36.12 -20.33 0.12
CA MET C 320 -35.31 -21.46 -0.32
C MET C 320 -34.00 -21.46 0.46
N SER C 321 -33.17 -22.47 0.20
CA SER C 321 -31.93 -22.63 0.95
C SER C 321 -30.97 -21.48 0.73
N GLU C 322 -31.02 -20.84 -0.44
CA GLU C 322 -30.08 -19.79 -0.78
C GLU C 322 -30.53 -18.41 -0.31
N THR C 323 -31.71 -18.28 0.27
CA THR C 323 -32.32 -16.96 0.46
C THR C 323 -32.68 -16.65 1.91
N GLY C 324 -32.07 -17.31 2.89
CA GLY C 324 -32.19 -16.84 4.26
C GLY C 324 -32.82 -17.74 5.30
N PRO C 325 -33.94 -18.42 5.00
CA PRO C 325 -34.64 -18.64 3.73
C PRO C 325 -35.78 -17.67 3.39
N ILE C 326 -36.45 -17.08 4.39
CA ILE C 326 -37.77 -16.51 4.17
C ILE C 326 -37.70 -15.33 3.20
N LEU C 327 -38.54 -15.37 2.18
CA LEU C 327 -38.68 -14.28 1.21
C LEU C 327 -40.09 -13.71 1.14
N SER C 328 -41.12 -14.52 1.31
CA SER C 328 -42.48 -14.01 1.26
C SER C 328 -43.35 -14.75 2.26
N ILE C 329 -44.32 -14.04 2.83
CA ILE C 329 -45.26 -14.62 3.79
C ILE C 329 -46.65 -14.09 3.48
N VAL C 330 -47.64 -14.98 3.56
CA VAL C 330 -49.02 -14.59 3.31
C VAL C 330 -49.55 -13.82 4.52
N GLN C 331 -49.91 -12.55 4.31
CA GLN C 331 -50.50 -11.72 5.35
C GLN C 331 -51.81 -11.15 4.83
N LEU C 332 -52.87 -11.32 5.60
CA LEU C 332 -54.21 -10.95 5.18
C LEU C 332 -54.62 -9.65 5.86
N THR C 333 -55.04 -8.67 5.07
CA THR C 333 -55.54 -7.41 5.59
C THR C 333 -56.89 -7.62 6.28
N PRO C 334 -57.26 -6.73 7.20
CA PRO C 334 -58.48 -6.97 8.00
C PRO C 334 -59.75 -7.14 7.17
N GLU C 335 -59.85 -6.52 5.99
CA GLU C 335 -61.04 -6.70 5.16
C GLU C 335 -61.02 -8.01 4.38
N GLN C 336 -59.90 -8.73 4.38
CA GLN C 336 -59.82 -10.01 3.70
C GLN C 336 -60.20 -11.19 4.59
N LEU C 337 -60.42 -10.97 5.88
CA LEU C 337 -60.79 -12.05 6.79
C LEU C 337 -62.29 -12.25 6.91
N GLU C 338 -63.09 -11.52 6.13
CA GLU C 338 -64.53 -11.67 6.13
C GLU C 338 -65.03 -12.68 5.10
N LEU C 339 -64.11 -12.92 4.20
CA LEU C 339 -64.44 -13.77 3.11
C LEU C 339 -64.82 -15.10 3.58
N ASP C 340 -65.28 -15.90 2.66
CA ASP C 340 -65.80 -17.14 3.07
C ASP C 340 -64.91 -18.32 3.13
N VAL C 341 -65.52 -19.42 3.47
CA VAL C 341 -64.87 -20.73 3.54
C VAL C 341 -63.89 -20.96 2.40
N ASP C 342 -64.15 -20.42 1.23
CA ASP C 342 -63.34 -20.70 0.09
C ASP C 342 -62.50 -19.58 -0.47
N GLN C 343 -62.81 -18.32 -0.26
CA GLN C 343 -62.06 -17.27 -0.81
C GLN C 343 -60.90 -17.07 0.10
N GLN C 344 -61.01 -17.31 1.38
CA GLN C 344 -59.92 -17.30 2.34
C GLN C 344 -58.93 -18.43 2.04
N ALA C 345 -59.39 -19.59 1.66
CA ALA C 345 -58.54 -20.71 1.25
C ALA C 345 -57.73 -20.38 0.11
N GLU C 346 -58.27 -19.73 -0.90
CA GLU C 346 -57.53 -19.26 -2.08
C GLU C 346 -56.61 -18.12 -1.86
N TYR C 347 -56.84 -17.30 -0.84
CA TYR C 347 -55.85 -16.27 -0.49
C TYR C 347 -54.72 -16.83 0.35
N ARG C 348 -55.03 -17.72 1.29
CA ARG C 348 -54.02 -18.23 2.21
C ARG C 348 -53.02 -19.17 1.54
N SER C 349 -53.41 -19.82 0.45
CA SER C 349 -52.57 -20.81 -0.20
C SER C 349 -51.63 -20.21 -1.24
N LYS C 350 -51.64 -18.89 -1.42
CA LYS C 350 -50.75 -18.25 -2.38
C LYS C 350 -49.33 -18.22 -1.84
N THR C 351 -48.41 -17.70 -2.66
CA THR C 351 -47.02 -17.56 -2.23
C THR C 351 -46.86 -16.40 -1.25
N GLY C 352 -47.55 -15.30 -1.43
CA GLY C 352 -47.52 -14.21 -0.51
C GLY C 352 -46.80 -13.03 -0.95
N LYS C 353 -46.86 -11.99 -0.15
CA LYS C 353 -46.20 -10.79 -0.48
C LYS C 353 -44.85 -10.74 0.07
N LYS C 354 -43.94 -10.04 -0.55
CA LYS C 354 -42.58 -9.92 -0.15
C LYS C 354 -42.50 -9.37 1.18
N VAL C 355 -41.41 -9.67 1.84
CA VAL C 355 -41.25 -9.26 3.19
C VAL C 355 -40.47 -8.02 3.08
N ALA C 356 -40.24 -7.37 4.16
CA ALA C 356 -39.51 -6.11 4.21
C ALA C 356 -38.07 -6.28 3.78
N LEU C 357 -37.57 -5.31 3.01
CA LEU C 357 -36.21 -5.28 2.47
C LEU C 357 -35.97 -6.34 1.40
N VAL C 358 -37.03 -6.70 0.66
CA VAL C 358 -36.94 -7.67 -0.44
C VAL C 358 -37.53 -7.02 -1.69
N GLU C 359 -36.86 -7.22 -2.82
CA GLU C 359 -37.25 -6.57 -4.08
C GLU C 359 -38.19 -7.42 -4.92
N ALA C 360 -37.74 -8.62 -5.32
CA ALA C 360 -38.61 -9.65 -5.89
C ALA C 360 -39.33 -9.18 -7.16
N TYR C 361 -38.54 -8.93 -8.19
CA TYR C 361 -39.08 -8.67 -9.53
C TYR C 361 -39.31 -9.98 -10.28
N ILE C 362 -39.99 -9.86 -11.42
CA ILE C 362 -40.25 -10.99 -12.31
C ILE C 362 -39.63 -10.68 -13.66
N VAL C 363 -38.78 -11.58 -14.15
CA VAL C 363 -38.02 -11.35 -15.38
C VAL C 363 -38.21 -12.52 -16.33
N ASP C 364 -37.75 -12.27 -17.54
CA ASP C 364 -37.65 -13.23 -18.63
C ASP C 364 -36.23 -13.63 -18.96
N GLU C 365 -36.04 -14.59 -19.84
CA GLU C 365 -34.70 -15.13 -20.08
C GLU C 365 -33.67 -14.09 -20.43
N ASP C 366 -34.12 -12.93 -20.88
CA ASP C 366 -33.26 -11.77 -21.14
C ASP C 366 -33.27 -10.77 -20.00
N MET C 367 -33.80 -11.05 -18.82
CA MET C 367 -33.86 -10.06 -17.77
C MET C 367 -34.73 -8.83 -17.97
N ASN C 368 -35.87 -8.96 -18.61
CA ASN C 368 -36.56 -7.78 -19.12
C ASN C 368 -37.66 -7.25 -18.20
N LYS C 369 -37.84 -7.85 -17.02
CA LYS C 369 -38.71 -7.31 -15.97
C LYS C 369 -40.15 -7.14 -16.46
N LEU C 370 -40.79 -8.28 -16.70
CA LEU C 370 -42.18 -8.35 -17.14
C LEU C 370 -43.10 -7.64 -16.14
N PRO C 371 -44.20 -7.04 -16.60
CA PRO C 371 -45.07 -6.30 -15.69
C PRO C 371 -45.79 -7.21 -14.71
N HIS C 372 -46.22 -6.61 -13.60
CA HIS C 372 -46.92 -7.33 -12.54
C HIS C 372 -48.44 -7.23 -12.74
N ASP C 373 -48.88 -7.63 -13.93
CA ASP C 373 -50.31 -7.60 -14.24
C ASP C 373 -51.07 -8.77 -13.64
N GLY C 374 -50.37 -9.78 -13.13
CA GLY C 374 -51.01 -10.94 -12.56
C GLY C 374 -51.36 -12.04 -13.54
N GLU C 375 -50.98 -11.90 -14.80
CA GLU C 375 -51.23 -12.93 -15.80
C GLU C 375 -49.96 -13.48 -16.44
N THR C 376 -49.01 -12.63 -16.80
CA THR C 376 -47.78 -13.08 -17.44
C THR C 376 -46.83 -13.66 -16.40
N ALA C 377 -46.28 -14.83 -16.70
CA ALA C 377 -45.38 -15.54 -15.80
C ALA C 377 -43.93 -15.28 -16.17
N GLY C 378 -43.05 -15.47 -15.19
CA GLY C 378 -41.63 -15.25 -15.39
C GLY C 378 -40.87 -15.74 -14.18
N GLU C 379 -39.54 -15.72 -14.31
CA GLU C 379 -38.70 -16.15 -13.21
C GLU C 379 -38.63 -15.10 -12.12
N ILE C 380 -38.48 -15.50 -10.85
CA ILE C 380 -38.32 -14.57 -9.74
C ILE C 380 -36.89 -14.30 -9.47
N VAL C 381 -36.49 -13.06 -9.37
CA VAL C 381 -35.17 -12.66 -9.15
C VAL C 381 -35.26 -11.76 -7.98
N VAL C 382 -34.36 -11.81 -7.04
CA VAL C 382 -34.40 -11.14 -5.85
C VAL C 382 -33.23 -10.50 -5.34
N ARG C 383 -33.40 -9.50 -4.52
CA ARG C 383 -32.31 -8.90 -3.76
C ARG C 383 -32.77 -8.74 -2.32
N ALA C 384 -31.93 -9.17 -1.39
CA ALA C 384 -32.30 -9.19 0.02
C ALA C 384 -31.03 -9.10 0.86
N PRO C 385 -31.15 -8.69 2.13
CA PRO C 385 -29.94 -8.58 2.97
C PRO C 385 -29.40 -9.93 3.44
N TRP C 386 -30.10 -11.03 3.22
CA TRP C 386 -29.74 -12.33 3.77
C TRP C 386 -29.69 -13.39 2.69
N LEU C 387 -29.03 -13.07 1.58
CA LEU C 387 -28.82 -14.01 0.48
C LEU C 387 -27.37 -14.48 0.48
N THR C 388 -27.16 -15.74 0.18
CA THR C 388 -25.80 -16.26 0.09
C THR C 388 -25.08 -15.62 -1.09
N PRO C 389 -23.84 -15.17 -0.91
CA PRO C 389 -23.14 -14.53 -2.03
C PRO C 389 -22.82 -15.46 -3.18
N ASN C 390 -22.57 -16.73 -2.90
CA ASN C 390 -22.18 -17.70 -3.91
C ASN C 390 -22.24 -19.09 -3.29
N TYR C 391 -21.93 -20.10 -4.09
CA TYR C 391 -21.79 -21.46 -3.60
C TYR C 391 -20.36 -21.68 -3.10
N TYR C 392 -20.24 -22.54 -2.10
CA TYR C 392 -18.93 -22.77 -1.49
C TYR C 392 -18.05 -23.59 -2.42
N LYS C 393 -16.84 -23.08 -2.67
CA LYS C 393 -15.86 -23.73 -3.55
C LYS C 393 -16.43 -23.97 -4.94
N ASP C 394 -17.16 -23.05 -5.53
CA ASP C 394 -17.70 -23.22 -6.85
C ASP C 394 -17.65 -21.89 -7.51
N ASN C 395 -17.57 -21.86 -8.83
CA ASN C 395 -17.46 -20.65 -9.54
C ASN C 395 -18.27 -20.43 -10.68
N LYS C 396 -18.78 -21.43 -11.30
CA LYS C 396 -19.49 -21.28 -12.47
C LYS C 396 -20.90 -21.41 -12.18
N ASN C 397 -21.31 -22.17 -11.20
CA ASN C 397 -22.65 -22.20 -10.63
C ASN C 397 -22.93 -20.94 -9.83
N SER C 398 -21.89 -20.35 -9.23
CA SER C 398 -22.06 -19.08 -8.53
C SER C 398 -22.41 -17.96 -9.51
N LYS C 399 -21.76 -17.94 -10.68
CA LYS C 399 -22.11 -16.95 -11.69
C LYS C 399 -23.52 -17.17 -12.23
N ALA C 400 -23.91 -18.43 -12.40
CA ALA C 400 -25.28 -18.71 -12.84
C ALA C 400 -26.29 -18.31 -11.77
N LEU C 401 -25.88 -18.34 -10.50
CA LEU C 401 -26.80 -17.98 -9.41
C LEU C 401 -27.04 -16.48 -9.37
N TRP C 402 -25.99 -15.67 -9.53
CA TRP C 402 -26.08 -14.22 -9.40
C TRP C 402 -25.94 -13.53 -10.75
N ARG C 403 -26.54 -14.11 -11.78
CA ARG C 403 -26.49 -13.54 -13.12
C ARG C 403 -27.25 -12.22 -13.17
N GLY C 404 -26.70 -11.25 -13.88
CA GLY C 404 -27.39 -9.99 -14.08
C GLY C 404 -27.50 -9.12 -12.85
N GLY C 405 -26.63 -9.31 -11.87
CA GLY C 405 -26.72 -8.52 -10.66
C GLY C 405 -27.88 -8.86 -9.76
N TYR C 406 -28.42 -10.07 -9.87
CA TYR C 406 -29.57 -10.48 -9.09
C TYR C 406 -29.48 -11.97 -8.83
N LEU C 407 -30.12 -12.41 -7.75
CA LEU C 407 -30.14 -13.83 -7.39
C LEU C 407 -31.30 -14.52 -8.11
N HIS C 408 -31.08 -15.63 -8.75
CA HIS C 408 -32.09 -16.30 -9.50
C HIS C 408 -32.59 -17.51 -8.76
N THR C 409 -33.84 -17.48 -8.44
CA THR C 409 -34.52 -18.43 -7.65
C THR C 409 -34.84 -19.60 -8.36
N GLY C 410 -35.15 -19.47 -9.62
CA GLY C 410 -35.41 -20.69 -10.35
C GLY C 410 -36.86 -21.11 -10.42
N ASP C 411 -37.79 -20.26 -10.00
CA ASP C 411 -39.21 -20.58 -10.00
C ASP C 411 -39.94 -19.61 -10.90
N VAL C 412 -40.89 -20.13 -11.68
CA VAL C 412 -41.70 -19.34 -12.61
C VAL C 412 -43.02 -19.01 -11.93
N ALA C 413 -43.29 -17.71 -11.79
CA ALA C 413 -44.46 -17.22 -11.08
C ALA C 413 -44.94 -15.94 -11.74
N HIS C 414 -46.19 -15.58 -11.44
CA HIS C 414 -46.76 -14.30 -11.86
C HIS C 414 -47.14 -13.49 -10.63
N ILE C 415 -46.74 -12.23 -10.61
CA ILE C 415 -47.00 -11.35 -9.48
C ILE C 415 -48.26 -10.55 -9.78
N ASP C 416 -49.23 -10.59 -8.86
CA ASP C 416 -50.46 -9.84 -8.98
C ASP C 416 -50.19 -8.37 -8.66
N ASP C 417 -51.04 -7.48 -9.17
CA ASP C 417 -50.90 -6.06 -8.93
C ASP C 417 -50.97 -5.65 -7.49
N GLU C 418 -51.72 -6.39 -6.69
CA GLU C 418 -51.74 -6.09 -5.27
C GLU C 418 -50.46 -6.49 -4.55
N GLY C 419 -49.57 -7.21 -5.24
CA GLY C 419 -48.34 -7.69 -4.64
C GLY C 419 -48.33 -9.17 -4.32
N PHE C 420 -49.47 -9.84 -4.41
CA PHE C 420 -49.52 -11.27 -4.14
C PHE C 420 -48.78 -12.04 -5.22
N ILE C 421 -47.95 -12.99 -4.80
CA ILE C 421 -47.19 -13.83 -5.70
C ILE C 421 -47.86 -15.19 -5.77
N LYS C 422 -47.83 -15.80 -6.96
CA LYS C 422 -48.38 -17.15 -7.15
C LYS C 422 -47.38 -17.95 -7.97
N ILE C 423 -46.67 -18.86 -7.30
CA ILE C 423 -45.69 -19.68 -8.00
C ILE C 423 -46.41 -20.68 -8.89
N THR C 424 -46.05 -20.70 -10.17
CA THR C 424 -46.71 -21.55 -11.15
C THR C 424 -45.96 -22.84 -11.41
N ASP C 425 -44.65 -22.77 -11.61
CA ASP C 425 -43.88 -23.98 -11.90
C ASP C 425 -42.40 -23.72 -11.67
N ARG C 426 -41.51 -24.51 -12.23
CA ARG C 426 -40.08 -24.38 -12.03
C ARG C 426 -39.55 -24.08 -13.35
N VAL C 427 -38.40 -23.50 -13.45
CA VAL C 427 -37.78 -23.10 -14.71
C VAL C 427 -37.38 -24.32 -15.52
N LYS C 428 -36.70 -25.27 -14.89
CA LYS C 428 -36.29 -26.50 -15.57
C LYS C 428 -37.47 -27.40 -15.91
N ASP C 429 -38.63 -27.18 -15.32
CA ASP C 429 -39.82 -27.95 -15.60
C ASP C 429 -40.77 -27.23 -16.56
N MET C 430 -40.30 -26.20 -17.21
CA MET C 430 -41.13 -25.44 -18.13
C MET C 430 -41.27 -26.11 -19.47
N ILE C 431 -42.38 -25.90 -20.16
CA ILE C 431 -42.62 -26.48 -21.50
C ILE C 431 -42.53 -25.31 -22.51
N LYS C 432 -41.42 -25.15 -23.18
CA LYS C 432 -41.36 -24.14 -24.21
C LYS C 432 -41.85 -24.74 -25.50
N ILE C 433 -43.12 -25.15 -25.57
CA ILE C 433 -43.62 -25.64 -26.83
C ILE C 433 -43.67 -24.44 -27.78
N SER C 434 -43.11 -24.55 -28.97
CA SER C 434 -43.19 -23.50 -29.99
C SER C 434 -42.55 -22.20 -29.51
N GLY C 435 -43.38 -21.22 -29.15
CA GLY C 435 -42.88 -19.96 -28.64
C GLY C 435 -43.47 -19.55 -27.31
N GLU C 436 -44.31 -20.44 -26.79
CA GLU C 436 -44.98 -20.20 -25.52
C GLU C 436 -44.42 -21.07 -24.42
N TRP C 437 -44.60 -20.67 -23.16
CA TRP C 437 -44.08 -21.44 -22.03
C TRP C 437 -45.26 -21.85 -21.15
N VAL C 438 -45.63 -23.13 -21.19
CA VAL C 438 -46.69 -23.66 -20.36
C VAL C 438 -46.08 -24.35 -19.15
N SER C 439 -46.88 -24.58 -18.13
CA SER C 439 -46.41 -25.22 -16.93
C SER C 439 -46.91 -26.62 -16.77
N SER C 440 -46.05 -27.47 -16.26
CA SER C 440 -46.39 -28.87 -16.06
C SER C 440 -47.23 -29.11 -14.81
N LEU C 441 -47.32 -28.13 -13.91
CA LEU C 441 -48.08 -28.32 -12.68
C LEU C 441 -49.58 -28.33 -12.95
N GLU C 442 -50.07 -27.49 -13.86
CA GLU C 442 -51.50 -27.49 -14.17
C GLU C 442 -51.92 -28.77 -14.89
N LEU C 443 -51.09 -29.26 -15.81
CA LEU C 443 -51.37 -30.55 -16.44
C LEU C 443 -51.31 -31.68 -15.43
N GLU C 444 -50.36 -31.62 -14.50
CA GLU C 444 -50.30 -32.61 -13.42
C GLU C 444 -51.56 -32.56 -12.57
N ASP C 445 -52.03 -31.36 -12.25
CA ASP C 445 -53.26 -31.22 -11.47
C ASP C 445 -54.47 -31.76 -12.24
N ILE C 446 -54.53 -31.48 -13.55
CA ILE C 446 -55.67 -31.92 -14.35
C ILE C 446 -55.75 -33.45 -14.38
N LEU C 447 -54.64 -34.15 -14.62
CA LEU C 447 -54.76 -35.63 -14.76
C LEU C 447 -54.66 -36.33 -13.43
N HIS C 448 -55.02 -35.64 -12.37
CA HIS C 448 -54.89 -36.18 -11.04
C HIS C 448 -56.32 -36.25 -10.64
N GLN C 449 -57.12 -35.30 -11.13
CA GLN C 449 -58.55 -35.41 -10.86
C GLN C 449 -59.16 -36.73 -11.33
N HIS C 450 -58.43 -37.49 -12.14
CA HIS C 450 -58.94 -38.76 -12.62
C HIS C 450 -59.17 -39.72 -11.44
N GLN C 451 -60.31 -40.40 -11.46
CA GLN C 451 -60.67 -41.27 -10.34
C GLN C 451 -59.77 -42.50 -10.24
N SER C 452 -58.99 -42.79 -11.26
CA SER C 452 -58.19 -44.01 -11.27
C SER C 452 -56.70 -43.76 -11.10
N VAL C 453 -56.29 -42.50 -11.20
CA VAL C 453 -54.88 -42.14 -11.11
C VAL C 453 -54.55 -41.74 -9.69
N SER C 454 -53.42 -42.24 -9.22
CA SER C 454 -52.89 -41.95 -7.90
C SER C 454 -51.76 -40.93 -7.95
N GLU C 455 -50.72 -41.20 -8.73
CA GLU C 455 -49.58 -40.31 -8.86
C GLU C 455 -49.30 -40.09 -10.34
N VAL C 456 -49.08 -38.81 -10.67
CA VAL C 456 -48.83 -38.42 -12.04
C VAL C 456 -47.57 -37.61 -12.16
N ALA C 457 -46.89 -37.74 -13.27
CA ALA C 457 -45.71 -36.92 -13.54
C ALA C 457 -45.71 -36.54 -15.02
N VAL C 458 -45.39 -35.27 -15.29
CA VAL C 458 -45.36 -34.73 -16.64
C VAL C 458 -43.96 -34.20 -16.93
N ILE C 459 -43.37 -34.67 -18.03
CA ILE C 459 -42.06 -34.24 -18.47
C ILE C 459 -42.13 -33.89 -19.96
N GLY C 460 -41.08 -33.22 -20.44
CA GLY C 460 -41.02 -32.77 -21.82
C GLY C 460 -40.45 -33.81 -22.75
N MET C 461 -40.85 -33.71 -24.03
CA MET C 461 -40.39 -34.62 -25.06
C MET C 461 -40.12 -33.81 -26.33
N PRO C 462 -38.89 -33.84 -26.86
CA PRO C 462 -38.56 -33.01 -28.02
C PRO C 462 -39.41 -33.35 -29.24
N HIS C 463 -39.72 -32.31 -30.01
CA HIS C 463 -40.48 -32.44 -31.26
C HIS C 463 -39.86 -31.50 -32.28
N ASN C 464 -39.53 -32.02 -33.46
CA ASN C 464 -38.73 -31.27 -34.41
C ASN C 464 -39.39 -29.95 -34.80
N LYS C 465 -40.68 -30.00 -35.14
CA LYS C 465 -41.37 -28.78 -35.56
C LYS C 465 -41.98 -28.02 -34.39
N TRP C 466 -42.08 -28.60 -33.20
CA TRP C 466 -42.59 -27.84 -32.04
C TRP C 466 -41.67 -27.84 -30.84
N GLY C 467 -40.36 -27.92 -31.06
CA GLY C 467 -39.42 -27.82 -29.97
C GLY C 467 -39.47 -29.05 -29.07
N GLU C 468 -40.06 -28.89 -27.89
CA GLU C 468 -40.26 -29.98 -26.96
C GLU C 468 -41.70 -29.94 -26.44
N VAL C 469 -42.29 -31.12 -26.25
CA VAL C 469 -43.71 -31.22 -25.90
C VAL C 469 -43.87 -32.04 -24.63
N PRO C 470 -44.95 -31.84 -23.88
CA PRO C 470 -45.13 -32.59 -22.63
C PRO C 470 -45.44 -34.06 -22.87
N LEU C 471 -45.04 -34.88 -21.90
CA LEU C 471 -45.35 -36.31 -21.88
C LEU C 471 -45.90 -36.65 -20.51
N ALA C 472 -46.98 -37.42 -20.46
CA ALA C 472 -47.70 -37.70 -19.24
C ALA C 472 -47.40 -39.13 -18.78
N LEU C 473 -47.05 -39.26 -17.49
CA LEU C 473 -46.84 -40.55 -16.85
C LEU C 473 -47.80 -40.66 -15.67
N VAL C 474 -48.56 -41.74 -15.62
CA VAL C 474 -49.57 -41.93 -14.58
C VAL C 474 -49.36 -43.28 -13.91
N THR C 475 -49.85 -43.38 -12.67
CA THR C 475 -49.84 -44.62 -11.91
C THR C 475 -51.28 -44.94 -11.51
N LEU C 476 -51.75 -46.13 -11.90
CA LEU C 476 -53.13 -46.50 -11.65
C LEU C 476 -53.33 -46.91 -10.19
N LYS C 477 -54.59 -46.86 -9.76
CA LYS C 477 -54.96 -47.19 -8.39
C LYS C 477 -55.11 -48.71 -8.25
N GLU C 478 -55.67 -49.14 -7.12
CA GLU C 478 -55.84 -50.56 -6.85
C GLU C 478 -56.96 -51.13 -7.71
N ASP C 479 -56.65 -52.16 -8.50
CA ASP C 479 -57.62 -52.84 -9.35
C ASP C 479 -58.32 -51.88 -10.30
N ALA C 480 -57.59 -50.86 -10.76
CA ALA C 480 -58.10 -49.89 -11.73
C ALA C 480 -57.29 -50.02 -13.01
N GLN C 481 -57.98 -50.23 -14.13
CA GLN C 481 -57.33 -50.41 -15.43
C GLN C 481 -58.12 -49.59 -16.46
N VAL C 482 -57.59 -48.41 -16.77
CA VAL C 482 -58.20 -47.57 -17.81
C VAL C 482 -57.14 -47.38 -18.88
N THR C 483 -57.51 -47.55 -20.13
CA THR C 483 -56.57 -47.45 -21.24
C THR C 483 -56.10 -46.00 -21.41
N GLU C 484 -55.01 -45.85 -22.16
CA GLU C 484 -54.43 -44.53 -22.38
C GLU C 484 -55.38 -43.60 -23.12
N LYS C 485 -56.22 -44.15 -24.00
CA LYS C 485 -57.12 -43.31 -24.78
C LYS C 485 -58.11 -42.58 -23.89
N GLU C 486 -58.67 -43.26 -22.90
CA GLU C 486 -59.59 -42.60 -21.97
C GLU C 486 -58.89 -41.54 -21.15
N LEU C 487 -57.64 -41.81 -20.73
CA LEU C 487 -56.88 -40.81 -20.00
C LEU C 487 -56.61 -39.59 -20.87
N LEU C 488 -56.32 -39.80 -22.16
CA LEU C 488 -56.17 -38.68 -23.08
C LEU C 488 -57.47 -37.88 -23.15
N GLY C 489 -58.60 -38.56 -23.39
CA GLY C 489 -59.87 -37.88 -23.49
C GLY C 489 -60.31 -37.20 -22.21
N PHE C 490 -59.79 -37.63 -21.06
CA PHE C 490 -60.11 -36.98 -19.79
C PHE C 490 -59.62 -35.53 -19.79
N ALA C 491 -58.41 -35.29 -20.30
CA ALA C 491 -57.88 -33.94 -20.37
C ALA C 491 -58.40 -33.16 -21.57
N LYS C 492 -59.03 -33.86 -22.52
CA LYS C 492 -59.49 -33.21 -23.73
C LYS C 492 -60.81 -32.46 -23.53
N ASP C 493 -61.48 -32.69 -22.39
CA ASP C 493 -62.73 -31.99 -22.08
C ASP C 493 -62.46 -30.60 -21.52
N PHE C 494 -61.31 -30.39 -20.90
CA PHE C 494 -61.03 -29.12 -20.26
C PHE C 494 -60.85 -28.02 -21.30
N ILE C 495 -60.97 -26.78 -20.84
CA ILE C 495 -60.96 -25.61 -21.73
C ILE C 495 -60.11 -24.50 -21.12
N ASN C 496 -60.12 -23.32 -21.75
CA ASN C 496 -59.46 -22.11 -21.27
C ASN C 496 -57.93 -22.30 -21.21
N LYS C 497 -57.35 -22.54 -22.39
CA LYS C 497 -55.90 -22.54 -22.56
C LYS C 497 -55.59 -22.24 -24.02
N GLY C 498 -54.36 -21.80 -24.26
CA GLY C 498 -53.94 -21.39 -25.58
C GLY C 498 -53.41 -22.54 -26.42
N ILE C 499 -52.57 -22.17 -27.39
CA ILE C 499 -51.90 -23.11 -28.31
C ILE C 499 -52.97 -23.82 -29.14
N LEU C 500 -52.55 -24.78 -29.96
CA LEU C 500 -53.46 -25.51 -30.84
C LEU C 500 -54.66 -26.04 -30.07
N ALA C 501 -55.85 -25.54 -30.44
CA ALA C 501 -57.08 -25.84 -29.71
C ALA C 501 -56.88 -25.54 -28.24
N ARG C 502 -56.58 -26.57 -27.46
CA ARG C 502 -56.18 -26.43 -26.06
C ARG C 502 -54.89 -27.20 -25.81
N GLU C 503 -53.97 -27.15 -26.77
CA GLU C 503 -52.72 -27.91 -26.71
C GLU C 503 -53.00 -29.40 -26.55
N ALA C 504 -54.12 -29.88 -27.09
CA ALA C 504 -54.55 -31.26 -26.91
C ALA C 504 -54.63 -31.95 -28.28
N LEU C 505 -53.45 -32.44 -28.68
CA LEU C 505 -53.35 -33.26 -29.88
C LEU C 505 -52.12 -34.17 -29.65
N LEU C 506 -51.30 -33.88 -28.63
CA LEU C 506 -50.08 -34.67 -28.37
C LEU C 506 -49.74 -34.87 -26.90
N LEU C 507 -50.73 -35.19 -26.08
CA LEU C 507 -50.50 -35.38 -24.66
C LEU C 507 -49.54 -36.53 -24.39
N LYS C 508 -49.70 -37.64 -25.11
CA LYS C 508 -48.79 -38.79 -25.03
C LYS C 508 -48.70 -39.32 -23.59
N VAL C 509 -49.85 -39.78 -23.08
CA VAL C 509 -49.92 -40.32 -21.73
C VAL C 509 -49.37 -41.74 -21.73
N LYS C 510 -48.70 -42.10 -20.63
CA LYS C 510 -48.17 -43.44 -20.46
C LYS C 510 -48.46 -43.92 -19.04
N ILE C 511 -48.68 -45.22 -18.90
CA ILE C 511 -48.99 -45.84 -17.62
C ILE C 511 -47.74 -46.55 -17.12
N VAL C 512 -47.21 -46.08 -15.99
CA VAL C 512 -46.01 -46.64 -15.38
C VAL C 512 -46.36 -47.08 -13.96
N ASP C 513 -45.93 -48.30 -13.61
CA ASP C 513 -46.26 -48.85 -12.30
C ASP C 513 -45.67 -48.01 -11.17
N GLU C 514 -44.41 -47.59 -11.31
CA GLU C 514 -43.75 -46.80 -10.29
C GLU C 514 -42.98 -45.65 -10.95
N ILE C 515 -42.92 -44.53 -10.25
CA ILE C 515 -42.22 -43.33 -10.72
C ILE C 515 -41.06 -43.07 -9.78
N ALA C 516 -39.87 -42.85 -10.36
CA ALA C 516 -38.67 -42.64 -9.55
C ALA C 516 -38.84 -41.42 -8.65
N LYS C 517 -38.25 -41.58 -7.47
CA LYS C 517 -38.41 -40.54 -6.51
C LYS C 517 -37.08 -40.24 -5.94
N THR C 518 -36.88 -39.01 -5.53
CA THR C 518 -35.69 -38.64 -4.78
C THR C 518 -35.82 -39.12 -3.34
N SER C 519 -34.68 -39.47 -2.73
CA SER C 519 -34.70 -39.96 -1.35
C SER C 519 -35.30 -38.94 -0.40
N VAL C 520 -35.27 -37.66 -0.75
CA VAL C 520 -35.95 -36.64 0.05
C VAL C 520 -37.45 -36.86 0.04
N GLY C 521 -37.99 -37.31 -1.09
CA GLY C 521 -39.42 -37.57 -1.20
C GLY C 521 -40.11 -36.75 -2.26
N LYS C 522 -39.37 -36.38 -3.31
CA LYS C 522 -39.91 -35.58 -4.40
C LYS C 522 -39.76 -36.33 -5.71
N VAL C 523 -40.62 -36.00 -6.68
CA VAL C 523 -40.58 -36.64 -7.98
C VAL C 523 -39.29 -36.29 -8.68
N ASP C 524 -38.60 -37.31 -9.20
CA ASP C 524 -37.31 -37.14 -9.88
C ASP C 524 -37.57 -37.12 -11.38
N LYS C 525 -37.75 -35.91 -11.93
CA LYS C 525 -37.99 -35.77 -13.36
C LYS C 525 -36.71 -35.93 -14.16
N LYS C 526 -35.55 -35.54 -13.66
CA LYS C 526 -34.36 -35.63 -14.48
C LYS C 526 -33.99 -37.10 -14.63
N GLU C 527 -34.07 -37.87 -13.56
CA GLU C 527 -33.86 -39.31 -13.73
C GLU C 527 -34.89 -39.90 -14.67
N LEU C 528 -36.12 -39.40 -14.63
CA LEU C 528 -37.16 -39.89 -15.53
C LEU C 528 -36.81 -39.65 -17.00
N ARG C 529 -36.11 -38.55 -17.21
CA ARG C 529 -35.76 -38.12 -18.55
C ARG C 529 -34.57 -38.85 -19.15
N LYS C 530 -33.99 -39.78 -18.40
CA LYS C 530 -33.02 -40.73 -18.93
C LYS C 530 -33.68 -42.06 -19.31
N LEU C 531 -34.62 -42.53 -18.48
CA LEU C 531 -35.23 -43.84 -18.73
C LEU C 531 -36.00 -43.87 -20.03
N HIS C 532 -36.76 -42.81 -20.33
CA HIS C 532 -37.66 -42.80 -21.47
C HIS C 532 -37.17 -41.98 -22.64
N LEU C 533 -36.16 -41.14 -22.45
CA LEU C 533 -35.63 -40.32 -23.55
C LEU C 533 -34.23 -39.80 -23.24
N ASN D 6 -21.09 -1.14 -8.02
CA ASN D 6 -20.74 -1.79 -6.76
C ASN D 6 -20.90 -3.31 -6.87
N ASP D 7 -21.13 -3.95 -5.72
CA ASP D 7 -21.34 -5.39 -5.68
C ASP D 7 -22.81 -5.69 -5.44
N PRO D 8 -23.52 -6.27 -6.41
CA PRO D 8 -24.96 -6.54 -6.19
C PRO D 8 -25.24 -7.47 -5.03
N SER D 9 -24.35 -8.42 -4.75
CA SER D 9 -24.56 -9.34 -3.64
C SER D 9 -24.20 -8.72 -2.30
N ASN D 10 -23.51 -7.59 -2.27
CA ASN D 10 -23.19 -6.89 -1.04
C ASN D 10 -24.30 -5.89 -0.75
N TYR D 11 -25.21 -6.27 0.13
CA TYR D 11 -26.36 -5.42 0.45
C TYR D 11 -25.94 -4.28 1.35
N GLN D 12 -26.49 -3.10 1.08
CA GLN D 12 -26.24 -1.90 1.87
C GLN D 12 -27.54 -1.43 2.49
N LEU D 13 -27.52 -1.20 3.80
CA LEU D 13 -28.71 -0.75 4.53
C LEU D 13 -28.86 0.75 4.29
N LEU D 14 -29.74 1.12 3.37
CA LEU D 14 -29.96 2.51 2.99
C LEU D 14 -31.38 2.92 3.34
N ILE D 15 -31.56 4.23 3.48
CA ILE D 15 -32.89 4.79 3.78
C ILE D 15 -33.85 4.54 2.64
N LYS D 16 -33.35 4.50 1.41
CA LYS D 16 -34.21 4.29 0.25
C LYS D 16 -34.89 2.93 0.27
N ASN D 17 -34.33 1.96 1.01
CA ASN D 17 -34.97 0.66 1.14
C ASN D 17 -36.10 0.66 2.15
N LEU D 18 -36.18 1.69 3.00
CA LEU D 18 -37.29 1.82 3.93
C LEU D 18 -38.57 2.32 3.26
N LEU D 19 -38.44 2.94 2.08
CA LEU D 19 -39.57 3.52 1.36
C LEU D 19 -40.05 2.65 0.21
N PHE D 20 -39.13 1.99 -0.50
CA PHE D 20 -39.48 1.16 -1.65
C PHE D 20 -39.56 -0.32 -1.31
N SER D 21 -39.07 -0.73 -0.14
CA SER D 21 -39.21 -2.10 0.33
C SER D 21 -39.76 -2.08 1.76
N PRO D 22 -41.00 -1.64 1.94
CA PRO D 22 -41.56 -1.54 3.29
C PRO D 22 -42.20 -2.83 3.77
N VAL D 23 -42.69 -2.83 5.01
CA VAL D 23 -43.44 -3.98 5.51
C VAL D 23 -44.76 -4.11 4.78
N ALA D 24 -45.47 -3.00 4.60
CA ALA D 24 -46.71 -2.98 3.84
C ALA D 24 -46.74 -1.71 2.99
N PHE D 25 -47.54 -1.76 1.92
CA PHE D 25 -47.66 -0.63 1.01
C PHE D 25 -49.05 -0.66 0.38
N ASN D 26 -49.93 0.23 0.86
CA ASN D 26 -51.22 0.43 0.23
C ASN D 26 -51.17 1.72 -0.57
N PRO D 27 -51.28 1.67 -1.91
CA PRO D 27 -51.17 2.90 -2.71
C PRO D 27 -52.25 3.92 -2.42
N GLU D 28 -53.38 3.51 -1.84
CA GLU D 28 -54.49 4.42 -1.57
C GLU D 28 -54.51 4.92 -0.13
N GLN D 29 -53.51 4.59 0.67
CA GLN D 29 -53.42 5.11 2.03
C GLN D 29 -53.05 6.59 1.98
N GLU D 30 -53.60 7.36 2.92
CA GLU D 30 -53.53 8.81 2.88
C GLU D 30 -52.44 9.36 3.79
N ILE D 31 -51.77 10.41 3.32
CA ILE D 31 -50.99 11.31 4.15
C ILE D 31 -51.79 12.61 4.22
N VAL D 32 -52.06 13.06 5.45
CA VAL D 32 -52.94 14.19 5.69
C VAL D 32 -52.15 15.27 6.42
N TYR D 33 -52.13 16.47 5.85
CA TYR D 33 -51.68 17.67 6.53
C TYR D 33 -52.91 18.46 6.94
N ALA D 34 -52.99 18.79 8.23
CA ALA D 34 -54.24 19.14 8.90
C ALA D 34 -55.04 20.21 8.19
N ASN D 35 -56.21 19.82 7.67
CA ASN D 35 -57.16 20.72 7.01
C ASN D 35 -56.55 21.49 5.85
N HIS D 36 -55.36 21.09 5.39
CA HIS D 36 -54.69 21.74 4.28
C HIS D 36 -54.50 20.84 3.07
N ARG D 37 -54.16 19.57 3.28
CA ARG D 37 -53.80 18.73 2.15
C ARG D 37 -54.05 17.27 2.48
N ARG D 38 -54.43 16.50 1.47
CA ARG D 38 -54.54 15.05 1.57
C ARG D 38 -54.01 14.45 0.28
N HIS D 39 -53.18 13.41 0.39
CA HIS D 39 -52.71 12.76 -0.83
C HIS D 39 -52.26 11.34 -0.51
N SER D 40 -52.45 10.44 -1.48
CA SER D 40 -52.17 9.03 -1.26
C SER D 40 -50.66 8.78 -1.20
N TYR D 41 -50.30 7.51 -1.00
CA TYR D 41 -48.88 7.14 -0.93
C TYR D 41 -48.23 7.16 -2.30
N LYS D 42 -49.00 6.87 -3.36
CA LYS D 42 -48.47 6.94 -4.72
C LYS D 42 -48.00 8.35 -5.04
N THR D 43 -48.84 9.35 -4.76
CA THR D 43 -48.44 10.73 -4.98
C THR D 43 -47.34 11.15 -4.01
N PHE D 44 -47.26 10.53 -2.84
CA PHE D 44 -46.16 10.82 -1.93
C PHE D 44 -44.83 10.38 -2.52
N HIS D 45 -44.80 9.17 -3.11
CA HIS D 45 -43.59 8.71 -3.80
C HIS D 45 -43.27 9.60 -4.99
N ASP D 46 -44.30 9.99 -5.75
CA ASP D 46 -44.07 10.88 -6.89
C ASP D 46 -43.48 12.22 -6.44
N ARG D 47 -43.98 12.76 -5.34
CA ARG D 47 -43.46 14.02 -4.81
C ARG D 47 -42.04 13.86 -4.28
N VAL D 48 -41.73 12.70 -3.70
CA VAL D 48 -40.34 12.46 -3.27
C VAL D 48 -39.41 12.47 -4.46
N ARG D 49 -39.80 11.81 -5.56
CA ARG D 49 -38.97 11.81 -6.76
C ARG D 49 -38.87 13.22 -7.35
N GLN D 50 -39.97 13.97 -7.34
CA GLN D 50 -39.95 15.35 -7.84
C GLN D 50 -39.01 16.22 -7.01
N PHE D 51 -39.03 16.06 -5.69
CA PHE D 51 -38.14 16.83 -4.83
C PHE D 51 -36.69 16.42 -5.03
N ALA D 52 -36.43 15.15 -5.29
CA ALA D 52 -35.08 14.72 -5.64
C ALA D 52 -34.61 15.39 -6.92
N ASN D 53 -35.47 15.45 -7.93
CA ASN D 53 -35.13 16.13 -9.17
C ASN D 53 -34.87 17.61 -8.93
N ALA D 54 -35.72 18.26 -8.13
CA ALA D 54 -35.56 19.68 -7.85
C ALA D 54 -34.26 19.96 -7.12
N LEU D 55 -33.92 19.12 -6.13
CA LEU D 55 -32.65 19.29 -5.42
C LEU D 55 -31.47 19.09 -6.35
N THR D 56 -31.57 18.11 -7.26
CA THR D 56 -30.51 17.92 -8.24
C THR D 56 -30.35 19.15 -9.13
N LYS D 57 -31.47 19.81 -9.47
CA LYS D 57 -31.40 20.99 -10.30
C LYS D 57 -30.67 22.13 -9.62
N MET D 58 -30.81 22.27 -8.30
CA MET D 58 -30.10 23.32 -7.57
C MET D 58 -28.60 23.12 -7.53
N GLY D 59 -28.11 21.93 -7.88
CA GLY D 59 -26.71 21.62 -7.72
C GLY D 59 -26.35 20.94 -6.42
N VAL D 60 -27.33 20.42 -5.69
CA VAL D 60 -27.07 19.72 -4.44
C VAL D 60 -26.35 18.41 -4.76
N LYS D 61 -25.09 18.31 -4.37
CA LYS D 61 -24.28 17.14 -4.65
C LYS D 61 -24.44 16.10 -3.53
N LYS D 62 -23.59 15.08 -3.54
CA LYS D 62 -23.71 14.02 -2.55
C LYS D 62 -23.23 14.48 -1.17
N GLY D 63 -22.23 15.34 -1.12
CA GLY D 63 -21.71 15.79 0.16
C GLY D 63 -22.34 17.03 0.73
N ASP D 64 -23.37 17.57 0.10
CA ASP D 64 -23.94 18.85 0.52
C ASP D 64 -24.82 18.66 1.76
N THR D 65 -25.29 19.79 2.29
CA THR D 65 -26.15 19.82 3.46
C THR D 65 -27.34 20.73 3.20
N VAL D 66 -28.54 20.23 3.50
CA VAL D 66 -29.77 21.00 3.35
C VAL D 66 -30.41 21.12 4.72
N ALA D 67 -30.72 22.36 5.12
CA ALA D 67 -31.26 22.66 6.44
C ALA D 67 -32.74 23.02 6.34
N VAL D 68 -33.53 22.53 7.29
CA VAL D 68 -34.97 22.69 7.26
C VAL D 68 -35.44 23.41 8.53
N MET D 69 -36.32 24.39 8.36
CA MET D 69 -36.92 25.15 9.47
C MET D 69 -38.42 25.31 9.19
N ASP D 70 -39.18 24.28 9.61
CA ASP D 70 -40.62 24.30 9.58
C ASP D 70 -41.32 23.61 10.68
N TYR D 71 -42.64 23.59 10.63
CA TYR D 71 -43.42 22.79 11.58
C TYR D 71 -43.56 21.37 11.05
N ASP D 72 -44.58 20.67 11.44
CA ASP D 72 -44.78 19.31 11.02
C ASP D 72 -45.73 19.22 9.97
N SER D 73 -45.32 18.68 8.87
CA SER D 73 -46.10 18.66 7.72
C SER D 73 -45.66 17.60 6.82
N HIS D 74 -46.37 17.42 5.73
CA HIS D 74 -45.92 16.48 4.70
C HIS D 74 -44.59 16.90 4.10
N ARG D 75 -44.30 18.21 4.11
CA ARG D 75 -43.02 18.69 3.59
C ARG D 75 -41.86 18.14 4.41
N TYR D 76 -42.02 18.02 5.70
CA TYR D 76 -40.96 17.53 6.56
C TYR D 76 -40.80 16.05 6.40
N LEU D 77 -41.82 15.34 5.99
CA LEU D 77 -41.75 13.92 5.75
C LEU D 77 -41.12 13.66 4.48
N GLU D 78 -41.37 14.50 3.50
CA GLU D 78 -40.67 14.33 2.23
C GLU D 78 -39.20 14.71 2.34
N CYS D 79 -38.88 15.68 3.21
CA CYS D 79 -37.48 16.03 3.44
C CYS D 79 -36.74 14.95 4.21
N TYR D 80 -37.45 14.22 5.08
CA TYR D 80 -36.84 13.12 5.82
C TYR D 80 -36.37 12.00 4.90
N PHE D 81 -36.86 11.96 3.66
CA PHE D 81 -36.54 10.89 2.73
C PHE D 81 -35.74 11.35 1.53
N ALA D 82 -36.18 12.40 0.83
CA ALA D 82 -35.54 12.79 -0.42
C ALA D 82 -34.10 13.24 -0.20
N ILE D 83 -33.86 14.08 0.81
CA ILE D 83 -32.53 14.63 1.04
C ILE D 83 -31.53 13.52 1.40
N PRO D 84 -31.82 12.65 2.37
CA PRO D 84 -30.88 11.53 2.61
C PRO D 84 -30.73 10.59 1.43
N MET D 85 -31.67 10.33 0.57
CA MET D 85 -31.60 9.42 -0.49
C MET D 85 -30.77 9.92 -1.55
N ILE D 86 -30.65 11.21 -1.79
CA ILE D 86 -29.69 11.73 -2.78
C ILE D 86 -28.26 11.48 -2.30
N GLY D 87 -28.02 11.62 -1.02
CA GLY D 87 -26.68 11.47 -0.47
C GLY D 87 -26.32 12.62 0.44
N ALA D 88 -27.01 13.74 0.27
CA ALA D 88 -26.75 14.93 1.06
C ALA D 88 -27.22 14.73 2.50
N LYS D 89 -26.72 15.60 3.38
CA LYS D 89 -27.09 15.56 4.78
C LYS D 89 -28.31 16.44 5.04
N LEU D 90 -29.09 16.05 6.03
CA LEU D 90 -30.27 16.79 6.45
C LEU D 90 -29.99 17.41 7.81
N HIS D 91 -30.16 18.73 7.89
CA HIS D 91 -29.92 19.49 9.12
C HIS D 91 -31.25 19.96 9.66
N MET D 92 -31.71 19.33 10.74
CA MET D 92 -32.92 19.75 11.44
C MET D 92 -32.53 20.85 12.41
N ILE D 93 -33.05 22.05 12.18
CA ILE D 93 -32.68 23.22 12.99
C ILE D 93 -33.69 23.39 14.11
N ASN D 94 -33.20 23.39 15.34
CA ASN D 94 -34.04 23.58 16.52
C ASN D 94 -34.57 25.02 16.52
N VAL D 95 -35.85 25.18 16.24
CA VAL D 95 -36.44 26.51 16.16
C VAL D 95 -36.45 27.19 17.53
N ARG D 96 -36.65 26.44 18.56
CA ARG D 96 -36.79 27.00 19.85
C ARG D 96 -35.55 27.56 20.44
N LEU D 97 -34.39 27.37 19.83
CA LEU D 97 -33.16 28.00 20.27
C LEU D 97 -33.17 29.49 19.98
N SER D 98 -32.31 30.22 20.69
CA SER D 98 -32.14 31.64 20.44
C SER D 98 -31.51 31.86 19.07
N PRO D 99 -31.79 33.00 18.44
CA PRO D 99 -31.23 33.25 17.10
C PRO D 99 -29.71 33.20 17.04
N GLU D 100 -29.02 33.57 18.12
CA GLU D 100 -27.56 33.46 18.13
C GLU D 100 -27.13 31.99 18.03
N GLN D 101 -27.80 31.11 18.78
CA GLN D 101 -27.48 29.69 18.71
C GLN D 101 -27.83 29.12 17.35
N ILE D 102 -28.93 29.58 16.75
CA ILE D 102 -29.28 29.14 15.39
C ILE D 102 -28.21 29.57 14.40
N LEU D 103 -27.72 30.81 14.54
CA LEU D 103 -26.62 31.27 13.69
C LEU D 103 -25.40 30.39 13.87
N TYR D 104 -25.06 30.06 15.12
CA TYR D 104 -23.89 29.23 15.37
C TYR D 104 -24.03 27.86 14.71
N THR D 105 -25.21 27.24 14.85
CA THR D 105 -25.42 25.92 14.26
C THR D 105 -25.37 25.99 12.74
N ILE D 106 -25.97 27.03 12.15
CA ILE D 106 -25.97 27.15 10.69
C ILE D 106 -24.55 27.32 10.17
N ASP D 107 -23.75 28.17 10.83
CA ASP D 107 -22.37 28.36 10.39
C ASP D 107 -21.51 27.13 10.65
N HIS D 108 -21.78 26.39 11.72
CA HIS D 108 -21.02 25.20 12.04
C HIS D 108 -21.28 24.08 11.04
N ALA D 109 -22.55 23.87 10.69
CA ALA D 109 -22.89 22.80 9.75
C ALA D 109 -22.55 23.16 8.31
N GLU D 110 -22.40 24.45 8.00
CA GLU D 110 -22.10 24.92 6.64
C GLU D 110 -23.15 24.44 5.64
N ASP D 111 -24.38 24.89 5.88
CA ASP D 111 -25.50 24.53 5.02
C ASP D 111 -25.41 25.24 3.69
N ASP D 112 -26.06 24.70 2.67
CA ASP D 112 -26.12 25.27 1.37
C ASP D 112 -27.46 25.74 1.01
N ILE D 113 -28.50 24.93 1.15
CA ILE D 113 -29.88 25.36 0.95
C ILE D 113 -30.57 25.43 2.30
N ILE D 114 -31.52 26.34 2.43
CA ILE D 114 -32.31 26.49 3.65
C ILE D 114 -33.78 26.52 3.27
N LEU D 115 -34.54 25.56 3.78
CA LEU D 115 -35.99 25.54 3.65
C LEU D 115 -36.58 26.09 4.95
N ILE D 116 -37.17 27.28 4.88
CA ILE D 116 -37.64 27.99 6.05
C ILE D 116 -39.10 28.34 5.87
N HIS D 117 -39.92 28.06 6.89
CA HIS D 117 -41.32 28.43 6.87
C HIS D 117 -41.47 29.94 6.99
N GLU D 118 -42.63 30.43 6.54
CA GLU D 118 -42.87 31.87 6.54
C GLU D 118 -42.84 32.45 7.96
N GLU D 119 -43.43 31.73 8.92
CA GLU D 119 -43.52 32.24 10.28
C GLU D 119 -42.16 32.42 10.93
N PHE D 120 -41.12 31.77 10.42
CA PHE D 120 -39.78 31.91 10.96
C PHE D 120 -38.95 32.96 10.22
N LEU D 121 -39.56 33.68 9.27
CA LEU D 121 -38.85 34.76 8.61
C LEU D 121 -38.36 35.85 9.55
N PRO D 122 -39.13 36.33 10.54
CA PRO D 122 -38.59 37.36 11.44
C PRO D 122 -37.33 36.95 12.16
N ILE D 123 -37.16 35.66 12.48
CA ILE D 123 -35.91 35.21 13.08
C ILE D 123 -34.76 35.37 12.10
N LEU D 124 -34.95 34.91 10.86
CA LEU D 124 -33.89 34.99 9.85
C LEU D 124 -33.52 36.44 9.57
N ASP D 125 -34.45 37.38 9.74
CA ASP D 125 -34.13 38.78 9.56
C ASP D 125 -33.06 39.24 10.55
N GLN D 126 -33.11 38.73 11.77
CA GLN D 126 -32.07 39.06 12.76
C GLN D 126 -30.76 38.36 12.49
N ILE D 127 -30.57 37.56 11.51
CA ILE D 127 -29.40 36.75 11.41
C ILE D 127 -28.95 36.71 9.99
N LYS D 128 -29.82 36.83 8.98
CA LYS D 128 -29.40 36.64 7.59
C LYS D 128 -28.15 37.44 7.26
N GLY D 129 -27.94 38.57 7.94
CA GLY D 129 -26.78 39.40 7.64
C GLY D 129 -25.45 38.71 7.91
N ARG D 130 -25.38 37.92 8.96
CA ARG D 130 -24.15 37.25 9.36
C ARG D 130 -24.05 35.82 8.81
N ILE D 131 -25.02 35.38 8.02
CA ILE D 131 -25.02 34.02 7.47
C ILE D 131 -24.21 34.02 6.19
N ASP D 132 -23.20 33.15 6.13
CA ASP D 132 -22.46 32.87 4.92
C ASP D 132 -22.69 31.41 4.54
N THR D 133 -22.12 31.02 3.40
CA THR D 133 -22.13 29.67 2.83
C THR D 133 -23.51 29.23 2.38
N VAL D 134 -24.56 30.03 2.59
CA VAL D 134 -25.92 29.69 2.19
C VAL D 134 -26.26 30.48 0.94
N THR D 135 -26.64 29.77 -0.13
CA THR D 135 -26.89 30.38 -1.42
C THR D 135 -28.37 30.65 -1.66
N ARG D 136 -29.23 29.65 -1.48
CA ARG D 136 -30.64 29.75 -1.81
C ARG D 136 -31.50 29.62 -0.56
N TYR D 137 -32.51 30.48 -0.46
CA TYR D 137 -33.52 30.40 0.58
C TYR D 137 -34.86 30.07 -0.05
N VAL D 138 -35.50 29.00 0.42
CA VAL D 138 -36.80 28.57 -0.05
C VAL D 138 -37.81 28.80 1.06
N VAL D 139 -38.87 29.54 0.76
CA VAL D 139 -39.87 29.92 1.75
C VAL D 139 -41.07 29.00 1.60
N LEU D 140 -41.42 28.30 2.68
CA LEU D 140 -42.53 27.38 2.70
C LEU D 140 -43.77 28.08 3.28
N ARG D 141 -44.90 27.96 2.58
CA ARG D 141 -46.15 28.53 3.01
C ARG D 141 -47.24 27.46 2.98
N ASP D 142 -48.34 27.74 3.66
CA ASP D 142 -49.47 26.83 3.73
C ASP D 142 -50.52 27.09 2.65
N ASP D 143 -50.33 28.10 1.82
CA ASP D 143 -51.24 28.43 0.73
C ASP D 143 -50.66 27.92 -0.59
N GLU D 144 -51.32 28.29 -1.69
CA GLU D 144 -50.92 27.82 -3.02
C GLU D 144 -49.68 28.53 -3.56
N GLU D 145 -49.22 29.60 -2.91
CA GLU D 145 -48.06 30.35 -3.37
C GLU D 145 -46.76 29.88 -2.72
N CYS D 146 -46.75 28.69 -2.14
CA CYS D 146 -45.52 28.15 -1.56
C CYS D 146 -44.47 27.93 -2.64
N GLU D 147 -43.22 28.27 -2.31
CA GLU D 147 -42.13 28.05 -3.25
C GLU D 147 -41.73 26.59 -3.36
N TYR D 148 -41.92 25.81 -2.29
CA TYR D 148 -41.66 24.38 -2.36
C TYR D 148 -42.58 23.70 -3.37
N GLU D 149 -43.88 24.02 -3.31
CA GLU D 149 -44.81 23.47 -4.28
C GLU D 149 -44.50 23.95 -5.69
N ARG D 150 -44.18 25.23 -5.84
CA ARG D 150 -43.87 25.76 -7.17
C ARG D 150 -42.61 25.14 -7.76
N LEU D 151 -41.65 24.75 -6.92
CA LEU D 151 -40.48 24.04 -7.40
C LEU D 151 -40.74 22.56 -7.64
N LEU D 152 -41.74 21.97 -6.95
CA LEU D 152 -42.11 20.60 -7.22
C LEU D 152 -42.84 20.47 -8.56
N GLU D 153 -43.71 21.43 -8.89
CA GLU D 153 -44.54 21.33 -10.07
C GLU D 153 -43.72 21.34 -11.36
N GLN D 154 -42.51 21.88 -11.35
CA GLN D 154 -41.71 22.01 -12.56
C GLN D 154 -40.84 20.80 -12.83
N GLU D 155 -40.85 19.79 -11.96
CA GLU D 155 -40.02 18.61 -12.12
C GLU D 155 -40.88 17.40 -12.51
N SER D 156 -40.20 16.29 -12.78
CA SER D 156 -40.85 15.06 -13.18
C SER D 156 -40.86 14.07 -12.02
N THR D 157 -41.79 13.12 -12.10
CA THR D 157 -41.98 12.11 -11.07
C THR D 157 -41.13 10.87 -11.29
N GLU D 158 -40.01 11.00 -12.00
CA GLU D 158 -39.13 9.87 -12.28
C GLU D 158 -37.71 10.21 -11.84
N TYR D 159 -37.10 9.29 -11.09
CA TYR D 159 -35.74 9.48 -10.60
C TYR D 159 -35.14 8.11 -10.31
N ASN D 160 -33.83 8.02 -10.48
CA ASN D 160 -33.07 6.81 -10.17
C ASN D 160 -32.15 7.13 -9.01
N PHE D 161 -32.52 6.69 -7.81
CA PHE D 161 -31.74 7.00 -6.63
C PHE D 161 -30.45 6.18 -6.62
N PRO D 162 -29.32 6.81 -6.30
CA PRO D 162 -28.04 6.09 -6.38
C PRO D 162 -27.88 5.10 -5.23
N ASP D 163 -26.87 4.25 -5.37
CA ASP D 163 -26.45 3.33 -4.33
C ASP D 163 -25.06 3.74 -3.86
N PHE D 164 -24.92 3.98 -2.56
CA PHE D 164 -23.66 4.38 -1.97
C PHE D 164 -23.40 3.55 -0.73
N ASP D 165 -22.33 3.89 -0.02
CA ASP D 165 -21.99 3.19 1.22
C ASP D 165 -23.06 3.44 2.27
N GLU D 166 -23.35 2.42 3.08
CA GLU D 166 -24.33 2.55 4.14
C GLU D 166 -23.83 3.38 5.30
N ASN D 167 -22.54 3.73 5.32
CA ASN D 167 -21.96 4.54 6.39
C ASN D 167 -21.89 6.02 6.03
N THR D 168 -22.73 6.47 5.11
CA THR D 168 -22.79 7.88 4.75
C THR D 168 -23.75 8.62 5.67
N VAL D 169 -23.33 9.79 6.16
CA VAL D 169 -24.13 10.55 7.10
C VAL D 169 -25.43 11.02 6.44
N ALA D 170 -26.52 10.94 7.19
CA ALA D 170 -27.85 11.30 6.69
C ALA D 170 -28.47 12.48 7.43
N THR D 171 -28.34 12.55 8.75
CA THR D 171 -29.02 13.58 9.53
C THR D 171 -28.07 14.18 10.56
N THR D 172 -28.39 15.40 10.98
CA THR D 172 -27.68 16.13 12.02
C THR D 172 -28.63 17.15 12.62
N PHE D 173 -28.65 17.28 13.95
CA PHE D 173 -29.58 18.22 14.56
C PHE D 173 -29.06 19.01 15.76
N TYR D 174 -27.81 18.93 16.08
CA TYR D 174 -27.30 19.87 17.13
C TYR D 174 -27.99 19.96 18.36
N THR D 175 -27.77 18.97 19.14
CA THR D 175 -28.27 19.03 20.52
C THR D 175 -27.55 20.12 21.31
N THR D 176 -28.08 20.53 22.42
CA THR D 176 -27.58 21.63 23.22
C THR D 176 -27.64 21.41 24.71
N GLY D 177 -26.75 20.61 25.24
CA GLY D 177 -26.72 20.24 26.65
C GLY D 177 -26.13 21.34 27.51
N THR D 178 -25.13 20.99 28.32
CA THR D 178 -24.39 21.97 29.13
C THR D 178 -22.94 21.95 28.67
N THR D 179 -22.65 22.70 27.61
CA THR D 179 -21.31 22.76 27.05
C THR D 179 -20.85 24.16 26.68
N GLY D 180 -21.72 25.16 26.72
CA GLY D 180 -21.36 26.50 26.28
C GLY D 180 -21.81 26.77 24.87
N PHE D 181 -21.67 25.78 24.00
CA PHE D 181 -22.13 25.85 22.62
C PHE D 181 -22.85 24.56 22.28
N PRO D 182 -23.80 24.60 21.33
CA PRO D 182 -24.47 23.37 20.91
C PRO D 182 -23.49 22.37 20.31
N LYS D 183 -23.78 21.10 20.53
CA LYS D 183 -22.94 20.01 20.05
C LYS D 183 -23.68 19.25 18.95
N GLY D 184 -22.98 18.97 17.85
CA GLY D 184 -23.60 18.33 16.70
C GLY D 184 -23.47 16.83 16.74
N VAL D 185 -24.60 16.14 16.60
CA VAL D 185 -24.67 14.69 16.60
C VAL D 185 -25.21 14.25 15.24
N PHE D 186 -24.60 13.22 14.66
CA PHE D 186 -24.95 12.76 13.33
C PHE D 186 -25.15 11.25 13.31
N PHE D 187 -25.94 10.79 12.34
CA PHE D 187 -26.25 9.38 12.17
C PHE D 187 -26.13 9.02 10.70
N THR D 188 -25.99 7.72 10.42
CA THR D 188 -25.82 7.23 9.07
C THR D 188 -27.08 6.48 8.62
N HIS D 189 -27.06 6.06 7.36
CA HIS D 189 -28.18 5.29 6.82
C HIS D 189 -28.34 3.96 7.55
N ARG D 190 -27.22 3.28 7.78
CA ARG D 190 -27.24 2.00 8.48
C ARG D 190 -27.83 2.15 9.89
N GLN D 191 -27.42 3.20 10.60
CA GLN D 191 -27.91 3.40 11.96
C GLN D 191 -29.40 3.64 12.00
N LEU D 192 -29.93 4.45 11.07
CA LEU D 192 -31.36 4.74 11.05
C LEU D 192 -32.18 3.50 10.67
N VAL D 193 -31.70 2.74 9.68
CA VAL D 193 -32.41 1.52 9.29
C VAL D 193 -32.40 0.52 10.44
N LEU D 194 -31.26 0.36 11.10
CA LEU D 194 -31.20 -0.54 12.24
C LEU D 194 -32.10 -0.07 13.37
N HIS D 195 -32.18 1.24 13.58
CA HIS D 195 -33.05 1.78 14.62
C HIS D 195 -34.51 1.43 14.35
N THR D 196 -34.99 1.71 13.13
CA THR D 196 -36.39 1.43 12.84
C THR D 196 -36.69 -0.06 12.90
N MET D 197 -35.77 -0.89 12.37
CA MET D 197 -35.98 -2.34 12.45
C MET D 197 -36.03 -2.82 13.90
N GLY D 198 -35.07 -2.41 14.73
CA GLY D 198 -34.99 -2.89 16.08
C GLY D 198 -36.08 -2.38 17.00
N ILE D 199 -36.68 -1.23 16.68
CA ILE D 199 -37.80 -0.77 17.48
C ILE D 199 -39.12 -1.38 16.99
N LEU D 200 -39.28 -1.55 15.67
CA LEU D 200 -40.47 -2.23 15.18
C LEU D 200 -40.50 -3.68 15.64
N SER D 201 -39.34 -4.32 15.79
CA SER D 201 -39.30 -5.69 16.25
C SER D 201 -39.49 -5.82 17.76
N THR D 202 -39.41 -4.72 18.52
CA THR D 202 -39.57 -4.80 19.97
C THR D 202 -40.88 -4.23 20.48
N ILE D 203 -41.51 -3.30 19.76
CA ILE D 203 -42.81 -2.79 20.20
C ILE D 203 -43.97 -3.38 19.41
N GLY D 204 -43.73 -3.86 18.18
CA GLY D 204 -44.78 -4.53 17.44
C GLY D 204 -45.11 -5.91 17.95
N THR D 205 -44.18 -6.53 18.68
CA THR D 205 -44.31 -7.91 19.14
C THR D 205 -44.95 -8.03 20.51
N ASN D 206 -45.42 -6.97 21.10
CA ASN D 206 -46.07 -7.09 22.36
C ASN D 206 -47.35 -7.82 22.26
N ALA D 207 -47.86 -8.38 23.31
CA ALA D 207 -49.04 -9.23 23.29
C ALA D 207 -50.31 -8.40 23.10
N SER D 208 -50.60 -7.51 24.05
CA SER D 208 -51.84 -6.73 23.98
C SER D 208 -51.69 -5.26 24.34
N GLN D 209 -50.57 -4.82 24.92
CA GLN D 209 -50.45 -3.46 25.43
C GLN D 209 -49.37 -2.71 24.66
N GLY D 210 -49.71 -1.49 24.22
CA GLY D 210 -48.73 -0.57 23.67
C GLY D 210 -47.98 -1.06 22.47
N ARG D 211 -48.68 -1.63 21.50
CA ARG D 211 -48.06 -2.14 20.28
C ARG D 211 -48.46 -1.29 19.09
N LEU D 212 -47.51 -1.05 18.20
CA LEU D 212 -47.75 -0.32 16.96
C LEU D 212 -47.80 -1.33 15.82
N HIS D 213 -48.98 -1.50 15.23
CA HIS D 213 -49.20 -2.45 14.16
C HIS D 213 -49.65 -1.70 12.89
N GLN D 214 -50.00 -2.47 11.86
CA GLN D 214 -50.32 -1.90 10.56
C GLN D 214 -51.70 -1.28 10.49
N GLY D 215 -52.54 -1.50 11.51
CA GLY D 215 -53.86 -0.92 11.55
C GLY D 215 -53.97 0.41 12.25
N ASP D 216 -52.86 0.97 12.71
CA ASP D 216 -52.86 2.19 13.49
C ASP D 216 -52.89 3.42 12.57
N ILE D 217 -53.19 4.57 13.18
CA ILE D 217 -53.15 5.87 12.51
C ILE D 217 -52.22 6.77 13.31
N TYR D 218 -51.18 7.29 12.66
CA TYR D 218 -50.06 7.92 13.31
C TYR D 218 -50.23 9.43 13.35
N MET D 219 -49.74 10.04 14.43
CA MET D 219 -49.68 11.48 14.64
C MET D 219 -48.45 11.86 15.47
N PRO D 220 -47.61 12.76 14.99
CA PRO D 220 -46.54 13.29 15.85
C PRO D 220 -47.00 14.53 16.62
N ILE D 221 -46.78 14.53 17.93
CA ILE D 221 -47.08 15.70 18.75
C ILE D 221 -45.78 16.15 19.41
N THR D 222 -44.66 15.85 18.77
CA THR D 222 -43.33 16.30 19.17
C THR D 222 -42.77 17.21 18.07
N PRO D 223 -41.80 18.06 18.41
CA PRO D 223 -41.33 19.06 17.43
C PRO D 223 -40.86 18.46 16.11
N MET D 224 -40.49 17.18 16.07
CA MET D 224 -40.20 16.44 14.85
C MET D 224 -38.87 16.87 14.27
N PHE D 225 -38.28 17.92 14.83
CA PHE D 225 -36.89 18.25 14.58
C PHE D 225 -35.99 17.98 15.78
N HIS D 226 -36.56 17.59 16.92
CA HIS D 226 -35.75 17.35 18.10
C HIS D 226 -34.77 16.21 17.87
N VAL D 227 -35.27 14.99 17.74
CA VAL D 227 -34.45 13.90 17.24
C VAL D 227 -35.30 12.97 16.37
N HIS D 228 -35.24 13.18 15.04
CA HIS D 228 -35.94 12.36 14.05
C HIS D 228 -37.40 12.10 14.42
N ALA D 229 -37.99 12.97 15.23
CA ALA D 229 -39.28 12.69 15.85
C ALA D 229 -39.30 11.30 16.48
N TRP D 230 -38.28 11.05 17.31
CA TRP D 230 -38.07 9.76 17.97
C TRP D 230 -38.07 8.60 16.99
N GLY D 231 -37.75 8.88 15.72
CA GLY D 231 -37.70 7.87 14.69
C GLY D 231 -39.04 7.35 14.21
N LEU D 232 -40.14 7.88 14.74
CA LEU D 232 -41.45 7.28 14.45
C LEU D 232 -41.94 7.56 13.02
N PRO D 233 -41.68 8.72 12.43
CA PRO D 233 -42.06 8.90 11.02
C PRO D 233 -41.44 7.89 10.07
N TYR D 234 -40.21 7.44 10.35
CA TYR D 234 -39.61 6.39 9.53
C TYR D 234 -40.33 5.05 9.71
N MET D 235 -40.80 4.77 10.92
CA MET D 235 -41.49 3.51 11.17
C MET D 235 -42.90 3.54 10.59
N ALA D 236 -43.61 4.65 10.77
CA ALA D 236 -45.00 4.73 10.31
C ALA D 236 -45.12 4.55 8.81
N THR D 237 -44.17 5.07 8.04
CA THR D 237 -44.19 4.88 6.60
C THR D 237 -43.76 3.48 6.19
N MET D 238 -43.04 2.76 7.05
CA MET D 238 -42.68 1.39 6.71
C MET D 238 -43.86 0.44 6.89
N LEU D 239 -44.70 0.71 7.89
CA LEU D 239 -45.93 -0.06 8.05
C LEU D 239 -47.00 0.34 7.05
N GLY D 240 -46.82 1.45 6.35
CA GLY D 240 -47.81 1.91 5.40
C GLY D 240 -49.11 2.36 6.04
N VAL D 241 -49.04 2.97 7.21
CA VAL D 241 -50.23 3.38 7.94
C VAL D 241 -50.60 4.80 7.55
N LYS D 242 -51.84 5.18 7.84
CA LYS D 242 -52.29 6.55 7.64
C LYS D 242 -51.55 7.47 8.60
N GLN D 243 -51.12 8.63 8.09
CA GLN D 243 -50.36 9.59 8.87
C GLN D 243 -51.09 10.93 8.83
N VAL D 244 -51.19 11.58 10.00
CA VAL D 244 -51.82 12.89 10.11
C VAL D 244 -50.84 13.83 10.78
N TYR D 245 -50.64 15.00 10.16
CA TYR D 245 -49.71 16.00 10.68
C TYR D 245 -50.49 17.24 11.08
N PRO D 246 -50.39 17.69 12.33
CA PRO D 246 -51.27 18.77 12.80
C PRO D 246 -50.76 20.18 12.51
N GLY D 247 -49.45 20.35 12.42
CA GLY D 247 -48.89 21.67 12.17
C GLY D 247 -48.38 22.39 13.41
N LYS D 248 -49.18 23.32 13.94
CA LYS D 248 -48.72 24.28 14.93
C LYS D 248 -48.99 23.84 16.38
N TYR D 249 -49.52 22.69 16.64
CA TYR D 249 -49.79 22.23 18.00
C TYR D 249 -50.72 23.09 18.74
N VAL D 250 -51.93 23.16 18.27
CA VAL D 250 -53.00 23.84 18.99
C VAL D 250 -53.91 22.78 19.58
N PRO D 251 -54.14 22.76 20.91
CA PRO D 251 -54.99 21.71 21.49
C PRO D 251 -56.39 21.66 20.89
N ASP D 252 -56.96 22.83 20.55
CA ASP D 252 -58.29 22.85 19.96
C ASP D 252 -58.31 22.15 18.62
N VAL D 253 -57.18 22.11 17.96
CA VAL D 253 -57.08 21.55 16.63
C VAL D 253 -56.62 20.20 16.76
N LEU D 254 -55.80 19.92 17.72
CA LEU D 254 -55.30 18.56 17.95
C LEU D 254 -56.42 17.61 18.34
N LEU D 255 -57.29 18.05 19.26
CA LEU D 255 -58.41 17.20 19.68
C LEU D 255 -59.37 16.97 18.51
N ASN D 256 -59.64 18.00 17.72
CA ASN D 256 -60.52 17.85 16.56
C ASN D 256 -59.94 16.86 15.56
N LEU D 257 -58.63 16.95 15.31
CA LEU D 257 -57.98 16.02 14.39
C LEU D 257 -58.02 14.60 14.92
N ILE D 258 -57.77 14.41 16.21
CA ILE D 258 -57.78 13.07 16.79
C ILE D 258 -59.16 12.46 16.71
N GLU D 259 -60.20 13.24 17.01
CA GLU D 259 -61.56 12.72 16.95
C GLU D 259 -62.02 12.49 15.52
N GLN D 260 -61.56 13.33 14.58
CA GLN D 260 -62.06 13.25 13.21
C GLN D 260 -61.27 12.25 12.38
N GLU D 261 -59.94 12.27 12.47
CA GLU D 261 -59.11 11.33 11.73
C GLU D 261 -58.96 10.00 12.47
N LYS D 262 -59.51 9.88 13.68
CA LYS D 262 -59.47 8.64 14.45
C LYS D 262 -58.04 8.17 14.69
N VAL D 263 -57.22 9.08 15.21
CA VAL D 263 -55.82 8.76 15.50
C VAL D 263 -55.75 7.79 16.66
N THR D 264 -54.90 6.77 16.54
CA THR D 264 -54.76 5.74 17.55
C THR D 264 -53.36 5.63 18.13
N PHE D 265 -52.35 6.27 17.54
CA PHE D 265 -50.99 6.19 18.05
C PHE D 265 -50.33 7.54 17.90
N SER D 266 -49.72 8.04 18.96
CA SER D 266 -49.05 9.33 18.94
C SER D 266 -47.98 9.35 20.04
N HIS D 267 -47.31 10.49 20.16
CA HIS D 267 -46.27 10.66 21.17
C HIS D 267 -46.10 12.14 21.45
N CYS D 268 -45.95 12.49 22.72
CA CYS D 268 -45.90 13.90 23.12
C CYS D 268 -45.03 14.04 24.36
N VAL D 269 -45.15 15.17 25.02
CA VAL D 269 -44.40 15.48 26.24
C VAL D 269 -45.41 15.69 27.36
N PRO D 270 -44.99 15.59 28.62
CA PRO D 270 -45.95 15.70 29.73
C PRO D 270 -46.73 17.01 29.76
N THR D 271 -46.17 18.11 29.27
CA THR D 271 -46.91 19.37 29.27
C THR D 271 -48.01 19.37 28.22
N ILE D 272 -47.71 18.86 27.03
CA ILE D 272 -48.71 18.81 25.97
C ILE D 272 -49.87 17.89 26.35
N LEU D 273 -49.55 16.73 26.95
CA LEU D 273 -50.60 15.83 27.37
C LEU D 273 -51.49 16.46 28.45
N HIS D 274 -50.88 17.17 29.39
CA HIS D 274 -51.66 17.85 30.42
C HIS D 274 -52.55 18.92 29.80
N LEU D 275 -52.03 19.67 28.82
CA LEU D 275 -52.84 20.66 28.13
C LEU D 275 -54.01 20.02 27.41
N LEU D 276 -53.78 18.88 26.74
CA LEU D 276 -54.86 18.20 26.03
C LEU D 276 -55.92 17.69 27.00
N LEU D 277 -55.50 17.13 28.14
CA LEU D 277 -56.47 16.60 29.09
C LEU D 277 -57.26 17.72 29.77
N SER D 278 -56.64 18.81 30.14
CA SER D 278 -57.36 19.82 30.84
C SER D 278 -58.15 20.70 29.94
N SER D 279 -58.03 20.58 28.62
CA SER D 279 -58.87 21.34 27.71
C SER D 279 -60.34 21.00 27.99
N PRO D 280 -61.25 22.03 27.91
CA PRO D 280 -62.66 21.64 28.04
C PRO D 280 -63.31 21.17 26.73
N LYS D 281 -62.53 20.88 25.71
CA LYS D 281 -63.08 20.31 24.50
C LYS D 281 -62.73 18.84 24.56
N SER D 282 -62.42 18.34 25.76
CA SER D 282 -62.04 16.96 25.93
C SER D 282 -62.87 16.25 26.97
N LYS D 283 -63.98 16.84 27.40
CA LYS D 283 -64.77 16.24 28.44
C LYS D 283 -65.78 15.34 27.93
N ALA D 284 -66.17 15.50 26.71
CA ALA D 284 -67.09 14.57 26.05
C ALA D 284 -66.41 13.83 24.91
N MET D 285 -65.08 13.81 24.88
CA MET D 285 -64.33 13.19 23.80
C MET D 285 -63.90 11.79 24.18
N ASP D 286 -64.05 10.86 23.24
CA ASP D 286 -63.76 9.45 23.47
C ASP D 286 -62.27 9.21 23.20
N PHE D 287 -61.54 8.83 24.24
CA PHE D 287 -60.10 8.63 24.17
C PHE D 287 -59.69 7.16 24.23
N SER D 288 -60.64 6.23 24.26
CA SER D 288 -60.30 4.83 24.49
C SER D 288 -59.83 4.14 23.21
N GLY D 289 -58.94 4.78 22.46
CA GLY D 289 -58.29 4.16 21.33
C GLY D 289 -56.87 4.66 21.14
N TRP D 290 -56.37 5.40 22.12
CA TRP D 290 -55.17 6.21 21.98
C TRP D 290 -54.00 5.58 22.72
N LYS D 291 -52.80 5.76 22.18
CA LYS D 291 -51.58 5.10 22.64
C LYS D 291 -50.43 6.09 22.75
N VAL D 292 -50.55 7.08 23.59
CA VAL D 292 -49.45 7.97 23.79
C VAL D 292 -48.18 7.50 24.44
N VAL D 293 -47.04 7.62 23.80
CA VAL D 293 -45.76 7.36 24.42
C VAL D 293 -45.17 8.68 24.86
N ILE D 294 -45.32 9.04 26.11
CA ILE D 294 -44.80 10.24 26.76
C ILE D 294 -43.37 9.92 27.18
N GLY D 295 -42.43 10.21 26.28
CA GLY D 295 -41.03 9.95 26.55
C GLY D 295 -40.19 11.21 26.56
N GLY D 296 -40.83 12.36 26.76
CA GLY D 296 -40.11 13.61 26.78
C GLY D 296 -39.16 13.73 27.95
N ALA D 297 -39.70 13.87 29.17
CA ALA D 297 -38.87 13.92 30.37
C ALA D 297 -39.74 13.68 31.59
N ALA D 298 -39.50 12.56 32.28
CA ALA D 298 -40.00 12.34 33.64
C ALA D 298 -41.53 12.47 33.72
N LEU D 299 -42.20 11.51 33.08
CA LEU D 299 -43.65 11.42 33.13
C LEU D 299 -44.12 11.35 34.58
N PRO D 300 -44.88 12.33 35.05
CA PRO D 300 -45.35 12.31 36.44
C PRO D 300 -46.36 11.19 36.68
N LYS D 301 -46.44 10.76 37.94
CA LYS D 301 -47.36 9.69 38.31
C LYS D 301 -48.81 10.16 38.33
N ALA D 302 -49.04 11.37 38.85
CA ALA D 302 -50.41 11.88 38.93
C ALA D 302 -51.01 12.10 37.54
N LEU D 303 -50.22 12.64 36.62
CA LEU D 303 -50.69 12.82 35.25
C LEU D 303 -50.97 11.48 34.59
N CYS D 304 -50.12 10.48 34.84
CA CYS D 304 -50.35 9.15 34.29
C CYS D 304 -51.64 8.55 34.84
N LYS D 305 -51.91 8.73 36.13
CA LYS D 305 -53.16 8.24 36.72
C LYS D 305 -54.36 8.95 36.11
N SER D 306 -54.27 10.27 35.94
CA SER D 306 -55.38 11.03 35.36
C SER D 306 -55.66 10.58 33.93
N ALA D 307 -54.59 10.32 33.16
CA ALA D 307 -54.78 9.82 31.80
C ALA D 307 -55.36 8.41 31.79
N LEU D 308 -54.92 7.56 32.72
CA LEU D 308 -55.46 6.21 32.80
C LEU D 308 -56.93 6.21 33.17
N GLU D 309 -57.38 7.18 33.97
CA GLU D 309 -58.80 7.30 34.26
C GLU D 309 -59.63 7.65 33.03
N ARG D 310 -59.04 8.06 31.92
CA ARG D 310 -59.77 8.41 30.70
C ARG D 310 -59.59 7.40 29.64
N ASP D 311 -59.18 6.20 30.00
CA ASP D 311 -58.97 5.08 29.08
C ASP D 311 -57.92 5.25 28.06
N ILE D 312 -56.74 5.62 28.44
CA ILE D 312 -55.70 5.94 27.48
C ILE D 312 -54.50 5.06 27.78
N ASP D 313 -53.96 4.41 26.74
CA ASP D 313 -52.80 3.54 26.88
C ASP D 313 -51.56 4.42 26.98
N VAL D 314 -51.24 4.82 28.22
CA VAL D 314 -50.12 5.71 28.49
C VAL D 314 -48.93 4.88 28.97
N PHE D 315 -47.78 5.08 28.33
CA PHE D 315 -46.55 4.44 28.77
C PHE D 315 -45.39 5.32 28.36
N ALA D 316 -44.34 5.32 29.17
CA ALA D 316 -43.23 6.23 28.99
C ALA D 316 -42.10 5.57 28.21
N GLY D 317 -41.28 6.42 27.59
CA GLY D 317 -40.10 5.97 26.89
C GLY D 317 -38.90 6.81 27.30
N TYR D 318 -37.72 6.39 26.84
CA TYR D 318 -36.50 7.07 27.23
C TYR D 318 -35.45 6.95 26.14
N GLY D 319 -34.87 8.10 25.81
CA GLY D 319 -33.75 8.22 24.90
C GLY D 319 -33.26 9.65 24.94
N MET D 320 -32.15 9.90 24.23
CA MET D 320 -31.58 11.24 24.18
C MET D 320 -31.09 11.50 22.76
N SER D 321 -30.59 12.72 22.55
CA SER D 321 -30.19 13.15 21.21
C SER D 321 -29.03 12.32 20.68
N GLU D 322 -28.17 11.80 21.57
CA GLU D 322 -26.99 11.06 21.15
C GLU D 322 -27.25 9.58 20.92
N THR D 323 -28.45 9.08 21.19
CA THR D 323 -28.66 7.64 21.30
C THR D 323 -29.74 7.10 20.36
N GLY D 324 -30.06 7.81 19.28
CA GLY D 324 -30.87 7.20 18.25
C GLY D 324 -32.23 7.79 17.90
N PRO D 325 -33.06 8.19 18.90
CA PRO D 325 -32.85 8.32 20.34
C PRO D 325 -33.22 7.12 21.22
N ILE D 326 -34.18 6.29 20.81
CA ILE D 326 -34.86 5.40 21.74
C ILE D 326 -33.90 4.39 22.34
N LEU D 327 -33.89 4.29 23.66
CA LEU D 327 -33.11 3.31 24.40
C LEU D 327 -33.95 2.39 25.27
N SER D 328 -35.04 2.89 25.86
CA SER D 328 -35.87 2.04 26.70
C SER D 328 -37.33 2.42 26.51
N ILE D 329 -38.22 1.43 26.61
CA ILE D 329 -39.65 1.64 26.49
C ILE D 329 -40.35 0.79 27.54
N VAL D 330 -41.37 1.37 28.18
CA VAL D 330 -42.14 0.66 29.20
C VAL D 330 -43.06 -0.34 28.50
N GLN D 331 -42.86 -1.62 28.78
CA GLN D 331 -43.72 -2.68 28.25
C GLN D 331 -44.21 -3.53 29.41
N LEU D 332 -45.53 -3.71 29.49
CA LEU D 332 -46.16 -4.40 30.61
C LEU D 332 -46.54 -5.81 30.21
N THR D 333 -46.10 -6.79 30.99
CA THR D 333 -46.45 -8.17 30.77
C THR D 333 -47.93 -8.40 31.10
N PRO D 334 -48.54 -9.44 30.52
CA PRO D 334 -50.00 -9.62 30.69
C PRO D 334 -50.47 -9.71 32.13
N GLU D 335 -49.65 -10.22 33.05
CA GLU D 335 -50.06 -10.28 34.44
C GLU D 335 -49.92 -8.95 35.17
N GLN D 336 -49.27 -7.96 34.55
CA GLN D 336 -49.14 -6.64 35.14
C GLN D 336 -50.28 -5.69 34.81
N LEU D 337 -51.18 -6.08 33.91
CA LEU D 337 -52.31 -5.24 33.53
C LEU D 337 -53.54 -5.45 34.40
N GLU D 338 -53.46 -6.30 35.42
CA GLU D 338 -54.57 -6.53 36.33
C GLU D 338 -54.56 -5.60 37.53
N LEU D 339 -53.39 -5.03 37.69
CA LEU D 339 -53.18 -4.21 38.82
C LEU D 339 -54.11 -3.07 38.82
N ASP D 340 -54.08 -2.34 39.89
CA ASP D 340 -55.06 -1.33 40.01
C ASP D 340 -54.75 0.03 39.53
N VAL D 341 -55.70 0.90 39.74
CA VAL D 341 -55.62 2.32 39.40
C VAL D 341 -54.24 2.90 39.71
N ASP D 342 -53.57 2.43 40.73
CA ASP D 342 -52.34 3.03 41.14
C ASP D 342 -51.07 2.23 40.96
N GLN D 343 -51.09 0.92 40.87
CA GLN D 343 -49.92 0.17 40.73
C GLN D 343 -49.58 0.19 39.28
N GLN D 344 -50.52 0.26 38.39
CA GLN D 344 -50.29 0.47 36.96
C GLN D 344 -49.69 1.83 36.69
N ALA D 345 -50.10 2.86 37.39
CA ALA D 345 -49.52 4.19 37.27
C ALA D 345 -48.13 4.21 37.63
N GLU D 346 -47.73 3.54 38.69
CA GLU D 346 -46.31 3.39 39.11
C GLU D 346 -45.48 2.52 38.25
N TYR D 347 -46.06 1.57 37.52
CA TYR D 347 -45.28 0.82 36.55
C TYR D 347 -45.10 1.58 35.24
N ARG D 348 -46.16 2.27 34.78
CA ARG D 348 -46.11 2.93 33.49
C ARG D 348 -45.21 4.16 33.48
N SER D 349 -44.99 4.78 34.63
CA SER D 349 -44.23 6.02 34.72
C SER D 349 -42.74 5.79 34.90
N LYS D 350 -42.28 4.54 34.92
CA LYS D 350 -40.86 4.26 35.05
C LYS D 350 -40.13 4.55 33.74
N THR D 351 -38.82 4.38 33.76
CA THR D 351 -38.01 4.56 32.55
C THR D 351 -38.18 3.41 31.58
N GLY D 352 -38.30 2.18 32.05
CA GLY D 352 -38.56 1.06 31.20
C GLY D 352 -37.44 0.15 30.99
N LYS D 353 -37.70 -0.94 30.31
CA LYS D 353 -36.69 -1.89 30.04
C LYS D 353 -36.02 -1.62 28.77
N LYS D 354 -34.78 -2.00 28.63
CA LYS D 354 -34.00 -1.79 27.46
C LYS D 354 -34.60 -2.41 26.32
N VAL D 355 -34.30 -1.90 25.16
CA VAL D 355 -34.89 -2.38 23.97
C VAL D 355 -33.93 -3.35 23.45
N ALA D 356 -34.25 -4.01 22.41
CA ALA D 356 -33.42 -5.05 21.80
C ALA D 356 -32.13 -4.44 21.26
N LEU D 357 -31.02 -5.17 21.47
CA LEU D 357 -29.68 -4.79 21.03
C LEU D 357 -29.12 -3.61 21.83
N VAL D 358 -29.53 -3.48 23.09
CA VAL D 358 -29.04 -2.42 23.98
C VAL D 358 -28.54 -3.07 25.25
N GLU D 359 -27.39 -2.61 25.75
CA GLU D 359 -26.73 -3.22 26.90
C GLU D 359 -27.13 -2.56 28.22
N ALA D 360 -26.88 -1.26 28.37
CA ALA D 360 -27.43 -0.44 29.45
C ALA D 360 -27.05 -0.97 30.84
N TYR D 361 -25.76 -0.90 31.13
CA TYR D 361 -25.27 -1.16 32.48
C TYR D 361 -25.32 0.10 33.33
N ILE D 362 -25.08 -0.08 34.63
CA ILE D 362 -25.02 1.02 35.60
C ILE D 362 -23.65 1.01 36.23
N VAL D 363 -22.95 2.15 36.18
CA VAL D 363 -21.57 2.24 36.63
C VAL D 363 -21.43 3.41 37.60
N ASP D 364 -20.27 3.41 38.25
CA ASP D 364 -19.77 4.46 39.12
C ASP D 364 -18.63 5.25 38.54
N GLU D 365 -18.21 6.30 39.20
CA GLU D 365 -17.21 7.20 38.60
C GLU D 365 -15.96 6.51 38.14
N ASP D 366 -15.70 5.32 38.66
CA ASP D 366 -14.59 4.48 38.23
C ASP D 366 -15.04 3.39 37.24
N MET D 367 -16.24 3.40 36.68
CA MET D 367 -16.67 2.34 35.80
C MET D 367 -16.86 0.95 36.38
N ASN D 368 -17.35 0.83 37.60
CA ASN D 368 -17.22 -0.44 38.32
C ASN D 368 -18.46 -1.32 38.22
N LYS D 369 -19.49 -0.90 37.48
CA LYS D 369 -20.63 -1.75 37.15
C LYS D 369 -21.35 -2.26 38.41
N LEU D 370 -21.98 -1.30 39.10
CA LEU D 370 -22.76 -1.58 40.31
C LEU D 370 -23.86 -2.59 40.03
N PRO D 371 -24.24 -3.40 41.02
CA PRO D 371 -25.25 -4.44 40.77
C PRO D 371 -26.63 -3.85 40.55
N HIS D 372 -27.46 -4.64 39.88
CA HIS D 372 -28.84 -4.24 39.56
C HIS D 372 -29.81 -4.72 40.65
N ASP D 373 -29.51 -4.34 41.88
CA ASP D 373 -30.36 -4.73 43.01
C ASP D 373 -31.60 -3.86 43.12
N GLY D 374 -31.66 -2.75 42.39
CA GLY D 374 -32.81 -1.86 42.45
C GLY D 374 -32.74 -0.81 43.53
N GLU D 375 -31.64 -0.71 44.27
CA GLU D 375 -31.49 0.29 45.31
C GLU D 375 -30.30 1.23 45.07
N THR D 376 -29.15 0.69 44.67
CA THR D 376 -27.97 1.51 44.45
C THR D 376 -28.07 2.23 43.11
N ALA D 377 -27.78 3.52 43.11
CA ALA D 377 -27.87 4.35 41.92
C ALA D 377 -26.49 4.53 41.29
N GLY D 378 -26.50 4.85 40.00
CA GLY D 378 -25.26 5.02 39.25
C GLY D 378 -25.58 5.59 37.88
N GLU D 379 -24.52 5.94 37.16
CA GLU D 379 -24.68 6.47 35.82
C GLU D 379 -25.04 5.37 34.84
N ILE D 380 -25.82 5.68 33.80
CA ILE D 380 -26.14 4.72 32.75
C ILE D 380 -25.17 4.82 31.61
N VAL D 381 -24.61 3.72 31.17
CA VAL D 381 -23.66 3.67 30.15
C VAL D 381 -24.22 2.66 29.20
N VAL D 382 -24.15 2.87 27.92
CA VAL D 382 -24.74 2.10 26.96
C VAL D 382 -24.03 1.75 25.77
N ARG D 383 -24.39 0.67 25.14
CA ARG D 383 -23.89 0.31 23.82
C ARG D 383 -25.09 -0.09 22.96
N ALA D 384 -25.17 0.45 21.75
CA ALA D 384 -26.31 0.23 20.89
C ALA D 384 -25.86 0.40 19.45
N PRO D 385 -26.63 -0.14 18.49
CA PRO D 385 -26.23 0.00 17.07
C PRO D 385 -26.47 1.39 16.49
N TRP D 386 -27.15 2.28 17.21
CA TRP D 386 -27.56 3.57 16.67
C TRP D 386 -27.14 4.70 17.59
N LEU D 387 -25.88 4.68 18.02
CA LEU D 387 -25.30 5.74 18.83
C LEU D 387 -24.36 6.57 17.99
N THR D 388 -24.35 7.88 18.21
CA THR D 388 -23.43 8.74 17.49
C THR D 388 -21.99 8.43 17.89
N PRO D 389 -21.06 8.31 16.94
CA PRO D 389 -19.68 7.98 17.32
C PRO D 389 -19.00 9.07 18.11
N ASN D 390 -19.32 10.33 17.85
CA ASN D 390 -18.66 11.47 18.50
C ASN D 390 -19.46 12.71 18.17
N TYR D 391 -19.00 13.85 18.71
CA TYR D 391 -19.56 15.14 18.36
C TYR D 391 -18.88 15.68 17.11
N TYR D 392 -19.63 16.44 16.32
CA TYR D 392 -19.12 16.96 15.07
C TYR D 392 -18.10 18.06 15.33
N LYS D 393 -16.91 17.92 14.72
CA LYS D 393 -15.81 18.89 14.86
C LYS D 393 -15.43 19.10 16.32
N ASP D 394 -15.37 18.07 17.14
CA ASP D 394 -14.99 18.22 18.53
C ASP D 394 -14.19 17.02 18.88
N ASN D 395 -13.31 17.13 19.86
CA ASN D 395 -12.46 16.07 20.22
C ASN D 395 -12.31 15.77 21.61
N LYS D 396 -12.56 16.64 22.49
CA LYS D 396 -12.32 16.41 23.83
C LYS D 396 -13.58 16.14 24.49
N ASN D 397 -14.69 16.67 24.04
CA ASN D 397 -16.04 16.29 24.45
C ASN D 397 -16.40 14.92 23.87
N SER D 398 -15.87 14.58 22.70
CA SER D 398 -16.06 13.25 22.14
C SER D 398 -15.43 12.17 23.02
N LYS D 399 -14.22 12.44 23.53
CA LYS D 399 -13.59 11.49 24.44
C LYS D 399 -14.35 11.39 25.76
N ALA D 400 -14.87 12.51 26.26
CA ALA D 400 -15.69 12.45 27.46
C ALA D 400 -16.99 11.70 27.22
N LEU D 401 -17.49 11.72 25.98
CA LEU D 401 -18.73 11.03 25.66
C LEU D 401 -18.55 9.51 25.64
N TRP D 402 -17.46 9.04 25.03
CA TRP D 402 -17.22 7.61 24.85
C TRP D 402 -16.09 7.10 25.75
N ARG D 403 -16.05 7.61 26.98
CA ARG D 403 -15.03 7.20 27.94
C ARG D 403 -15.22 5.74 28.33
N GLY D 404 -14.10 5.01 28.45
CA GLY D 404 -14.15 3.64 28.92
C GLY D 404 -14.78 2.66 27.95
N GLY D 405 -14.79 2.98 26.66
CA GLY D 405 -15.39 2.09 25.69
C GLY D 405 -16.89 2.01 25.74
N TYR D 406 -17.55 3.05 26.27
CA TYR D 406 -18.98 3.06 26.43
C TYR D 406 -19.49 4.50 26.30
N LEU D 407 -20.74 4.64 25.90
CA LEU D 407 -21.35 5.96 25.78
C LEU D 407 -21.95 6.38 27.11
N HIS D 408 -21.69 7.57 27.58
CA HIS D 408 -22.15 8.01 28.85
C HIS D 408 -23.29 8.96 28.70
N THR D 409 -24.41 8.58 29.21
CA THR D 409 -25.64 9.24 29.12
C THR D 409 -25.76 10.34 29.99
N GLY D 410 -25.18 10.25 31.13
CA GLY D 410 -25.23 11.42 31.98
C GLY D 410 -26.38 11.46 32.97
N ASP D 411 -27.10 10.35 33.14
CA ASP D 411 -28.23 10.28 34.05
C ASP D 411 -27.96 9.24 35.13
N VAL D 412 -28.32 9.55 36.37
CA VAL D 412 -28.12 8.68 37.50
C VAL D 412 -29.43 7.95 37.76
N ALA D 413 -29.38 6.61 37.71
CA ALA D 413 -30.55 5.76 37.83
C ALA D 413 -30.16 4.46 38.53
N HIS D 414 -31.17 3.76 39.03
CA HIS D 414 -30.99 2.42 39.60
C HIS D 414 -31.82 1.43 38.79
N ILE D 415 -31.20 0.32 38.41
CA ILE D 415 -31.86 -0.70 37.60
C ILE D 415 -32.39 -1.78 38.54
N ASP D 416 -33.69 -2.07 38.43
CA ASP D 416 -34.32 -3.11 39.22
C ASP D 416 -33.94 -4.49 38.67
N ASP D 417 -34.01 -5.51 39.50
CA ASP D 417 -33.67 -6.86 39.09
C ASP D 417 -34.51 -7.41 37.98
N GLU D 418 -35.75 -6.97 37.89
CA GLU D 418 -36.58 -7.40 36.77
C GLU D 418 -36.17 -6.74 35.45
N GLY D 419 -35.27 -5.77 35.50
CA GLY D 419 -34.86 -5.03 34.32
C GLY D 419 -35.46 -3.64 34.20
N PHE D 420 -36.43 -3.28 35.04
CA PHE D 420 -37.01 -1.95 35.00
C PHE D 420 -35.99 -0.91 35.45
N ILE D 421 -35.89 0.17 34.70
CA ILE D 421 -34.99 1.28 35.01
C ILE D 421 -35.82 2.41 35.61
N LYS D 422 -35.22 3.12 36.57
CA LYS D 422 -35.86 4.27 37.19
C LYS D 422 -34.82 5.38 37.28
N ILE D 423 -34.95 6.39 36.42
CA ILE D 423 -34.01 7.51 36.42
C ILE D 423 -34.26 8.36 37.66
N THR D 424 -33.21 8.58 38.44
CA THR D 424 -33.32 9.31 39.69
C THR D 424 -32.94 10.79 39.54
N ASP D 425 -31.83 11.09 38.88
CA ASP D 425 -31.41 12.48 38.75
C ASP D 425 -30.38 12.59 37.63
N ARG D 426 -29.59 13.65 37.58
CA ARG D 426 -28.63 13.88 36.54
C ARG D 426 -27.34 13.86 37.21
N VAL D 427 -26.28 13.62 36.52
CA VAL D 427 -24.93 13.52 37.07
C VAL D 427 -24.45 14.88 37.57
N LYS D 428 -24.61 15.91 36.75
CA LYS D 428 -24.20 17.26 37.14
C LYS D 428 -25.09 17.85 38.22
N ASP D 429 -26.27 17.26 38.46
CA ASP D 429 -27.18 17.72 39.50
C ASP D 429 -27.09 16.87 40.77
N MET D 430 -26.07 16.06 40.88
CA MET D 430 -25.91 15.20 42.04
C MET D 430 -25.35 15.93 43.24
N ILE D 431 -25.70 15.50 44.45
CA ILE D 431 -25.20 16.12 45.69
C ILE D 431 -24.18 15.12 46.31
N LYS D 432 -22.92 15.32 46.13
CA LYS D 432 -21.96 14.47 46.79
C LYS D 432 -21.68 15.04 48.17
N ILE D 433 -22.69 15.10 49.04
CA ILE D 433 -22.41 15.56 50.39
C ILE D 433 -21.55 14.48 51.03
N SER D 434 -20.42 14.85 51.63
CA SER D 434 -19.56 13.92 52.37
C SER D 434 -19.05 12.79 51.48
N GLY D 435 -19.62 11.60 51.63
CA GLY D 435 -19.23 10.47 50.79
C GLY D 435 -20.39 9.80 50.09
N GLU D 436 -21.57 10.39 50.30
CA GLU D 436 -22.79 9.85 49.68
C GLU D 436 -23.29 10.74 48.56
N TRP D 437 -24.09 10.19 47.67
CA TRP D 437 -24.61 10.95 46.53
C TRP D 437 -26.14 10.95 46.61
N VAL D 438 -26.72 12.08 46.99
CA VAL D 438 -28.16 12.22 47.06
C VAL D 438 -28.64 12.94 45.80
N SER D 439 -29.92 12.85 45.52
CA SER D 439 -30.50 13.48 44.36
C SER D 439 -31.34 14.67 44.66
N SER D 440 -31.24 15.67 43.82
CA SER D 440 -31.99 16.90 44.01
C SER D 440 -33.45 16.79 43.58
N LEU D 441 -33.81 15.74 42.84
CA LEU D 441 -35.18 15.60 42.38
C LEU D 441 -36.13 15.24 43.51
N GLU D 442 -35.70 14.39 44.45
CA GLU D 442 -36.56 14.04 45.57
C GLU D 442 -36.77 15.22 46.51
N LEU D 443 -35.72 16.00 46.76
CA LEU D 443 -35.88 17.22 47.55
C LEU D 443 -36.77 18.23 46.83
N GLU D 444 -36.62 18.33 45.52
CA GLU D 444 -37.50 19.20 44.73
C GLU D 444 -38.94 18.73 44.83
N ASP D 445 -39.17 17.42 44.77
CA ASP D 445 -40.53 16.89 44.91
C ASP D 445 -41.08 17.15 46.30
N ILE D 446 -40.25 17.01 47.34
CA ILE D 446 -40.71 17.20 48.71
C ILE D 446 -41.15 18.64 48.93
N LEU D 447 -40.38 19.64 48.50
CA LEU D 447 -40.77 21.04 48.83
C LEU D 447 -41.71 21.61 47.78
N HIS D 448 -42.44 20.75 47.12
CA HIS D 448 -43.32 21.17 46.05
C HIS D 448 -44.65 20.83 46.63
N GLN D 449 -44.68 19.75 47.42
CA GLN D 449 -45.93 19.44 48.10
C GLN D 449 -46.44 20.59 48.97
N HIS D 450 -45.60 21.60 49.22
CA HIS D 450 -46.02 22.73 50.04
C HIS D 450 -47.16 23.47 49.34
N GLN D 451 -48.19 23.82 50.14
CA GLN D 451 -49.38 24.46 49.58
C GLN D 451 -49.11 25.87 49.05
N SER D 452 -47.97 26.45 49.39
CA SER D 452 -47.70 27.83 49.02
C SER D 452 -46.63 27.98 47.94
N VAL D 453 -45.93 26.89 47.64
CA VAL D 453 -44.86 26.91 46.66
C VAL D 453 -45.38 26.47 45.31
N SER D 454 -44.96 27.20 44.30
CA SER D 454 -45.33 26.95 42.91
C SER D 454 -44.19 26.27 42.14
N GLU D 455 -43.01 26.89 42.14
CA GLU D 455 -41.84 26.33 41.46
C GLU D 455 -40.66 26.34 42.41
N VAL D 456 -39.96 25.21 42.41
CA VAL D 456 -38.82 25.03 43.29
C VAL D 456 -37.59 24.59 42.52
N ALA D 457 -36.44 25.01 42.98
CA ALA D 457 -35.18 24.57 42.39
C ALA D 457 -34.16 24.33 43.49
N VAL D 458 -33.42 23.24 43.38
CA VAL D 458 -32.43 22.85 44.37
C VAL D 458 -31.07 22.74 43.69
N ILE D 459 -30.07 23.45 44.22
CA ILE D 459 -28.72 23.43 43.72
C ILE D 459 -27.75 23.21 44.88
N GLY D 460 -26.52 22.89 44.54
CA GLY D 460 -25.49 22.61 45.53
C GLY D 460 -24.77 23.86 46.01
N MET D 461 -24.25 23.78 47.24
CA MET D 461 -23.50 24.86 47.85
C MET D 461 -22.30 24.28 48.60
N PRO D 462 -21.08 24.68 48.24
CA PRO D 462 -19.90 24.08 48.87
C PRO D 462 -19.85 24.30 50.38
N HIS D 463 -19.34 23.29 51.08
CA HIS D 463 -19.17 23.34 52.53
C HIS D 463 -17.82 22.70 52.85
N ASN D 464 -16.98 23.39 53.62
CA ASN D 464 -15.59 22.98 53.79
C ASN D 464 -15.50 21.58 54.38
N LYS D 465 -16.26 21.31 55.45
CA LYS D 465 -16.18 20.00 56.09
C LYS D 465 -17.15 18.99 55.49
N TRP D 466 -18.12 19.41 54.67
CA TRP D 466 -19.01 18.44 54.01
C TRP D 466 -19.08 18.56 52.50
N GLY D 467 -18.00 19.02 51.88
CA GLY D 467 -17.94 19.06 50.43
C GLY D 467 -18.86 20.14 49.88
N GLU D 468 -19.99 19.72 49.30
CA GLU D 468 -21.01 20.62 48.81
C GLU D 468 -22.38 20.15 49.29
N VAL D 469 -23.25 21.11 49.63
CA VAL D 469 -24.54 20.81 50.24
C VAL D 469 -25.67 21.42 49.42
N PRO D 470 -26.87 20.87 49.50
CA PRO D 470 -27.98 21.42 48.70
C PRO D 470 -28.45 22.78 49.22
N LEU D 471 -28.96 23.58 48.29
CA LEU D 471 -29.60 24.86 48.61
C LEU D 471 -30.94 24.92 47.90
N ALA D 472 -31.96 25.36 48.62
CA ALA D 472 -33.34 25.32 48.13
C ALA D 472 -33.79 26.72 47.72
N LEU D 473 -34.35 26.82 46.51
CA LEU D 473 -34.94 28.06 46.01
C LEU D 473 -36.40 27.79 45.68
N VAL D 474 -37.29 28.63 46.22
CA VAL D 474 -38.72 28.45 46.06
C VAL D 474 -39.35 29.72 45.54
N THR D 475 -40.50 29.57 44.88
CA THR D 475 -41.29 30.70 44.40
C THR D 475 -42.69 30.58 45.00
N LEU D 476 -43.11 31.63 45.71
CA LEU D 476 -44.38 31.61 46.41
C LEU D 476 -45.55 31.79 45.43
N LYS D 477 -46.73 31.38 45.88
CA LYS D 477 -47.94 31.47 45.07
C LYS D 477 -48.55 32.87 45.20
N GLU D 478 -49.77 33.03 44.70
CA GLU D 478 -50.44 34.33 44.73
C GLU D 478 -50.89 34.64 46.16
N ASP D 479 -50.44 35.79 46.67
CA ASP D 479 -50.81 36.27 48.00
C ASP D 479 -50.50 35.25 49.08
N ALA D 480 -49.40 34.52 48.89
CA ALA D 480 -48.91 33.55 49.87
C ALA D 480 -47.56 34.00 50.38
N GLN D 481 -47.43 34.13 51.70
CA GLN D 481 -46.19 34.59 52.33
C GLN D 481 -45.91 33.70 53.53
N VAL D 482 -45.02 32.73 53.35
CA VAL D 482 -44.61 31.87 54.45
C VAL D 482 -43.11 32.07 54.61
N THR D 483 -42.65 32.25 55.84
CA THR D 483 -41.24 32.51 56.11
C THR D 483 -40.40 31.26 55.81
N GLU D 484 -39.09 31.47 55.71
CA GLU D 484 -38.17 30.39 55.38
C GLU D 484 -38.18 29.31 56.47
N LYS D 485 -38.39 29.70 57.73
CA LYS D 485 -38.35 28.73 58.82
C LYS D 485 -39.44 27.68 58.67
N GLU D 486 -40.65 28.09 58.30
CA GLU D 486 -41.73 27.13 58.09
C GLU D 486 -41.44 26.21 56.91
N LEU D 487 -40.85 26.77 55.84
CA LEU D 487 -40.47 25.94 54.70
C LEU D 487 -39.41 24.92 55.09
N LEU D 488 -38.45 25.33 55.94
CA LEU D 488 -37.49 24.38 56.47
C LEU D 488 -38.17 23.27 57.25
N GLY D 489 -39.04 23.65 58.19
CA GLY D 489 -39.74 22.66 59.00
C GLY D 489 -40.67 21.77 58.21
N PHE D 490 -41.12 22.22 57.02
CA PHE D 490 -41.96 21.39 56.18
C PHE D 490 -41.23 20.13 55.74
N ALA D 491 -39.95 20.27 55.37
CA ALA D 491 -39.15 19.12 54.97
C ALA D 491 -38.58 18.34 56.16
N LYS D 492 -38.65 18.94 57.34
CA LYS D 492 -38.07 18.30 58.52
C LYS D 492 -38.98 17.22 59.10
N ASP D 493 -40.24 17.15 58.65
CA ASP D 493 -41.16 16.13 59.12
C ASP D 493 -40.95 14.80 58.39
N PHE D 494 -40.43 14.85 57.16
CA PHE D 494 -40.26 13.65 56.38
C PHE D 494 -39.19 12.74 56.97
N ILE D 495 -39.24 11.47 56.58
CA ILE D 495 -38.37 10.44 57.14
C ILE D 495 -37.84 9.54 56.04
N ASN D 496 -37.14 8.48 56.43
CA ASN D 496 -36.62 7.45 55.53
C ASN D 496 -35.58 8.01 54.55
N LYS D 497 -34.48 8.52 55.13
CA LYS D 497 -33.32 8.91 54.37
C LYS D 497 -32.10 8.86 55.29
N GLY D 498 -30.92 8.78 54.67
CA GLY D 498 -29.68 8.62 55.40
C GLY D 498 -29.07 9.94 55.83
N ILE D 499 -27.75 9.91 56.03
CA ILE D 499 -26.95 11.06 56.43
C ILE D 499 -27.41 11.54 57.80
N LEU D 500 -26.84 12.66 58.27
CA LEU D 500 -27.16 13.20 59.60
C LEU D 500 -28.66 13.31 59.79
N ALA D 501 -29.19 12.55 60.76
CA ALA D 501 -30.63 12.44 60.98
C ALA D 501 -31.31 12.07 59.68
N ARG D 502 -31.85 13.07 58.99
CA ARG D 502 -32.37 12.91 57.64
C ARG D 502 -31.79 13.97 56.72
N GLU D 503 -30.50 14.25 56.89
CA GLU D 503 -29.81 15.32 56.14
C GLU D 503 -30.53 16.65 56.33
N ALA D 504 -31.14 16.85 57.49
CA ALA D 504 -31.92 18.06 57.74
C ALA D 504 -31.33 18.82 58.92
N LEU D 505 -30.33 19.65 58.55
CA LEU D 505 -29.74 20.58 59.50
C LEU D 505 -29.22 21.75 58.65
N LEU D 506 -29.16 21.60 57.31
CA LEU D 506 -28.64 22.66 56.44
C LEU D 506 -29.35 22.80 55.09
N LEU D 507 -30.67 22.75 55.10
CA LEU D 507 -31.43 22.86 53.87
C LEU D 507 -31.19 24.20 53.17
N LYS D 508 -31.16 25.29 53.93
CA LYS D 508 -30.85 26.63 53.42
C LYS D 508 -31.82 27.02 52.29
N VAL D 509 -33.10 27.11 52.65
CA VAL D 509 -34.13 27.48 51.69
C VAL D 509 -34.11 28.99 51.49
N LYS D 510 -34.38 29.41 50.25
CA LYS D 510 -34.45 30.82 49.91
C LYS D 510 -35.67 31.07 49.04
N ILE D 511 -36.27 32.25 49.19
CA ILE D 511 -37.45 32.64 48.44
C ILE D 511 -37.02 33.59 47.33
N VAL D 512 -37.22 33.19 46.08
CA VAL D 512 -36.85 33.99 44.92
C VAL D 512 -38.10 34.18 44.07
N ASP D 513 -38.34 35.43 43.64
CA ASP D 513 -39.54 35.74 42.88
C ASP D 513 -39.57 34.98 41.55
N GLU D 514 -38.44 34.93 40.85
CA GLU D 514 -38.37 34.25 39.57
C GLU D 514 -37.09 33.42 39.50
N ILE D 515 -37.18 32.29 38.81
CA ILE D 515 -36.06 31.37 38.63
C ILE D 515 -35.71 31.35 37.15
N ALA D 516 -34.43 31.51 36.84
CA ALA D 516 -33.98 31.55 35.45
C ALA D 516 -34.34 30.25 34.74
N LYS D 517 -34.67 30.43 33.47
CA LYS D 517 -35.11 29.30 32.72
C LYS D 517 -34.39 29.32 31.43
N THR D 518 -34.18 28.15 30.87
CA THR D 518 -33.67 28.04 29.51
C THR D 518 -34.79 28.32 28.51
N SER D 519 -34.42 28.91 27.37
CA SER D 519 -35.41 29.24 26.35
C SER D 519 -36.18 28.01 25.89
N VAL D 520 -35.59 26.82 26.02
CA VAL D 520 -36.32 25.59 25.71
C VAL D 520 -37.48 25.41 26.68
N GLY D 521 -37.30 25.80 27.93
CA GLY D 521 -38.36 25.68 28.92
C GLY D 521 -37.99 24.81 30.11
N LYS D 522 -36.70 24.75 30.43
CA LYS D 522 -36.21 23.94 31.54
C LYS D 522 -35.49 24.84 32.54
N VAL D 523 -35.44 24.37 33.79
CA VAL D 523 -34.77 25.13 34.85
C VAL D 523 -33.28 25.21 34.56
N ASP D 524 -32.73 26.42 34.63
CA ASP D 524 -31.31 26.65 34.35
C ASP D 524 -30.57 26.71 35.67
N LYS D 525 -30.04 25.56 36.10
CA LYS D 525 -29.29 25.49 37.35
C LYS D 525 -27.88 26.06 37.20
N LYS D 526 -27.24 25.95 36.05
CA LYS D 526 -25.87 26.43 35.96
C LYS D 526 -25.90 27.94 35.99
N GLU D 527 -26.83 28.57 35.27
CA GLU D 527 -26.95 30.01 35.41
C GLU D 527 -27.29 30.40 36.85
N LEU D 528 -28.08 29.59 37.53
CA LEU D 528 -28.43 29.88 38.92
C LEU D 528 -27.20 29.87 39.82
N ARG D 529 -26.26 29.03 39.46
CA ARG D 529 -25.06 28.83 40.24
C ARG D 529 -24.00 29.90 40.04
N LYS D 530 -24.28 30.88 39.18
CA LYS D 530 -23.49 32.10 39.08
C LYS D 530 -24.10 33.23 39.90
N LEU D 531 -25.43 33.37 39.89
CA LEU D 531 -26.08 34.48 40.59
C LEU D 531 -25.84 34.42 42.09
N HIS D 532 -25.93 33.23 42.68
CA HIS D 532 -25.90 33.09 44.13
C HIS D 532 -24.58 32.55 44.67
N LEU D 533 -23.73 31.99 43.81
CA LEU D 533 -22.44 31.45 44.27
C LEU D 533 -21.46 31.30 43.10
N ASN E 6 15.22 10.06 13.33
CA ASN E 6 14.97 10.56 11.98
C ASN E 6 16.22 10.42 11.11
N ASP E 7 16.31 11.28 10.09
CA ASP E 7 17.46 11.29 9.19
C ASP E 7 18.33 12.49 9.50
N PRO E 8 19.55 12.31 10.01
CA PRO E 8 20.40 13.47 10.33
C PRO E 8 20.72 14.34 9.14
N SER E 9 20.84 13.76 7.94
CA SER E 9 21.13 14.54 6.74
C SER E 9 19.91 15.25 6.18
N ASN E 10 18.71 14.90 6.64
CA ASN E 10 17.48 15.55 6.20
C ASN E 10 17.19 16.69 7.19
N TYR E 11 17.57 17.91 6.80
CA TYR E 11 17.40 19.06 7.66
C TYR E 11 15.94 19.50 7.70
N GLN E 12 15.47 19.86 8.89
CA GLN E 12 14.11 20.34 9.10
C GLN E 12 14.17 21.77 9.61
N LEU E 13 13.42 22.66 8.96
CA LEU E 13 13.37 24.07 9.35
C LEU E 13 12.45 24.20 10.56
N LEU E 14 13.04 24.28 11.74
CA LEU E 14 12.30 24.36 12.98
C LEU E 14 12.57 25.68 13.68
N ILE E 15 11.64 26.07 14.55
CA ILE E 15 11.77 27.32 15.30
C ILE E 15 12.96 27.23 16.26
N LYS E 16 13.27 26.03 16.76
CA LYS E 16 14.38 25.88 17.69
C LYS E 16 15.72 26.22 17.06
N ASN E 17 15.82 26.20 15.74
CA ASN E 17 17.06 26.59 15.07
C ASN E 17 17.19 28.10 14.95
N LEU E 18 16.10 28.85 15.16
CA LEU E 18 16.18 30.30 15.17
C LEU E 18 16.75 30.85 16.47
N LEU E 19 16.75 30.04 17.53
CA LEU E 19 17.22 30.47 18.85
C LEU E 19 18.61 29.96 19.17
N PHE E 20 18.94 28.73 18.76
CA PHE E 20 20.22 28.12 19.07
C PHE E 20 21.21 28.22 17.91
N SER E 21 20.76 28.60 16.72
CA SER E 21 21.63 28.85 15.56
C SER E 21 21.26 30.20 14.97
N PRO E 22 21.51 31.29 15.70
CA PRO E 22 21.12 32.62 15.19
C PRO E 22 22.19 33.25 14.31
N VAL E 23 21.91 34.44 13.79
CA VAL E 23 22.92 35.18 13.05
C VAL E 23 24.02 35.66 13.97
N ALA E 24 23.65 36.19 15.15
CA ALA E 24 24.60 36.60 16.16
C ALA E 24 24.06 36.21 17.52
N PHE E 25 24.97 36.08 18.48
CA PHE E 25 24.60 35.70 19.85
C PHE E 25 25.61 36.30 20.81
N ASN E 26 25.20 37.36 21.51
CA ASN E 26 25.99 37.93 22.59
C ASN E 26 25.37 37.50 23.90
N PRO E 27 26.05 36.70 24.72
CA PRO E 27 25.43 36.23 25.97
C PRO E 27 25.11 37.35 26.95
N GLU E 28 25.75 38.51 26.83
CA GLU E 28 25.53 39.61 27.75
C GLU E 28 24.54 40.65 27.23
N GLN E 29 23.92 40.41 26.08
CA GLN E 29 22.90 41.31 25.58
C GLN E 29 21.64 41.19 26.41
N GLU E 30 20.94 42.31 26.61
CA GLU E 30 19.86 42.40 27.57
C GLU E 30 18.49 42.28 26.91
N ILE E 31 17.59 41.60 27.60
CA ILE E 31 16.15 41.68 27.36
C ILE E 31 15.57 42.47 28.52
N VAL E 32 14.86 43.54 28.20
CA VAL E 32 14.36 44.49 29.19
C VAL E 32 12.84 44.51 29.13
N TYR E 33 12.20 44.27 30.25
CA TYR E 33 10.78 44.53 30.45
C TYR E 33 10.65 45.81 31.26
N ALA E 34 9.88 46.77 30.74
CA ALA E 34 9.98 48.17 31.11
C ALA E 34 9.92 48.43 32.61
N ASN E 35 11.03 48.89 33.18
CA ASN E 35 11.16 49.26 34.58
C ASN E 35 10.78 48.12 35.53
N HIS E 36 10.66 46.90 35.02
CA HIS E 36 10.31 45.74 35.83
C HIS E 36 11.41 44.70 35.88
N ARG E 37 12.08 44.42 34.76
CA ARG E 37 13.01 43.30 34.73
C ARG E 37 14.06 43.54 33.67
N ARG E 38 15.27 43.05 33.93
CA ARG E 38 16.35 43.02 32.95
C ARG E 38 17.10 41.70 33.09
N HIS E 39 17.38 41.05 31.98
CA HIS E 39 18.15 39.81 32.07
C HIS E 39 18.82 39.52 30.74
N SER E 40 20.01 38.90 30.82
CA SER E 40 20.81 38.67 29.62
C SER E 40 20.19 37.57 28.76
N TYR E 41 20.85 37.29 27.63
CA TYR E 41 20.37 36.25 26.72
C TYR E 41 20.61 34.85 27.28
N LYS E 42 21.69 34.68 28.06
CA LYS E 42 21.95 33.39 28.69
C LYS E 42 20.81 33.00 29.63
N THR E 43 20.38 33.93 30.49
CA THR E 43 19.26 33.65 31.37
C THR E 43 17.96 33.53 30.58
N PHE E 44 17.86 34.19 29.43
CA PHE E 44 16.68 34.02 28.59
C PHE E 44 16.58 32.59 28.07
N HIS E 45 17.70 32.03 27.61
CA HIS E 45 17.72 30.63 27.19
C HIS E 45 17.43 29.69 28.36
N ASP E 46 18.00 30.00 29.53
CA ASP E 46 17.73 29.19 30.71
C ASP E 46 16.25 29.20 31.07
N ARG E 47 15.61 30.38 30.99
CA ARG E 47 14.20 30.49 31.27
C ARG E 47 13.35 29.78 30.23
N VAL E 48 13.78 29.79 28.97
CA VAL E 48 13.06 29.04 27.95
C VAL E 48 13.10 27.55 28.26
N ARG E 49 14.26 27.04 28.65
CA ARG E 49 14.35 25.63 29.02
C ARG E 49 13.52 25.32 30.27
N GLN E 50 13.54 26.23 31.24
CA GLN E 50 12.73 26.05 32.45
C GLN E 50 11.24 26.02 32.12
N PHE E 51 10.79 26.89 31.22
CA PHE E 51 9.38 26.90 30.83
C PHE E 51 9.03 25.65 30.05
N ALA E 52 9.96 25.13 29.24
CA ALA E 52 9.71 23.86 28.57
C ALA E 52 9.53 22.74 29.59
N ASN E 53 10.39 22.70 30.61
CA ASN E 53 10.24 21.70 31.67
C ASN E 53 8.91 21.86 32.40
N ALA E 54 8.54 23.10 32.72
CA ALA E 54 7.28 23.34 33.42
C ALA E 54 6.08 22.89 32.60
N LEU E 55 6.09 23.20 31.30
CA LEU E 55 5.00 22.76 30.42
C LEU E 55 4.95 21.25 30.33
N THR E 56 6.12 20.60 30.28
CA THR E 56 6.14 19.14 30.28
C THR E 56 5.54 18.58 31.56
N LYS E 57 5.79 19.26 32.69
CA LYS E 57 5.24 18.80 33.96
C LYS E 57 3.72 18.85 33.99
N MET E 58 3.12 19.85 33.34
CA MET E 58 1.66 19.94 33.29
C MET E 58 1.02 18.83 32.47
N GLY E 59 1.80 18.09 31.68
CA GLY E 59 1.23 17.13 30.77
C GLY E 59 0.98 17.65 29.37
N VAL E 60 1.55 18.79 29.01
CA VAL E 60 1.38 19.36 27.67
C VAL E 60 2.11 18.45 26.68
N LYS E 61 1.36 17.78 25.82
CA LYS E 61 1.94 16.84 24.86
C LYS E 61 2.29 17.59 23.57
N LYS E 62 2.61 16.84 22.52
CA LYS E 62 3.02 17.45 21.26
C LYS E 62 1.83 18.08 20.54
N GLY E 63 0.65 17.47 20.63
CA GLY E 63 -0.50 18.00 19.92
C GLY E 63 -1.35 18.99 20.69
N ASP E 64 -0.93 19.39 21.89
CA ASP E 64 -1.76 20.25 22.72
C ASP E 64 -1.72 21.70 22.24
N THR E 65 -2.54 22.54 22.87
CA THR E 65 -2.62 23.95 22.55
C THR E 65 -2.57 24.76 23.85
N VAL E 66 -1.72 25.79 23.86
CA VAL E 66 -1.58 26.68 25.00
C VAL E 66 -1.95 28.09 24.54
N ALA E 67 -2.86 28.72 25.25
CA ALA E 67 -3.38 30.03 24.89
C ALA E 67 -2.84 31.10 25.83
N VAL E 68 -2.49 32.25 25.27
CA VAL E 68 -1.86 33.32 26.04
C VAL E 68 -2.70 34.60 25.95
N MET E 69 -2.89 35.26 27.10
CA MET E 69 -3.62 36.52 27.19
C MET E 69 -2.86 37.46 28.12
N ASP E 70 -1.88 38.16 27.51
CA ASP E 70 -1.14 39.22 28.17
C ASP E 70 -0.76 40.38 27.36
N TYR E 71 -0.03 41.32 27.95
CA TYR E 71 0.54 42.43 27.19
C TYR E 71 1.89 42.01 26.61
N ASP E 72 2.75 42.93 26.37
CA ASP E 72 4.05 42.64 25.81
C ASP E 72 5.06 42.64 26.81
N SER E 73 5.73 41.53 26.93
CA SER E 73 6.66 41.34 27.94
C SER E 73 7.60 40.28 27.60
N HIS E 74 8.57 40.06 28.43
CA HIS E 74 9.48 38.94 28.24
C HIS E 74 8.75 37.60 28.30
N ARG E 75 7.64 37.55 29.04
CA ARG E 75 6.85 36.33 29.11
C ARG E 75 6.30 35.95 27.75
N TYR E 76 5.90 36.91 26.96
CA TYR E 76 5.34 36.65 25.64
C TYR E 76 6.42 36.23 24.69
N LEU E 77 7.65 36.64 24.90
CA LEU E 77 8.77 36.26 24.08
C LEU E 77 9.19 34.90 24.40
N GLU E 78 9.12 34.54 25.65
CA GLU E 78 9.44 33.17 26.01
C GLU E 78 8.35 32.20 25.55
N CYS E 79 7.09 32.65 25.52
CA CYS E 79 6.02 31.82 25.01
C CYS E 79 6.10 31.66 23.50
N TYR E 80 6.61 32.67 22.80
CA TYR E 80 6.79 32.58 21.36
C TYR E 80 7.78 31.49 20.96
N PHE E 81 8.59 31.02 21.89
CA PHE E 81 9.63 30.04 21.60
C PHE E 81 9.39 28.70 22.29
N ALA E 82 9.16 28.69 23.60
CA ALA E 82 9.09 27.43 24.33
C ALA E 82 7.92 26.57 23.87
N ILE E 83 6.74 27.17 23.71
CA ILE E 83 5.55 26.41 23.36
C ILE E 83 5.69 25.79 21.97
N PRO E 84 6.07 26.53 20.92
CA PRO E 84 6.29 25.87 19.62
C PRO E 84 7.42 24.87 19.65
N MET E 85 8.47 24.95 20.41
CA MET E 85 9.58 24.07 20.42
C MET E 85 9.23 22.82 21.03
N ILE E 86 8.33 22.73 21.98
CA ILE E 86 7.90 21.43 22.49
C ILE E 86 7.13 20.66 21.42
N GLY E 87 6.33 21.36 20.62
CA GLY E 87 5.52 20.73 19.61
C GLY E 87 4.08 21.20 19.67
N ALA E 88 3.70 21.73 20.82
CA ALA E 88 2.33 22.20 21.02
C ALA E 88 2.09 23.48 20.22
N LYS E 89 0.82 23.80 20.05
CA LYS E 89 0.41 25.01 19.34
C LYS E 89 0.28 26.18 20.31
N LEU E 90 0.54 27.37 19.78
CA LEU E 90 0.43 28.61 20.54
C LEU E 90 -0.78 29.38 20.02
N HIS E 91 -1.71 29.72 20.91
CA HIS E 91 -2.91 30.45 20.56
C HIS E 91 -2.80 31.85 21.14
N MET E 92 -2.59 32.83 20.27
CA MET E 92 -2.58 34.24 20.65
C MET E 92 -4.02 34.74 20.63
N ILE E 93 -4.54 35.11 21.79
CA ILE E 93 -5.92 35.50 21.92
C ILE E 93 -6.02 37.02 21.79
N ASN E 94 -6.83 37.48 20.84
CA ASN E 94 -7.04 38.91 20.64
C ASN E 94 -7.84 39.47 21.81
N VAL E 95 -7.16 40.25 22.65
CA VAL E 95 -7.81 40.78 23.84
C VAL E 95 -8.90 41.78 23.47
N ARG E 96 -8.70 42.52 22.44
CA ARG E 96 -9.60 43.55 22.09
C ARG E 96 -10.92 43.10 21.56
N LEU E 97 -11.10 41.83 21.31
CA LEU E 97 -12.39 41.29 20.91
C LEU E 97 -13.36 41.28 22.09
N SER E 98 -14.65 41.20 21.75
CA SER E 98 -15.67 41.09 22.79
C SER E 98 -15.56 39.74 23.49
N PRO E 99 -15.99 39.66 24.75
CA PRO E 99 -15.87 38.39 25.48
C PRO E 99 -16.59 37.23 24.82
N GLU E 100 -17.69 37.48 24.11
CA GLU E 100 -18.36 36.40 23.39
C GLU E 100 -17.47 35.83 22.27
N GLN E 101 -16.80 36.72 21.53
CA GLN E 101 -15.88 36.27 20.50
C GLN E 101 -14.68 35.54 21.09
N ILE E 102 -14.20 36.01 22.24
CA ILE E 102 -13.10 35.33 22.93
C ILE E 102 -13.53 33.93 23.34
N LEU E 103 -14.75 33.79 23.86
CA LEU E 103 -15.29 32.48 24.20
C LEU E 103 -15.36 31.59 22.97
N TYR E 104 -15.84 32.13 21.85
CA TYR E 104 -15.94 31.34 20.63
C TYR E 104 -14.56 30.84 20.19
N THR E 105 -13.57 31.73 20.20
CA THR E 105 -12.22 31.33 19.78
C THR E 105 -11.63 30.29 20.72
N ILE E 106 -11.83 30.46 22.03
CA ILE E 106 -11.29 29.51 22.99
C ILE E 106 -11.92 28.13 22.81
N ASP E 107 -13.24 28.09 22.61
CA ASP E 107 -13.89 26.80 22.41
C ASP E 107 -13.54 26.20 21.05
N HIS E 108 -13.34 27.03 20.03
CA HIS E 108 -12.99 26.53 18.71
C HIS E 108 -11.60 25.92 18.69
N ALA E 109 -10.62 26.60 19.31
CA ALA E 109 -9.25 26.10 19.32
C ALA E 109 -9.06 24.92 20.28
N GLU E 110 -9.96 24.76 21.26
CA GLU E 110 -9.87 23.70 22.25
C GLU E 110 -8.53 23.75 23.01
N ASP E 111 -8.34 24.87 23.70
CA ASP E 111 -7.12 25.07 24.46
C ASP E 111 -7.09 24.20 25.71
N ASP E 112 -5.92 23.93 26.25
CA ASP E 112 -5.74 23.19 27.44
C ASP E 112 -5.24 23.99 28.55
N ILE E 113 -4.18 24.76 28.38
CA ILE E 113 -3.69 25.69 29.40
C ILE E 113 -3.98 27.10 28.92
N ILE E 114 -4.20 28.01 29.87
CA ILE E 114 -4.45 29.41 29.58
C ILE E 114 -3.55 30.24 30.47
N LEU E 115 -2.67 31.04 29.86
CA LEU E 115 -1.85 32.01 30.56
C LEU E 115 -2.52 33.37 30.41
N ILE E 116 -3.06 33.91 31.49
CA ILE E 116 -3.85 35.12 31.46
C ILE E 116 -3.27 36.12 32.44
N HIS E 117 -3.10 37.36 32.00
CA HIS E 117 -2.64 38.43 32.87
C HIS E 117 -3.72 38.79 33.87
N GLU E 118 -3.30 39.40 34.98
CA GLU E 118 -4.23 39.76 36.04
C GLU E 118 -5.29 40.75 35.55
N GLU E 119 -4.88 41.73 34.75
CA GLU E 119 -5.80 42.77 34.30
C GLU E 119 -6.92 42.23 33.43
N PHE E 120 -6.75 41.04 32.86
CA PHE E 120 -7.79 40.43 32.04
C PHE E 120 -8.66 39.46 32.82
N LEU E 121 -8.46 39.37 34.14
CA LEU E 121 -9.33 38.53 34.96
C LEU E 121 -10.81 38.93 34.90
N PRO E 122 -11.18 40.21 34.94
CA PRO E 122 -12.61 40.53 34.85
C PRO E 122 -13.29 40.03 33.59
N ILE E 123 -12.56 39.97 32.47
CA ILE E 123 -13.14 39.40 31.25
C ILE E 123 -13.42 37.91 31.46
N LEU E 124 -12.44 37.17 31.98
CA LEU E 124 -12.61 35.73 32.19
C LEU E 124 -13.74 35.43 33.16
N ASP E 125 -14.03 36.35 34.09
CA ASP E 125 -15.15 36.16 34.99
C ASP E 125 -16.47 36.10 34.24
N GLN E 126 -16.61 36.87 33.16
CA GLN E 126 -17.81 36.82 32.35
C GLN E 126 -17.86 35.58 31.46
N ILE E 127 -16.93 34.70 31.44
CA ILE E 127 -16.90 33.67 30.45
C ILE E 127 -16.48 32.39 31.08
N LYS E 128 -15.68 32.37 32.16
CA LYS E 128 -15.15 31.11 32.68
C LYS E 128 -16.24 30.06 32.87
N GLY E 129 -17.48 30.50 33.12
CA GLY E 129 -18.55 29.55 33.34
C GLY E 129 -18.85 28.66 32.14
N ARG E 130 -18.76 29.22 30.95
CA ARG E 130 -19.07 28.50 29.72
C ARG E 130 -17.84 27.90 29.05
N ILE E 131 -16.67 28.02 29.67
CA ILE E 131 -15.43 27.49 29.09
C ILE E 131 -15.28 26.03 29.52
N ASP E 132 -15.14 25.16 28.53
CA ASP E 132 -14.78 23.77 28.74
C ASP E 132 -13.42 23.50 28.11
N THR E 133 -12.93 22.28 28.29
CA THR E 133 -11.68 21.75 27.74
C THR E 133 -10.44 22.42 28.32
N VAL E 134 -10.59 23.43 29.19
CA VAL E 134 -9.46 24.12 29.80
C VAL E 134 -9.32 23.63 31.23
N THR E 135 -8.14 23.11 31.56
CA THR E 135 -7.88 22.52 32.87
C THR E 135 -7.22 23.47 33.85
N ARG E 136 -6.12 24.11 33.44
CA ARG E 136 -5.32 24.93 34.33
C ARG E 136 -5.32 26.38 33.86
N TYR E 137 -5.49 27.30 34.81
CA TYR E 137 -5.36 28.74 34.58
C TYR E 137 -4.15 29.25 35.32
N VAL E 138 -3.24 29.92 34.60
CA VAL E 138 -2.04 30.51 35.17
C VAL E 138 -2.17 32.02 35.08
N VAL E 139 -2.04 32.69 36.23
CA VAL E 139 -2.24 34.13 36.33
C VAL E 139 -0.88 34.80 36.33
N LEU E 140 -0.66 35.69 35.37
CA LEU E 140 0.59 36.42 35.23
C LEU E 140 0.45 37.79 35.88
N ARG E 141 1.44 38.15 36.71
CA ARG E 141 1.47 39.43 37.39
C ARG E 141 2.83 40.08 37.16
N ASP E 142 2.89 41.39 37.43
CA ASP E 142 4.12 42.15 37.27
C ASP E 142 4.94 42.24 38.56
N ASP E 143 4.47 41.66 39.64
CA ASP E 143 5.17 41.65 40.91
C ASP E 143 5.82 40.28 41.13
N GLU E 144 6.38 40.07 42.33
CA GLU E 144 7.08 38.84 42.64
C GLU E 144 6.17 37.65 42.90
N GLU E 145 4.86 37.88 43.02
CA GLU E 145 3.90 36.80 43.29
C GLU E 145 3.29 36.22 42.02
N CYS E 146 3.92 36.45 40.87
CA CYS E 146 3.43 35.88 39.62
C CYS E 146 3.52 34.36 39.66
N GLU E 147 2.48 33.70 39.14
CA GLU E 147 2.48 32.24 39.09
C GLU E 147 3.41 31.70 38.01
N TYR E 148 3.61 32.45 36.92
CA TYR E 148 4.56 32.05 35.90
C TYR E 148 5.97 31.97 36.46
N GLU E 149 6.38 33.00 37.21
CA GLU E 149 7.70 32.98 37.83
C GLU E 149 7.80 31.87 38.87
N ARG E 150 6.76 31.68 39.68
CA ARG E 150 6.77 30.64 40.69
C ARG E 150 6.85 29.25 40.08
N LEU E 151 6.28 29.05 38.90
CA LEU E 151 6.41 27.78 38.20
C LEU E 151 7.74 27.64 37.47
N LEU E 152 8.38 28.75 37.11
CA LEU E 152 9.71 28.68 36.52
C LEU E 152 10.77 28.32 37.57
N GLU E 153 10.64 28.85 38.77
CA GLU E 153 11.66 28.66 39.80
C GLU E 153 11.81 27.20 40.22
N GLN E 154 10.78 26.40 40.05
CA GLN E 154 10.79 25.01 40.51
C GLN E 154 11.36 24.04 39.49
N GLU E 155 11.73 24.51 38.30
CA GLU E 155 12.24 23.65 37.24
C GLU E 155 13.74 23.87 37.05
N SER E 156 14.32 23.07 36.19
CA SER E 156 15.74 23.12 35.88
C SER E 156 15.97 23.79 34.53
N THR E 157 17.18 24.31 34.35
CA THR E 157 17.57 25.02 33.14
C THR E 157 18.14 24.09 32.07
N GLU E 158 17.78 22.81 32.10
CA GLU E 158 18.28 21.83 31.13
C GLU E 158 17.11 21.13 30.47
N TYR E 159 17.15 21.07 29.14
CA TYR E 159 16.10 20.41 28.38
C TYR E 159 16.65 20.00 27.02
N ASN E 160 16.13 18.90 26.49
CA ASN E 160 16.49 18.41 25.17
C ASN E 160 15.27 18.53 24.28
N PHE E 161 15.27 19.56 23.43
CA PHE E 161 14.11 19.80 22.58
C PHE E 161 14.05 18.78 21.46
N PRO E 162 12.87 18.22 21.19
CA PRO E 162 12.77 17.13 20.20
C PRO E 162 12.91 17.66 18.78
N ASP E 163 13.08 16.73 17.85
CA ASP E 163 13.08 17.00 16.43
C ASP E 163 11.85 16.35 15.81
N PHE E 164 11.04 17.14 15.12
CA PHE E 164 9.84 16.64 14.47
C PHE E 164 9.77 17.18 13.05
N ASP E 165 8.66 16.89 12.38
CA ASP E 165 8.46 17.39 11.03
C ASP E 165 8.36 18.91 11.03
N GLU E 166 8.91 19.53 9.99
CA GLU E 166 8.86 20.98 9.86
C GLU E 166 7.47 21.49 9.48
N ASN E 167 6.54 20.60 9.16
CA ASN E 167 5.19 20.98 8.78
C ASN E 167 4.21 20.86 9.95
N THR E 168 4.72 20.92 11.19
CA THR E 168 3.86 20.90 12.36
C THR E 168 3.43 22.31 12.72
N VAL E 169 2.13 22.46 13.03
CA VAL E 169 1.57 23.77 13.31
C VAL E 169 2.17 24.33 14.58
N ALA E 170 2.47 25.63 14.57
CA ALA E 170 3.10 26.32 15.68
C ALA E 170 2.24 27.42 16.29
N THR E 171 1.54 28.21 15.48
CA THR E 171 0.79 29.35 16.00
C THR E 171 -0.60 29.41 15.36
N THR E 172 -1.51 30.07 16.06
CA THR E 172 -2.88 30.32 15.59
C THR E 172 -3.40 31.55 16.34
N PHE E 173 -4.06 32.46 15.62
CA PHE E 173 -4.53 33.67 16.28
C PHE E 173 -5.91 34.18 15.87
N TYR E 174 -6.65 33.46 15.06
CA TYR E 174 -8.05 33.90 14.83
C TYR E 174 -8.29 35.23 14.45
N THR E 175 -8.03 35.48 13.22
CA THR E 175 -8.42 36.77 12.66
C THR E 175 -9.94 36.89 12.59
N THR E 176 -10.46 38.07 12.41
CA THR E 176 -11.87 38.37 12.44
C THR E 176 -12.32 39.38 11.42
N GLY E 177 -12.44 38.98 10.19
CA GLY E 177 -12.80 39.85 9.07
C GLY E 177 -14.28 40.12 9.02
N THR E 178 -14.90 39.88 7.87
CA THR E 178 -16.35 40.00 7.70
C THR E 178 -16.88 38.62 7.33
N THR E 179 -17.11 37.79 8.35
CA THR E 179 -17.62 36.44 8.14
C THR E 179 -18.72 36.02 9.09
N GLY E 180 -19.02 36.81 10.13
CA GLY E 180 -20.01 36.41 11.11
C GLY E 180 -19.36 35.84 12.35
N PHE E 181 -18.32 35.03 12.16
CA PHE E 181 -17.53 34.47 13.23
C PHE E 181 -16.06 34.62 12.90
N PRO E 182 -15.18 34.69 13.91
CA PRO E 182 -13.75 34.76 13.64
C PRO E 182 -13.26 33.52 12.91
N LYS E 183 -12.26 33.71 12.06
CA LYS E 183 -11.68 32.64 11.25
C LYS E 183 -10.26 32.37 11.73
N GLY E 184 -9.93 31.09 11.91
CA GLY E 184 -8.65 30.70 12.45
C GLY E 184 -7.62 30.45 11.37
N VAL E 185 -6.48 31.11 11.49
CA VAL E 185 -5.36 30.98 10.56
C VAL E 185 -4.16 30.43 11.31
N PHE E 186 -3.47 29.47 10.72
CA PHE E 186 -2.37 28.79 11.37
C PHE E 186 -1.15 28.73 10.47
N PHE E 187 0.03 28.62 11.09
CA PHE E 187 1.30 28.56 10.39
C PHE E 187 2.15 27.45 10.98
N THR E 188 3.15 27.01 10.23
CA THR E 188 4.02 25.92 10.64
C THR E 188 5.41 26.46 10.98
N HIS E 189 6.28 25.56 11.45
CA HIS E 189 7.66 25.93 11.75
C HIS E 189 8.39 26.38 10.49
N ARG E 190 8.22 25.63 9.41
CA ARG E 190 8.86 25.95 8.13
C ARG E 190 8.44 27.33 7.65
N GLN E 191 7.14 27.64 7.74
CA GLN E 191 6.65 28.92 7.27
C GLN E 191 7.24 30.08 8.06
N LEU E 192 7.30 29.95 9.39
CA LEU E 192 7.84 31.03 10.21
C LEU E 192 9.34 31.23 9.98
N VAL E 193 10.09 30.12 9.87
CA VAL E 193 11.52 30.24 9.61
C VAL E 193 11.76 30.88 8.24
N LEU E 194 11.00 30.46 7.23
CA LEU E 194 11.13 31.06 5.91
C LEU E 194 10.76 32.54 5.94
N HIS E 195 9.74 32.90 6.72
CA HIS E 195 9.34 34.29 6.83
C HIS E 195 10.47 35.14 7.40
N THR E 196 11.03 34.72 8.53
CA THR E 196 12.09 35.53 9.14
C THR E 196 13.31 35.60 8.24
N MET E 197 13.68 34.48 7.60
CA MET E 197 14.82 34.50 6.68
C MET E 197 14.58 35.45 5.51
N GLY E 198 13.41 35.34 4.86
CA GLY E 198 13.13 36.13 3.68
C GLY E 198 12.91 37.60 3.94
N ILE E 199 12.52 37.96 5.16
CA ILE E 199 12.42 39.38 5.49
C ILE E 199 13.75 39.95 5.94
N LEU E 200 14.54 39.17 6.70
CA LEU E 200 15.88 39.64 7.06
C LEU E 200 16.76 39.80 5.84
N SER E 201 16.55 38.96 4.81
CA SER E 201 17.35 39.08 3.60
C SER E 201 16.88 40.21 2.69
N THR E 202 15.70 40.79 2.92
CA THR E 202 15.20 41.86 2.07
C THR E 202 15.24 43.24 2.71
N ILE E 203 15.19 43.33 4.04
CA ILE E 203 15.29 44.64 4.68
C ILE E 203 16.68 44.89 5.27
N GLY E 204 17.44 43.85 5.59
CA GLY E 204 18.79 44.05 6.05
C GLY E 204 19.76 44.45 4.97
N THR E 205 19.43 44.18 3.71
CA THR E 205 20.31 44.42 2.58
C THR E 205 20.12 45.80 1.96
N ASN E 206 19.32 46.65 2.49
CA ASN E 206 19.19 47.97 1.94
C ASN E 206 20.44 48.75 2.08
N ALA E 207 20.65 49.76 1.29
CA ALA E 207 21.89 50.51 1.25
C ALA E 207 22.02 51.41 2.48
N SER E 208 21.10 52.37 2.62
CA SER E 208 21.20 53.33 3.72
C SER E 208 19.88 53.63 4.43
N GLN E 209 18.73 53.26 3.88
CA GLN E 209 17.43 53.66 4.42
C GLN E 209 16.66 52.45 4.92
N GLY E 210 16.14 52.56 6.14
CA GLY E 210 15.18 51.58 6.65
C GLY E 210 15.69 50.16 6.72
N ARG E 211 16.90 49.96 7.23
CA ARG E 211 17.48 48.64 7.35
C ARG E 211 17.59 48.25 8.82
N LEU E 212 17.31 46.98 9.11
CA LEU E 212 17.44 46.41 10.44
C LEU E 212 18.71 45.58 10.49
N HIS E 213 19.70 46.04 11.25
CA HIS E 213 20.98 45.36 11.36
C HIS E 213 21.21 44.94 12.82
N GLN E 214 22.40 44.43 13.09
CA GLN E 214 22.72 43.86 14.39
C GLN E 214 23.02 44.92 15.45
N GLY E 215 23.16 46.18 15.06
CA GLY E 215 23.40 47.25 16.00
C GLY E 215 22.17 47.96 16.50
N ASP E 216 20.98 47.51 16.11
CA ASP E 216 19.74 48.18 16.46
C ASP E 216 19.26 47.74 17.84
N ILE E 217 18.29 48.49 18.37
CA ILE E 217 17.62 48.18 19.62
C ILE E 217 16.13 48.13 19.33
N TYR E 218 15.50 47.00 19.62
CA TYR E 218 14.15 46.69 19.16
C TYR E 218 13.11 47.01 20.21
N MET E 219 11.93 47.44 19.74
CA MET E 219 10.75 47.71 20.54
C MET E 219 9.48 47.42 19.77
N PRO E 220 8.59 46.58 20.28
CA PRO E 220 7.28 46.42 19.66
C PRO E 220 6.27 47.42 20.21
N ILE E 221 5.58 48.14 19.32
CA ILE E 221 4.50 49.04 19.74
C ILE E 221 3.22 48.58 19.06
N THR E 222 3.14 47.30 18.77
CA THR E 222 1.96 46.63 18.24
C THR E 222 1.47 45.60 19.26
N PRO E 223 0.20 45.22 19.20
CA PRO E 223 -0.34 44.33 20.25
C PRO E 223 0.42 43.03 20.45
N MET E 224 1.19 42.59 19.45
CA MET E 224 2.13 41.47 19.58
C MET E 224 1.38 40.15 19.64
N PHE E 225 0.05 40.22 19.73
CA PHE E 225 -0.80 39.07 19.50
C PHE E 225 -1.59 39.17 18.20
N HIS E 226 -1.50 40.30 17.50
CA HIS E 226 -2.27 40.47 16.26
C HIS E 226 -1.83 39.45 15.21
N VAL E 227 -0.62 39.59 14.70
CA VAL E 227 -0.01 38.51 13.92
C VAL E 227 1.49 38.46 14.21
N HIS E 228 1.88 37.55 15.11
CA HIS E 228 3.28 37.31 15.46
C HIS E 228 4.07 38.60 15.72
N ALA E 229 3.37 39.68 16.07
CA ALA E 229 3.98 41.02 16.08
C ALA E 229 4.73 41.27 14.78
N TRP E 230 4.04 41.05 13.66
CA TRP E 230 4.58 41.17 12.31
C TRP E 230 5.87 40.38 12.13
N GLY E 231 6.05 39.33 12.94
CA GLY E 231 7.22 38.49 12.87
C GLY E 231 8.49 39.10 13.40
N LEU E 232 8.46 40.33 13.92
CA LEU E 232 9.69 41.02 14.27
C LEU E 232 10.37 40.47 15.53
N PRO E 233 9.63 40.01 16.55
CA PRO E 233 10.31 39.38 17.69
C PRO E 233 11.15 38.18 17.31
N TYR E 234 10.73 37.40 16.31
CA TYR E 234 11.56 36.29 15.84
C TYR E 234 12.83 36.77 15.16
N MET E 235 12.75 37.89 14.44
CA MET E 235 13.93 38.42 13.76
C MET E 235 14.89 39.07 14.74
N ALA E 236 14.36 39.85 15.69
CA ALA E 236 15.21 40.57 16.63
C ALA E 236 16.06 39.64 17.47
N THR E 237 15.52 38.48 17.86
CA THR E 237 16.31 37.53 18.61
C THR E 237 17.30 36.77 17.74
N MET E 238 17.08 36.72 16.42
CA MET E 238 18.05 36.07 15.56
C MET E 238 19.28 36.95 15.33
N LEU E 239 19.08 38.26 15.28
CA LEU E 239 20.21 39.19 15.21
C LEU E 239 20.90 39.35 16.55
N GLY E 240 20.30 38.88 17.63
CA GLY E 240 20.88 39.04 18.96
C GLY E 240 20.95 40.47 19.43
N VAL E 241 19.94 41.28 19.10
CA VAL E 241 19.93 42.68 19.45
C VAL E 241 19.25 42.87 20.80
N LYS E 242 19.49 44.03 21.41
CA LYS E 242 18.80 44.38 22.63
C LYS E 242 17.32 44.59 22.35
N GLN E 243 16.47 44.07 23.24
CA GLN E 243 15.02 44.14 23.09
C GLN E 243 14.42 44.82 24.31
N VAL E 244 13.49 45.74 24.08
CA VAL E 244 12.81 46.45 25.16
C VAL E 244 11.31 46.27 24.96
N TYR E 245 10.62 45.86 26.01
CA TYR E 245 9.18 45.65 25.97
C TYR E 245 8.49 46.64 26.89
N PRO E 246 7.56 47.45 26.39
CA PRO E 246 7.01 48.54 27.21
C PRO E 246 5.85 48.14 28.10
N GLY E 247 5.07 47.13 27.69
CA GLY E 247 3.92 46.72 28.48
C GLY E 247 2.58 47.25 27.99
N LYS E 248 2.09 48.30 28.64
CA LYS E 248 0.70 48.75 28.47
C LYS E 248 0.53 49.85 27.43
N TYR E 249 1.55 50.27 26.74
CA TYR E 249 1.43 51.32 25.72
C TYR E 249 0.95 52.61 26.26
N VAL E 250 1.72 53.20 27.10
CA VAL E 250 1.46 54.54 27.60
C VAL E 250 2.46 55.49 26.93
N PRO E 251 2.01 56.53 26.23
CA PRO E 251 2.97 57.42 25.55
C PRO E 251 3.98 58.04 26.49
N ASP E 252 3.57 58.39 27.71
CA ASP E 252 4.50 58.96 28.67
C ASP E 252 5.61 58.00 29.03
N VAL E 253 5.34 56.72 28.90
CA VAL E 253 6.28 55.71 29.29
C VAL E 253 6.98 55.29 28.11
N LEU E 254 6.36 55.30 26.99
CA LEU E 254 6.99 54.91 25.72
C LEU E 254 8.10 55.89 25.35
N LEU E 255 7.83 57.19 25.45
CA LEU E 255 8.85 58.18 25.13
C LEU E 255 10.02 58.09 26.09
N ASN E 256 9.74 57.89 27.39
CA ASN E 256 10.82 57.75 28.36
C ASN E 256 11.68 56.52 28.06
N LEU E 257 11.06 55.41 27.70
CA LEU E 257 11.81 54.21 27.36
C LEU E 257 12.65 54.41 26.10
N ILE E 258 12.08 55.08 25.08
CA ILE E 258 12.82 55.30 23.85
C ILE E 258 14.03 56.19 24.10
N GLU E 259 13.84 57.26 24.90
CA GLU E 259 14.95 58.16 25.18
C GLU E 259 15.99 57.50 26.09
N GLN E 260 15.55 56.65 27.02
CA GLN E 260 16.46 56.09 28.01
C GLN E 260 17.17 54.84 27.49
N GLU E 261 16.41 53.93 26.88
CA GLU E 261 17.00 52.72 26.34
C GLU E 261 17.59 52.92 24.94
N LYS E 262 17.44 54.12 24.37
CA LYS E 262 17.99 54.47 23.05
C LYS E 262 17.48 53.51 21.98
N VAL E 263 16.17 53.36 21.90
CA VAL E 263 15.55 52.49 20.91
C VAL E 263 15.73 53.09 19.52
N THR E 264 16.10 52.25 18.55
CA THR E 264 16.34 52.71 17.19
C THR E 264 15.43 52.05 16.15
N PHE E 265 14.71 50.99 16.49
CA PHE E 265 13.84 50.32 15.54
C PHE E 265 12.57 49.88 16.25
N SER E 266 11.42 50.22 15.66
CA SER E 266 10.13 49.86 16.24
C SER E 266 9.09 49.81 15.13
N HIS E 267 7.85 49.52 15.51
CA HIS E 267 6.75 49.45 14.56
C HIS E 267 5.45 49.70 15.30
N CYS E 268 4.55 50.47 14.71
CA CYS E 268 3.31 50.86 15.38
C CYS E 268 2.22 51.07 14.34
N VAL E 269 1.16 51.74 14.74
CA VAL E 269 0.01 52.03 13.89
C VAL E 269 -0.11 53.54 13.79
N PRO E 270 -0.82 54.05 12.78
CA PRO E 270 -0.88 55.52 12.60
C PRO E 270 -1.45 56.27 13.79
N THR E 271 -2.34 55.67 14.58
CA THR E 271 -2.88 56.36 15.74
C THR E 271 -1.85 56.47 16.86
N ILE E 272 -1.11 55.41 17.11
CA ILE E 272 -0.09 55.43 18.16
C ILE E 272 1.02 56.42 17.82
N LEU E 273 1.44 56.45 16.55
CA LEU E 273 2.47 57.40 16.14
C LEU E 273 1.99 58.84 16.31
N HIS E 274 0.73 59.11 15.94
CA HIS E 274 0.18 60.45 16.13
C HIS E 274 0.12 60.81 17.60
N LEU E 275 -0.26 59.87 18.45
CA LEU E 275 -0.28 60.12 19.89
C LEU E 275 1.12 60.43 20.41
N LEU E 276 2.12 59.68 19.95
CA LEU E 276 3.49 59.92 20.39
C LEU E 276 4.00 61.29 19.93
N LEU E 277 3.68 61.66 18.70
CA LEU E 277 4.16 62.95 18.19
C LEU E 277 3.45 64.12 18.86
N SER E 278 2.16 64.05 19.10
CA SER E 278 1.49 65.16 19.66
C SER E 278 1.65 65.25 21.15
N SER E 279 2.25 64.26 21.80
CA SER E 279 2.52 64.38 23.23
C SER E 279 3.40 65.60 23.48
N PRO E 280 3.16 66.34 24.61
CA PRO E 280 4.11 67.42 24.89
C PRO E 280 5.36 66.97 25.65
N LYS E 281 5.62 65.67 25.73
CA LYS E 281 6.85 65.20 26.33
C LYS E 281 7.73 64.82 25.16
N SER E 282 7.42 65.33 23.97
CA SER E 282 8.16 64.99 22.78
C SER E 282 8.65 66.22 22.05
N LYS E 283 8.60 67.39 22.67
CA LYS E 283 8.99 68.60 21.98
C LYS E 283 10.41 68.89 22.13
N ALA E 284 11.02 68.38 23.14
CA ALA E 284 12.46 68.50 23.33
C ALA E 284 13.16 67.16 23.23
N MET E 285 12.50 66.16 22.65
CA MET E 285 13.05 64.81 22.57
C MET E 285 13.70 64.57 21.21
N ASP E 286 14.88 63.95 21.23
CA ASP E 286 15.65 63.71 20.02
C ASP E 286 15.18 62.41 19.36
N PHE E 287 14.62 62.53 18.16
CA PHE E 287 14.06 61.39 17.45
C PHE E 287 14.90 60.96 16.26
N SER E 288 16.07 61.57 16.04
CA SER E 288 16.83 61.30 14.82
C SER E 288 17.65 60.02 14.92
N GLY E 289 17.04 58.94 15.42
CA GLY E 289 17.66 57.63 15.40
C GLY E 289 16.65 56.52 15.23
N TRP E 290 15.41 56.89 14.90
CA TRP E 290 14.26 56.01 15.00
C TRP E 290 13.80 55.56 13.62
N LYS E 291 13.27 54.35 13.55
CA LYS E 291 12.94 53.67 12.30
C LYS E 291 11.57 53.02 12.38
N VAL E 292 10.54 53.79 12.59
CA VAL E 292 9.22 53.22 12.58
C VAL E 292 8.64 52.65 11.32
N VAL E 293 8.23 51.41 11.28
CA VAL E 293 7.49 50.85 10.18
C VAL E 293 6.02 50.87 10.54
N ILE E 294 5.29 51.85 10.08
CA ILE E 294 3.85 52.04 10.26
C ILE E 294 3.16 51.23 9.17
N GLY E 295 2.86 49.98 9.49
CA GLY E 295 2.21 49.09 8.55
C GLY E 295 0.85 48.63 9.01
N GLY E 296 0.23 49.37 9.93
CA GLY E 296 -1.06 49.00 10.44
C GLY E 296 -2.16 49.10 9.39
N ALA E 297 -2.51 50.32 9.00
CA ALA E 297 -3.50 50.51 7.93
C ALA E 297 -3.41 51.94 7.41
N ALA E 298 -3.01 52.10 6.15
CA ALA E 298 -3.18 53.34 5.40
C ALA E 298 -2.52 54.53 6.11
N LEU E 299 -1.20 54.48 6.15
CA LEU E 299 -0.40 55.58 6.69
C LEU E 299 -0.74 56.88 5.98
N PRO E 300 -1.27 57.87 6.68
CA PRO E 300 -1.62 59.14 6.03
C PRO E 300 -0.39 59.91 5.59
N LYS E 301 -0.58 60.75 4.57
CA LYS E 301 0.53 61.54 4.03
C LYS E 301 0.91 62.68 4.96
N ALA E 302 -0.08 63.35 5.56
CA ALA E 302 0.21 64.47 6.45
C ALA E 302 0.96 64.01 7.69
N LEU E 303 0.56 62.88 8.26
CA LEU E 303 1.27 62.34 9.42
C LEU E 303 2.70 61.94 9.05
N CYS E 304 2.87 61.37 7.86
CA CYS E 304 4.23 61.02 7.41
C CYS E 304 5.09 62.26 7.26
N LYS E 305 4.53 63.34 6.70
CA LYS E 305 5.28 64.58 6.57
C LYS E 305 5.64 65.15 7.93
N SER E 306 4.69 65.13 8.87
CA SER E 306 4.96 65.66 10.21
C SER E 306 6.05 64.85 10.90
N ALA E 307 6.05 63.53 10.73
CA ALA E 307 7.10 62.70 11.31
C ALA E 307 8.44 62.94 10.63
N LEU E 308 8.43 63.14 9.31
CA LEU E 308 9.67 63.42 8.58
C LEU E 308 10.28 64.75 9.01
N GLU E 309 9.44 65.73 9.37
CA GLU E 309 9.96 66.99 9.90
C GLU E 309 10.66 66.82 11.24
N ARG E 310 10.54 65.70 11.92
CA ARG E 310 11.20 65.47 13.22
C ARG E 310 12.31 64.50 13.10
N ASP E 311 12.83 64.30 11.90
CA ASP E 311 13.95 63.40 11.63
C ASP E 311 13.72 61.97 11.89
N ILE E 312 12.67 61.40 11.40
CA ILE E 312 12.32 60.03 11.73
C ILE E 312 12.22 59.24 10.44
N ASP E 313 12.89 58.08 10.40
CA ASP E 313 12.86 57.21 9.23
C ASP E 313 11.52 56.47 9.22
N VAL E 314 10.53 57.09 8.60
CA VAL E 314 9.18 56.56 8.52
C VAL E 314 8.97 55.90 7.17
N PHE E 315 8.51 54.66 7.18
CA PHE E 315 8.14 53.98 5.95
C PHE E 315 7.07 52.94 6.28
N ALA E 316 6.18 52.72 5.33
CA ALA E 316 5.02 51.89 5.56
C ALA E 316 5.26 50.45 5.11
N GLY E 317 4.49 49.54 5.68
CA GLY E 317 4.51 48.15 5.29
C GLY E 317 3.10 47.64 5.06
N TYR E 318 3.01 46.42 4.55
CA TYR E 318 1.71 45.86 4.23
C TYR E 318 1.72 44.34 4.35
N GLY E 319 0.72 43.84 5.06
CA GLY E 319 0.45 42.42 5.20
C GLY E 319 -0.87 42.26 5.91
N MET E 320 -1.32 41.00 6.02
CA MET E 320 -2.57 40.70 6.70
C MET E 320 -2.40 39.43 7.53
N SER E 321 -3.46 39.07 8.25
CA SER E 321 -3.40 37.93 9.16
C SER E 321 -3.15 36.62 8.41
N GLU E 322 -3.59 36.53 7.16
CA GLU E 322 -3.49 35.29 6.41
C GLU E 322 -2.17 35.14 5.67
N THR E 323 -1.29 36.15 5.70
CA THR E 323 -0.17 36.20 4.77
C THR E 323 1.19 36.31 5.45
N GLY E 324 1.32 35.92 6.71
CA GLY E 324 2.63 35.75 7.29
C GLY E 324 3.05 36.60 8.49
N PRO E 325 2.75 37.91 8.51
CA PRO E 325 1.91 38.74 7.63
C PRO E 325 2.60 39.45 6.47
N ILE E 326 3.89 39.77 6.58
CA ILE E 326 4.49 40.80 5.73
C ILE E 326 4.47 40.36 4.27
N LEU E 327 3.97 41.23 3.40
CA LEU E 327 3.97 41.02 1.96
C LEU E 327 4.68 42.12 1.19
N SER E 328 4.63 43.37 1.64
CA SER E 328 5.32 44.43 0.93
C SER E 328 5.87 45.43 1.94
N ILE E 329 7.01 46.03 1.60
CA ILE E 329 7.65 47.04 2.45
C ILE E 329 8.17 48.15 1.55
N VAL E 330 7.99 49.39 1.99
CA VAL E 330 8.47 50.55 1.25
C VAL E 330 9.98 50.64 1.41
N GLN E 331 10.70 50.54 0.30
CA GLN E 331 12.16 50.68 0.29
C GLN E 331 12.53 51.72 -0.76
N LEU E 332 13.31 52.71 -0.36
CA LEU E 332 13.65 53.85 -1.21
C LEU E 332 15.06 53.68 -1.74
N THR E 333 15.21 53.77 -3.06
CA THR E 333 16.51 53.72 -3.70
C THR E 333 17.30 54.99 -3.40
N PRO E 334 18.63 54.93 -3.47
CA PRO E 334 19.44 56.10 -3.06
C PRO E 334 19.12 57.39 -3.78
N GLU E 335 18.66 57.34 -5.03
CA GLU E 335 18.31 58.56 -5.75
C GLU E 335 16.94 59.10 -5.36
N GLN E 336 16.15 58.34 -4.60
CA GLN E 336 14.85 58.79 -4.15
C GLN E 336 14.89 59.52 -2.81
N LEU E 337 16.03 59.53 -2.13
CA LEU E 337 16.15 60.21 -0.85
C LEU E 337 16.58 61.67 -0.98
N GLU E 338 16.70 62.20 -2.20
CA GLU E 338 17.05 63.59 -2.41
C GLU E 338 15.83 64.50 -2.52
N LEU E 339 14.74 63.80 -2.76
CA LEU E 339 13.53 64.51 -2.98
C LEU E 339 13.18 65.33 -1.82
N ASP E 340 12.16 66.10 -1.99
CA ASP E 340 11.86 67.02 -0.96
C ASP E 340 10.92 66.64 0.10
N VAL E 341 10.67 67.59 0.97
CA VAL E 341 9.74 67.46 2.08
C VAL E 341 8.46 66.73 1.68
N ASP E 342 8.02 66.87 0.46
CA ASP E 342 6.76 66.30 0.06
C ASP E 342 6.77 65.15 -0.92
N GLN E 343 7.79 64.94 -1.72
CA GLN E 343 7.80 63.91 -2.65
C GLN E 343 8.24 62.69 -1.91
N GLN E 344 9.07 62.79 -0.90
CA GLN E 344 9.42 61.71 0.00
C GLN E 344 8.22 61.23 0.81
N ALA E 345 7.37 62.13 1.24
CA ALA E 345 6.14 61.78 1.94
C ALA E 345 5.26 61.00 1.13
N GLU E 346 5.08 61.34 -0.14
CA GLU E 346 4.28 60.55 -1.10
C GLU E 346 4.86 59.26 -1.53
N TYR E 347 6.17 59.09 -1.46
CA TYR E 347 6.75 57.78 -1.72
C TYR E 347 6.67 56.86 -0.50
N ARG E 348 6.91 57.41 0.70
CA ARG E 348 6.97 56.60 1.91
C ARG E 348 5.60 56.09 2.33
N SER E 349 4.53 56.76 1.95
CA SER E 349 3.18 56.40 2.39
C SER E 349 2.49 55.40 1.48
N LYS E 350 3.19 54.92 0.44
CA LYS E 350 2.60 53.94 -0.46
C LYS E 350 2.59 52.56 0.21
N THR E 351 2.01 51.59 -0.49
CA THR E 351 2.00 50.21 0.01
C THR E 351 3.37 49.55 -0.09
N GLY E 352 4.11 49.80 -1.14
CA GLY E 352 5.45 49.30 -1.26
C GLY E 352 5.64 48.23 -2.23
N LYS E 353 6.87 47.83 -2.43
CA LYS E 353 7.16 46.79 -3.34
C LYS E 353 7.18 45.48 -2.69
N LYS E 354 6.88 44.44 -3.40
CA LYS E 354 6.83 43.10 -2.89
C LYS E 354 8.10 42.71 -2.35
N VAL E 355 8.07 41.77 -1.45
CA VAL E 355 9.26 41.37 -0.79
C VAL E 355 9.70 40.20 -1.55
N ALA E 356 10.81 39.66 -1.20
CA ALA E 356 11.40 38.52 -1.90
C ALA E 356 10.54 37.28 -1.74
N LEU E 357 10.41 36.51 -2.83
CA LEU E 357 9.62 35.28 -2.90
C LEU E 357 8.12 35.55 -2.84
N VAL E 358 7.68 36.70 -3.33
CA VAL E 358 6.27 37.06 -3.38
C VAL E 358 5.93 37.47 -4.81
N GLU E 359 4.77 37.00 -5.30
CA GLU E 359 4.38 37.20 -6.69
C GLU E 359 3.52 38.45 -6.88
N ALA E 360 2.36 38.53 -6.21
CA ALA E 360 1.58 39.76 -6.07
C ALA E 360 1.17 40.33 -7.44
N TYR E 361 0.32 39.59 -8.13
CA TYR E 361 -0.34 40.08 -9.33
C TYR E 361 -1.61 40.85 -8.98
N ILE E 362 -2.17 41.51 -9.99
CA ILE E 362 -3.43 42.25 -9.87
C ILE E 362 -4.41 41.65 -10.86
N VAL E 363 -5.59 41.25 -10.38
CA VAL E 363 -6.56 40.54 -11.19
C VAL E 363 -7.92 41.23 -11.06
N ASP E 364 -8.80 40.80 -11.96
CA ASP E 364 -10.21 41.15 -12.01
C ASP E 364 -11.13 40.02 -11.63
N GLU E 365 -12.41 40.25 -11.52
CA GLU E 365 -13.32 39.23 -10.99
C GLU E 365 -13.26 37.92 -11.72
N ASP E 366 -12.74 37.93 -12.94
CA ASP E 366 -12.50 36.73 -13.73
C ASP E 366 -11.05 36.27 -13.66
N MET E 367 -10.19 36.78 -12.79
CA MET E 367 -8.79 36.39 -12.78
C MET E 367 -7.93 36.75 -13.97
N ASN E 368 -8.12 37.90 -14.57
CA ASN E 368 -7.57 38.14 -15.91
C ASN E 368 -6.24 38.88 -15.89
N LYS E 369 -5.68 39.20 -14.71
CA LYS E 369 -4.32 39.71 -14.58
C LYS E 369 -4.13 41.02 -15.36
N LEU E 370 -4.82 42.06 -14.87
CA LEU E 370 -4.74 43.41 -15.44
C LEU E 370 -3.31 43.92 -15.47
N PRO E 371 -2.94 44.74 -16.44
CA PRO E 371 -1.56 45.20 -16.54
C PRO E 371 -1.18 46.14 -15.40
N HIS E 372 0.13 46.21 -15.17
CA HIS E 372 0.68 47.06 -14.10
C HIS E 372 1.05 48.44 -14.66
N ASP E 373 0.08 49.09 -15.28
CA ASP E 373 0.32 50.41 -15.84
C ASP E 373 0.27 51.51 -14.79
N GLY E 374 -0.20 51.21 -13.58
CA GLY E 374 -0.30 52.19 -12.53
C GLY E 374 -1.57 53.00 -12.50
N GLU E 375 -2.53 52.69 -13.38
CA GLU E 375 -3.81 53.38 -13.39
C GLU E 375 -5.00 52.46 -13.16
N THR E 376 -5.02 51.28 -13.77
CA THR E 376 -6.14 50.37 -13.61
C THR E 376 -6.03 49.64 -12.28
N ALA E 377 -7.13 49.58 -11.55
CA ALA E 377 -7.18 48.95 -10.24
C ALA E 377 -7.75 47.53 -10.33
N GLY E 378 -7.41 46.72 -9.34
CA GLY E 378 -7.85 45.34 -9.31
C GLY E 378 -7.50 44.73 -7.97
N GLU E 379 -8.00 43.52 -7.77
CA GLU E 379 -7.71 42.81 -6.52
C GLU E 379 -6.29 42.27 -6.51
N ILE E 380 -5.66 42.19 -5.34
CA ILE E 380 -4.33 41.63 -5.19
C ILE E 380 -4.41 40.16 -4.86
N VAL E 381 -3.69 39.32 -5.58
CA VAL E 381 -3.69 37.94 -5.41
C VAL E 381 -2.26 37.59 -5.26
N VAL E 382 -1.87 36.72 -4.38
CA VAL E 382 -0.59 36.42 -4.05
C VAL E 382 -0.18 35.06 -3.89
N ARG E 383 1.08 34.78 -4.06
CA ARG E 383 1.67 33.50 -3.72
C ARG E 383 2.95 33.75 -2.95
N ALA E 384 3.13 33.07 -1.82
CA ALA E 384 4.26 33.31 -0.94
C ALA E 384 4.53 32.04 -0.15
N PRO E 385 5.74 31.90 0.40
CA PRO E 385 6.05 30.68 1.17
C PRO E 385 5.41 30.65 2.55
N TRP E 386 4.79 31.73 3.01
CA TRP E 386 4.29 31.83 4.37
C TRP E 386 2.84 32.27 4.38
N LEU E 387 2.02 31.62 3.56
CA LEU E 387 0.58 31.87 3.52
C LEU E 387 -0.14 30.70 4.18
N THR E 388 -1.21 31.00 4.91
CA THR E 388 -2.01 29.95 5.52
C THR E 388 -2.69 29.13 4.43
N PRO E 389 -2.67 27.80 4.53
CA PRO E 389 -3.30 26.98 3.47
C PRO E 389 -4.81 27.13 3.41
N ASN E 390 -5.46 27.35 4.56
CA ASN E 390 -6.92 27.44 4.63
C ASN E 390 -7.29 27.96 6.01
N TYR E 391 -8.59 28.10 6.24
CA TYR E 391 -9.10 28.46 7.55
C TYR E 391 -9.31 27.19 8.37
N TYR E 392 -9.13 27.31 9.69
CA TYR E 392 -9.22 26.14 10.56
C TYR E 392 -10.68 25.70 10.69
N LYS E 393 -10.92 24.41 10.45
CA LYS E 393 -12.26 23.82 10.53
C LYS E 393 -13.25 24.54 9.62
N ASP E 394 -12.89 24.91 8.41
CA ASP E 394 -13.80 25.56 7.50
C ASP E 394 -13.49 25.07 6.15
N ASN E 395 -14.45 25.09 5.24
CA ASN E 395 -14.26 24.57 3.94
C ASN E 395 -14.72 25.35 2.84
N LYS E 396 -15.63 26.23 2.99
CA LYS E 396 -16.17 26.91 1.93
C LYS E 396 -15.61 28.24 1.90
N ASN E 397 -15.23 28.84 3.00
CA ASN E 397 -14.43 30.04 3.10
C ASN E 397 -12.98 29.77 2.69
N SER E 398 -12.49 28.54 2.94
CA SER E 398 -11.16 28.17 2.48
C SER E 398 -11.09 28.15 0.96
N LYS E 399 -12.13 27.64 0.29
CA LYS E 399 -12.15 27.66 -1.17
C LYS E 399 -12.26 29.08 -1.70
N ALA E 400 -13.04 29.94 -1.02
CA ALA E 400 -13.10 31.33 -1.43
C ALA E 400 -11.77 32.04 -1.21
N LEU E 401 -10.98 31.58 -0.24
CA LEU E 401 -9.69 32.21 0.04
C LEU E 401 -8.66 31.87 -1.04
N TRP E 402 -8.61 30.61 -1.46
CA TRP E 402 -7.61 30.14 -2.41
C TRP E 402 -8.20 29.85 -3.78
N ARG E 403 -9.13 30.70 -4.21
CA ARG E 403 -9.78 30.54 -5.50
C ARG E 403 -8.78 30.75 -6.64
N GLY E 404 -8.88 29.93 -7.68
CA GLY E 404 -8.04 30.11 -8.84
C GLY E 404 -6.58 29.80 -8.64
N GLY E 405 -6.23 29.00 -7.64
CA GLY E 405 -4.84 28.68 -7.39
C GLY E 405 -4.03 29.82 -6.81
N TYR E 406 -4.70 30.77 -6.16
CA TYR E 406 -4.03 31.94 -5.61
C TYR E 406 -4.77 32.40 -4.37
N LEU E 407 -4.06 33.08 -3.47
CA LEU E 407 -4.66 33.60 -2.25
C LEU E 407 -5.25 34.98 -2.52
N HIS E 408 -6.47 35.24 -2.13
CA HIS E 408 -7.11 36.49 -2.40
C HIS E 408 -7.15 37.34 -1.17
N THR E 409 -6.51 38.45 -1.25
CA THR E 409 -6.32 39.38 -0.21
C THR E 409 -7.45 40.17 0.04
N GLY E 410 -8.19 40.50 -0.96
CA GLY E 410 -9.40 41.25 -0.67
C GLY E 410 -9.27 42.75 -0.74
N ASP E 411 -8.16 43.26 -1.26
CA ASP E 411 -7.91 44.69 -1.37
C ASP E 411 -7.75 45.08 -2.83
N VAL E 412 -8.35 46.21 -3.21
CA VAL E 412 -8.30 46.72 -4.57
C VAL E 412 -7.20 47.77 -4.64
N ALA E 413 -6.22 47.53 -5.52
CA ALA E 413 -5.05 48.37 -5.65
C ALA E 413 -4.60 48.39 -7.10
N HIS E 414 -3.78 49.38 -7.44
CA HIS E 414 -3.13 49.47 -8.75
C HIS E 414 -1.63 49.43 -8.56
N ILE E 415 -0.96 48.58 -9.33
CA ILE E 415 0.49 48.42 -9.24
C ILE E 415 1.15 49.29 -10.29
N ASP E 416 2.08 50.13 -9.85
CA ASP E 416 2.83 51.00 -10.75
C ASP E 416 3.89 50.19 -11.50
N ASP E 417 4.31 50.68 -12.65
CA ASP E 417 5.31 49.99 -13.45
C ASP E 417 6.64 49.80 -12.77
N GLU E 418 6.99 50.71 -11.89
CA GLU E 418 8.23 50.52 -11.13
C GLU E 418 8.11 49.43 -10.07
N GLY E 419 6.90 48.92 -9.84
CA GLY E 419 6.66 47.92 -8.82
C GLY E 419 6.00 48.44 -7.56
N PHE E 420 5.86 49.76 -7.41
CA PHE E 420 5.21 50.32 -6.24
C PHE E 420 3.71 49.99 -6.27
N ILE E 421 3.20 49.55 -5.14
CA ILE E 421 1.78 49.23 -4.99
C ILE E 421 1.11 50.37 -4.24
N LYS E 422 -0.14 50.66 -4.60
CA LYS E 422 -0.94 51.68 -3.93
C LYS E 422 -2.32 51.11 -3.69
N ILE E 423 -2.62 50.75 -2.44
CA ILE E 423 -3.93 50.20 -2.13
C ILE E 423 -4.97 51.31 -2.20
N THR E 424 -6.02 51.08 -2.97
CA THR E 424 -7.05 52.07 -3.20
C THR E 424 -8.26 51.89 -2.29
N ASP E 425 -8.77 50.66 -2.18
CA ASP E 425 -9.96 50.43 -1.35
C ASP E 425 -10.08 48.94 -1.05
N ARG E 426 -11.25 48.46 -0.66
CA ARG E 426 -11.45 47.07 -0.31
C ARG E 426 -12.39 46.57 -1.29
N VAL E 427 -12.47 45.30 -1.49
CA VAL E 427 -13.33 44.67 -2.49
C VAL E 427 -14.79 44.82 -2.09
N LYS E 428 -15.11 44.50 -0.84
CA LYS E 428 -16.49 44.63 -0.36
C LYS E 428 -16.93 46.08 -0.23
N ASP E 429 -16.00 47.03 -0.25
CA ASP E 429 -16.32 48.45 -0.17
C ASP E 429 -16.29 49.12 -1.53
N MET E 430 -16.28 48.34 -2.60
CA MET E 430 -16.24 48.90 -3.94
C MET E 430 -17.59 49.37 -4.42
N ILE E 431 -17.62 50.38 -5.28
CA ILE E 431 -18.87 50.91 -5.84
C ILE E 431 -18.93 50.46 -7.33
N LYS E 432 -19.66 49.42 -7.64
CA LYS E 432 -19.81 49.06 -9.02
C LYS E 432 -20.98 49.84 -9.60
N ILE E 433 -20.89 51.17 -9.64
CA ILE E 433 -21.96 51.92 -10.28
C ILE E 433 -21.89 51.59 -11.76
N SER E 434 -23.00 51.19 -12.37
CA SER E 434 -23.08 50.95 -13.82
C SER E 434 -22.13 49.84 -14.25
N GLY E 435 -21.02 50.21 -14.88
CA GLY E 435 -20.03 49.24 -15.30
C GLY E 435 -18.63 49.53 -14.81
N GLU E 436 -18.54 50.61 -14.03
CA GLU E 436 -17.25 51.04 -13.49
C GLU E 436 -17.15 50.76 -12.00
N TRP E 437 -15.93 50.70 -11.47
CA TRP E 437 -15.74 50.42 -10.05
C TRP E 437 -14.99 51.60 -9.43
N VAL E 438 -15.68 52.41 -8.66
CA VAL E 438 -15.07 53.53 -7.96
C VAL E 438 -14.80 53.14 -6.52
N SER E 439 -13.95 53.89 -5.85
CA SER E 439 -13.61 53.60 -4.48
C SER E 439 -14.18 54.58 -3.50
N SER E 440 -14.60 54.06 -2.37
CA SER E 440 -15.21 54.89 -1.34
C SER E 440 -14.19 55.66 -0.52
N LEU E 441 -12.91 55.31 -0.60
CA LEU E 441 -11.89 56.00 0.18
C LEU E 441 -11.63 57.41 -0.33
N GLU E 442 -11.64 57.61 -1.65
CA GLU E 442 -11.42 58.95 -2.18
C GLU E 442 -12.60 59.87 -1.88
N LEU E 443 -13.83 59.35 -1.96
CA LEU E 443 -14.99 60.15 -1.57
C LEU E 443 -14.95 60.45 -0.07
N GLU E 444 -14.54 59.47 0.73
CA GLU E 444 -14.37 59.70 2.16
C GLU E 444 -13.34 60.78 2.43
N ASP E 445 -12.22 60.75 1.69
CA ASP E 445 -11.20 61.77 1.85
C ASP E 445 -11.71 63.15 1.43
N ILE E 446 -12.48 63.20 0.34
CA ILE E 446 -12.99 64.48 -0.17
C ILE E 446 -13.92 65.12 0.86
N LEU E 447 -14.87 64.39 1.44
CA LEU E 447 -15.84 65.06 2.35
C LEU E 447 -15.32 65.11 3.77
N HIS E 448 -14.01 65.12 3.92
CA HIS E 448 -13.41 65.11 5.23
C HIS E 448 -12.72 66.43 5.24
N GLN E 449 -12.26 66.84 4.06
CA GLN E 449 -11.69 68.19 3.98
C GLN E 449 -12.66 69.27 4.44
N HIS E 450 -13.93 68.95 4.59
CA HIS E 450 -14.90 69.94 5.04
C HIS E 450 -14.56 70.41 6.45
N GLN E 451 -14.64 71.73 6.66
CA GLN E 451 -14.24 72.31 7.94
C GLN E 451 -15.20 71.93 9.07
N SER E 452 -16.36 71.38 8.76
CA SER E 452 -17.35 71.11 9.79
C SER E 452 -17.54 69.62 10.07
N VAL E 453 -16.97 68.78 9.22
CA VAL E 453 -17.11 67.33 9.35
C VAL E 453 -15.92 66.77 10.10
N SER E 454 -16.23 65.88 11.02
CA SER E 454 -15.25 65.18 11.85
C SER E 454 -15.00 63.76 11.36
N GLU E 455 -16.06 62.96 11.26
CA GLU E 455 -15.96 61.58 10.79
C GLU E 455 -17.00 61.35 9.71
N VAL E 456 -16.52 60.69 8.64
CA VAL E 456 -17.35 60.42 7.49
C VAL E 456 -17.34 58.96 7.13
N ALA E 457 -18.43 58.45 6.63
CA ALA E 457 -18.50 57.08 6.14
C ALA E 457 -19.34 57.04 4.87
N VAL E 458 -18.86 56.29 3.88
CA VAL E 458 -19.53 56.17 2.59
C VAL E 458 -19.85 54.70 2.34
N ILE E 459 -21.11 54.41 2.05
CA ILE E 459 -21.58 53.07 1.75
C ILE E 459 -22.42 53.11 0.49
N GLY E 460 -22.68 51.93 -0.07
CA GLY E 460 -23.43 51.80 -1.30
C GLY E 460 -24.93 51.74 -1.08
N MET E 461 -25.68 52.16 -2.10
CA MET E 461 -27.13 52.15 -2.07
C MET E 461 -27.64 51.69 -3.44
N PRO E 462 -28.42 50.61 -3.50
CA PRO E 462 -28.87 50.08 -4.79
C PRO E 462 -29.71 51.08 -5.57
N HIS E 463 -29.54 51.04 -6.89
CA HIS E 463 -30.30 51.88 -7.82
C HIS E 463 -30.65 51.03 -9.03
N ASN E 464 -31.94 51.01 -9.39
CA ASN E 464 -32.42 50.05 -10.38
C ASN E 464 -31.70 50.21 -11.71
N LYS E 465 -31.58 51.44 -12.20
CA LYS E 465 -30.93 51.66 -13.49
C LYS E 465 -29.42 51.86 -13.38
N TRP E 466 -28.88 52.08 -12.18
CA TRP E 466 -27.42 52.17 -12.04
C TRP E 466 -26.81 51.22 -11.02
N GLY E 467 -27.43 50.07 -10.81
CA GLY E 467 -26.86 49.08 -9.92
C GLY E 467 -26.94 49.52 -8.47
N GLU E 468 -25.80 49.91 -7.92
CA GLU E 468 -25.72 50.45 -6.57
C GLU E 468 -24.87 51.72 -6.58
N VAL E 469 -25.28 52.69 -5.75
CA VAL E 469 -24.66 54.02 -5.77
C VAL E 469 -24.17 54.37 -4.37
N PRO E 470 -23.18 55.26 -4.25
CA PRO E 470 -22.66 55.59 -2.92
C PRO E 470 -23.63 56.45 -2.12
N LEU E 471 -23.56 56.31 -0.80
CA LEU E 471 -24.32 57.14 0.13
C LEU E 471 -23.36 57.67 1.19
N ALA E 472 -23.48 58.96 1.50
CA ALA E 472 -22.53 59.64 2.37
C ALA E 472 -23.15 59.86 3.75
N LEU E 473 -22.40 59.49 4.79
CA LEU E 473 -22.77 59.73 6.17
C LEU E 473 -21.69 60.56 6.83
N VAL E 474 -22.09 61.67 7.46
CA VAL E 474 -21.14 62.61 8.05
C VAL E 474 -21.53 62.86 9.50
N THR E 475 -20.53 63.26 10.29
CA THR E 475 -20.74 63.67 11.68
C THR E 475 -20.21 65.07 11.86
N LEU E 476 -21.07 65.98 12.31
CA LEU E 476 -20.69 67.38 12.43
C LEU E 476 -19.81 67.62 13.64
N LYS E 477 -19.09 68.73 13.63
CA LYS E 477 -18.18 69.10 14.70
C LYS E 477 -18.95 69.79 15.82
N GLU E 478 -18.22 70.38 16.76
CA GLU E 478 -18.85 71.05 17.90
C GLU E 478 -19.47 72.37 17.45
N ASP E 479 -20.78 72.52 17.71
CA ASP E 479 -21.52 73.74 17.38
C ASP E 479 -21.40 74.10 15.90
N ALA E 480 -21.35 73.08 15.05
CA ALA E 480 -21.31 73.26 13.61
C ALA E 480 -22.57 72.65 13.01
N GLN E 481 -23.30 73.45 12.23
CA GLN E 481 -24.56 73.01 11.62
C GLN E 481 -24.58 73.50 10.18
N VAL E 482 -24.24 72.60 9.25
CA VAL E 482 -24.29 72.93 7.83
C VAL E 482 -25.29 71.96 7.22
N THR E 483 -26.19 72.46 6.39
CA THR E 483 -27.22 71.63 5.79
C THR E 483 -26.61 70.66 4.76
N GLU E 484 -27.40 69.65 4.39
CA GLU E 484 -26.94 68.64 3.47
C GLU E 484 -26.61 69.23 2.11
N LYS E 485 -27.34 70.27 1.69
CA LYS E 485 -27.13 70.85 0.36
C LYS E 485 -25.72 71.43 0.23
N GLU E 486 -25.24 72.13 1.27
CA GLU E 486 -23.88 72.67 1.22
C GLU E 486 -22.85 71.55 1.20
N LEU E 487 -23.08 70.48 1.96
CA LEU E 487 -22.18 69.34 1.93
C LEU E 487 -22.14 68.70 0.54
N LEU E 488 -23.31 68.60 -0.11
CA LEU E 488 -23.34 68.12 -1.48
C LEU E 488 -22.50 69.02 -2.40
N GLY E 489 -22.74 70.33 -2.33
CA GLY E 489 -22.02 71.27 -3.17
C GLY E 489 -20.53 71.32 -2.88
N PHE E 490 -20.12 70.91 -1.68
CA PHE E 490 -18.70 70.88 -1.34
C PHE E 490 -17.95 69.88 -2.24
N ALA E 491 -18.55 68.72 -2.48
CA ALA E 491 -17.94 67.72 -3.35
C ALA E 491 -18.18 68.00 -4.83
N LYS E 492 -19.11 68.90 -5.13
CA LYS E 492 -19.46 69.20 -6.51
C LYS E 492 -18.45 70.12 -7.19
N ASP E 493 -17.56 70.73 -6.41
CA ASP E 493 -16.52 71.60 -6.97
C ASP E 493 -15.34 70.81 -7.51
N PHE E 494 -15.11 69.60 -6.96
CA PHE E 494 -13.95 68.82 -7.35
C PHE E 494 -14.10 68.32 -8.79
N ILE E 495 -12.96 67.94 -9.38
CA ILE E 495 -12.90 67.55 -10.78
C ILE E 495 -12.04 66.31 -10.95
N ASN E 496 -11.79 65.93 -12.20
CA ASN E 496 -10.90 64.83 -12.57
C ASN E 496 -11.44 63.49 -12.06
N LYS E 497 -12.62 63.13 -12.56
CA LYS E 497 -13.18 61.79 -12.35
C LYS E 497 -14.16 61.51 -13.46
N GLY E 498 -14.45 60.22 -13.65
CA GLY E 498 -15.29 59.77 -14.74
C GLY E 498 -16.76 59.77 -14.39
N ILE E 499 -17.51 58.93 -15.11
CA ILE E 499 -18.95 58.74 -14.93
C ILE E 499 -19.66 60.05 -15.24
N LEU E 500 -20.98 60.08 -15.04
CA LEU E 500 -21.80 61.26 -15.33
C LEU E 500 -21.18 62.52 -14.72
N ALA E 501 -20.79 63.45 -15.59
CA ALA E 501 -20.06 64.65 -15.17
C ALA E 501 -18.86 64.24 -14.32
N ARG E 502 -19.01 64.30 -13.00
CA ARG E 502 -18.03 63.76 -12.06
C ARG E 502 -18.72 62.84 -11.06
N GLU E 503 -19.67 62.04 -11.55
CA GLU E 503 -20.47 61.17 -10.69
C GLU E 503 -21.17 61.98 -9.60
N ALA E 504 -21.51 63.23 -9.90
CA ALA E 504 -22.11 64.12 -8.90
C ALA E 504 -23.49 64.56 -9.36
N LEU E 505 -24.45 63.68 -9.03
CA LEU E 505 -25.86 63.98 -9.25
C LEU E 505 -26.63 63.17 -8.17
N LEU E 506 -25.95 62.23 -7.49
CA LEU E 506 -26.62 61.38 -6.48
C LEU E 506 -25.77 61.03 -5.27
N LEU E 507 -25.06 62.01 -4.72
CA LEU E 507 -24.20 61.76 -3.57
C LEU E 507 -25.01 61.27 -2.37
N LYS E 508 -26.16 61.89 -2.12
CA LYS E 508 -27.08 61.49 -1.05
C LYS E 508 -26.38 61.49 0.31
N VAL E 509 -25.94 62.69 0.72
CA VAL E 509 -25.27 62.84 2.00
C VAL E 509 -26.29 62.88 3.11
N LYS E 510 -25.92 62.32 4.27
CA LYS E 510 -26.78 62.30 5.43
C LYS E 510 -25.95 62.65 6.67
N ILE E 511 -26.57 63.33 7.62
CA ILE E 511 -25.92 63.75 8.85
C ILE E 511 -26.36 62.81 9.97
N VAL E 512 -25.42 62.08 10.54
CA VAL E 512 -25.68 61.14 11.61
C VAL E 512 -24.81 61.51 12.80
N ASP E 513 -25.42 61.55 13.99
CA ASP E 513 -24.69 61.96 15.18
C ASP E 513 -23.55 61.01 15.50
N GLU E 514 -23.78 59.71 15.40
CA GLU E 514 -22.75 58.72 15.69
C GLU E 514 -22.77 57.64 14.62
N ILE E 515 -21.59 57.10 14.32
CA ILE E 515 -21.41 56.05 13.33
C ILE E 515 -20.93 54.80 14.05
N ALA E 516 -21.58 53.67 13.78
CA ALA E 516 -21.22 52.43 14.45
C ALA E 516 -19.77 52.05 14.18
N LYS E 517 -19.19 51.48 15.21
CA LYS E 517 -17.80 51.16 15.11
C LYS E 517 -17.61 49.78 15.58
N THR E 518 -16.62 49.10 15.05
CA THR E 518 -16.21 47.81 15.57
C THR E 518 -15.40 48.00 16.85
N SER E 519 -15.52 47.04 17.77
CA SER E 519 -14.80 47.13 19.05
C SER E 519 -13.29 47.24 18.85
N VAL E 520 -12.79 46.76 17.71
CA VAL E 520 -11.37 46.94 17.40
C VAL E 520 -11.06 48.42 17.20
N GLY E 521 -12.00 49.17 16.63
CA GLY E 521 -11.80 50.59 16.41
C GLY E 521 -11.86 51.00 14.96
N LYS E 522 -12.62 50.26 14.16
CA LYS E 522 -12.77 50.54 12.74
C LYS E 522 -14.24 50.79 12.40
N VAL E 523 -14.47 51.53 11.32
CA VAL E 523 -15.83 51.83 10.90
C VAL E 523 -16.52 50.55 10.47
N ASP E 524 -17.73 50.34 10.98
CA ASP E 524 -18.52 49.13 10.69
C ASP E 524 -19.52 49.47 9.60
N LYS E 525 -19.13 49.22 8.35
CA LYS E 525 -20.02 49.50 7.23
C LYS E 525 -21.10 48.44 7.08
N LYS E 526 -20.85 47.18 7.42
CA LYS E 526 -21.87 46.18 7.20
C LYS E 526 -22.98 46.39 8.20
N GLU E 527 -22.64 46.67 9.46
CA GLU E 527 -23.71 47.03 10.38
C GLU E 527 -24.44 48.28 9.93
N LEU E 528 -23.73 49.22 9.31
CA LEU E 528 -24.37 50.44 8.82
C LEU E 528 -25.40 50.13 7.73
N ARG E 529 -25.11 49.09 6.97
CA ARG E 529 -25.93 48.71 5.84
C ARG E 529 -27.18 47.91 6.23
N LYS E 530 -27.37 47.68 7.51
CA LYS E 530 -28.64 47.18 8.05
C LYS E 530 -29.52 48.30 8.56
N LEU E 531 -28.92 49.30 9.24
CA LEU E 531 -29.71 50.37 9.84
C LEU E 531 -30.44 51.19 8.79
N HIS E 532 -29.78 51.51 7.68
CA HIS E 532 -30.33 52.43 6.70
C HIS E 532 -30.85 51.75 5.44
N LEU E 533 -30.50 50.49 5.21
CA LEU E 533 -30.97 49.78 4.01
C LEU E 533 -30.85 48.27 4.18
N ASN F 6 -0.13 20.53 -9.46
CA ASN F 6 0.29 20.36 -8.07
C ASN F 6 -0.67 21.08 -7.12
N ASP F 7 -0.16 21.45 -5.96
CA ASP F 7 -0.94 22.18 -4.96
C ASP F 7 -0.49 23.63 -4.94
N PRO F 8 -1.34 24.58 -5.34
CA PRO F 8 -0.91 26.00 -5.34
C PRO F 8 -0.54 26.51 -3.96
N SER F 9 -1.19 26.03 -2.91
CA SER F 9 -0.87 26.47 -1.55
C SER F 9 0.37 25.82 -0.99
N ASN F 10 0.88 24.76 -1.62
CA ASN F 10 2.11 24.10 -1.19
C ASN F 10 3.26 24.73 -1.94
N TYR F 11 3.96 25.66 -1.29
CA TYR F 11 5.05 26.38 -1.92
C TYR F 11 6.28 25.50 -2.02
N GLN F 12 6.97 25.59 -3.15
CA GLN F 12 8.20 24.84 -3.39
C GLN F 12 9.34 25.82 -3.60
N LEU F 13 10.44 25.63 -2.87
CA LEU F 13 11.60 26.49 -2.96
C LEU F 13 12.39 26.09 -4.20
N LEU F 14 12.21 26.85 -5.28
CA LEU F 14 12.85 26.55 -6.56
C LEU F 14 13.80 27.68 -6.94
N ILE F 15 14.75 27.35 -7.79
CA ILE F 15 15.72 28.34 -8.27
C ILE F 15 15.02 29.42 -9.10
N LYS F 16 13.95 29.06 -9.80
CA LYS F 16 13.23 30.03 -10.63
C LYS F 16 12.63 31.15 -9.81
N ASN F 17 12.40 30.94 -8.52
CA ASN F 17 11.90 32.01 -7.67
C ASN F 17 12.99 32.99 -7.24
N LEU F 18 14.26 32.61 -7.40
CA LEU F 18 15.36 33.53 -7.11
C LEU F 18 15.56 34.55 -8.21
N LEU F 19 15.04 34.30 -9.40
CA LEU F 19 15.21 35.17 -10.55
C LEU F 19 13.99 36.03 -10.84
N PHE F 20 12.79 35.49 -10.65
CA PHE F 20 11.55 36.20 -10.93
C PHE F 20 10.91 36.80 -9.69
N SER F 21 11.36 36.42 -8.50
CA SER F 21 10.93 37.03 -7.25
C SER F 21 12.15 37.42 -6.42
N PRO F 22 12.93 38.40 -6.89
CA PRO F 22 14.14 38.76 -6.17
C PRO F 22 13.90 39.80 -5.09
N VAL F 23 14.96 40.17 -4.36
CA VAL F 23 14.84 41.25 -3.39
C VAL F 23 14.64 42.58 -4.10
N ALA F 24 15.40 42.83 -5.16
CA ALA F 24 15.25 44.03 -5.97
C ALA F 24 15.39 43.64 -7.43
N PHE F 25 14.82 44.49 -8.31
CA PHE F 25 14.91 44.24 -9.74
C PHE F 25 14.85 45.58 -10.47
N ASN F 26 16.00 46.02 -10.97
CA ASN F 26 16.07 47.19 -11.83
C ASN F 26 16.24 46.72 -13.26
N PRO F 27 15.28 46.94 -14.15
CA PRO F 27 15.41 46.43 -15.53
C PRO F 27 16.57 47.03 -16.29
N GLU F 28 17.09 48.19 -15.87
CA GLU F 28 18.19 48.85 -16.58
C GLU F 28 19.55 48.58 -15.95
N GLN F 29 19.63 47.72 -14.95
CA GLN F 29 20.91 47.34 -14.37
C GLN F 29 21.67 46.45 -15.35
N GLU F 30 22.98 46.61 -15.37
CA GLU F 30 23.81 46.00 -16.40
C GLU F 30 24.50 44.73 -15.91
N ILE F 31 24.58 43.74 -16.81
CA ILE F 31 25.50 42.62 -16.71
C ILE F 31 26.59 42.88 -17.74
N VAL F 32 27.84 42.87 -17.28
CA VAL F 32 28.99 43.23 -18.12
C VAL F 32 29.94 42.04 -18.19
N TYR F 33 30.24 41.62 -19.41
CA TYR F 33 31.33 40.70 -19.69
C TYR F 33 32.50 41.51 -20.24
N ALA F 34 33.66 41.37 -19.61
CA ALA F 34 34.74 42.34 -19.67
C ALA F 34 35.12 42.75 -21.10
N ASN F 35 34.87 44.01 -21.44
CA ASN F 35 35.22 44.60 -22.73
C ASN F 35 34.65 43.84 -23.92
N HIS F 36 33.71 42.92 -23.68
CA HIS F 36 33.09 42.12 -24.74
C HIS F 36 31.61 42.39 -24.88
N ARG F 37 30.87 42.53 -23.78
CA ARG F 37 29.43 42.58 -23.89
C ARG F 37 28.86 43.35 -22.70
N ARG F 38 27.76 44.05 -22.93
CA ARG F 38 26.98 44.69 -21.88
C ARG F 38 25.51 44.53 -22.21
N HIS F 39 24.71 44.14 -21.22
CA HIS F 39 23.28 44.04 -21.48
C HIS F 39 22.50 44.13 -20.18
N SER F 40 21.31 44.71 -20.25
CA SER F 40 20.52 44.96 -19.06
C SER F 40 19.95 43.67 -18.50
N TYR F 41 19.21 43.78 -17.39
CA TYR F 41 18.59 42.62 -16.76
C TYR F 41 17.41 42.10 -17.56
N LYS F 42 16.69 43.00 -18.25
CA LYS F 42 15.59 42.58 -19.09
C LYS F 42 16.07 41.64 -20.20
N THR F 43 17.15 42.03 -20.89
CA THR F 43 17.70 41.16 -21.91
C THR F 43 18.32 39.91 -21.30
N PHE F 44 18.79 39.98 -20.06
CA PHE F 44 19.29 38.79 -19.39
C PHE F 44 18.17 37.77 -19.18
N HIS F 45 17.01 38.23 -18.73
CA HIS F 45 15.86 37.34 -18.60
C HIS F 45 15.42 36.80 -19.95
N ASP F 46 15.42 37.66 -20.98
CA ASP F 46 15.06 37.21 -22.33
C ASP F 46 16.02 36.13 -22.81
N ARG F 47 17.32 36.30 -22.56
CA ARG F 47 18.30 35.30 -22.97
C ARG F 47 18.16 34.02 -22.17
N VAL F 48 17.79 34.11 -20.90
CA VAL F 48 17.53 32.89 -20.12
C VAL F 48 16.37 32.11 -20.72
N ARG F 49 15.30 32.81 -21.10
CA ARG F 49 14.17 32.13 -21.73
C ARG F 49 14.57 31.55 -23.08
N GLN F 50 15.37 32.29 -23.85
CA GLN F 50 15.83 31.79 -25.14
C GLN F 50 16.68 30.54 -24.98
N PHE F 51 17.56 30.52 -23.97
CA PHE F 51 18.39 29.34 -23.73
C PHE F 51 17.54 28.17 -23.25
N ALA F 52 16.50 28.43 -22.47
CA ALA F 52 15.58 27.36 -22.10
C ALA F 52 14.91 26.76 -23.33
N ASN F 53 14.46 27.62 -24.26
CA ASN F 53 13.87 27.14 -25.50
C ASN F 53 14.88 26.33 -26.32
N ALA F 54 16.11 26.82 -26.41
CA ALA F 54 17.13 26.12 -27.18
C ALA F 54 17.44 24.75 -26.58
N LEU F 55 17.55 24.68 -25.25
CA LEU F 55 17.79 23.39 -24.59
C LEU F 55 16.62 22.45 -24.81
N THR F 56 15.38 22.96 -24.77
CA THR F 56 14.23 22.13 -25.07
C THR F 56 14.28 21.60 -26.49
N LYS F 57 14.78 22.41 -27.43
CA LYS F 57 14.88 21.97 -28.82
C LYS F 57 15.85 20.80 -28.97
N MET F 58 16.94 20.79 -28.20
CA MET F 58 17.89 19.68 -28.29
C MET F 58 17.33 18.37 -27.78
N GLY F 59 16.21 18.40 -27.07
CA GLY F 59 15.70 17.20 -26.42
C GLY F 59 16.13 17.02 -24.99
N VAL F 60 16.64 18.08 -24.36
CA VAL F 60 17.05 17.99 -22.96
C VAL F 60 15.80 17.85 -22.10
N LYS F 61 15.65 16.69 -21.47
CA LYS F 61 14.46 16.40 -20.66
C LYS F 61 14.71 16.85 -19.22
N LYS F 62 13.82 16.45 -18.31
CA LYS F 62 13.92 16.88 -16.93
C LYS F 62 15.07 16.17 -16.20
N GLY F 63 15.33 14.91 -16.54
CA GLY F 63 16.38 14.18 -15.87
C GLY F 63 17.75 14.24 -16.49
N ASP F 64 17.93 15.05 -17.54
CA ASP F 64 19.19 15.07 -18.26
C ASP F 64 20.25 15.86 -17.50
N THR F 65 21.47 15.83 -18.03
CA THR F 65 22.61 16.53 -17.44
C THR F 65 23.32 17.31 -18.54
N VAL F 66 23.61 18.58 -18.26
CA VAL F 66 24.35 19.45 -19.18
C VAL F 66 25.63 19.88 -18.48
N ALA F 67 26.77 19.68 -19.14
CA ALA F 67 28.07 19.97 -18.57
C ALA F 67 28.67 21.21 -19.23
N VAL F 68 29.31 22.04 -18.42
CA VAL F 68 29.84 23.33 -18.89
C VAL F 68 31.34 23.40 -18.63
N MET F 69 32.08 23.86 -19.64
CA MET F 69 33.54 24.05 -19.55
C MET F 69 33.89 25.38 -20.18
N ASP F 70 33.80 26.44 -19.36
CA ASP F 70 34.23 27.77 -19.72
C ASP F 70 34.83 28.59 -18.66
N TYR F 71 35.19 29.83 -18.97
CA TYR F 71 35.62 30.77 -17.94
C TYR F 71 34.41 31.48 -17.33
N ASP F 72 34.58 32.64 -16.83
CA ASP F 72 33.50 33.38 -16.21
C ASP F 72 32.98 34.37 -17.08
N SER F 73 31.71 34.28 -17.36
CA SER F 73 31.10 35.09 -18.29
C SER F 73 29.66 35.14 -18.07
N HIS F 74 28.98 35.94 -18.85
CA HIS F 74 27.52 35.96 -18.78
C HIS F 74 26.92 34.62 -19.18
N ARG F 75 27.64 33.86 -20.02
CA ARG F 75 27.16 32.54 -20.42
C ARG F 75 27.07 31.61 -19.22
N TYR F 76 28.00 31.71 -18.29
CA TYR F 76 28.00 30.85 -17.13
C TYR F 76 26.93 31.26 -16.16
N LEU F 77 26.51 32.51 -16.18
CA LEU F 77 25.45 33.00 -15.33
C LEU F 77 24.16 32.59 -15.87
N GLU F 78 24.03 32.59 -17.18
CA GLU F 78 22.80 32.09 -17.76
C GLU F 78 22.66 30.58 -17.62
N CYS F 79 23.79 29.86 -17.63
CA CYS F 79 23.73 28.42 -17.40
C CYS F 79 23.41 28.08 -15.95
N TYR F 80 23.82 28.94 -15.02
CA TYR F 80 23.50 28.74 -13.61
C TYR F 80 22.00 28.79 -13.34
N PHE F 81 21.23 29.34 -14.27
CA PHE F 81 19.79 29.53 -14.08
C PHE F 81 18.95 28.70 -15.04
N ALA F 82 19.22 28.76 -16.35
CA ALA F 82 18.34 28.12 -17.31
C ALA F 82 18.35 26.60 -17.16
N ILE F 83 19.52 25.99 -17.00
CA ILE F 83 19.61 24.54 -16.93
C ILE F 83 18.91 24.01 -15.69
N PRO F 84 19.15 24.53 -14.48
CA PRO F 84 18.37 24.06 -13.32
C PRO F 84 16.89 24.37 -13.43
N MET F 85 16.39 25.40 -14.05
CA MET F 85 15.03 25.75 -14.12
C MET F 85 14.31 24.87 -15.00
N ILE F 86 14.88 24.29 -16.04
CA ILE F 86 14.18 23.30 -16.84
C ILE F 86 13.95 22.03 -16.03
N GLY F 87 14.91 21.65 -15.19
CA GLY F 87 14.80 20.44 -14.42
C GLY F 87 16.05 19.61 -14.52
N ALA F 88 16.83 19.83 -15.58
CA ALA F 88 18.05 19.08 -15.81
C ALA F 88 19.12 19.48 -14.80
N LYS F 89 20.14 18.63 -14.70
CA LYS F 89 21.26 18.89 -13.79
C LYS F 89 22.36 19.67 -14.52
N LEU F 90 23.08 20.46 -13.74
CA LEU F 90 24.20 21.25 -14.24
C LEU F 90 25.49 20.65 -13.70
N HIS F 91 26.40 20.30 -14.60
CA HIS F 91 27.69 19.72 -14.23
C HIS F 91 28.79 20.73 -14.51
N MET F 92 29.33 21.31 -13.43
CA MET F 92 30.46 22.22 -13.53
C MET F 92 31.73 21.38 -13.54
N ILE F 93 32.46 21.42 -14.66
CA ILE F 93 33.63 20.58 -14.85
C ILE F 93 34.86 21.37 -14.42
N ASN F 94 35.63 20.82 -13.49
CA ASN F 94 36.86 21.45 -13.02
C ASN F 94 37.90 21.39 -14.13
N VAL F 95 38.18 22.55 -14.73
CA VAL F 95 39.12 22.59 -15.85
C VAL F 95 40.53 22.25 -15.39
N ARG F 96 40.89 22.63 -14.22
CA ARG F 96 42.21 22.46 -13.76
C ARG F 96 42.61 21.05 -13.47
N LEU F 97 41.70 20.11 -13.50
CA LEU F 97 42.02 18.71 -13.34
C LEU F 97 42.73 18.17 -14.59
N SER F 98 43.42 17.06 -14.41
CA SER F 98 44.06 16.39 -15.53
C SER F 98 43.00 15.82 -16.48
N PRO F 99 43.32 15.70 -17.77
CA PRO F 99 42.32 15.19 -18.73
C PRO F 99 41.79 13.81 -18.40
N GLU F 100 42.59 12.96 -17.76
CA GLU F 100 42.08 11.65 -17.33
C GLU F 100 40.99 11.80 -16.28
N GLN F 101 41.20 12.69 -15.31
CA GLN F 101 40.18 12.93 -14.30
C GLN F 101 38.94 13.57 -14.90
N ILE F 102 39.12 14.46 -15.88
CA ILE F 102 37.98 15.05 -16.58
C ILE F 102 37.18 13.97 -17.30
N LEU F 103 37.88 13.05 -17.97
CA LEU F 103 37.21 11.92 -18.61
C LEU F 103 36.43 11.10 -17.60
N TYR F 104 37.05 10.82 -16.44
CA TYR F 104 36.36 10.03 -15.42
C TYR F 104 35.09 10.73 -14.95
N THR F 105 35.17 12.04 -14.69
CA THR F 105 33.99 12.77 -14.22
C THR F 105 32.91 12.81 -15.29
N ILE F 106 33.29 13.02 -16.55
CA ILE F 106 32.31 13.08 -17.63
C ILE F 106 31.60 11.75 -17.78
N ASP F 107 32.35 10.63 -17.72
CA ASP F 107 31.73 9.33 -17.86
C ASP F 107 30.90 8.98 -16.62
N HIS F 108 31.32 9.42 -15.44
CA HIS F 108 30.59 9.13 -14.22
C HIS F 108 29.26 9.87 -14.18
N ALA F 109 29.26 11.15 -14.55
CA ALA F 109 28.03 11.94 -14.53
C ALA F 109 27.09 11.59 -15.68
N GLU F 110 27.60 10.99 -16.75
CA GLU F 110 26.80 10.63 -17.93
C GLU F 110 26.11 11.86 -18.52
N ASP F 111 26.93 12.81 -18.95
CA ASP F 111 26.42 14.05 -19.52
C ASP F 111 25.84 13.80 -20.91
N ASP F 112 24.98 14.68 -21.38
CA ASP F 112 24.40 14.61 -22.68
C ASP F 112 24.84 15.70 -23.55
N ILE F 113 24.77 16.95 -23.12
CA ILE F 113 25.30 18.08 -23.88
C ILE F 113 26.53 18.59 -23.16
N ILE F 114 27.47 19.13 -23.93
CA ILE F 114 28.69 19.71 -23.38
C ILE F 114 28.88 21.09 -24.00
N LEU F 115 28.91 22.11 -23.15
CA LEU F 115 29.24 23.48 -23.56
C LEU F 115 30.71 23.72 -23.20
N ILE F 116 31.56 23.82 -24.22
CA ILE F 116 33.00 23.91 -24.00
C ILE F 116 33.53 25.14 -24.72
N HIS F 117 34.35 25.92 -24.01
CA HIS F 117 34.98 27.08 -24.60
C HIS F 117 36.04 26.64 -25.61
N GLU F 118 36.37 27.56 -26.53
CA GLU F 118 37.33 27.25 -27.58
C GLU F 118 38.70 26.90 -27.02
N GLU F 119 39.14 27.64 -25.99
CA GLU F 119 40.48 27.44 -25.45
C GLU F 119 40.66 26.06 -24.83
N PHE F 120 39.57 25.38 -24.48
CA PHE F 120 39.62 24.04 -23.90
C PHE F 120 39.48 22.96 -24.96
N LEU F 121 39.42 23.32 -26.23
CA LEU F 121 39.37 22.31 -27.29
C LEU F 121 40.58 21.38 -27.30
N PRO F 122 41.83 21.83 -27.12
CA PRO F 122 42.95 20.88 -27.11
C PRO F 122 42.84 19.81 -26.05
N ILE F 123 42.24 20.12 -24.90
CA ILE F 123 42.02 19.08 -23.88
C ILE F 123 41.05 18.03 -24.41
N LEU F 124 39.91 18.47 -24.96
CA LEU F 124 38.91 17.54 -25.47
C LEU F 124 39.47 16.67 -26.59
N ASP F 125 40.46 17.17 -27.34
CA ASP F 125 41.08 16.36 -28.37
C ASP F 125 41.76 15.13 -27.78
N GLN F 126 42.35 15.27 -26.60
CA GLN F 126 42.96 14.13 -25.92
C GLN F 126 41.94 13.18 -25.32
N ILE F 127 40.67 13.39 -25.38
CA ILE F 127 39.75 12.61 -24.62
C ILE F 127 38.54 12.30 -25.44
N LYS F 128 38.15 13.15 -26.42
CA LYS F 128 36.89 12.93 -27.13
C LYS F 128 36.75 11.50 -27.64
N GLY F 129 37.88 10.84 -27.91
CA GLY F 129 37.81 9.48 -28.43
C GLY F 129 37.18 8.49 -27.47
N ARG F 130 37.45 8.64 -26.17
CA ARG F 130 36.94 7.73 -25.16
C ARG F 130 35.65 8.21 -24.51
N ILE F 131 35.09 9.32 -24.96
CA ILE F 131 33.87 9.87 -24.38
C ILE F 131 32.68 9.22 -25.07
N ASP F 132 31.80 8.62 -24.28
CA ASP F 132 30.51 8.13 -24.72
C ASP F 132 29.41 8.91 -24.02
N THR F 133 28.16 8.62 -24.39
CA THR F 133 26.93 9.18 -23.84
C THR F 133 26.76 10.66 -24.15
N VAL F 134 27.72 11.30 -24.81
CA VAL F 134 27.64 12.72 -25.16
C VAL F 134 27.31 12.83 -26.63
N THR F 135 26.21 13.51 -26.94
CA THR F 135 25.72 13.62 -28.31
C THR F 135 26.16 14.91 -29.00
N ARG F 136 25.95 16.06 -28.37
CA ARG F 136 26.19 17.36 -28.99
C ARG F 136 27.29 18.11 -28.25
N TYR F 137 28.19 18.71 -29.00
CA TYR F 137 29.22 19.60 -28.48
C TYR F 137 28.96 21.01 -28.97
N VAL F 138 28.85 21.96 -28.05
CA VAL F 138 28.64 23.36 -28.37
C VAL F 138 29.90 24.12 -28.00
N VAL F 139 30.45 24.86 -28.96
CA VAL F 139 31.71 25.56 -28.80
C VAL F 139 31.41 27.03 -28.52
N LEU F 140 31.88 27.53 -27.39
CA LEU F 140 31.67 28.91 -26.98
C LEU F 140 32.89 29.74 -27.37
N ARG F 141 32.65 30.88 -27.99
CA ARG F 141 33.71 31.80 -28.40
C ARG F 141 33.37 33.20 -27.91
N ASP F 142 34.37 34.07 -27.91
CA ASP F 142 34.21 35.45 -27.48
C ASP F 142 33.90 36.40 -28.62
N ASP F 143 33.85 35.91 -29.86
CA ASP F 143 33.53 36.71 -31.02
C ASP F 143 32.08 36.46 -31.44
N GLU F 144 31.70 37.01 -32.59
CA GLU F 144 30.33 36.91 -33.07
C GLU F 144 29.98 35.55 -33.66
N GLU F 145 30.97 34.67 -33.85
CA GLU F 145 30.74 33.35 -34.43
C GLU F 145 30.53 32.28 -33.37
N CYS F 146 30.23 32.67 -32.14
CA CYS F 146 29.94 31.70 -31.09
C CYS F 146 28.70 30.89 -31.42
N GLU F 147 28.76 29.59 -31.16
CA GLU F 147 27.62 28.72 -31.40
C GLU F 147 26.52 28.91 -30.36
N TYR F 148 26.88 29.29 -29.13
CA TYR F 148 25.88 29.59 -28.11
C TYR F 148 25.01 30.77 -28.54
N GLU F 149 25.64 31.85 -29.02
CA GLU F 149 24.88 32.99 -29.51
C GLU F 149 24.05 32.63 -30.73
N ARG F 150 24.62 31.86 -31.65
CA ARG F 150 23.89 31.47 -32.85
C ARG F 150 22.69 30.59 -32.53
N LEU F 151 22.77 29.78 -31.47
CA LEU F 151 21.62 29.00 -31.03
C LEU F 151 20.63 29.82 -30.21
N LEU F 152 21.08 30.90 -29.58
CA LEU F 152 20.15 31.79 -28.89
C LEU F 152 19.32 32.60 -29.87
N GLU F 153 19.93 33.06 -30.96
CA GLU F 153 19.26 33.96 -31.89
C GLU F 153 18.07 33.30 -32.58
N GLN F 154 18.05 31.98 -32.67
CA GLN F 154 17.01 31.28 -33.41
C GLN F 154 15.79 30.95 -32.54
N GLU F 155 15.81 31.27 -31.25
CA GLU F 155 14.72 30.97 -30.34
C GLU F 155 13.97 32.23 -29.96
N SER F 156 12.88 32.04 -29.22
CA SER F 156 12.03 33.13 -28.77
C SER F 156 12.28 33.43 -27.30
N THR F 157 11.92 34.65 -26.91
CA THR F 157 12.12 35.12 -25.55
C THR F 157 10.94 34.81 -24.64
N GLU F 158 10.16 33.79 -24.95
CA GLU F 158 8.99 33.42 -24.16
C GLU F 158 9.10 31.95 -23.76
N TYR F 159 8.90 31.67 -22.48
CA TYR F 159 8.95 30.30 -21.96
C TYR F 159 8.15 30.24 -20.68
N ASN F 160 7.56 29.07 -20.42
CA ASN F 160 6.81 28.80 -19.20
C ASN F 160 7.58 27.73 -18.42
N PHE F 161 8.29 28.16 -17.40
CA PHE F 161 9.12 27.24 -16.63
C PHE F 161 8.24 26.35 -15.76
N PRO F 162 8.49 25.05 -15.72
CA PRO F 162 7.61 24.13 -14.98
C PRO F 162 7.79 24.27 -13.48
N ASP F 163 6.87 23.66 -12.75
CA ASP F 163 6.93 23.55 -11.30
C ASP F 163 7.12 22.07 -10.96
N PHE F 164 8.16 21.76 -10.21
CA PHE F 164 8.45 20.39 -9.80
C PHE F 164 8.77 20.37 -8.31
N ASP F 165 9.17 19.20 -7.82
CA ASP F 165 9.54 19.07 -6.42
C ASP F 165 10.79 19.88 -6.13
N GLU F 166 10.84 20.46 -4.94
CA GLU F 166 11.99 21.25 -4.53
C GLU F 166 13.21 20.39 -4.20
N ASN F 167 13.04 19.07 -4.14
CA ASN F 167 14.13 18.15 -3.85
C ASN F 167 14.76 17.56 -5.10
N THR F 168 14.61 18.23 -6.24
CA THR F 168 15.23 17.79 -7.48
C THR F 168 16.65 18.34 -7.59
N VAL F 169 17.58 17.47 -7.98
CA VAL F 169 18.99 17.85 -8.06
C VAL F 169 19.19 18.93 -9.12
N ALA F 170 20.02 19.91 -8.82
CA ALA F 170 20.29 21.04 -9.70
C ALA F 170 21.73 21.13 -10.16
N THR F 171 22.70 20.87 -9.29
CA THR F 171 24.10 21.05 -9.63
C THR F 171 24.93 19.87 -9.14
N THR F 172 26.09 19.69 -9.78
CA THR F 172 27.08 18.69 -9.42
C THR F 172 28.43 19.14 -9.94
N PHE F 173 29.48 19.01 -9.12
CA PHE F 173 30.79 19.48 -9.57
C PHE F 173 31.99 18.61 -9.21
N TYR F 174 31.79 17.45 -8.65
CA TYR F 174 32.96 16.55 -8.47
C TYR F 174 34.13 17.08 -7.85
N THR F 175 34.04 17.17 -6.58
CA THR F 175 35.23 17.52 -5.81
C THR F 175 36.26 16.38 -5.86
N THR F 176 37.48 16.63 -5.52
CA THR F 176 38.58 15.70 -5.63
C THR F 176 39.54 15.73 -4.48
N GLY F 177 39.18 15.17 -3.35
CA GLY F 177 39.97 15.17 -2.14
C GLY F 177 41.09 14.15 -2.18
N THR F 178 41.17 13.29 -1.17
CA THR F 178 42.13 12.19 -1.13
C THR F 178 41.33 10.90 -1.09
N THR F 179 40.93 10.43 -2.27
CA THR F 179 40.15 9.20 -2.39
C THR F 179 40.60 8.28 -3.51
N GLY F 180 41.51 8.71 -4.39
CA GLY F 180 41.89 7.90 -5.53
C GLY F 180 41.16 8.32 -6.78
N PHE F 181 39.88 8.63 -6.65
CA PHE F 181 39.06 9.13 -7.75
C PHE F 181 38.24 10.31 -7.24
N PRO F 182 37.86 11.23 -8.12
CA PRO F 182 37.01 12.35 -7.70
C PRO F 182 35.66 11.86 -7.19
N LYS F 183 35.13 12.59 -6.21
CA LYS F 183 33.86 12.25 -5.59
C LYS F 183 32.82 13.30 -5.98
N GLY F 184 31.63 12.85 -6.37
CA GLY F 184 30.59 13.74 -6.85
C GLY F 184 29.65 14.18 -5.75
N VAL F 185 29.48 15.49 -5.62
CA VAL F 185 28.61 16.10 -4.61
C VAL F 185 27.52 16.86 -5.35
N PHE F 186 26.28 16.73 -4.88
CA PHE F 186 25.13 17.32 -5.55
C PHE F 186 24.26 18.07 -4.55
N PHE F 187 23.52 19.05 -5.07
CA PHE F 187 22.63 19.87 -4.27
C PHE F 187 21.30 20.01 -4.99
N THR F 188 20.26 20.38 -4.25
CA THR F 188 18.91 20.51 -4.77
C THR F 188 18.51 21.99 -4.86
N HIS F 189 17.32 22.23 -5.42
CA HIS F 189 16.80 23.59 -5.49
C HIS F 189 16.58 24.18 -4.10
N ARG F 190 15.99 23.38 -3.21
CA ARG F 190 15.73 23.83 -1.85
C ARG F 190 17.02 24.21 -1.15
N GLN F 191 18.06 23.39 -1.30
CA GLN F 191 19.33 23.66 -0.62
C GLN F 191 19.95 24.95 -1.10
N LEU F 192 19.93 25.20 -2.42
CA LEU F 192 20.54 26.42 -2.96
C LEU F 192 19.75 27.65 -2.54
N VAL F 193 18.42 27.58 -2.57
CA VAL F 193 17.61 28.71 -2.16
C VAL F 193 17.82 29.01 -0.67
N LEU F 194 17.86 27.96 0.15
CA LEU F 194 18.13 28.15 1.58
C LEU F 194 19.51 28.73 1.80
N HIS F 195 20.50 28.30 1.01
CA HIS F 195 21.85 28.83 1.14
C HIS F 195 21.89 30.32 0.87
N THR F 196 21.31 30.75 -0.26
CA THR F 196 21.36 32.18 -0.59
C THR F 196 20.58 33.00 0.43
N MET F 197 19.41 32.50 0.86
CA MET F 197 18.64 33.22 1.88
C MET F 197 19.42 33.35 3.18
N GLY F 198 19.97 32.25 3.68
CA GLY F 198 20.66 32.26 4.96
C GLY F 198 21.97 32.99 4.97
N ILE F 199 22.62 33.15 3.82
CA ILE F 199 23.83 33.96 3.78
C ILE F 199 23.51 35.44 3.57
N LEU F 200 22.49 35.74 2.77
CA LEU F 200 22.07 37.14 2.64
C LEU F 200 21.53 37.68 3.95
N SER F 201 20.90 36.82 4.76
CA SER F 201 20.39 37.27 6.05
C SER F 201 21.47 37.39 7.12
N THR F 202 22.67 36.84 6.88
CA THR F 202 23.73 36.91 7.88
C THR F 202 24.85 37.87 7.54
N ILE F 203 25.09 38.16 6.26
CA ILE F 203 26.11 39.13 5.90
C ILE F 203 25.53 40.50 5.51
N GLY F 204 24.28 40.53 5.06
CA GLY F 204 23.64 41.81 4.79
C GLY F 204 23.26 42.60 6.03
N THR F 205 23.13 41.92 7.17
CA THR F 205 22.67 42.52 8.41
C THR F 205 23.81 43.05 9.27
N ASN F 206 25.01 43.05 8.84
CA ASN F 206 26.07 43.60 9.62
C ASN F 206 25.93 45.06 9.77
N ALA F 207 26.52 45.66 10.77
CA ALA F 207 26.34 47.08 11.07
C ALA F 207 27.10 47.94 10.07
N SER F 208 28.42 47.82 10.04
CA SER F 208 29.23 48.67 9.16
C SER F 208 30.34 47.96 8.40
N GLN F 209 30.69 46.73 8.74
CA GLN F 209 31.86 46.06 8.17
C GLN F 209 31.43 44.85 7.37
N GLY F 210 31.95 44.74 6.15
CA GLY F 210 31.82 43.52 5.36
C GLY F 210 30.40 43.10 5.06
N ARG F 211 29.56 44.04 4.63
CA ARG F 211 28.17 43.74 4.31
C ARG F 211 27.95 43.89 2.82
N LEU F 212 27.15 42.98 2.26
CA LEU F 212 26.76 43.03 0.85
C LEU F 212 25.33 43.54 0.77
N HIS F 213 25.17 44.73 0.22
CA HIS F 213 23.86 45.36 0.10
C HIS F 213 23.53 45.59 -1.38
N GLN F 214 22.43 46.28 -1.62
CA GLN F 214 21.92 46.46 -2.98
C GLN F 214 22.66 47.52 -3.76
N GLY F 215 23.52 48.30 -3.12
CA GLY F 215 24.32 49.30 -3.81
C GLY F 215 25.68 48.85 -4.27
N ASP F 216 26.01 47.57 -4.10
CA ASP F 216 27.33 47.07 -4.43
C ASP F 216 27.43 46.71 -5.92
N ILE F 217 28.65 46.50 -6.37
CA ILE F 217 28.95 46.03 -7.72
C ILE F 217 29.79 44.77 -7.60
N TYR F 218 29.31 43.68 -8.16
CA TYR F 218 29.84 42.34 -7.91
C TYR F 218 30.85 41.93 -8.98
N MET F 219 31.85 41.17 -8.54
CA MET F 219 32.86 40.57 -9.40
C MET F 219 33.33 39.24 -8.83
N PRO F 220 33.27 38.15 -9.59
CA PRO F 220 33.90 36.91 -9.14
C PRO F 220 35.35 36.81 -9.57
N ILE F 221 36.25 36.51 -8.64
CA ILE F 221 37.65 36.27 -8.97
C ILE F 221 38.01 34.86 -8.53
N THR F 222 37.02 33.98 -8.51
CA THR F 222 37.18 32.57 -8.25
C THR F 222 36.77 31.78 -9.49
N PRO F 223 37.24 30.54 -9.65
CA PRO F 223 36.98 29.81 -10.90
C PRO F 223 35.50 29.69 -11.26
N MET F 224 34.59 29.84 -10.31
CA MET F 224 33.15 29.94 -10.56
C MET F 224 32.58 28.58 -10.96
N PHE F 225 33.46 27.60 -11.17
CA PHE F 225 33.05 26.21 -11.26
C PHE F 225 33.48 25.39 -10.05
N HIS F 226 34.26 25.98 -9.13
CA HIS F 226 34.73 25.23 -7.97
C HIS F 226 33.57 24.76 -7.11
N VAL F 227 32.87 25.71 -6.46
CA VAL F 227 31.58 25.38 -5.85
C VAL F 227 30.65 26.59 -6.00
N HIS F 228 29.79 26.55 -7.02
CA HIS F 228 28.77 27.58 -7.28
C HIS F 228 29.33 29.00 -7.18
N ALA F 229 30.64 29.16 -7.38
CA ALA F 229 31.32 30.41 -7.06
C ALA F 229 30.93 30.90 -5.67
N TRP F 230 31.07 30.00 -4.69
CA TRP F 230 30.70 30.22 -3.29
C TRP F 230 29.27 30.73 -3.15
N GLY F 231 28.42 30.43 -4.14
CA GLY F 231 27.03 30.84 -4.11
C GLY F 231 26.79 32.30 -4.38
N LEU F 232 27.83 33.10 -4.65
CA LEU F 232 27.64 34.54 -4.73
C LEU F 232 26.92 35.00 -6.00
N PRO F 233 27.12 34.36 -7.16
CA PRO F 233 26.32 34.76 -8.33
C PRO F 233 24.82 34.62 -8.11
N TYR F 234 24.37 33.64 -7.34
CA TYR F 234 22.95 33.54 -7.03
C TYR F 234 22.48 34.68 -6.14
N MET F 235 23.33 35.14 -5.22
CA MET F 235 22.96 36.24 -4.34
C MET F 235 22.98 37.57 -5.07
N ALA F 236 24.02 37.80 -5.89
CA ALA F 236 24.16 39.08 -6.56
C ALA F 236 22.98 39.38 -7.48
N THR F 237 22.45 38.35 -8.15
CA THR F 237 21.28 38.56 -9.01
C THR F 237 20.00 38.72 -8.21
N MET F 238 19.96 38.25 -6.96
CA MET F 238 18.77 38.45 -6.14
C MET F 238 18.69 39.88 -5.63
N LEU F 239 19.84 40.49 -5.33
CA LEU F 239 19.86 41.90 -4.97
C LEU F 239 19.70 42.81 -6.17
N GLY F 240 19.81 42.29 -7.38
CA GLY F 240 19.70 43.11 -8.58
C GLY F 240 20.84 44.10 -8.74
N VAL F 241 22.04 43.71 -8.37
CA VAL F 241 23.19 44.60 -8.43
C VAL F 241 23.89 44.44 -9.77
N LYS F 242 24.71 45.42 -10.11
CA LYS F 242 25.54 45.34 -11.31
C LYS F 242 26.59 44.24 -11.13
N GLN F 243 26.77 43.44 -12.18
CA GLN F 243 27.70 42.32 -12.16
C GLN F 243 28.72 42.50 -13.28
N VAL F 244 30.00 42.27 -12.96
CA VAL F 244 31.08 42.36 -13.94
C VAL F 244 31.84 41.04 -13.93
N TYR F 245 32.04 40.47 -15.12
CA TYR F 245 32.74 39.20 -15.25
C TYR F 245 34.03 39.43 -16.02
N PRO F 246 35.19 39.07 -15.47
CA PRO F 246 36.47 39.44 -16.10
C PRO F 246 36.95 38.48 -17.17
N GLY F 247 36.59 37.20 -17.05
CA GLY F 247 37.04 36.21 -18.01
C GLY F 247 38.23 35.37 -17.56
N LYS F 248 39.44 35.73 -18.03
CA LYS F 248 40.61 34.87 -17.92
C LYS F 248 41.48 35.17 -16.70
N TYR F 249 41.12 36.08 -15.84
CA TYR F 249 41.92 36.40 -14.65
C TYR F 249 43.27 36.89 -14.96
N VAL F 250 43.35 38.01 -15.59
CA VAL F 250 44.62 38.69 -15.83
C VAL F 250 44.67 39.89 -14.90
N PRO F 251 45.70 40.01 -14.05
CA PRO F 251 45.74 41.15 -13.10
C PRO F 251 45.70 42.50 -13.81
N ASP F 252 46.34 42.62 -14.96
CA ASP F 252 46.33 43.88 -15.69
C ASP F 252 44.93 44.27 -16.12
N VAL F 253 44.08 43.28 -16.28
CA VAL F 253 42.73 43.50 -16.76
C VAL F 253 41.86 43.57 -15.63
N LEU F 254 42.14 42.85 -14.59
CA LEU F 254 41.33 42.87 -13.39
C LEU F 254 41.38 44.23 -12.71
N LEU F 255 42.58 44.81 -12.58
CA LEU F 255 42.70 46.13 -11.97
C LEU F 255 42.01 47.20 -12.81
N ASN F 256 42.14 47.11 -14.13
CA ASN F 256 41.47 48.07 -15.00
C ASN F 256 39.96 47.97 -14.87
N LEU F 257 39.43 46.75 -14.79
CA LEU F 257 37.99 46.57 -14.63
C LEU F 257 37.51 47.10 -13.28
N ILE F 258 38.28 46.83 -12.22
CA ILE F 258 37.88 47.30 -10.89
C ILE F 258 37.87 48.83 -10.84
N GLU F 259 38.89 49.46 -11.42
CA GLU F 259 38.95 50.91 -11.41
C GLU F 259 37.89 51.53 -12.32
N GLN F 260 37.59 50.87 -13.44
CA GLN F 260 36.69 51.45 -14.43
C GLN F 260 35.22 51.17 -14.11
N GLU F 261 34.90 49.92 -13.77
CA GLU F 261 33.54 49.56 -13.42
C GLU F 261 33.21 49.86 -11.96
N LYS F 262 34.19 50.33 -11.17
CA LYS F 262 33.99 50.70 -9.78
C LYS F 262 33.44 49.53 -8.97
N VAL F 263 34.13 48.39 -9.05
CA VAL F 263 33.71 47.20 -8.32
C VAL F 263 33.94 47.41 -6.83
N THR F 264 32.96 47.02 -6.02
CA THR F 264 33.03 47.20 -4.58
C THR F 264 32.97 45.90 -3.78
N PHE F 265 32.62 44.78 -4.40
CA PHE F 265 32.53 43.51 -3.69
C PHE F 265 33.03 42.39 -4.59
N SER F 266 33.94 41.57 -4.08
CA SER F 266 34.50 40.46 -4.84
C SER F 266 34.99 39.40 -3.87
N HIS F 267 35.57 38.34 -4.42
CA HIS F 267 36.09 37.25 -3.62
C HIS F 267 37.16 36.51 -4.43
N CYS F 268 38.26 36.14 -3.78
CA CYS F 268 39.38 35.54 -4.48
C CYS F 268 40.11 34.59 -3.53
N VAL F 269 41.33 34.23 -3.90
CA VAL F 269 42.17 33.33 -3.12
C VAL F 269 43.43 34.10 -2.74
N PRO F 270 44.16 33.65 -1.71
CA PRO F 270 45.33 34.41 -1.25
C PRO F 270 46.39 34.65 -2.32
N THR F 271 46.53 33.76 -3.30
CA THR F 271 47.53 33.98 -4.34
C THR F 271 47.10 35.06 -5.31
N ILE F 272 45.82 35.08 -5.69
CA ILE F 272 45.32 36.09 -6.61
C ILE F 272 45.39 37.47 -5.97
N LEU F 273 45.03 37.58 -4.69
CA LEU F 273 45.10 38.85 -4.00
C LEU F 273 46.55 39.36 -3.92
N HIS F 274 47.49 38.46 -3.63
CA HIS F 274 48.90 38.85 -3.59
C HIS F 274 49.37 39.32 -4.96
N LEU F 275 48.94 38.62 -6.03
CA LEU F 275 49.29 39.05 -7.37
C LEU F 275 48.73 40.43 -7.68
N LEU F 276 47.48 40.69 -7.28
CA LEU F 276 46.87 41.99 -7.53
C LEU F 276 47.59 43.10 -6.76
N LEU F 277 47.96 42.83 -5.50
CA LEU F 277 48.62 43.86 -4.71
C LEU F 277 50.05 44.11 -5.21
N SER F 278 50.79 43.11 -5.58
CA SER F 278 52.14 43.34 -5.98
C SER F 278 52.26 43.82 -7.38
N SER F 279 51.19 43.85 -8.17
CA SER F 279 51.25 44.42 -9.50
C SER F 279 51.69 45.87 -9.42
N PRO F 280 52.53 46.34 -10.40
CA PRO F 280 52.83 47.78 -10.36
C PRO F 280 51.79 48.65 -11.06
N LYS F 281 50.63 48.11 -11.37
CA LYS F 281 49.55 48.92 -11.92
C LYS F 281 48.60 49.14 -10.77
N SER F 282 49.08 48.96 -9.55
CA SER F 282 48.24 49.12 -8.38
C SER F 282 48.83 50.06 -7.37
N LYS F 283 49.84 50.84 -7.74
CA LYS F 283 50.47 51.71 -6.79
C LYS F 283 49.85 53.03 -6.74
N ALA F 284 49.19 53.42 -7.77
CA ALA F 284 48.42 54.66 -7.78
C ALA F 284 46.92 54.39 -7.89
N MET F 285 46.47 53.18 -7.58
CA MET F 285 45.09 52.79 -7.72
C MET F 285 44.37 52.89 -6.38
N ASP F 286 43.16 53.46 -6.41
CA ASP F 286 42.37 53.68 -5.20
C ASP F 286 41.58 52.42 -4.87
N PHE F 287 41.90 51.81 -3.73
CA PHE F 287 41.27 50.56 -3.31
C PHE F 287 40.30 50.72 -2.15
N SER F 288 40.03 51.96 -1.71
CA SER F 288 39.25 52.14 -0.49
C SER F 288 37.75 52.06 -0.76
N GLY F 289 37.33 51.05 -1.52
CA GLY F 289 35.92 50.76 -1.71
C GLY F 289 35.66 49.28 -1.86
N TRP F 290 36.67 48.46 -1.59
CA TRP F 290 36.69 47.07 -1.99
C TRP F 290 36.49 46.17 -0.78
N LYS F 291 35.84 45.02 -1.00
CA LYS F 291 35.39 44.12 0.04
C LYS F 291 35.73 42.67 -0.30
N VAL F 292 36.98 42.36 -0.45
CA VAL F 292 37.35 40.98 -0.68
C VAL F 292 37.13 39.95 0.37
N VAL F 293 36.40 38.88 0.11
CA VAL F 293 36.30 37.76 1.00
C VAL F 293 37.25 36.69 0.51
N ILE F 294 38.42 36.60 1.08
CA ILE F 294 39.47 35.62 0.80
C ILE F 294 39.14 34.38 1.64
N GLY F 295 38.38 33.47 1.04
CA GLY F 295 37.99 32.26 1.72
C GLY F 295 38.51 31.01 1.03
N GLY F 296 39.55 31.15 0.23
CA GLY F 296 40.11 30.01 -0.47
C GLY F 296 40.75 29.01 0.46
N ALA F 297 41.89 29.37 1.06
CA ALA F 297 42.54 28.50 2.03
C ALA F 297 43.56 29.30 2.84
N ALA F 298 43.31 29.45 4.14
CA ALA F 298 44.32 29.89 5.10
C ALA F 298 44.92 31.25 4.72
N LEU F 299 44.07 32.27 4.80
CA LEU F 299 44.49 33.65 4.57
C LEU F 299 45.65 34.00 5.50
N PRO F 300 46.84 34.30 4.95
CA PRO F 300 47.97 34.64 5.81
C PRO F 300 47.77 35.98 6.52
N LYS F 301 48.46 36.12 7.65
CA LYS F 301 48.35 37.34 8.44
C LYS F 301 49.10 38.50 7.80
N ALA F 302 50.29 38.22 7.26
CA ALA F 302 51.08 39.29 6.65
C ALA F 302 50.38 39.87 5.41
N LEU F 303 49.80 39.00 4.59
CA LEU F 303 49.05 39.47 3.42
C LEU F 303 47.83 40.28 3.84
N CYS F 304 47.15 39.85 4.91
CA CYS F 304 46.01 40.61 5.42
C CYS F 304 46.44 41.99 5.90
N LYS F 305 47.57 42.06 6.61
CA LYS F 305 48.07 43.36 7.06
C LYS F 305 48.45 44.25 5.87
N SER F 306 49.09 43.68 4.86
CA SER F 306 49.47 44.47 3.69
C SER F 306 48.24 45.00 2.97
N ALA F 307 47.19 44.17 2.86
CA ALA F 307 45.95 44.63 2.24
C ALA F 307 45.26 45.69 3.09
N LEU F 308 45.28 45.53 4.41
CA LEU F 308 44.68 46.52 5.30
C LEU F 308 45.40 47.87 5.20
N GLU F 309 46.71 47.85 4.96
CA GLU F 309 47.43 49.11 4.76
C GLU F 309 47.00 49.83 3.49
N ARG F 310 46.27 49.21 2.58
CA ARG F 310 45.81 49.85 1.34
C ARG F 310 44.35 50.14 1.37
N ASP F 311 43.75 50.19 2.55
CA ASP F 311 42.35 50.48 2.76
C ASP F 311 41.38 49.53 2.19
N ILE F 312 41.53 48.27 2.44
CA ILE F 312 40.70 47.25 1.81
C ILE F 312 40.01 46.45 2.91
N ASP F 313 38.69 46.28 2.78
CA ASP F 313 37.91 45.51 3.74
C ASP F 313 38.15 44.03 3.47
N VAL F 314 39.19 43.49 4.10
CA VAL F 314 39.59 42.10 3.92
C VAL F 314 39.07 41.29 5.10
N PHE F 315 38.37 40.18 4.80
CA PHE F 315 37.94 39.25 5.82
C PHE F 315 37.82 37.88 5.19
N ALA F 316 38.10 36.85 5.99
CA ALA F 316 38.17 35.50 5.48
C ALA F 316 36.86 34.76 5.66
N GLY F 317 36.67 33.73 4.82
CA GLY F 317 35.53 32.86 4.95
C GLY F 317 35.97 31.40 4.91
N TYR F 318 35.01 30.52 5.16
CA TYR F 318 35.34 29.10 5.23
C TYR F 318 34.15 28.25 4.81
N GLY F 319 34.43 27.31 3.92
CA GLY F 319 33.50 26.29 3.46
C GLY F 319 34.26 25.31 2.61
N MET F 320 33.56 24.25 2.21
CA MET F 320 34.15 23.22 1.36
C MET F 320 33.14 22.77 0.33
N SER F 321 33.57 21.87 -0.56
CA SER F 321 32.72 21.44 -1.66
C SER F 321 31.48 20.71 -1.18
N GLU F 322 31.55 20.05 -0.03
CA GLU F 322 30.43 19.26 0.48
C GLU F 322 29.44 20.06 1.30
N THR F 323 29.70 21.36 1.56
CA THR F 323 28.96 22.07 2.58
C THR F 323 28.28 23.34 2.08
N GLY F 324 28.02 23.46 0.78
CA GLY F 324 27.14 24.52 0.32
C GLY F 324 27.67 25.58 -0.64
N PRO F 325 28.89 26.12 -0.42
CA PRO F 325 29.96 25.77 0.51
C PRO F 325 29.99 26.50 1.85
N ILE F 326 29.46 27.72 1.94
CA ILE F 326 29.82 28.61 3.04
C ILE F 326 29.34 28.05 4.37
N LEU F 327 30.25 27.99 5.33
CA LEU F 327 29.94 27.58 6.70
C LEU F 327 30.28 28.63 7.74
N SER F 328 31.34 29.41 7.54
CA SER F 328 31.69 30.44 8.52
C SER F 328 32.23 31.66 7.79
N ILE F 329 31.97 32.84 8.35
CA ILE F 329 32.45 34.09 7.80
C ILE F 329 32.92 34.99 8.95
N VAL F 330 34.04 35.66 8.75
CA VAL F 330 34.59 36.56 9.75
C VAL F 330 33.76 37.84 9.77
N GLN F 331 33.11 38.11 10.90
CA GLN F 331 32.35 39.34 11.08
C GLN F 331 32.82 40.03 12.34
N LEU F 332 33.16 41.31 12.23
CA LEU F 332 33.76 42.06 13.32
C LEU F 332 32.72 42.97 13.94
N THR F 333 32.56 42.87 15.27
CA THR F 333 31.66 43.74 16.01
C THR F 333 32.22 45.16 16.05
N PRO F 334 31.35 46.16 16.24
CA PRO F 334 31.80 47.56 16.15
C PRO F 334 32.94 47.92 17.09
N GLU F 335 33.06 47.28 18.25
CA GLU F 335 34.16 47.59 19.14
C GLU F 335 35.46 46.90 18.74
N GLN F 336 35.41 45.98 17.78
CA GLN F 336 36.61 45.31 17.29
C GLN F 336 37.29 46.04 16.15
N LEU F 337 36.68 47.09 15.60
CA LEU F 337 37.26 47.84 14.50
C LEU F 337 38.13 49.00 14.96
N GLU F 338 38.35 49.16 16.26
CA GLU F 338 39.21 50.21 16.78
C GLU F 338 40.66 49.77 16.95
N LEU F 339 40.75 48.45 16.93
CA LEU F 339 42.02 47.87 17.18
C LEU F 339 43.00 48.31 16.16
N ASP F 340 44.22 47.94 16.39
CA ASP F 340 45.21 48.44 15.54
C ASP F 340 45.60 47.69 14.33
N VAL F 341 46.58 48.23 13.66
CA VAL F 341 47.17 47.64 12.45
C VAL F 341 47.34 46.13 12.56
N ASP F 342 47.59 45.61 13.74
CA ASP F 342 47.88 44.22 13.89
C ASP F 342 46.86 43.35 14.62
N GLN F 343 46.01 43.87 15.46
CA GLN F 343 45.10 43.08 16.16
C GLN F 343 43.94 42.87 15.23
N GLN F 344 43.62 43.78 14.36
CA GLN F 344 42.63 43.60 13.30
C GLN F 344 43.08 42.55 12.30
N ALA F 345 44.34 42.49 11.97
CA ALA F 345 44.90 41.46 11.09
C ALA F 345 44.75 40.14 11.63
N GLU F 346 44.99 39.95 12.91
CA GLU F 346 44.77 38.67 13.62
C GLU F 346 43.36 38.28 13.84
N TYR F 347 42.42 39.23 13.87
CA TYR F 347 41.02 38.86 13.91
C TYR F 347 40.47 38.51 12.53
N ARG F 348 40.87 39.26 11.51
CA ARG F 348 40.32 39.06 10.17
C ARG F 348 40.79 37.78 9.51
N SER F 349 41.94 37.26 9.91
CA SER F 349 42.53 36.08 9.27
C SER F 349 42.07 34.77 9.91
N LYS F 350 41.18 34.82 10.89
CA LYS F 350 40.67 33.60 11.50
C LYS F 350 39.67 32.91 10.58
N THR F 351 39.18 31.76 11.01
CA THR F 351 38.17 31.03 10.25
C THR F 351 36.79 31.71 10.35
N GLY F 352 36.42 32.22 11.49
CA GLY F 352 35.21 32.95 11.64
C GLY F 352 34.15 32.28 12.40
N LYS F 353 33.07 32.97 12.63
CA LYS F 353 31.98 32.40 13.35
C LYS F 353 31.02 31.79 12.45
N LYS F 354 30.30 30.79 12.90
CA LYS F 354 29.34 30.07 12.13
C LYS F 354 28.31 30.96 11.66
N VAL F 355 27.68 30.57 10.58
CA VAL F 355 26.70 31.39 9.97
C VAL F 355 25.44 30.90 10.52
N ALA F 356 24.37 31.52 10.20
CA ALA F 356 23.04 31.17 10.69
C ALA F 356 22.61 29.79 10.21
N LEU F 357 21.98 29.04 11.10
CA LEU F 357 21.49 27.68 10.85
C LEU F 357 22.62 26.67 10.70
N VAL F 358 23.75 26.90 11.36
CA VAL F 358 24.89 25.99 11.34
C VAL F 358 25.27 25.67 12.78
N GLU F 359 25.57 24.40 13.04
CA GLU F 359 25.84 23.93 14.41
C GLU F 359 27.32 23.96 14.76
N ALA F 360 28.15 23.23 14.00
CA ALA F 360 29.61 23.36 14.04
C ALA F 360 30.19 23.10 15.44
N TYR F 361 30.05 21.85 15.88
CA TYR F 361 30.71 21.39 17.09
C TYR F 361 32.14 20.91 16.78
N ILE F 362 32.90 20.66 17.84
CA ILE F 362 34.25 20.13 17.75
C ILE F 362 34.29 18.81 18.50
N VAL F 363 34.74 17.74 17.82
CA VAL F 363 34.70 16.40 18.38
C VAL F 363 36.09 15.76 18.25
N ASP F 364 36.19 14.64 18.96
CA ASP F 364 37.33 13.73 18.93
C ASP F 364 37.05 12.42 18.24
N GLU F 365 38.03 11.58 18.05
CA GLU F 365 37.83 10.37 17.25
C GLU F 365 36.70 9.51 17.70
N ASP F 366 36.27 9.68 18.94
CA ASP F 366 35.10 9.01 19.49
C ASP F 366 33.85 9.89 19.47
N MET F 367 33.82 11.02 18.82
CA MET F 367 32.65 11.90 18.87
C MET F 367 32.29 12.55 20.18
N ASN F 368 33.25 12.95 20.99
CA ASN F 368 32.97 13.26 22.39
C ASN F 368 32.74 14.75 22.65
N LYS F 369 32.76 15.59 21.62
CA LYS F 369 32.36 16.99 21.73
C LYS F 369 33.19 17.75 22.77
N LEU F 370 34.47 17.93 22.43
CA LEU F 370 35.42 18.66 23.27
C LEU F 370 34.93 20.07 23.53
N PRO F 371 35.27 20.65 24.69
CA PRO F 371 34.76 21.99 25.02
C PRO F 371 35.39 23.06 24.14
N HIS F 372 34.67 24.18 24.05
CA HIS F 372 35.11 25.33 23.24
C HIS F 372 35.90 26.32 24.09
N ASP F 373 36.95 25.81 24.73
CA ASP F 373 37.78 26.66 25.57
C ASP F 373 38.78 27.47 24.75
N GLY F 374 38.94 27.18 23.47
CA GLY F 374 39.88 27.89 22.63
C GLY F 374 41.30 27.36 22.65
N GLU F 375 41.55 26.25 23.33
CA GLU F 375 42.88 25.65 23.36
C GLU F 375 42.91 24.22 22.83
N THR F 376 41.94 23.39 23.19
CA THR F 376 41.91 22.01 22.74
C THR F 376 41.40 21.93 21.31
N ALA F 377 42.11 21.18 20.47
CA ALA F 377 41.77 21.04 19.06
C ALA F 377 41.00 19.74 18.82
N GLY F 378 40.26 19.73 17.72
CA GLY F 378 39.45 18.58 17.36
C GLY F 378 38.88 18.76 15.98
N GLU F 379 38.25 17.70 15.49
CA GLU F 379 37.65 17.77 14.16
C GLU F 379 36.35 18.56 14.18
N ILE F 380 36.03 19.25 13.09
CA ILE F 380 34.78 19.99 12.96
C ILE F 380 33.71 19.13 12.35
N VAL F 381 32.54 19.06 12.95
CA VAL F 381 31.47 18.28 12.50
C VAL F 381 30.34 19.24 12.43
N VAL F 382 29.50 19.21 11.44
CA VAL F 382 28.51 20.11 11.19
C VAL F 382 27.22 19.66 10.79
N ARG F 383 26.21 20.45 11.03
CA ARG F 383 24.87 20.22 10.50
C ARG F 383 24.36 21.54 9.93
N ALA F 384 23.84 21.49 8.72
CA ALA F 384 23.42 22.70 8.02
C ALA F 384 22.34 22.34 7.02
N PRO F 385 21.54 23.31 6.57
CA PRO F 385 20.47 23.00 5.60
C PRO F 385 20.97 22.74 4.19
N TRP F 386 22.24 22.99 3.90
CA TRP F 386 22.76 22.93 2.54
C TRP F 386 24.00 22.05 2.47
N LEU F 387 23.91 20.86 3.06
CA LEU F 387 24.98 19.87 3.01
C LEU F 387 24.57 18.74 2.06
N THR F 388 25.53 18.23 1.31
CA THR F 388 25.25 17.11 0.42
C THR F 388 24.92 15.87 1.25
N PRO F 389 23.87 15.12 0.89
CA PRO F 389 23.53 13.95 1.69
C PRO F 389 24.55 12.84 1.63
N ASN F 390 25.23 12.69 0.50
CA ASN F 390 26.20 11.61 0.29
C ASN F 390 26.97 11.90 -0.98
N TYR F 391 27.90 11.02 -1.31
CA TYR F 391 28.61 11.08 -2.57
C TYR F 391 27.83 10.33 -3.64
N TYR F 392 27.95 10.81 -4.88
CA TYR F 392 27.19 10.23 -5.97
C TYR F 392 27.74 8.86 -6.33
N LYS F 393 26.85 7.86 -6.38
CA LYS F 393 27.21 6.47 -6.71
C LYS F 393 28.29 5.94 -5.78
N ASP F 394 28.25 6.20 -4.49
CA ASP F 394 29.23 5.69 -3.57
C ASP F 394 28.51 5.38 -2.32
N ASN F 395 29.03 4.45 -1.52
CA ASN F 395 28.39 4.03 -0.34
C ASN F 395 29.16 3.89 0.85
N LYS F 396 30.42 3.74 0.78
CA LYS F 396 31.19 3.50 1.90
C LYS F 396 31.88 4.71 2.26
N ASN F 397 32.22 5.58 1.33
CA ASN F 397 32.68 6.94 1.56
C ASN F 397 31.55 7.83 2.04
N SER F 398 30.32 7.55 1.61
CA SER F 398 29.16 8.28 2.12
C SER F 398 28.96 8.02 3.60
N LYS F 399 29.12 6.77 4.04
CA LYS F 399 29.01 6.47 5.46
C LYS F 399 30.14 7.11 6.25
N ALA F 400 31.35 7.14 5.69
CA ALA F 400 32.44 7.83 6.36
C ALA F 400 32.20 9.33 6.43
N LEU F 401 31.46 9.88 5.46
CA LEU F 401 31.18 11.31 5.45
C LEU F 401 30.19 11.70 6.54
N TRP F 402 29.13 10.92 6.71
CA TRP F 402 28.04 11.24 7.62
C TRP F 402 28.05 10.32 8.84
N ARG F 403 29.24 10.01 9.35
CA ARG F 403 29.38 9.15 10.51
C ARG F 403 28.83 9.83 11.75
N GLY F 404 28.14 9.07 12.59
CA GLY F 404 27.65 9.59 13.85
C GLY F 404 26.53 10.61 13.74
N GLY F 405 25.80 10.60 12.63
CA GLY F 405 24.72 11.55 12.46
C GLY F 405 25.18 12.97 12.21
N TYR F 406 26.40 13.14 11.70
CA TYR F 406 26.96 14.47 11.47
C TYR F 406 27.89 14.40 10.27
N LEU F 407 28.08 15.54 9.61
CA LEU F 407 28.97 15.62 8.46
C LEU F 407 30.39 15.91 8.94
N HIS F 408 31.38 15.20 8.49
CA HIS F 408 32.73 15.36 8.94
C HIS F 408 33.54 16.07 7.91
N THR F 409 34.02 17.21 8.27
CA THR F 409 34.73 18.11 7.46
C THR F 409 36.07 17.74 7.26
N GLY F 410 36.68 17.14 8.23
CA GLY F 410 38.03 16.70 7.98
C GLY F 410 39.12 17.67 8.36
N ASP F 411 38.80 18.75 9.09
CA ASP F 411 39.76 19.74 9.50
C ASP F 411 39.82 19.80 11.02
N VAL F 412 41.03 19.92 11.55
CA VAL F 412 41.27 19.99 12.99
C VAL F 412 41.41 21.45 13.37
N ALA F 413 40.54 21.91 14.28
CA ALA F 413 40.47 23.30 14.69
C ALA F 413 40.07 23.37 16.16
N HIS F 414 40.31 24.52 16.77
CA HIS F 414 39.86 24.82 18.12
C HIS F 414 38.92 26.02 18.08
N ILE F 415 37.77 25.89 18.73
CA ILE F 415 36.76 26.93 18.75
C ILE F 415 36.94 27.77 20.02
N ASP F 416 37.08 29.08 19.85
CA ASP F 416 37.21 29.99 20.97
C ASP F 416 35.85 30.19 21.64
N ASP F 417 35.86 30.59 22.91
CA ASP F 417 34.63 30.80 23.65
C ASP F 417 33.74 31.88 23.09
N GLU F 418 34.31 32.86 22.44
CA GLU F 418 33.49 33.87 21.79
C GLU F 418 32.81 33.35 20.53
N GLY F 419 33.17 32.15 20.08
CA GLY F 419 32.64 31.58 18.85
C GLY F 419 33.57 31.62 17.68
N PHE F 420 34.70 32.32 17.77
CA PHE F 420 35.66 32.36 16.68
C PHE F 420 36.32 31.00 16.49
N ILE F 421 36.40 30.55 15.25
CA ILE F 421 37.03 29.29 14.90
C ILE F 421 38.41 29.58 14.33
N LYS F 422 39.36 28.70 14.61
CA LYS F 422 40.72 28.81 14.09
C LYS F 422 41.14 27.43 13.60
N ILE F 423 41.16 27.24 12.29
CA ILE F 423 41.57 25.95 11.74
C ILE F 423 43.07 25.77 11.91
N THR F 424 43.45 24.65 12.53
CA THR F 424 44.84 24.38 12.84
C THR F 424 45.52 23.51 11.81
N ASP F 425 44.88 22.41 11.39
CA ASP F 425 45.51 21.52 10.43
C ASP F 425 44.44 20.61 9.82
N ARG F 426 44.82 19.49 9.23
CA ARG F 426 43.89 18.58 8.59
C ARG F 426 43.99 17.34 9.35
N VAL F 427 43.00 16.51 9.28
CA VAL F 427 42.95 15.26 10.05
C VAL F 427 43.99 14.27 9.55
N LYS F 428 44.06 14.08 8.22
CA LYS F 428 45.04 13.18 7.64
C LYS F 428 46.48 13.71 7.76
N ASP F 429 46.65 15.00 8.07
CA ASP F 429 47.96 15.59 8.25
C ASP F 429 48.34 15.74 9.71
N MET F 430 47.62 15.08 10.60
CA MET F 430 47.90 15.17 12.01
C MET F 430 49.05 14.28 12.45
N ILE F 431 49.78 14.68 13.49
CA ILE F 431 50.90 13.89 14.01
C ILE F 431 50.43 13.29 15.36
N LYS F 432 50.04 12.05 15.39
CA LYS F 432 49.71 11.44 16.65
C LYS F 432 50.98 10.87 17.24
N ILE F 433 51.97 11.71 17.57
CA ILE F 433 53.14 11.18 18.23
C ILE F 433 52.69 10.74 19.61
N SER F 434 53.01 9.52 20.03
CA SER F 434 52.71 9.01 21.37
C SER F 434 51.22 9.02 21.66
N GLY F 435 50.78 9.99 22.46
CA GLY F 435 49.36 10.12 22.78
C GLY F 435 48.78 11.48 22.50
N GLU F 436 49.65 12.34 21.97
CA GLU F 436 49.25 13.72 21.65
C GLU F 436 49.13 13.93 20.16
N TRP F 437 48.39 14.95 19.75
CA TRP F 437 48.18 15.23 18.33
C TRP F 437 48.70 16.63 18.04
N VAL F 438 49.85 16.71 17.37
CA VAL F 438 50.43 17.99 16.99
C VAL F 438 50.08 18.26 15.52
N SER F 439 50.23 19.50 15.10
CA SER F 439 49.93 19.88 13.75
C SER F 439 51.15 20.20 12.94
N SER F 440 51.11 19.80 11.68
CA SER F 440 52.23 20.01 10.79
C SER F 440 52.29 21.43 10.23
N LEU F 441 51.22 22.21 10.39
CA LEU F 441 51.22 23.57 9.86
C LEU F 441 52.11 24.50 10.66
N GLU F 442 52.15 24.35 11.98
CA GLU F 442 53.02 25.20 12.80
C GLU F 442 54.49 24.88 12.57
N LEU F 443 54.82 23.59 12.43
CA LEU F 443 56.19 23.23 12.08
C LEU F 443 56.55 23.72 10.68
N GLU F 444 55.61 23.64 9.74
CA GLU F 444 55.83 24.19 8.41
C GLU F 444 56.08 25.69 8.48
N ASP F 445 55.29 26.40 9.30
CA ASP F 445 55.48 27.84 9.45
C ASP F 445 56.84 28.15 10.09
N ILE F 446 57.24 27.36 11.08
CA ILE F 446 58.51 27.61 11.78
C ILE F 446 59.68 27.46 10.81
N LEU F 447 59.74 26.41 10.01
CA LEU F 447 60.96 26.23 9.16
C LEU F 447 60.83 26.95 7.84
N HIS F 448 60.04 28.01 7.82
CA HIS F 448 59.79 28.73 6.60
C HIS F 448 60.40 30.05 6.93
N GLN F 449 60.33 30.42 8.21
CA GLN F 449 61.04 31.64 8.61
C GLN F 449 62.52 31.61 8.29
N HIS F 450 63.06 30.45 7.94
CA HIS F 450 64.48 30.36 7.61
C HIS F 450 64.78 31.19 6.36
N GLN F 451 65.87 31.94 6.42
CA GLN F 451 66.22 32.85 5.32
C GLN F 451 66.61 32.11 4.05
N SER F 452 66.87 30.81 4.13
CA SER F 452 67.36 30.07 2.97
C SER F 452 66.34 29.11 2.38
N VAL F 453 65.24 28.90 3.09
CA VAL F 453 64.21 27.97 2.67
C VAL F 453 63.12 28.72 1.94
N SER F 454 62.69 28.13 0.83
CA SER F 454 61.63 28.66 -0.02
C SER F 454 60.32 27.93 0.19
N GLU F 455 60.32 26.61 0.03
CA GLU F 455 59.13 25.78 0.22
C GLU F 455 59.48 24.61 1.13
N VAL F 456 58.56 24.38 2.08
CA VAL F 456 58.75 23.34 3.06
C VAL F 456 57.56 22.42 3.13
N ALA F 457 57.79 21.17 3.40
CA ALA F 457 56.70 20.22 3.60
C ALA F 457 57.06 19.28 4.75
N VAL F 458 56.08 19.01 5.61
CA VAL F 458 56.26 18.16 6.78
C VAL F 458 55.28 17.00 6.69
N ILE F 459 55.80 15.78 6.79
CA ILE F 459 55.00 14.57 6.76
C ILE F 459 55.43 13.67 7.93
N GLY F 460 54.60 12.67 8.21
CA GLY F 460 54.84 11.76 9.32
C GLY F 460 55.73 10.59 8.93
N MET F 461 56.42 10.04 9.94
CA MET F 461 57.31 8.90 9.77
C MET F 461 57.13 7.96 10.95
N PRO F 462 56.74 6.70 10.71
CA PRO F 462 56.47 5.78 11.82
C PRO F 462 57.69 5.55 12.70
N HIS F 463 57.43 5.40 14.00
CA HIS F 463 58.46 5.11 15.00
C HIS F 463 57.89 4.08 15.96
N ASN F 464 58.63 2.99 16.19
CA ASN F 464 58.07 1.85 16.91
C ASN F 464 57.62 2.25 18.32
N LYS F 465 58.47 2.96 19.05
CA LYS F 465 58.11 3.34 20.42
C LYS F 465 57.36 4.66 20.49
N TRP F 466 57.32 5.46 19.43
CA TRP F 466 56.51 6.68 19.46
C TRP F 466 55.50 6.81 18.33
N GLY F 467 54.99 5.69 17.84
CA GLY F 467 53.95 5.74 16.83
C GLY F 467 54.48 6.22 15.49
N GLU F 468 54.15 7.46 15.14
CA GLU F 468 54.66 8.11 13.94
C GLU F 468 55.14 9.52 14.28
N VAL F 469 56.22 9.93 13.65
CA VAL F 469 56.88 11.20 13.99
C VAL F 469 57.01 12.07 12.74
N PRO F 470 57.10 13.39 12.89
CA PRO F 470 57.19 14.26 11.72
C PRO F 470 58.54 14.15 11.02
N LEU F 471 58.51 14.40 9.71
CA LEU F 471 59.71 14.48 8.89
C LEU F 471 59.64 15.76 8.07
N ALA F 472 60.75 16.48 8.01
CA ALA F 472 60.80 17.80 7.39
C ALA F 472 61.48 17.73 6.03
N LEU F 473 60.84 18.29 5.02
CA LEU F 473 61.40 18.42 3.68
C LEU F 473 61.45 19.89 3.31
N VAL F 474 62.62 20.36 2.89
CA VAL F 474 62.83 21.77 2.58
C VAL F 474 63.42 21.90 1.19
N THR F 475 63.21 23.07 0.59
CA THR F 475 63.78 23.43 -0.70
C THR F 475 64.59 24.70 -0.53
N LEU F 476 65.86 24.66 -0.88
CA LEU F 476 66.75 25.80 -0.68
C LEU F 476 66.51 26.87 -1.74
N LYS F 477 66.94 28.09 -1.41
CA LYS F 477 66.77 29.23 -2.30
C LYS F 477 67.90 29.26 -3.33
N GLU F 478 68.02 30.37 -4.06
CA GLU F 478 69.03 30.50 -5.10
C GLU F 478 70.40 30.68 -4.45
N ASP F 479 71.34 29.81 -4.81
CA ASP F 479 72.73 29.88 -4.32
C ASP F 479 72.79 29.87 -2.79
N ALA F 480 71.87 29.16 -2.17
CA ALA F 480 71.84 28.99 -0.72
C ALA F 480 72.08 27.53 -0.38
N GLN F 481 73.08 27.28 0.46
CA GLN F 481 73.44 25.91 0.85
C GLN F 481 73.70 25.89 2.35
N VAL F 482 72.70 25.45 3.11
CA VAL F 482 72.84 25.31 4.55
C VAL F 482 72.63 23.84 4.86
N THR F 483 73.49 23.25 5.68
CA THR F 483 73.41 21.84 5.99
C THR F 483 72.19 21.54 6.85
N GLU F 484 71.85 20.25 6.93
CA GLU F 484 70.67 19.84 7.69
C GLU F 484 70.79 20.16 9.17
N LYS F 485 72.02 20.13 9.70
CA LYS F 485 72.21 20.37 11.13
C LYS F 485 71.79 21.79 11.52
N GLU F 486 72.15 22.78 10.69
CA GLU F 486 71.74 24.14 10.98
C GLU F 486 70.23 24.30 10.89
N LEU F 487 69.60 23.64 9.91
CA LEU F 487 68.15 23.67 9.80
C LEU F 487 67.49 23.05 11.02
N LEU F 488 68.06 21.95 11.53
CA LEU F 488 67.57 21.36 12.77
C LEU F 488 67.68 22.36 13.91
N GLY F 489 68.86 22.95 14.09
CA GLY F 489 69.06 23.92 15.17
C GLY F 489 68.23 25.17 15.04
N PHE F 490 67.78 25.49 13.83
CA PHE F 490 66.90 26.65 13.64
C PHE F 490 65.59 26.47 14.39
N ALA F 491 65.01 25.26 14.33
CA ALA F 491 63.77 24.99 15.04
C ALA F 491 63.99 24.66 16.51
N LYS F 492 65.24 24.41 16.90
CA LYS F 492 65.54 24.03 18.26
C LYS F 492 65.58 25.23 19.20
N ASP F 493 65.59 26.45 18.67
CA ASP F 493 65.59 27.65 19.48
C ASP F 493 64.19 28.00 19.97
N PHE F 494 63.16 27.59 19.22
CA PHE F 494 61.80 27.96 19.56
C PHE F 494 61.35 27.27 20.84
N ILE F 495 60.31 27.82 21.45
CA ILE F 495 59.82 27.35 22.76
C ILE F 495 58.30 27.27 22.75
N ASN F 496 57.72 26.99 23.92
CA ASN F 496 56.28 26.97 24.14
C ASN F 496 55.60 25.86 23.32
N LYS F 497 56.00 24.62 23.62
CA LYS F 497 55.32 23.45 23.09
C LYS F 497 55.58 22.28 24.03
N GLY F 498 54.73 21.26 23.93
CA GLY F 498 54.79 20.12 24.81
C GLY F 498 55.72 19.04 24.32
N ILE F 499 55.44 17.81 24.79
CA ILE F 499 56.19 16.61 24.43
C ILE F 499 57.63 16.75 24.93
N LEU F 500 58.48 15.78 24.59
CA LEU F 500 59.88 15.78 25.04
C LEU F 500 60.55 17.11 24.75
N ALA F 501 60.95 17.79 25.83
CA ALA F 501 61.48 19.15 25.73
C ALA F 501 60.52 20.03 24.95
N ARG F 502 60.79 20.21 23.66
CA ARG F 502 59.87 20.85 22.73
C ARG F 502 59.66 19.97 21.51
N GLU F 503 59.56 18.66 21.71
CA GLU F 503 59.46 17.69 20.62
C GLU F 503 60.62 17.83 19.66
N ALA F 504 61.78 18.24 20.17
CA ALA F 504 62.94 18.50 19.31
C ALA F 504 64.09 17.58 19.71
N LEU F 505 64.02 16.38 19.12
CA LEU F 505 65.10 15.40 19.25
C LEU F 505 65.04 14.54 17.96
N LEU F 506 63.95 14.66 17.18
CA LEU F 506 63.79 13.84 15.97
C LEU F 506 63.12 14.54 14.80
N LEU F 507 63.51 15.78 14.53
CA LEU F 507 62.90 16.53 13.43
C LEU F 507 63.13 15.86 12.09
N LYS F 508 64.35 15.36 11.85
CA LYS F 508 64.69 14.62 10.64
C LYS F 508 64.41 15.45 9.38
N VAL F 509 65.11 16.57 9.27
CA VAL F 509 64.96 17.46 8.13
C VAL F 509 65.71 16.90 6.94
N LYS F 510 65.16 17.08 5.74
CA LYS F 510 65.79 16.65 4.51
C LYS F 510 65.67 17.74 3.47
N ILE F 511 66.69 17.84 2.61
CA ILE F 511 66.73 18.84 1.56
C ILE F 511 66.39 18.17 0.24
N VAL F 512 65.29 18.60 -0.37
CA VAL F 512 64.81 18.05 -1.64
C VAL F 512 64.70 19.20 -2.63
N ASP F 513 65.21 18.97 -3.85
CA ASP F 513 65.22 20.03 -4.86
C ASP F 513 63.80 20.45 -5.24
N GLU F 514 62.90 19.47 -5.42
CA GLU F 514 61.53 19.75 -5.79
C GLU F 514 60.58 18.88 -4.98
N ILE F 515 59.41 19.44 -4.67
CA ILE F 515 58.38 18.76 -3.90
C ILE F 515 57.18 18.56 -4.81
N ALA F 516 56.65 17.33 -4.83
CA ALA F 516 55.53 17.01 -5.70
C ALA F 516 54.32 17.88 -5.37
N LYS F 517 53.62 18.20 -6.43
CA LYS F 517 52.51 19.09 -6.25
C LYS F 517 51.36 18.53 -6.97
N THR F 518 50.17 18.80 -6.49
CA THR F 518 48.96 18.46 -7.23
C THR F 518 48.74 19.47 -8.35
N SER F 519 48.15 19.00 -9.45
CA SER F 519 47.91 19.86 -10.60
C SER F 519 47.05 21.07 -10.23
N VAL F 520 46.24 20.96 -9.17
CA VAL F 520 45.50 22.12 -8.69
C VAL F 520 46.44 23.20 -8.17
N GLY F 521 47.55 22.78 -7.55
CA GLY F 521 48.52 23.72 -7.04
C GLY F 521 48.74 23.63 -5.54
N LYS F 522 48.54 22.44 -4.99
CA LYS F 522 48.71 22.20 -3.57
C LYS F 522 49.77 21.12 -3.34
N VAL F 523 50.39 21.16 -2.15
CA VAL F 523 51.41 20.18 -1.82
C VAL F 523 50.79 18.80 -1.72
N ASP F 524 51.41 17.83 -2.40
CA ASP F 524 50.92 16.45 -2.43
C ASP F 524 51.69 15.64 -1.40
N LYS F 525 51.13 15.56 -0.18
CA LYS F 525 51.79 14.79 0.88
C LYS F 525 51.60 13.29 0.69
N LYS F 526 50.49 12.82 0.14
CA LYS F 526 50.30 11.39 0.06
C LYS F 526 51.26 10.85 -0.98
N GLU F 527 51.39 11.53 -2.11
CA GLU F 527 52.41 11.08 -3.06
C GLU F 527 53.80 11.15 -2.44
N LEU F 528 54.05 12.13 -1.59
CA LEU F 528 55.35 12.24 -0.92
C LEU F 528 55.63 11.04 -0.03
N ARG F 529 54.55 10.51 0.53
CA ARG F 529 54.64 9.42 1.48
C ARG F 529 54.82 8.05 0.83
N LYS F 530 54.89 8.02 -0.50
CA LYS F 530 55.32 6.84 -1.24
C LYS F 530 56.80 6.91 -1.61
N LEU F 531 57.27 8.09 -2.01
CA LEU F 531 58.65 8.22 -2.46
C LEU F 531 59.64 7.92 -1.35
N HIS F 532 59.38 8.41 -0.14
CA HIS F 532 60.35 8.32 0.95
C HIS F 532 60.00 7.26 1.99
N LEU F 533 58.77 6.74 1.99
CA LEU F 533 58.39 5.72 2.97
C LEU F 533 57.14 4.96 2.51
MG MG G . 31.50 -8.77 -24.84
P AMP H . 34.23 -11.08 -24.36
O1P AMP H . 33.15 -10.03 -24.36
O2P AMP H . 35.64 -10.56 -24.26
O3P AMP H . 33.94 -12.20 -23.44
O5' AMP H . 34.19 -11.74 -25.82
C5' AMP H . 33.29 -11.22 -26.77
C4' AMP H . 33.68 -11.58 -28.18
O4' AMP H . 34.32 -12.83 -28.33
C3' AMP H . 32.45 -11.80 -29.00
O3' AMP H . 31.86 -10.57 -29.36
C2' AMP H . 33.00 -12.48 -30.21
O2' AMP H . 33.32 -11.55 -31.24
C1' AMP H . 34.23 -13.18 -29.71
N9 AMP H . 34.04 -14.62 -29.92
C8 AMP H . 33.83 -15.54 -28.97
N7 AMP H . 33.70 -16.76 -29.52
C5 AMP H . 33.81 -16.62 -30.85
C6 AMP H . 33.73 -17.51 -32.02
N6 AMP H . 33.55 -18.84 -31.89
N1 AMP H . 33.88 -16.95 -33.24
C2 AMP H . 34.09 -15.63 -33.39
N3 AMP H . 34.16 -14.78 -32.37
C4 AMP H . 34.02 -15.21 -31.10
CAA OP3 I . 31.78 -22.91 -25.25
CAL OP3 I . 33.07 -17.03 -23.80
CAM OP3 I . 33.20 -18.32 -24.59
CAN OP3 I . 33.97 -15.92 -24.34
CAR OP3 I . 32.36 -19.45 -24.01
CAT OP3 I . 33.80 -14.61 -23.58
OAE OP3 I . 33.23 -20.77 -25.74
OAX OP3 I . 32.02 -21.95 -24.27
CBB OP3 I . 32.57 -20.76 -24.75
CBC OP3 I . 34.67 -13.49 -24.12
O25 OP3 I . 35.44 -13.98 -25.18
MG MG J . 1.09 -40.80 -4.63
P AMP K . 1.16 -42.77 -7.65
O1P AMP K . 1.74 -42.07 -8.81
O2P AMP K . 0.02 -43.68 -7.97
O3P AMP K . 0.96 -41.84 -6.47
O5' AMP K . 2.31 -43.78 -7.19
C5' AMP K . 2.81 -43.69 -5.87
C4' AMP K . 3.49 -44.96 -5.42
O4' AMP K . 4.15 -45.69 -6.45
C3' AMP K . 4.65 -44.62 -4.54
O3' AMP K . 4.21 -44.28 -3.25
C2' AMP K . 5.40 -45.92 -4.50
O2' AMP K . 4.99 -46.73 -3.40
C1' AMP K . 5.05 -46.58 -5.80
N9 AMP K . 6.31 -46.75 -6.56
C8 AMP K . 6.68 -46.07 -7.65
N7 AMP K . 7.89 -46.50 -8.08
C5 AMP K . 8.31 -47.44 -7.23
C6 AMP K . 9.51 -48.27 -7.08
N6 AMP K . 10.54 -48.21 -7.96
N1 AMP K . 9.56 -49.13 -6.03
C2 AMP K . 8.55 -49.22 -5.17
N3 AMP K . 7.43 -48.49 -5.24
C4 AMP K . 7.27 -47.59 -6.23
CAA OP3 L . 11.53 -42.97 -13.92
CAL OP3 L . 5.90 -42.25 -11.44
CAM OP3 L . 7.13 -43.03 -11.89
CAN OP3 L . 4.86 -43.14 -10.76
CAR OP3 L . 8.15 -42.15 -12.61
CAT OP3 L . 3.65 -42.34 -10.28
OAE OP3 L . 9.43 -44.10 -12.83
OAX OP3 L . 10.27 -42.37 -13.97
CBB OP3 L . 9.32 -42.97 -13.14
CBC OP3 L . 2.61 -43.22 -9.58
O25 OP3 L . 3.04 -44.54 -9.61
MG MG M . -33.10 -24.01 -3.55
P AMP N . -35.00 -25.72 -1.00
O1P AMP N . -34.04 -25.10 -1.97
O2P AMP N . -35.04 -27.22 -0.97
O3P AMP N . -34.93 -25.09 0.35
O5' AMP N . -36.45 -25.32 -1.53
C5' AMP N . -36.56 -24.61 -2.75
C4' AMP N . -37.93 -24.73 -3.37
O4' AMP N . -39.00 -24.84 -2.45
C3' AMP N . -38.28 -23.45 -4.05
O3' AMP N . -37.61 -23.34 -5.29
C2' AMP N . -39.75 -23.61 -4.27
O2' AMP N . -40.03 -24.19 -5.55
C1' AMP N . -40.19 -24.53 -3.16
N9 AMP N . -41.16 -23.79 -2.35
C8 AMP N . -40.97 -23.33 -1.10
N7 AMP N . -42.08 -22.72 -0.66
C5 AMP N . -43.00 -22.77 -1.63
C6 AMP N . -44.37 -22.29 -1.83
N6 AMP N . -45.04 -21.63 -0.85
N1 AMP N . -44.97 -22.55 -3.01
C2 AMP N . -44.33 -23.21 -3.98
N3 AMP N . -43.09 -23.68 -3.87
C4 AMP N . -42.38 -23.47 -2.75
CAA OP3 O . -42.14 -18.96 6.10
CAL OP3 O . -37.87 -22.47 3.28
CAM OP3 O . -39.29 -22.04 3.68
CAN OP3 O . -37.87 -23.67 2.34
CAR OP3 O . -39.29 -20.88 4.66
CAT OP3 O . -36.45 -24.04 1.91
OAE OP3 O . -41.63 -21.06 4.61
OAX OP3 O . -40.90 -19.62 6.16
CBB OP3 O . -40.70 -20.54 5.12
CBC OP3 O . -36.43 -25.24 0.94
O25 OP3 O . -37.75 -25.68 0.75
MG MG P . -28.63 14.58 25.57
P AMP Q . -32.06 15.46 24.91
O1P AMP Q . -32.68 14.76 23.77
O2P AMP Q . -32.51 16.89 25.06
O3P AMP Q . -30.58 15.22 25.02
O5' AMP Q . -32.70 14.75 26.19
C5' AMP Q . -31.83 14.15 27.14
C4' AMP Q . -32.49 13.97 28.49
O4' AMP Q . -33.89 13.71 28.44
C3' AMP Q . -32.00 12.71 29.12
O3' AMP Q . -30.71 12.89 29.66
C2' AMP Q . -32.99 12.50 30.22
O2' AMP Q . -32.56 13.09 31.43
C1' AMP Q . -34.24 13.16 29.71
N9 AMP Q . -35.27 12.12 29.60
C8 AMP Q . -35.77 11.61 28.48
N7 AMP Q . -36.71 10.68 28.76
C5 AMP Q . -36.80 10.57 30.09
C6 AMP Q . -37.56 9.76 31.05
N6 AMP Q . -38.48 8.86 30.63
N1 AMP Q . -37.33 9.97 32.35
C2 AMP Q . -36.45 10.87 32.79
N3 AMP Q . -35.73 11.63 31.97
C4 AMP Q . -35.85 11.52 30.63
CAA OP3 R . -39.94 6.42 23.17
CAL OP3 R . -35.97 11.17 23.06
CAM OP3 R . -37.14 10.36 23.58
CAN OP3 R . -35.71 12.42 23.90
CAR OP3 R . -37.45 9.14 22.70
CAT OP3 R . -34.49 13.20 23.40
OAE OP3 R . -39.20 8.70 24.21
OAX OP3 R . -39.23 7.37 22.41
CBB OP3 R . -38.69 8.40 23.19
CBC OP3 R . -34.19 14.44 24.25
O25 OP3 R . -35.16 14.54 25.25
MG MG S . -7.16 39.86 6.80
P AMP T . -5.76 42.06 9.28
O1P AMP T . -6.39 41.00 8.41
O2P AMP T . -6.64 42.66 10.33
O3P AMP T . -4.42 41.66 9.78
O5' AMP T . -5.46 43.30 8.31
C5' AMP T . -5.89 43.21 6.96
C4' AMP T . -6.00 44.57 6.32
O4' AMP T . -5.07 45.54 6.78
C3' AMP T . -5.60 44.48 4.88
O3' AMP T . -6.64 43.90 4.11
C2' AMP T . -5.42 45.91 4.51
O2' AMP T . -6.61 46.48 3.97
C1' AMP T . -5.04 46.58 5.81
N9 AMP T . -3.69 47.14 5.62
C8 AMP T . -2.56 46.70 6.19
N7 AMP T . -1.51 47.46 5.81
C5 AMP T . -1.98 48.40 4.98
C6 AMP T . -1.41 49.51 4.19
N6 AMP T . -0.08 49.81 4.24
N1 AMP T . -2.25 50.24 3.43
C2 AMP T . -3.56 49.98 3.38
N3 AMP T . -4.14 48.99 4.06
C4 AMP T . -3.41 48.17 4.85
CAA OP3 U . 5.73 45.60 7.76
CAL OP3 U . 0.23 43.19 9.26
CAM OP3 U . 1.21 44.31 8.92
CAN OP3 U . -1.19 43.71 9.46
CAR OP3 U . 2.64 43.80 8.77
CAT OP3 U . -2.18 42.57 9.75
OAE OP3 U . 3.20 46.03 8.33
OAX OP3 U . 4.99 44.70 8.53
CBB OP3 U . 3.62 44.94 8.53
CBC OP3 U . -3.60 43.07 9.94
O25 OP3 U . -3.62 44.46 9.82
MG MG V . 36.31 19.14 0.65
P AMP W . 37.43 22.03 -1.20
O1P AMP W . 36.34 22.95 -1.63
O2P AMP W . 38.54 21.90 -2.19
O3P AMP W . 36.89 20.74 -0.62
O5' AMP W . 38.12 22.79 0.02
C5' AMP W . 38.18 22.14 1.29
C4' AMP W . 39.25 22.73 2.18
O4' AMP W . 39.48 24.11 2.01
C3' AMP W . 38.79 22.68 3.60
O3' AMP W . 38.90 21.39 4.12
C2' AMP W . 39.77 23.60 4.26
O2' AMP W . 40.89 22.89 4.77
C1' AMP W . 40.19 24.54 3.17
N9 AMP W . 39.78 25.90 3.59
C8 AMP W . 38.80 26.64 3.07
N7 AMP W . 38.73 27.83 3.69
C5 AMP W . 39.66 27.85 4.65
C6 AMP W . 40.10 28.79 5.69
N6 AMP W . 39.53 30.01 5.84
N1 AMP W . 41.11 28.41 6.50
C2 AMP W . 41.71 27.22 6.35
N3 AMP W . 41.35 26.32 5.44
C4 AMP W . 40.35 26.57 4.58
CAA OP3 X . 33.03 32.81 2.14
CAL OP3 X . 34.64 27.38 -0.35
CAM OP3 X . 34.89 28.74 0.31
CAN OP3 X . 35.93 26.61 -0.59
CAR OP3 X . 33.60 29.53 0.49
CAT OP3 X . 35.68 25.23 -1.20
OAE OP3 X . 34.96 31.20 1.42
OAX OP3 X . 32.85 31.86 1.13
CBB OP3 X . 33.87 30.92 1.05
CBC OP3 X . 36.95 24.44 -1.42
O25 OP3 X . 38.05 25.22 -1.03
#